data_4EQV
#
_entry.id   4EQV
#
_cell.length_a   268.659
_cell.length_b   268.659
_cell.length_c   224.452
_cell.angle_alpha   90.00
_cell.angle_beta   90.00
_cell.angle_gamma   120.00
#
_symmetry.space_group_name_H-M   'P 31 2 1'
#
loop_
_entity.id
_entity.type
_entity.pdbx_description
1 polymer 'Invertase 2'
2 water water
#
_entity_poly.entity_id   1
_entity_poly.type   'polypeptide(L)'
_entity_poly.pdbx_seq_one_letter_code
;MTNETSDRPLVHFTPNKGWMNDPNGLWYDEKDAKWHLYFQYNPNDTVWGTPLFWGHATSDDLTNWEDQPIAIAPKRNDSG
AFSGSMVVDYNNTSGFFNDTIDPRQRCVAIWTYNTPESEEQYISYSLDGGYTFTEYQKNPVLAANSTQFRDPKVFWYEPS
QKWIMTAAKSQDYKIEIYSSDDLKSWKLESAFANEGFLGYQYECPGLIEVPTEQDPSKSYWVMFISINPGAPAGGSFNQY
FVGSFNGTHFEAFDNQSRVVDFGKDYYALQTFFNTDPTYGSALGIAWASNWEYSAFVPTNPWRSSMSLVRKFSLNTEYQA
NPETELINLKAEPILNISNAGPWSRFATNTTLTKANSYNVDLSNSTGTLEFELVYAVNTTQTISKSVFADLSLWFKGLED
PEEYLRMGFEVSASSFFLDRGNSKVKFVKENPYFTNRMSVNNQPFKSENDLSYYKVYGLLDQNILELYFNDGDVVSTNTY
FMTTGNALGSVNMTTGVDNLFYIDKFQVREVK
;
_entity_poly.pdbx_strand_id   A,B,C,D,E,F,G,H
#
# COMPACT_ATOMS: atom_id res chain seq x y z
N GLU A 4 -23.54 -24.29 13.65
CA GLU A 4 -23.71 -23.76 12.27
C GLU A 4 -23.73 -24.86 11.21
N THR A 5 -24.86 -24.95 10.50
CA THR A 5 -25.08 -26.00 9.52
C THR A 5 -24.37 -25.82 8.18
N SER A 6 -24.34 -26.89 7.41
CA SER A 6 -23.78 -26.92 6.07
C SER A 6 -24.91 -26.95 5.05
N ASP A 7 -24.53 -26.95 3.77
CA ASP A 7 -25.48 -27.12 2.69
C ASP A 7 -25.87 -28.58 2.57
N ARG A 8 -27.18 -28.83 2.56
CA ARG A 8 -27.72 -30.18 2.64
C ARG A 8 -28.39 -30.59 1.34
N PRO A 9 -27.99 -31.73 0.77
CA PRO A 9 -28.60 -32.23 -0.47
C PRO A 9 -30.13 -32.28 -0.37
N LEU A 10 -30.80 -31.79 -1.40
CA LEU A 10 -32.25 -31.66 -1.41
C LEU A 10 -32.99 -32.94 -1.83
N VAL A 11 -32.42 -33.71 -2.75
CA VAL A 11 -33.06 -34.94 -3.25
C VAL A 11 -32.28 -36.22 -2.99
N HIS A 12 -31.26 -36.14 -2.14
CA HIS A 12 -30.55 -37.32 -1.66
C HIS A 12 -30.80 -37.45 -0.20
N PHE A 13 -31.00 -38.68 0.30
CA PHE A 13 -31.25 -38.85 1.72
C PHE A 13 -30.01 -38.64 2.60
N THR A 14 -30.17 -37.81 3.63
CA THR A 14 -29.18 -37.68 4.70
C THR A 14 -29.92 -37.84 6.03
N PRO A 15 -29.21 -38.32 7.07
CA PRO A 15 -29.83 -38.32 8.40
C PRO A 15 -29.95 -36.90 8.93
N ASN A 16 -30.90 -36.67 9.83
CA ASN A 16 -31.07 -35.37 10.48
C ASN A 16 -29.78 -34.88 11.17
N LYS A 17 -29.22 -35.75 12.02
CA LYS A 17 -27.95 -35.48 12.68
C LYS A 17 -27.18 -36.79 12.82
N GLY A 18 -25.88 -36.70 13.03
CA GLY A 18 -25.08 -37.88 13.30
C GLY A 18 -24.41 -38.49 12.08
N TRP A 19 -24.20 -39.80 12.12
CA TRP A 19 -23.40 -40.48 11.11
C TRP A 19 -24.13 -41.62 10.46
N MET A 20 -24.00 -41.71 9.14
CA MET A 20 -24.63 -42.75 8.35
C MET A 20 -23.60 -43.48 7.47
N ASN A 21 -23.78 -44.78 7.30
CA ASN A 21 -23.14 -45.53 6.20
C ASN A 21 -24.10 -46.49 5.47
N ASP A 22 -23.71 -47.76 5.34
CA ASP A 22 -24.40 -48.73 4.47
C ASP A 22 -25.93 -48.69 4.56
N PRO A 23 -26.62 -48.66 3.40
CA PRO A 23 -28.07 -48.80 3.39
C PRO A 23 -28.48 -50.22 3.78
N ASN A 24 -29.54 -50.35 4.56
CA ASN A 24 -29.97 -51.64 5.09
C ASN A 24 -31.45 -51.97 4.83
N GLY A 25 -31.81 -53.23 5.07
CA GLY A 25 -33.19 -53.72 5.02
C GLY A 25 -34.15 -53.08 4.03
N LEU A 26 -33.70 -52.92 2.78
CA LEU A 26 -34.53 -52.29 1.75
C LEU A 26 -35.70 -53.17 1.34
N TRP A 27 -36.91 -52.63 1.46
CA TRP A 27 -38.14 -53.33 1.07
C TRP A 27 -39.24 -52.33 0.80
N TYR A 28 -40.39 -52.82 0.31
CA TYR A 28 -41.51 -51.92 -0.04
C TYR A 28 -42.87 -52.43 0.44
N ASP A 29 -43.61 -51.54 1.11
CA ASP A 29 -44.92 -51.87 1.66
C ASP A 29 -46.00 -51.66 0.61
N GLU A 30 -46.53 -52.77 0.07
CA GLU A 30 -47.49 -52.72 -1.02
C GLU A 30 -48.82 -52.06 -0.63
N LYS A 31 -49.38 -52.43 0.52
CA LYS A 31 -50.70 -51.94 0.90
C LYS A 31 -50.67 -50.51 1.44
N ASP A 32 -49.50 -50.07 1.90
CA ASP A 32 -49.35 -48.74 2.49
C ASP A 32 -48.70 -47.77 1.50
N ALA A 33 -48.19 -48.33 0.39
CA ALA A 33 -47.46 -47.59 -0.66
C ALA A 33 -46.26 -46.82 -0.12
N LYS A 34 -45.48 -47.48 0.75
CA LYS A 34 -44.33 -46.85 1.41
C LYS A 34 -43.03 -47.61 1.13
N TRP A 35 -42.03 -46.86 0.66
CA TRP A 35 -40.66 -47.37 0.52
C TRP A 35 -39.97 -47.26 1.83
N HIS A 36 -39.22 -48.30 2.19
CA HIS A 36 -38.51 -48.30 3.47
C HIS A 36 -37.02 -48.28 3.28
N LEU A 37 -36.39 -47.30 3.90
CA LEU A 37 -34.93 -47.20 3.92
C LEU A 37 -34.41 -47.31 5.35
N TYR A 38 -33.58 -48.32 5.57
CA TYR A 38 -32.84 -48.46 6.83
C TYR A 38 -31.37 -48.20 6.53
N PHE A 39 -30.60 -47.85 7.55
CA PHE A 39 -29.19 -47.52 7.36
C PHE A 39 -28.36 -47.63 8.63
N GLN A 40 -27.07 -47.94 8.43
CA GLN A 40 -26.10 -47.91 9.51
C GLN A 40 -26.08 -46.50 10.07
N TYR A 41 -26.29 -46.39 11.38
CA TYR A 41 -26.51 -45.07 11.98
C TYR A 41 -25.91 -44.92 13.36
N ASN A 42 -25.11 -43.87 13.53
CA ASN A 42 -24.60 -43.49 14.84
C ASN A 42 -25.12 -42.11 15.22
N PRO A 43 -26.17 -42.07 16.06
CA PRO A 43 -26.86 -40.82 16.38
C PRO A 43 -26.04 -39.92 17.29
N ASN A 44 -25.10 -40.49 18.02
CA ASN A 44 -24.33 -39.77 19.03
C ASN A 44 -23.31 -38.85 18.40
N ASP A 45 -22.22 -39.43 17.90
CA ASP A 45 -21.19 -38.64 17.24
C ASP A 45 -21.52 -38.42 15.76
N THR A 46 -20.65 -37.67 15.09
CA THR A 46 -20.79 -37.36 13.67
C THR A 46 -19.77 -38.16 12.84
N VAL A 47 -19.25 -39.22 13.45
CA VAL A 47 -18.44 -40.24 12.78
C VAL A 47 -18.92 -41.63 13.21
N TRP A 48 -18.35 -42.66 12.58
CA TRP A 48 -18.67 -44.05 12.90
C TRP A 48 -18.28 -44.39 14.31
N GLY A 49 -19.08 -45.24 14.96
CA GLY A 49 -18.81 -45.66 16.33
C GLY A 49 -19.88 -46.57 16.90
N THR A 50 -19.50 -47.37 17.89
CA THR A 50 -20.42 -48.28 18.57
C THR A 50 -20.89 -47.64 19.87
N PRO A 51 -22.19 -47.75 20.21
CA PRO A 51 -23.25 -48.55 19.58
C PRO A 51 -23.63 -48.06 18.19
N LEU A 52 -23.90 -49.00 17.30
CA LEU A 52 -24.30 -48.68 15.94
C LEU A 52 -25.70 -49.22 15.71
N PHE A 53 -26.57 -48.37 15.16
CA PHE A 53 -27.99 -48.69 15.05
C PHE A 53 -28.47 -48.80 13.60
N TRP A 54 -29.70 -49.30 13.44
CA TRP A 54 -30.40 -49.23 12.17
C TRP A 54 -31.32 -48.05 12.20
N GLY A 55 -30.94 -47.00 11.46
CA GLY A 55 -31.80 -45.83 11.29
C GLY A 55 -32.92 -46.18 10.34
N HIS A 56 -33.97 -45.38 10.32
CA HIS A 56 -35.16 -45.70 9.53
C HIS A 56 -35.77 -44.46 8.93
N ALA A 57 -36.02 -44.51 7.63
CA ALA A 57 -36.68 -43.41 6.92
C ALA A 57 -37.61 -43.97 5.86
N THR A 58 -38.77 -43.34 5.72
CA THR A 58 -39.76 -43.80 4.75
C THR A 58 -40.01 -42.77 3.66
N SER A 59 -40.38 -43.25 2.48
CA SER A 59 -40.76 -42.41 1.36
C SER A 59 -41.84 -43.08 0.53
N ASP A 60 -42.54 -42.30 -0.28
CA ASP A 60 -43.50 -42.86 -1.23
C ASP A 60 -43.19 -42.48 -2.68
N ASP A 61 -42.05 -41.83 -2.90
CA ASP A 61 -41.58 -41.50 -4.24
C ASP A 61 -40.07 -41.67 -4.42
N LEU A 62 -39.40 -42.09 -3.35
CA LEU A 62 -37.96 -42.37 -3.33
C LEU A 62 -37.08 -41.11 -3.47
N THR A 63 -37.72 -39.94 -3.49
CA THR A 63 -37.00 -38.68 -3.60
C THR A 63 -37.19 -37.80 -2.35
N ASN A 64 -38.33 -37.95 -1.68
CA ASN A 64 -38.63 -37.21 -0.45
C ASN A 64 -38.86 -38.13 0.75
N TRP A 65 -38.17 -37.86 1.85
CA TRP A 65 -38.11 -38.79 2.97
C TRP A 65 -38.72 -38.27 4.24
N GLU A 66 -39.20 -39.19 5.09
CA GLU A 66 -39.65 -38.85 6.44
C GLU A 66 -38.80 -39.63 7.44
N ASP A 67 -38.27 -38.92 8.44
CA ASP A 67 -37.51 -39.56 9.49
C ASP A 67 -38.39 -40.45 10.37
N GLN A 68 -37.83 -41.56 10.83
CA GLN A 68 -38.53 -42.46 11.74
C GLN A 68 -37.59 -42.88 12.88
N PRO A 69 -38.17 -43.27 14.03
CA PRO A 69 -37.38 -43.74 15.16
C PRO A 69 -36.46 -44.91 14.82
N ILE A 70 -35.31 -44.98 15.50
CA ILE A 70 -34.34 -46.08 15.37
C ILE A 70 -35.05 -47.44 15.31
N ALA A 71 -34.70 -48.24 14.30
CA ALA A 71 -35.39 -49.51 14.05
C ALA A 71 -34.81 -50.72 14.79
N ILE A 72 -33.48 -50.81 14.85
CA ILE A 72 -32.79 -51.92 15.52
C ILE A 72 -31.63 -51.38 16.36
N ALA A 73 -31.43 -51.98 17.53
CA ALA A 73 -30.35 -51.61 18.44
C ALA A 73 -29.63 -52.86 18.94
N PRO A 74 -28.30 -52.77 19.16
CA PRO A 74 -27.58 -53.87 19.80
C PRO A 74 -27.82 -53.89 21.31
N LYS A 75 -27.90 -55.07 21.90
CA LYS A 75 -28.01 -55.20 23.35
C LYS A 75 -26.85 -54.49 24.07
N ARG A 76 -25.67 -54.54 23.48
CA ARG A 76 -24.47 -54.05 24.14
C ARG A 76 -23.90 -52.76 23.53
N ASN A 77 -23.27 -51.94 24.36
CA ASN A 77 -22.50 -50.79 23.88
C ASN A 77 -21.24 -51.21 23.14
N ASP A 78 -20.65 -52.32 23.55
CA ASP A 78 -19.50 -52.91 22.88
C ASP A 78 -19.81 -53.18 21.44
N SER A 79 -21.06 -53.54 21.22
CA SER A 79 -21.49 -54.17 20.00
C SER A 79 -22.12 -53.17 19.05
N GLY A 80 -22.58 -53.68 17.91
CA GLY A 80 -23.29 -52.91 16.92
C GLY A 80 -24.21 -53.80 16.13
N ALA A 81 -25.31 -53.22 15.66
CA ALA A 81 -26.22 -53.90 14.75
C ALA A 81 -25.83 -53.55 13.32
N PHE A 82 -24.90 -54.33 12.76
CA PHE A 82 -24.32 -54.06 11.44
C PHE A 82 -25.30 -54.24 10.27
N SER A 83 -24.76 -54.28 9.06
CA SER A 83 -25.56 -54.35 7.82
C SER A 83 -26.38 -55.63 7.67
N GLY A 84 -27.41 -55.54 6.84
CA GLY A 84 -28.30 -56.65 6.57
C GLY A 84 -29.45 -56.24 5.69
N SER A 85 -30.32 -57.21 5.39
CA SER A 85 -31.45 -56.97 4.49
C SER A 85 -32.78 -57.36 5.13
N MET A 86 -33.85 -57.13 4.38
CA MET A 86 -35.18 -57.51 4.82
C MET A 86 -35.89 -58.36 3.77
N VAL A 87 -36.87 -59.13 4.24
CA VAL A 87 -37.73 -59.95 3.41
C VAL A 87 -39.17 -59.78 3.89
N VAL A 88 -40.13 -60.07 3.03
CA VAL A 88 -41.53 -60.09 3.42
C VAL A 88 -42.03 -61.54 3.41
N ASP A 89 -42.41 -62.03 4.58
CA ASP A 89 -42.84 -63.41 4.75
C ASP A 89 -44.35 -63.56 4.55
N TYR A 90 -44.79 -63.43 3.29
CA TYR A 90 -46.21 -63.49 2.95
C TYR A 90 -46.92 -64.70 3.55
N ASN A 91 -46.25 -65.85 3.53
CA ASN A 91 -46.84 -67.11 3.95
C ASN A 91 -46.39 -67.54 5.34
N ASN A 92 -46.03 -66.58 6.18
CA ASN A 92 -45.68 -66.83 7.58
C ASN A 92 -44.76 -68.06 7.79
N THR A 93 -43.80 -68.26 6.89
CA THR A 93 -42.85 -69.37 6.98
C THR A 93 -41.98 -69.34 8.24
N SER A 94 -41.90 -68.15 8.86
CA SER A 94 -41.16 -67.98 10.11
C SER A 94 -42.05 -68.26 11.31
N GLY A 95 -43.36 -68.09 11.11
CA GLY A 95 -44.34 -68.34 12.16
C GLY A 95 -44.47 -67.21 13.19
N PHE A 96 -44.08 -66.00 12.79
CA PHE A 96 -44.17 -64.85 13.69
C PHE A 96 -45.50 -64.11 13.57
N PHE A 97 -46.20 -64.31 12.47
CA PHE A 97 -47.32 -63.44 12.10
C PHE A 97 -48.69 -64.10 12.20
N ASN A 98 -49.58 -63.46 12.95
CA ASN A 98 -50.98 -63.90 13.07
C ASN A 98 -51.79 -63.53 11.84
N ASP A 99 -53.05 -63.92 11.81
CA ASP A 99 -53.99 -63.55 10.76
C ASP A 99 -54.55 -62.17 11.00
N THR A 100 -54.01 -61.49 11.98
CA THR A 100 -54.23 -60.08 12.21
C THR A 100 -53.23 -59.21 11.43
N ILE A 101 -52.06 -59.78 11.13
CA ILE A 101 -51.02 -59.09 10.38
C ILE A 101 -51.17 -59.39 8.90
N ASP A 102 -51.29 -58.33 8.09
CA ASP A 102 -51.41 -58.44 6.63
C ASP A 102 -50.17 -59.16 6.07
N PRO A 103 -50.39 -60.08 5.10
CA PRO A 103 -49.27 -60.75 4.43
C PRO A 103 -48.24 -59.78 3.84
N ARG A 104 -48.74 -58.71 3.23
CA ARG A 104 -47.90 -57.72 2.54
C ARG A 104 -47.05 -56.89 3.50
N GLN A 105 -47.24 -57.11 4.79
CA GLN A 105 -46.67 -56.24 5.81
C GLN A 105 -45.81 -57.02 6.81
N ARG A 106 -45.42 -58.23 6.43
CA ARG A 106 -44.75 -59.16 7.34
C ARG A 106 -43.22 -59.08 7.30
N CYS A 107 -42.68 -58.07 7.98
CA CYS A 107 -41.26 -57.74 7.94
C CYS A 107 -40.38 -58.69 8.74
N VAL A 108 -39.32 -59.18 8.11
CA VAL A 108 -38.26 -59.88 8.84
C VAL A 108 -36.92 -59.25 8.49
N ALA A 109 -36.27 -58.64 9.48
CA ALA A 109 -34.92 -58.13 9.32
C ALA A 109 -33.91 -59.24 9.59
N ILE A 110 -32.89 -59.32 8.74
CA ILE A 110 -31.78 -60.26 8.92
C ILE A 110 -30.51 -59.42 8.95
N TRP A 111 -29.76 -59.51 10.05
CA TRP A 111 -28.65 -58.58 10.29
C TRP A 111 -27.50 -59.16 11.06
N THR A 112 -26.33 -58.57 10.87
CA THR A 112 -25.13 -59.05 11.56
C THR A 112 -24.93 -58.33 12.89
N TYR A 113 -24.96 -59.11 13.96
CA TYR A 113 -24.64 -58.60 15.29
C TYR A 113 -23.13 -58.68 15.51
N ASN A 114 -22.45 -57.57 15.31
CA ASN A 114 -21.00 -57.48 15.54
C ASN A 114 -20.69 -57.15 16.98
N THR A 115 -19.95 -58.03 17.64
CA THR A 115 -19.48 -57.84 19.01
C THR A 115 -17.97 -58.07 19.00
N PRO A 116 -17.23 -57.44 19.93
CA PRO A 116 -15.77 -57.61 19.96
C PRO A 116 -15.31 -59.07 19.87
N GLU A 117 -16.13 -60.00 20.35
CA GLU A 117 -15.76 -61.43 20.36
C GLU A 117 -16.11 -62.15 19.06
N SER A 118 -17.24 -61.82 18.45
CA SER A 118 -17.65 -62.48 17.20
C SER A 118 -18.67 -61.71 16.37
N GLU A 119 -18.76 -62.08 15.09
CA GLU A 119 -19.82 -61.59 14.21
C GLU A 119 -20.76 -62.75 13.85
N GLU A 120 -22.06 -62.54 14.09
CA GLU A 120 -23.08 -63.57 13.87
C GLU A 120 -24.30 -62.99 13.15
N GLN A 121 -25.22 -63.86 12.73
CA GLN A 121 -26.43 -63.42 12.04
C GLN A 121 -27.66 -63.54 12.94
N TYR A 122 -28.41 -62.45 13.08
CA TYR A 122 -29.63 -62.44 13.88
C TYR A 122 -30.81 -62.15 12.97
N ILE A 123 -32.02 -62.40 13.48
CA ILE A 123 -33.24 -61.96 12.79
C ILE A 123 -34.22 -61.24 13.72
N SER A 124 -35.03 -60.36 13.14
CA SER A 124 -36.02 -59.60 13.88
C SER A 124 -37.32 -59.48 13.08
N TYR A 125 -38.44 -59.37 13.77
CA TYR A 125 -39.74 -59.30 13.11
C TYR A 125 -40.51 -58.05 13.55
N SER A 126 -41.41 -57.57 12.70
CA SER A 126 -42.21 -56.39 12.98
C SER A 126 -43.69 -56.67 12.82
N LEU A 127 -44.48 -56.17 13.77
CA LEU A 127 -45.93 -56.38 13.76
C LEU A 127 -46.73 -55.12 13.41
N ASP A 128 -46.03 -54.02 13.13
CA ASP A 128 -46.68 -52.75 12.80
C ASP A 128 -46.28 -52.17 11.44
N GLY A 129 -45.68 -52.98 10.59
CA GLY A 129 -45.34 -52.58 9.22
C GLY A 129 -43.92 -52.08 9.05
N GLY A 130 -43.03 -52.50 9.96
CA GLY A 130 -41.59 -52.23 9.82
C GLY A 130 -41.07 -51.00 10.53
N TYR A 131 -41.74 -50.59 11.60
CA TYR A 131 -41.30 -49.42 12.38
C TYR A 131 -40.63 -49.84 13.67
N THR A 132 -41.26 -50.79 14.38
CA THR A 132 -40.71 -51.38 15.59
C THR A 132 -40.37 -52.86 15.35
N PHE A 133 -39.26 -53.32 15.91
CA PHE A 133 -38.77 -54.67 15.67
C PHE A 133 -38.40 -55.40 16.95
N THR A 134 -38.83 -56.66 17.05
CA THR A 134 -38.44 -57.53 18.16
C THR A 134 -37.52 -58.66 17.65
N GLU A 135 -36.45 -58.93 18.40
CA GLU A 135 -35.53 -60.02 18.09
C GLU A 135 -36.20 -61.40 18.15
N TYR A 136 -35.66 -62.34 17.38
CA TYR A 136 -36.05 -63.74 17.48
C TYR A 136 -35.46 -64.31 18.76
N GLN A 137 -36.26 -65.04 19.51
CA GLN A 137 -35.87 -65.47 20.86
C GLN A 137 -34.59 -66.30 20.93
N LYS A 138 -34.24 -67.00 19.85
CA LYS A 138 -33.09 -67.89 19.85
C LYS A 138 -31.95 -67.48 18.90
N ASN A 139 -31.79 -66.17 18.69
CA ASN A 139 -30.66 -65.62 17.92
C ASN A 139 -29.32 -66.03 18.54
N PRO A 140 -28.32 -66.36 17.71
CA PRO A 140 -28.23 -66.23 16.26
C PRO A 140 -29.08 -67.24 15.48
N VAL A 141 -29.27 -66.97 14.20
CA VAL A 141 -29.83 -67.97 13.29
C VAL A 141 -28.73 -68.53 12.39
N LEU A 142 -27.53 -67.98 12.54
CA LEU A 142 -26.35 -68.48 11.82
C LEU A 142 -25.07 -67.96 12.46
N ALA A 143 -24.26 -68.88 12.96
CA ALA A 143 -22.95 -68.56 13.51
C ALA A 143 -21.91 -69.50 12.92
N ALA A 144 -20.83 -68.94 12.40
CA ALA A 144 -19.76 -69.74 11.80
C ALA A 144 -18.46 -69.60 12.57
N ASN A 145 -18.57 -69.36 13.88
CA ASN A 145 -17.42 -69.20 14.76
C ASN A 145 -16.35 -68.29 14.16
N SER A 146 -16.74 -67.05 13.88
CA SER A 146 -15.88 -66.09 13.17
C SER A 146 -16.03 -64.65 13.66
N THR A 147 -15.03 -63.82 13.34
CA THR A 147 -15.10 -62.38 13.57
C THR A 147 -15.20 -61.62 12.23
N GLN A 148 -15.24 -62.37 11.13
CA GLN A 148 -15.34 -61.80 9.79
C GLN A 148 -16.44 -62.51 8.99
N PHE A 149 -17.68 -62.33 9.44
CA PHE A 149 -18.83 -63.01 8.87
C PHE A 149 -20.04 -62.11 9.00
N ARG A 150 -20.40 -61.43 7.92
CA ARG A 150 -21.39 -60.35 8.00
C ARG A 150 -22.16 -60.07 6.71
N ASP A 151 -23.12 -59.15 6.81
CA ASP A 151 -23.86 -58.57 5.69
C ASP A 151 -24.75 -59.58 4.96
N PRO A 152 -25.81 -60.06 5.62
CA PRO A 152 -26.68 -61.04 4.99
C PRO A 152 -27.77 -60.43 4.11
N LYS A 153 -27.69 -60.70 2.81
CA LYS A 153 -28.75 -60.32 1.87
C LYS A 153 -29.51 -61.58 1.47
N VAL A 154 -30.84 -61.53 1.59
CA VAL A 154 -31.67 -62.72 1.41
C VAL A 154 -32.86 -62.44 0.48
N PHE A 155 -33.13 -63.41 -0.40
CA PHE A 155 -34.23 -63.35 -1.36
C PHE A 155 -34.98 -64.70 -1.42
N TRP A 156 -36.14 -64.69 -2.06
CA TRP A 156 -36.96 -65.89 -2.19
C TRP A 156 -36.75 -66.55 -3.52
N TYR A 157 -36.39 -67.83 -3.51
CA TYR A 157 -36.21 -68.60 -4.73
C TYR A 157 -37.36 -69.59 -4.91
N GLU A 158 -38.26 -69.25 -5.83
CA GLU A 158 -39.48 -70.05 -6.10
C GLU A 158 -39.23 -71.53 -6.40
N PRO A 159 -38.44 -71.83 -7.46
CA PRO A 159 -38.19 -73.22 -7.85
C PRO A 159 -37.90 -74.18 -6.68
N SER A 160 -36.92 -73.84 -5.84
CA SER A 160 -36.51 -74.74 -4.75
C SER A 160 -37.30 -74.49 -3.46
N GLN A 161 -38.17 -73.48 -3.48
CA GLN A 161 -39.05 -73.12 -2.36
C GLN A 161 -38.27 -72.77 -1.08
N LYS A 162 -37.22 -71.97 -1.23
CA LYS A 162 -36.32 -71.63 -0.13
C LYS A 162 -36.06 -70.11 -0.04
N TRP A 163 -35.64 -69.67 1.14
CA TRP A 163 -34.99 -68.38 1.28
C TRP A 163 -33.53 -68.59 1.02
N ILE A 164 -32.95 -67.74 0.17
CA ILE A 164 -31.54 -67.85 -0.13
C ILE A 164 -30.78 -66.66 0.45
N MET A 165 -29.81 -66.94 1.31
CA MET A 165 -28.96 -65.91 1.88
C MET A 165 -27.58 -65.91 1.24
N THR A 166 -27.19 -64.76 0.71
CA THR A 166 -25.82 -64.53 0.26
C THR A 166 -25.13 -63.62 1.29
N ALA A 167 -24.15 -64.17 1.99
CA ALA A 167 -23.41 -63.45 3.02
C ALA A 167 -21.90 -63.60 2.85
N ALA A 168 -21.16 -62.66 3.40
CA ALA A 168 -19.73 -62.57 3.16
C ALA A 168 -18.84 -63.06 4.31
N LYS A 169 -17.98 -64.02 4.00
CA LYS A 169 -16.90 -64.43 4.88
C LYS A 169 -15.74 -63.49 4.58
N SER A 170 -15.94 -62.22 4.96
CA SER A 170 -15.14 -61.08 4.51
C SER A 170 -13.67 -61.30 4.20
N GLN A 171 -12.88 -61.63 5.22
CA GLN A 171 -11.42 -61.72 5.03
C GLN A 171 -10.97 -63.09 4.54
N ASP A 172 -11.93 -63.95 4.23
CA ASP A 172 -11.66 -65.23 3.58
C ASP A 172 -11.94 -65.13 2.08
N TYR A 173 -12.27 -63.93 1.63
CA TYR A 173 -12.55 -63.63 0.22
C TYR A 173 -13.60 -64.58 -0.35
N LYS A 174 -14.51 -64.99 0.52
CA LYS A 174 -15.50 -66.00 0.21
C LYS A 174 -16.88 -65.43 0.45
N ILE A 175 -17.80 -65.65 -0.49
CA ILE A 175 -19.20 -65.31 -0.26
C ILE A 175 -20.07 -66.57 -0.25
N GLU A 176 -20.47 -66.96 0.95
CA GLU A 176 -21.19 -68.20 1.17
C GLU A 176 -22.68 -68.06 0.89
N ILE A 177 -23.24 -69.07 0.24
CA ILE A 177 -24.67 -69.12 -0.04
C ILE A 177 -25.38 -70.13 0.87
N TYR A 178 -26.34 -69.63 1.66
CA TYR A 178 -27.10 -70.46 2.57
C TYR A 178 -28.57 -70.57 2.15
N SER A 179 -29.23 -71.63 2.59
CA SER A 179 -30.65 -71.84 2.27
C SER A 179 -31.45 -72.23 3.50
N SER A 180 -32.71 -71.79 3.51
CA SER A 180 -33.64 -72.08 4.60
C SER A 180 -35.07 -71.86 4.11
N ASP A 181 -35.92 -72.84 4.38
CA ASP A 181 -37.35 -72.67 4.16
C ASP A 181 -37.99 -72.19 5.43
N ASP A 182 -37.22 -72.21 6.50
CA ASP A 182 -37.69 -71.83 7.82
C ASP A 182 -37.32 -70.39 8.19
N LEU A 183 -36.12 -70.00 7.80
CA LEU A 183 -35.60 -68.66 8.09
C LEU A 183 -34.85 -68.60 9.42
N LYS A 184 -34.91 -69.68 10.19
CA LYS A 184 -34.15 -69.75 11.44
C LYS A 184 -33.09 -70.86 11.44
N SER A 185 -33.24 -71.81 10.52
CA SER A 185 -32.24 -72.86 10.31
C SER A 185 -31.63 -72.73 8.92
N TRP A 186 -30.35 -72.36 8.87
CA TRP A 186 -29.69 -72.14 7.58
C TRP A 186 -28.71 -73.21 7.23
N LYS A 187 -28.66 -73.55 5.96
CA LYS A 187 -27.82 -74.64 5.46
C LYS A 187 -26.88 -74.13 4.37
N LEU A 188 -25.57 -74.30 4.59
CA LEU A 188 -24.55 -73.91 3.61
C LEU A 188 -24.70 -74.71 2.33
N GLU A 189 -24.88 -74.02 1.21
CA GLU A 189 -25.10 -74.68 -0.07
C GLU A 189 -23.87 -74.65 -0.96
N SER A 190 -23.18 -73.51 -1.00
CA SER A 190 -22.00 -73.31 -1.85
C SER A 190 -21.19 -72.08 -1.45
N ALA A 191 -19.98 -71.97 -1.96
CA ALA A 191 -19.18 -70.79 -1.68
C ALA A 191 -18.62 -70.22 -2.96
N PHE A 192 -18.71 -68.91 -3.12
CA PHE A 192 -18.11 -68.24 -4.26
C PHE A 192 -17.46 -66.93 -3.86
N ALA A 193 -16.16 -66.76 -4.08
CA ALA A 193 -15.18 -67.81 -4.28
C ALA A 193 -13.83 -67.17 -4.03
N ASN A 194 -13.13 -66.80 -5.10
CA ASN A 194 -12.06 -65.82 -5.06
C ASN A 194 -12.18 -64.97 -6.31
N GLU A 195 -13.25 -64.19 -6.39
CA GLU A 195 -13.67 -63.49 -7.62
C GLU A 195 -12.85 -62.34 -8.20
N GLY A 196 -12.25 -61.54 -7.34
CA GLY A 196 -11.37 -60.43 -7.76
C GLY A 196 -12.08 -59.30 -8.48
N PHE A 197 -11.63 -58.05 -8.28
CA PHE A 197 -10.52 -57.73 -7.38
C PHE A 197 -10.86 -58.04 -5.93
N LEU A 198 -9.92 -58.67 -5.24
CA LEU A 198 -10.10 -59.08 -3.86
C LEU A 198 -9.97 -57.90 -2.91
N GLY A 199 -8.82 -57.24 -2.96
CA GLY A 199 -8.52 -56.15 -2.05
C GLY A 199 -8.18 -56.69 -0.68
N TYR A 200 -9.04 -56.42 0.29
CA TYR A 200 -8.78 -56.73 1.69
C TYR A 200 -9.92 -57.54 2.27
N GLN A 201 -11.11 -57.38 1.69
CA GLN A 201 -12.35 -57.94 2.23
C GLN A 201 -13.46 -58.03 1.19
N TYR A 202 -14.34 -58.99 1.39
CA TYR A 202 -15.63 -59.01 0.71
C TYR A 202 -16.67 -58.43 1.66
N GLU A 203 -17.39 -57.39 1.22
CA GLU A 203 -18.47 -56.80 2.01
C GLU A 203 -19.75 -56.65 1.22
N CYS A 204 -20.87 -56.55 1.94
CA CYS A 204 -22.20 -56.32 1.37
C CYS A 204 -22.47 -57.05 0.03
N PRO A 205 -22.57 -58.39 0.06
CA PRO A 205 -22.92 -59.10 -1.17
C PRO A 205 -24.41 -59.01 -1.49
N GLY A 206 -24.74 -59.10 -2.77
CA GLY A 206 -26.12 -59.05 -3.22
C GLY A 206 -26.33 -59.94 -4.43
N LEU A 207 -27.52 -60.53 -4.53
CA LEU A 207 -27.81 -61.46 -5.63
C LEU A 207 -29.23 -61.25 -6.15
N ILE A 208 -29.32 -60.81 -7.40
CA ILE A 208 -30.62 -60.42 -7.95
C ILE A 208 -30.77 -60.72 -9.45
N GLU A 209 -31.97 -61.13 -9.83
CA GLU A 209 -32.36 -61.24 -11.22
C GLU A 209 -32.58 -59.85 -11.78
N VAL A 210 -31.82 -59.51 -12.81
CA VAL A 210 -31.92 -58.19 -13.44
C VAL A 210 -32.43 -58.35 -14.86
N PRO A 211 -33.60 -57.74 -15.16
CA PRO A 211 -34.17 -57.85 -16.51
C PRO A 211 -33.22 -57.31 -17.58
N THR A 212 -33.41 -57.79 -18.79
CA THR A 212 -32.58 -57.48 -19.91
C THR A 212 -33.17 -56.31 -20.67
N GLU A 213 -32.33 -55.37 -21.09
CA GLU A 213 -32.80 -54.33 -21.96
C GLU A 213 -33.25 -55.01 -23.21
N GLN A 214 -34.17 -54.41 -23.95
CA GLN A 214 -34.66 -55.04 -25.19
C GLN A 214 -35.49 -56.38 -25.12
N ASP A 215 -35.08 -57.23 -24.19
CA ASP A 215 -35.98 -58.29 -23.79
C ASP A 215 -36.22 -58.19 -22.30
N PRO A 216 -37.34 -57.58 -21.94
CA PRO A 216 -37.75 -57.50 -20.54
C PRO A 216 -38.04 -58.88 -20.04
N SER A 217 -38.60 -59.69 -20.92
CA SER A 217 -39.03 -61.03 -20.60
C SER A 217 -37.87 -61.89 -20.08
N LYS A 218 -36.71 -61.77 -20.71
CA LYS A 218 -35.49 -62.45 -20.26
C LYS A 218 -34.84 -61.71 -19.09
N SER A 219 -33.96 -62.41 -18.37
CA SER A 219 -33.14 -61.82 -17.29
C SER A 219 -32.01 -62.75 -16.88
N TYR A 220 -30.90 -62.18 -16.41
CA TYR A 220 -29.80 -62.96 -15.88
C TYR A 220 -29.50 -62.56 -14.42
N TRP A 221 -28.71 -63.37 -13.73
CA TRP A 221 -28.40 -63.09 -12.33
C TRP A 221 -27.17 -62.25 -12.18
N VAL A 222 -27.24 -61.31 -11.25
CA VAL A 222 -26.11 -60.43 -10.97
C VAL A 222 -25.64 -60.60 -9.53
N MET A 223 -24.33 -60.72 -9.36
CA MET A 223 -23.70 -60.76 -8.04
C MET A 223 -22.99 -59.45 -7.76
N PHE A 224 -23.38 -58.79 -6.67
CA PHE A 224 -22.74 -57.56 -6.23
C PHE A 224 -21.81 -57.82 -5.07
N ILE A 225 -20.54 -57.42 -5.22
CA ILE A 225 -19.59 -57.43 -4.11
C ILE A 225 -18.95 -56.06 -3.98
N SER A 226 -18.89 -55.56 -2.75
CA SER A 226 -18.20 -54.31 -2.46
C SER A 226 -16.97 -54.63 -1.62
N ILE A 227 -15.86 -53.95 -1.92
CA ILE A 227 -14.61 -54.20 -1.23
C ILE A 227 -13.99 -52.92 -0.67
N ASN A 228 -13.35 -53.02 0.49
CA ASN A 228 -12.70 -51.88 1.16
C ASN A 228 -11.93 -52.36 2.39
N PRO A 229 -10.66 -51.91 2.55
CA PRO A 229 -9.87 -51.10 1.63
C PRO A 229 -9.32 -51.93 0.48
N GLY A 230 -8.55 -51.29 -0.41
CA GLY A 230 -7.87 -52.02 -1.47
C GLY A 230 -8.47 -51.93 -2.86
N ALA A 231 -9.42 -51.01 -3.05
CA ALA A 231 -9.96 -50.74 -4.39
C ALA A 231 -8.83 -50.31 -5.33
N PRO A 232 -8.96 -50.61 -6.64
CA PRO A 232 -7.89 -50.29 -7.59
C PRO A 232 -7.65 -48.76 -7.66
N ALA A 233 -8.73 -48.00 -7.57
CA ALA A 233 -8.67 -46.54 -7.54
C ALA A 233 -8.33 -46.00 -6.13
N GLY A 234 -8.19 -46.92 -5.18
CA GLY A 234 -7.88 -46.55 -3.80
C GLY A 234 -9.14 -46.54 -2.95
N GLY A 235 -9.06 -47.20 -1.79
CA GLY A 235 -10.13 -47.20 -0.80
C GLY A 235 -11.27 -48.19 -1.06
N SER A 236 -12.44 -47.65 -1.37
CA SER A 236 -13.65 -48.45 -1.49
C SER A 236 -14.22 -48.43 -2.91
N PHE A 237 -14.96 -49.47 -3.28
CA PHE A 237 -15.70 -49.49 -4.55
C PHE A 237 -16.62 -50.70 -4.65
N ASN A 238 -17.54 -50.65 -5.62
CA ASN A 238 -18.53 -51.71 -5.78
C ASN A 238 -18.39 -52.40 -7.12
N GLN A 239 -18.13 -53.71 -7.08
CA GLN A 239 -18.00 -54.51 -8.31
C GLN A 239 -19.23 -55.40 -8.55
N TYR A 240 -19.35 -55.93 -9.77
CA TYR A 240 -20.44 -56.82 -10.09
C TYR A 240 -20.03 -57.94 -11.05
N PHE A 241 -20.86 -58.99 -11.10
CA PHE A 241 -20.67 -60.12 -12.00
C PHE A 241 -22.02 -60.46 -12.63
N VAL A 242 -22.02 -60.74 -13.93
CA VAL A 242 -23.24 -61.18 -14.62
C VAL A 242 -23.15 -62.66 -14.94
N GLY A 243 -24.16 -63.42 -14.56
CA GLY A 243 -24.15 -64.87 -14.76
C GLY A 243 -25.46 -65.57 -14.47
N SER A 244 -25.37 -66.78 -13.93
CA SER A 244 -26.56 -67.60 -13.70
C SER A 244 -26.60 -68.23 -12.31
N PHE A 245 -27.82 -68.37 -11.78
CA PHE A 245 -28.05 -68.96 -10.47
C PHE A 245 -28.98 -70.18 -10.59
N ASN A 246 -28.50 -71.32 -10.11
CA ASN A 246 -29.24 -72.59 -10.22
C ASN A 246 -30.09 -72.94 -8.99
N GLY A 247 -29.83 -72.26 -7.88
CA GLY A 247 -30.52 -72.54 -6.63
C GLY A 247 -29.54 -72.72 -5.48
N THR A 248 -28.29 -73.07 -5.82
CA THR A 248 -27.23 -73.21 -4.83
C THR A 248 -25.96 -72.48 -5.22
N HIS A 249 -25.48 -72.72 -6.44
CA HIS A 249 -24.23 -72.13 -6.92
C HIS A 249 -24.45 -70.97 -7.85
N PHE A 250 -23.54 -70.00 -7.83
CA PHE A 250 -23.54 -68.92 -8.81
C PHE A 250 -22.30 -69.00 -9.71
N GLU A 251 -22.51 -68.80 -11.00
CA GLU A 251 -21.43 -68.78 -11.98
C GLU A 251 -21.59 -67.59 -12.90
N ALA A 252 -20.53 -66.80 -13.02
CA ALA A 252 -20.52 -65.69 -13.98
C ALA A 252 -20.30 -66.27 -15.37
N PHE A 253 -21.01 -65.72 -16.36
CA PHE A 253 -20.87 -66.18 -17.75
C PHE A 253 -19.40 -66.32 -18.20
N ASP A 254 -18.55 -65.41 -17.72
CA ASP A 254 -17.11 -65.54 -17.89
C ASP A 254 -16.36 -65.06 -16.64
N ASN A 255 -15.11 -65.47 -16.52
CA ASN A 255 -14.20 -64.93 -15.54
C ASN A 255 -13.92 -63.49 -15.97
N GLN A 256 -14.41 -62.51 -15.21
CA GLN A 256 -14.31 -61.10 -15.58
C GLN A 256 -14.73 -60.14 -14.46
N SER A 257 -13.92 -59.11 -14.22
CA SER A 257 -14.25 -58.06 -13.27
C SER A 257 -14.85 -56.86 -13.99
N ARG A 258 -15.77 -56.18 -13.30
CA ARG A 258 -16.42 -54.96 -13.80
C ARG A 258 -16.86 -54.13 -12.59
N VAL A 259 -16.89 -52.80 -12.73
CA VAL A 259 -17.26 -51.94 -11.61
C VAL A 259 -18.65 -51.35 -11.81
N VAL A 260 -19.41 -51.21 -10.71
CA VAL A 260 -20.76 -50.66 -10.78
C VAL A 260 -20.71 -49.16 -11.04
N ASP A 261 -19.91 -48.45 -10.24
CA ASP A 261 -19.80 -47.01 -10.33
C ASP A 261 -18.35 -46.57 -10.37
N PHE A 262 -18.01 -45.78 -11.39
CA PHE A 262 -16.62 -45.38 -11.62
C PHE A 262 -16.22 -44.18 -10.78
N GLY A 263 -17.23 -43.48 -10.25
CA GLY A 263 -17.02 -42.37 -9.33
C GLY A 263 -16.37 -42.83 -8.05
N LYS A 264 -15.81 -41.88 -7.30
CA LYS A 264 -15.05 -42.18 -6.09
C LYS A 264 -15.96 -42.42 -4.87
N ASP A 265 -17.24 -42.09 -4.98
CA ASP A 265 -18.16 -42.16 -3.84
C ASP A 265 -19.42 -42.97 -4.13
N TYR A 266 -19.29 -44.30 -4.10
CA TYR A 266 -20.41 -45.20 -4.35
C TYR A 266 -20.07 -46.58 -3.78
N TYR A 267 -20.69 -46.92 -2.66
CA TYR A 267 -20.31 -48.12 -1.93
C TYR A 267 -21.49 -48.76 -1.21
N ALA A 268 -21.31 -50.05 -0.88
CA ALA A 268 -22.31 -50.85 -0.15
C ALA A 268 -23.71 -50.83 -0.79
N LEU A 269 -23.76 -51.06 -2.09
CA LEU A 269 -25.03 -51.08 -2.81
C LEU A 269 -25.87 -52.26 -2.39
N GLN A 270 -27.11 -51.99 -2.01
CA GLN A 270 -28.08 -53.04 -1.74
C GLN A 270 -29.31 -52.77 -2.61
N THR A 271 -29.87 -53.84 -3.13
CA THR A 271 -31.09 -53.75 -3.92
C THR A 271 -32.29 -53.94 -3.01
N PHE A 272 -33.44 -53.40 -3.41
CA PHE A 272 -34.69 -53.61 -2.67
C PHE A 272 -35.11 -55.07 -2.74
N PHE A 273 -35.92 -55.48 -1.77
CA PHE A 273 -36.48 -56.84 -1.78
C PHE A 273 -37.64 -56.92 -2.76
N ASN A 274 -38.43 -55.85 -2.84
CA ASN A 274 -39.54 -55.76 -3.78
C ASN A 274 -39.76 -54.31 -4.20
N THR A 275 -40.51 -54.10 -5.27
CA THR A 275 -40.80 -52.72 -5.71
C THR A 275 -42.26 -52.48 -6.05
N ASP A 276 -42.54 -51.26 -6.47
CA ASP A 276 -43.81 -50.88 -7.06
C ASP A 276 -43.56 -50.73 -8.56
N PRO A 277 -44.05 -51.67 -9.37
CA PRO A 277 -43.78 -51.56 -10.81
C PRO A 277 -45.02 -51.22 -11.67
N THR A 278 -45.14 -50.04 -12.28
CA THR A 278 -44.31 -48.82 -12.17
C THR A 278 -42.78 -49.00 -12.11
N TYR A 279 -42.13 -48.34 -11.15
CA TYR A 279 -40.64 -48.33 -11.01
C TYR A 279 -39.94 -49.61 -11.52
N GLY A 280 -40.41 -50.77 -11.01
CA GLY A 280 -40.02 -52.09 -11.51
C GLY A 280 -38.63 -52.56 -11.15
N SER A 281 -38.52 -53.49 -10.21
CA SER A 281 -37.22 -54.04 -9.79
C SER A 281 -36.53 -54.67 -11.00
N ALA A 282 -35.20 -54.66 -11.04
CA ALA A 282 -34.32 -54.33 -9.91
C ALA A 282 -34.14 -52.84 -9.63
N LEU A 283 -34.18 -52.49 -8.33
CA LEU A 283 -33.91 -51.13 -7.86
C LEU A 283 -32.90 -51.17 -6.73
N GLY A 284 -31.88 -50.32 -6.83
CA GLY A 284 -30.80 -50.30 -5.85
C GLY A 284 -30.32 -48.92 -5.44
N ILE A 285 -29.99 -48.78 -4.15
CA ILE A 285 -29.46 -47.55 -3.61
C ILE A 285 -28.11 -47.84 -2.95
N ALA A 286 -27.25 -46.82 -2.85
CA ALA A 286 -25.94 -46.99 -2.26
C ALA A 286 -25.50 -45.81 -1.40
N TRP A 287 -24.54 -46.07 -0.50
CA TRP A 287 -23.94 -45.05 0.35
C TRP A 287 -22.92 -44.28 -0.44
N ALA A 288 -23.18 -42.99 -0.63
CA ALA A 288 -22.35 -42.14 -1.48
C ALA A 288 -21.14 -41.51 -0.75
N SER A 289 -20.07 -42.28 -0.64
CA SER A 289 -18.81 -41.84 -0.05
C SER A 289 -17.68 -42.85 -0.26
N ASN A 290 -16.52 -42.56 0.31
CA ASN A 290 -15.36 -43.42 0.21
C ASN A 290 -14.65 -43.46 1.56
N TRP A 291 -14.58 -44.66 2.12
CA TRP A 291 -14.07 -44.87 3.48
C TRP A 291 -12.78 -44.18 3.81
N GLU A 292 -12.00 -43.83 2.78
CA GLU A 292 -10.70 -43.18 3.00
C GLU A 292 -10.83 -41.82 3.69
N TYR A 293 -11.88 -41.07 3.34
CA TYR A 293 -12.07 -39.69 3.81
C TYR A 293 -13.53 -39.41 4.21
N SER A 294 -14.33 -40.45 4.36
CA SER A 294 -15.76 -40.31 4.66
C SER A 294 -16.03 -39.63 6.00
N ALA A 295 -15.12 -39.81 6.95
CA ALA A 295 -15.28 -39.31 8.31
C ALA A 295 -14.74 -37.90 8.51
N PHE A 296 -14.21 -37.30 7.47
CA PHE A 296 -13.59 -35.98 7.56
C PHE A 296 -14.22 -34.93 6.64
N VAL A 297 -15.27 -35.31 5.92
CA VAL A 297 -15.98 -34.36 5.05
C VAL A 297 -16.63 -33.24 5.88
N PRO A 298 -16.61 -32.00 5.35
CA PRO A 298 -17.09 -30.85 6.11
C PRO A 298 -18.62 -30.68 6.04
N THR A 299 -19.34 -31.51 6.79
CA THR A 299 -20.78 -31.38 6.92
C THR A 299 -21.17 -31.45 8.39
N ASN A 300 -22.17 -30.66 8.76
CA ASN A 300 -22.69 -30.61 10.12
C ASN A 300 -24.17 -30.22 10.07
N PRO A 301 -25.02 -30.80 10.94
CA PRO A 301 -24.72 -31.73 12.04
C PRO A 301 -24.76 -33.22 11.62
N TRP A 302 -24.70 -33.48 10.32
CA TRP A 302 -24.74 -34.85 9.81
C TRP A 302 -23.54 -35.10 8.96
N ARG A 303 -23.30 -36.39 8.67
CA ARG A 303 -22.32 -36.79 7.67
C ARG A 303 -22.89 -37.89 6.79
N SER A 304 -22.60 -37.80 5.49
CA SER A 304 -22.94 -38.81 4.49
C SER A 304 -24.36 -38.72 3.93
N SER A 305 -24.43 -38.78 2.61
CA SER A 305 -25.68 -38.85 1.86
C SER A 305 -25.75 -40.19 1.16
N MET A 306 -26.96 -40.62 0.84
CA MET A 306 -27.12 -41.79 0.00
C MET A 306 -27.10 -41.33 -1.46
N SER A 307 -26.92 -42.26 -2.38
CA SER A 307 -27.07 -41.95 -3.80
C SER A 307 -28.56 -42.00 -4.11
N LEU A 308 -28.91 -41.73 -5.36
CA LEU A 308 -30.29 -41.91 -5.80
C LEU A 308 -30.56 -43.40 -5.93
N VAL A 309 -31.83 -43.79 -5.84
CA VAL A 309 -32.23 -45.16 -6.16
C VAL A 309 -32.18 -45.31 -7.68
N ARG A 310 -31.66 -46.44 -8.15
CA ARG A 310 -31.46 -46.63 -9.58
C ARG A 310 -32.14 -47.88 -10.08
N LYS A 311 -32.80 -47.77 -11.23
CA LYS A 311 -33.43 -48.90 -11.90
C LYS A 311 -32.39 -49.69 -12.70
N PHE A 312 -32.14 -50.93 -12.27
CA PHE A 312 -31.17 -51.78 -12.94
C PHE A 312 -31.76 -52.57 -14.09
N SER A 313 -30.97 -52.69 -15.14
CA SER A 313 -31.30 -53.51 -16.31
C SER A 313 -30.00 -53.94 -16.96
N LEU A 314 -30.01 -55.10 -17.61
CA LEU A 314 -28.82 -55.59 -18.31
C LEU A 314 -28.87 -55.28 -19.80
N ASN A 315 -27.80 -54.66 -20.31
CA ASN A 315 -27.68 -54.31 -21.71
C ASN A 315 -26.76 -55.29 -22.41
N THR A 316 -27.34 -56.20 -23.16
CA THR A 316 -26.58 -57.24 -23.85
C THR A 316 -25.80 -56.69 -25.03
N GLU A 317 -26.30 -55.60 -25.61
CA GLU A 317 -25.72 -55.06 -26.84
C GLU A 317 -24.93 -53.75 -26.63
N TYR A 318 -24.30 -53.61 -25.46
CA TYR A 318 -23.52 -52.41 -25.16
C TYR A 318 -22.19 -52.43 -25.90
N GLN A 319 -21.99 -51.44 -26.79
CA GLN A 319 -20.74 -51.30 -27.54
C GLN A 319 -19.60 -50.87 -26.61
N ALA A 320 -18.98 -51.84 -25.94
CA ALA A 320 -17.85 -51.59 -25.05
C ALA A 320 -16.70 -50.88 -25.78
N ASN A 321 -16.51 -51.26 -27.04
CA ASN A 321 -15.60 -50.60 -27.96
C ASN A 321 -16.20 -50.73 -29.37
N PRO A 322 -15.49 -50.25 -30.42
CA PRO A 322 -16.14 -50.28 -31.74
C PRO A 322 -16.21 -51.67 -32.38
N GLU A 323 -15.54 -52.67 -31.81
CA GLU A 323 -15.59 -54.04 -32.34
C GLU A 323 -16.66 -54.89 -31.68
N THR A 324 -16.52 -55.13 -30.37
CA THR A 324 -17.35 -56.11 -29.68
C THR A 324 -18.40 -55.50 -28.73
N GLU A 325 -19.40 -56.31 -28.39
CA GLU A 325 -20.45 -55.92 -27.45
C GLU A 325 -20.34 -56.75 -26.19
N LEU A 326 -20.68 -56.16 -25.04
CA LEU A 326 -20.64 -56.90 -23.78
C LEU A 326 -21.97 -56.77 -23.05
N ILE A 327 -22.24 -57.72 -22.16
CA ILE A 327 -23.38 -57.63 -21.27
C ILE A 327 -23.01 -56.63 -20.19
N ASN A 328 -23.58 -55.43 -20.27
CA ASN A 328 -23.26 -54.35 -19.35
C ASN A 328 -24.45 -53.97 -18.47
N LEU A 329 -24.17 -53.67 -17.20
CA LEU A 329 -25.20 -53.23 -16.26
C LEU A 329 -25.58 -51.79 -16.54
N LYS A 330 -26.88 -51.54 -16.63
CA LYS A 330 -27.43 -50.21 -16.87
C LYS A 330 -28.15 -49.75 -15.61
N ALA A 331 -27.84 -48.55 -15.16
CA ALA A 331 -28.47 -47.98 -13.97
C ALA A 331 -29.10 -46.64 -14.32
N GLU A 332 -30.43 -46.59 -14.27
CA GLU A 332 -31.16 -45.37 -14.58
C GLU A 332 -31.66 -44.72 -13.30
N PRO A 333 -31.65 -43.38 -13.22
CA PRO A 333 -32.02 -42.70 -11.97
C PRO A 333 -33.52 -42.72 -11.67
N ILE A 334 -33.87 -42.85 -10.39
CA ILE A 334 -35.24 -42.63 -9.93
C ILE A 334 -35.31 -41.29 -9.21
N LEU A 335 -36.02 -40.34 -9.81
CA LEU A 335 -36.15 -38.99 -9.28
C LEU A 335 -37.52 -38.42 -9.60
N ASN A 336 -38.38 -38.34 -8.58
CA ASN A 336 -39.66 -37.66 -8.73
C ASN A 336 -39.40 -36.16 -8.68
N ILE A 337 -39.27 -35.57 -9.86
CA ILE A 337 -38.79 -34.19 -10.02
C ILE A 337 -39.59 -33.22 -9.16
N SER A 338 -40.88 -33.50 -8.99
CA SER A 338 -41.74 -32.79 -8.05
C SER A 338 -42.22 -31.43 -8.58
N ASN A 339 -41.34 -30.43 -8.54
CA ASN A 339 -41.62 -29.11 -9.13
C ASN A 339 -40.34 -28.40 -9.56
N ALA A 340 -40.18 -28.24 -10.87
CA ALA A 340 -38.94 -27.72 -11.46
C ALA A 340 -39.18 -27.02 -12.79
N GLY A 341 -38.10 -26.50 -13.36
CA GLY A 341 -38.16 -25.79 -14.64
C GLY A 341 -37.90 -24.31 -14.44
N PRO A 342 -37.81 -23.54 -15.53
CA PRO A 342 -37.83 -24.05 -16.90
C PRO A 342 -36.42 -24.38 -17.39
N TRP A 343 -36.34 -25.04 -18.54
CA TRP A 343 -35.05 -25.34 -19.15
C TRP A 343 -34.38 -24.10 -19.63
N SER A 344 -33.05 -24.13 -19.66
CA SER A 344 -32.25 -23.12 -20.33
C SER A 344 -31.37 -23.85 -21.34
N ARG A 345 -31.27 -23.35 -22.57
CA ARG A 345 -30.43 -24.05 -23.56
C ARG A 345 -29.37 -23.23 -24.31
N PHE A 346 -28.41 -23.94 -24.92
CA PHE A 346 -27.25 -23.35 -25.57
C PHE A 346 -27.19 -23.57 -27.07
N ALA A 347 -26.08 -24.18 -27.49
CA ALA A 347 -25.68 -24.34 -28.88
C ALA A 347 -26.51 -25.40 -29.58
N THR A 348 -27.82 -25.33 -29.37
CA THR A 348 -28.73 -26.28 -30.00
C THR A 348 -28.46 -26.44 -31.48
N ASN A 349 -28.08 -27.66 -31.85
CA ASN A 349 -27.70 -27.99 -33.23
C ASN A 349 -26.64 -27.10 -33.87
N THR A 350 -25.55 -26.81 -33.16
CA THR A 350 -24.43 -26.05 -33.72
C THR A 350 -23.08 -26.72 -33.45
N THR A 351 -22.07 -26.34 -34.23
CA THR A 351 -20.71 -26.82 -34.03
C THR A 351 -19.90 -25.75 -33.30
N LEU A 352 -19.34 -26.12 -32.16
CA LEU A 352 -18.67 -25.17 -31.28
C LEU A 352 -17.34 -24.68 -31.84
N THR A 353 -17.00 -23.45 -31.49
CA THR A 353 -15.73 -22.85 -31.89
C THR A 353 -14.99 -22.37 -30.65
N LYS A 354 -13.69 -22.57 -30.61
CA LYS A 354 -12.88 -22.23 -29.45
C LYS A 354 -12.93 -20.74 -29.13
N ALA A 355 -12.87 -19.93 -30.16
CA ALA A 355 -12.94 -18.48 -30.00
C ALA A 355 -14.07 -18.05 -29.08
N ASN A 356 -15.27 -18.56 -29.30
CA ASN A 356 -16.45 -18.13 -28.52
C ASN A 356 -17.05 -19.20 -27.59
N SER A 357 -17.52 -18.75 -26.42
CA SER A 357 -18.00 -19.64 -25.35
C SER A 357 -19.38 -19.27 -24.80
N TYR A 358 -20.13 -20.28 -24.35
CA TYR A 358 -21.49 -20.08 -23.86
C TYR A 358 -21.61 -20.00 -22.33
N ASN A 359 -22.62 -19.27 -21.87
CA ASN A 359 -22.90 -19.11 -20.44
C ASN A 359 -24.37 -18.85 -20.12
N VAL A 360 -24.89 -19.55 -19.12
CA VAL A 360 -26.12 -19.16 -18.45
C VAL A 360 -25.79 -19.20 -16.97
N ASP A 361 -25.96 -18.07 -16.27
CA ASP A 361 -25.95 -18.17 -14.83
C ASP A 361 -27.31 -17.91 -14.23
N LEU A 362 -27.76 -18.90 -13.46
CA LEU A 362 -29.06 -18.88 -12.78
C LEU A 362 -28.89 -18.18 -11.44
N SER A 363 -29.17 -16.88 -11.43
CA SER A 363 -28.77 -15.94 -10.36
C SER A 363 -29.16 -16.34 -8.95
N ASN A 364 -30.18 -17.18 -8.82
CA ASN A 364 -30.55 -17.72 -7.52
C ASN A 364 -30.91 -19.20 -7.55
N SER A 365 -29.99 -20.02 -8.04
CA SER A 365 -30.16 -21.46 -7.98
C SER A 365 -29.91 -21.89 -6.55
N THR A 366 -30.73 -22.81 -6.05
CA THR A 366 -30.59 -23.35 -4.70
C THR A 366 -29.32 -24.20 -4.54
N GLY A 367 -28.58 -24.40 -5.63
CA GLY A 367 -27.40 -25.23 -5.62
C GLY A 367 -27.67 -26.66 -6.08
N THR A 368 -28.95 -26.95 -6.33
CA THR A 368 -29.37 -28.24 -6.88
C THR A 368 -29.94 -28.03 -8.28
N LEU A 369 -29.32 -28.64 -9.27
CA LEU A 369 -29.78 -28.53 -10.65
C LEU A 369 -29.38 -29.76 -11.47
N GLU A 370 -30.09 -29.99 -12.58
CA GLU A 370 -29.79 -31.10 -13.49
C GLU A 370 -29.52 -30.57 -14.89
N PHE A 371 -28.75 -31.33 -15.66
CA PHE A 371 -28.45 -30.96 -17.03
C PHE A 371 -28.49 -32.15 -17.97
N GLU A 372 -28.88 -31.88 -19.21
CA GLU A 372 -28.99 -32.88 -20.26
C GLU A 372 -28.13 -32.43 -21.43
N LEU A 373 -27.10 -33.20 -21.74
CA LEU A 373 -26.15 -32.86 -22.80
C LEU A 373 -25.98 -34.00 -23.78
N VAL A 374 -26.16 -33.72 -25.07
CA VAL A 374 -25.84 -34.69 -26.12
C VAL A 374 -24.86 -34.04 -27.09
N TYR A 375 -23.60 -34.49 -27.06
CA TYR A 375 -22.57 -33.95 -27.96
C TYR A 375 -22.10 -34.96 -29.01
N ALA A 376 -21.28 -34.49 -29.95
CA ALA A 376 -20.77 -35.36 -31.02
C ALA A 376 -19.39 -34.93 -31.50
N VAL A 377 -18.47 -35.88 -31.50
CA VAL A 377 -17.12 -35.62 -31.93
C VAL A 377 -17.07 -35.83 -33.42
N ASN A 378 -16.37 -34.94 -34.12
CA ASN A 378 -16.41 -34.91 -35.55
C ASN A 378 -15.94 -36.18 -36.22
N THR A 379 -14.92 -36.79 -35.65
CA THR A 379 -14.45 -38.07 -36.14
C THR A 379 -13.63 -37.99 -37.40
N THR A 380 -14.17 -37.41 -38.45
CA THR A 380 -13.43 -37.31 -39.68
C THR A 380 -13.32 -35.90 -40.26
N GLN A 381 -12.10 -35.41 -40.33
CA GLN A 381 -11.02 -36.08 -39.62
C GLN A 381 -10.51 -35.17 -38.51
N THR A 382 -9.93 -34.07 -38.97
CA THR A 382 -9.59 -32.92 -38.17
C THR A 382 -8.30 -33.32 -37.50
N ILE A 383 -8.05 -34.62 -37.49
CA ILE A 383 -6.82 -35.10 -36.92
C ILE A 383 -6.66 -34.46 -35.57
N SER A 384 -5.50 -33.87 -35.34
CA SER A 384 -5.26 -33.03 -34.19
C SER A 384 -4.60 -33.80 -33.08
N LYS A 385 -3.48 -33.29 -32.62
CA LYS A 385 -2.87 -33.75 -31.36
C LYS A 385 -1.80 -32.79 -30.86
N SER A 386 -1.37 -32.99 -29.60
CA SER A 386 -0.53 -32.05 -28.84
C SER A 386 -1.35 -30.84 -28.37
N VAL A 387 -2.60 -30.79 -28.82
CA VAL A 387 -3.55 -29.76 -28.42
C VAL A 387 -4.66 -30.43 -27.63
N PHE A 388 -4.90 -29.95 -26.41
CA PHE A 388 -5.92 -30.50 -25.52
C PHE A 388 -7.32 -30.30 -26.12
N ALA A 389 -7.83 -31.37 -26.73
CA ALA A 389 -9.07 -31.32 -27.50
C ALA A 389 -10.28 -31.61 -26.63
N ASP A 390 -10.74 -30.61 -25.87
CA ASP A 390 -11.84 -30.83 -24.93
C ASP A 390 -13.12 -30.05 -25.20
N LEU A 391 -14.23 -30.63 -24.78
CA LEU A 391 -15.48 -29.92 -24.57
C LEU A 391 -15.68 -29.86 -23.06
N SER A 392 -15.66 -28.66 -22.49
CA SER A 392 -15.73 -28.53 -21.03
C SER A 392 -16.97 -27.78 -20.54
N LEU A 393 -17.57 -28.32 -19.48
CA LEU A 393 -18.61 -27.63 -18.77
C LEU A 393 -18.03 -27.09 -17.47
N TRP A 394 -18.35 -25.84 -17.16
CA TRP A 394 -17.89 -25.22 -15.93
C TRP A 394 -19.08 -24.80 -15.12
N PHE A 395 -19.19 -25.35 -13.91
CA PHE A 395 -20.21 -24.89 -12.97
C PHE A 395 -19.54 -23.96 -11.99
N LYS A 396 -19.46 -22.69 -12.41
CA LYS A 396 -18.81 -21.62 -11.66
C LYS A 396 -19.80 -20.98 -10.69
N GLY A 397 -19.39 -19.88 -10.08
CA GLY A 397 -20.26 -19.03 -9.28
C GLY A 397 -20.47 -19.59 -7.90
N LEU A 398 -21.42 -19.02 -7.15
CA LEU A 398 -22.20 -17.91 -7.60
C LEU A 398 -21.92 -16.64 -6.79
N GLU A 399 -21.69 -16.81 -5.50
CA GLU A 399 -21.15 -15.77 -4.63
C GLU A 399 -19.65 -15.62 -4.93
N ASP A 400 -19.02 -16.72 -5.30
CA ASP A 400 -17.59 -16.78 -5.53
C ASP A 400 -17.27 -17.83 -6.60
N PRO A 401 -17.12 -17.38 -7.86
CA PRO A 401 -16.54 -18.21 -8.90
C PRO A 401 -15.09 -18.45 -8.55
N GLU A 402 -14.30 -19.06 -9.46
CA GLU A 402 -12.94 -19.45 -9.11
C GLU A 402 -13.02 -20.62 -8.13
N GLU A 403 -14.22 -20.82 -7.59
CA GLU A 403 -14.57 -22.00 -6.83
C GLU A 403 -15.66 -22.68 -7.64
N TYR A 404 -15.31 -23.78 -8.29
CA TYR A 404 -16.10 -24.34 -9.38
C TYR A 404 -15.74 -25.80 -9.58
N LEU A 405 -16.62 -26.56 -10.22
CA LEU A 405 -16.22 -27.88 -10.70
C LEU A 405 -16.26 -27.96 -12.21
N ARG A 406 -15.19 -28.50 -12.78
CA ARG A 406 -15.04 -28.63 -14.22
C ARG A 406 -15.25 -30.08 -14.61
N MET A 407 -15.93 -30.27 -15.74
CA MET A 407 -16.12 -31.59 -16.32
C MET A 407 -16.33 -31.48 -17.83
N GLY A 408 -16.03 -32.56 -18.53
CA GLY A 408 -16.25 -32.61 -19.96
C GLY A 408 -15.58 -33.83 -20.57
N PHE A 409 -15.32 -33.74 -21.86
CA PHE A 409 -14.74 -34.83 -22.61
C PHE A 409 -13.52 -34.32 -23.38
N GLU A 410 -12.46 -35.11 -23.42
CA GLU A 410 -11.31 -34.82 -24.26
C GLU A 410 -11.17 -35.93 -25.27
N VAL A 411 -10.97 -35.55 -26.54
CA VAL A 411 -10.96 -36.53 -27.64
C VAL A 411 -9.79 -37.50 -27.56
N SER A 412 -8.59 -36.97 -27.37
CA SER A 412 -7.34 -37.75 -27.33
C SER A 412 -7.32 -38.80 -26.20
N ALA A 413 -8.02 -38.50 -25.10
CA ALA A 413 -8.11 -39.42 -23.98
C ALA A 413 -9.30 -40.36 -24.11
N SER A 414 -10.30 -39.92 -24.86
CA SER A 414 -11.55 -40.65 -25.05
C SER A 414 -12.27 -40.95 -23.71
N SER A 415 -12.15 -40.02 -22.77
CA SER A 415 -12.66 -40.17 -21.40
C SER A 415 -13.37 -38.90 -20.94
N PHE A 416 -14.39 -39.06 -20.10
CA PHE A 416 -15.09 -37.92 -19.50
C PHE A 416 -14.52 -37.59 -18.11
N PHE A 417 -13.89 -36.43 -17.98
CA PHE A 417 -13.18 -36.05 -16.75
C PHE A 417 -14.01 -35.22 -15.78
N LEU A 418 -13.63 -35.23 -14.51
CA LEU A 418 -14.24 -34.38 -13.49
C LEU A 418 -13.14 -33.78 -12.59
N ASP A 419 -13.24 -32.49 -12.29
CA ASP A 419 -12.24 -31.82 -11.44
C ASP A 419 -12.91 -31.17 -10.22
N ARG A 420 -12.99 -31.93 -9.13
CA ARG A 420 -13.66 -31.47 -7.92
C ARG A 420 -12.74 -30.76 -6.91
N GLY A 421 -11.54 -30.39 -7.37
CA GLY A 421 -10.71 -29.40 -6.67
C GLY A 421 -11.27 -28.02 -6.99
N ASN A 422 -10.55 -26.97 -6.61
CA ASN A 422 -11.04 -25.66 -6.94
C ASN A 422 -12.39 -25.46 -6.30
N SER A 423 -12.46 -25.35 -4.98
CA SER A 423 -11.30 -25.26 -4.11
C SER A 423 -11.83 -24.62 -2.86
N LYS A 424 -10.96 -24.03 -2.06
CA LYS A 424 -11.46 -23.21 -0.95
C LYS A 424 -11.40 -23.93 0.37
N VAL A 425 -12.44 -24.69 0.64
CA VAL A 425 -12.63 -25.37 1.92
C VAL A 425 -11.41 -26.20 2.24
N LYS A 426 -11.05 -26.18 3.51
CA LYS A 426 -9.71 -26.71 3.91
C LYS A 426 -9.60 -28.18 3.63
N PHE A 427 -10.69 -28.90 3.83
CA PHE A 427 -10.67 -30.34 3.64
C PHE A 427 -10.28 -30.72 2.21
N VAL A 428 -10.78 -30.00 1.22
CA VAL A 428 -10.48 -30.32 -0.18
C VAL A 428 -9.04 -29.95 -0.51
N LYS A 429 -8.55 -28.87 0.12
CA LYS A 429 -7.20 -28.41 -0.12
C LYS A 429 -6.12 -29.21 0.64
N GLU A 430 -6.51 -29.90 1.71
CA GLU A 430 -5.55 -30.54 2.61
C GLU A 430 -5.63 -32.06 2.75
N ASN A 431 -6.83 -32.63 2.70
CA ASN A 431 -7.00 -34.06 2.94
C ASN A 431 -6.41 -34.92 1.82
N PRO A 432 -5.32 -35.66 2.13
CA PRO A 432 -4.54 -36.37 1.11
C PRO A 432 -5.27 -37.56 0.45
N TYR A 433 -6.49 -37.86 0.91
CA TYR A 433 -7.28 -38.94 0.33
C TYR A 433 -8.39 -38.44 -0.59
N PHE A 434 -8.71 -37.15 -0.51
CA PHE A 434 -9.81 -36.60 -1.31
C PHE A 434 -9.36 -36.28 -2.73
N THR A 435 -9.50 -37.27 -3.61
CA THR A 435 -9.05 -37.17 -4.99
C THR A 435 -9.71 -36.00 -5.71
N ASN A 436 -8.90 -35.24 -6.44
CA ASN A 436 -9.41 -34.09 -7.19
C ASN A 436 -10.02 -34.42 -8.56
N ARG A 437 -9.55 -35.51 -9.18
CA ARG A 437 -9.83 -35.80 -10.59
C ARG A 437 -10.06 -37.27 -10.89
N MET A 438 -11.10 -37.56 -11.67
CA MET A 438 -11.35 -38.90 -12.20
C MET A 438 -12.01 -38.88 -13.58
N SER A 439 -11.84 -39.97 -14.32
CA SER A 439 -12.37 -40.10 -15.66
C SER A 439 -13.38 -41.24 -15.74
N VAL A 440 -13.96 -41.46 -16.93
CA VAL A 440 -14.95 -42.52 -17.05
C VAL A 440 -14.77 -43.44 -18.28
N ASN A 441 -14.27 -42.90 -19.39
CA ASN A 441 -14.15 -43.66 -20.65
C ASN A 441 -15.52 -44.09 -21.21
N ASN A 442 -16.42 -43.12 -21.34
CA ASN A 442 -17.74 -43.39 -21.93
C ASN A 442 -17.63 -43.59 -23.43
N GLN A 443 -18.57 -44.34 -24.00
CA GLN A 443 -18.58 -44.68 -25.43
C GLN A 443 -19.78 -44.08 -26.15
N PRO A 444 -19.67 -43.89 -27.48
CA PRO A 444 -20.78 -43.30 -28.23
C PRO A 444 -22.00 -44.22 -28.25
N PHE A 445 -23.17 -43.67 -28.55
CA PHE A 445 -24.38 -44.49 -28.70
C PHE A 445 -24.77 -44.73 -30.16
N LYS A 446 -24.40 -43.79 -31.04
CA LYS A 446 -24.59 -43.97 -32.48
C LYS A 446 -23.54 -43.21 -33.30
N SER A 447 -23.48 -43.47 -34.59
CA SER A 447 -22.66 -42.69 -35.50
C SER A 447 -23.56 -42.33 -36.67
N GLU A 448 -23.73 -41.04 -36.93
CA GLU A 448 -24.58 -40.61 -38.00
C GLU A 448 -23.72 -39.96 -39.02
N ASN A 449 -23.70 -40.48 -40.22
CA ASN A 449 -22.76 -39.94 -41.18
C ASN A 449 -21.43 -39.96 -40.48
N ASP A 450 -20.76 -38.84 -40.35
CA ASP A 450 -19.42 -38.86 -39.76
C ASP A 450 -19.27 -38.38 -38.32
N LEU A 451 -20.35 -38.28 -37.56
CA LEU A 451 -20.28 -37.84 -36.15
C LEU A 451 -20.57 -38.92 -35.10
N SER A 452 -19.69 -39.05 -34.11
CA SER A 452 -19.94 -39.96 -32.98
C SER A 452 -20.70 -39.25 -31.87
N TYR A 453 -21.90 -39.75 -31.60
CA TYR A 453 -22.81 -39.16 -30.63
C TYR A 453 -22.66 -39.77 -29.25
N TYR A 454 -22.41 -38.91 -28.27
CA TYR A 454 -22.38 -39.27 -26.85
C TYR A 454 -23.49 -38.50 -26.13
N LYS A 455 -24.09 -39.11 -25.11
CA LYS A 455 -25.04 -38.39 -24.26
C LYS A 455 -24.66 -38.46 -22.78
N VAL A 456 -25.01 -37.40 -22.04
CA VAL A 456 -24.72 -37.30 -20.61
C VAL A 456 -25.89 -36.64 -19.90
N TYR A 457 -26.42 -37.32 -18.89
CA TYR A 457 -27.32 -36.69 -17.93
C TYR A 457 -26.59 -36.54 -16.61
N GLY A 458 -26.70 -35.38 -15.99
CA GLY A 458 -26.04 -35.12 -14.72
C GLY A 458 -26.96 -34.39 -13.76
N LEU A 459 -26.80 -34.69 -12.48
CA LEU A 459 -27.57 -34.04 -11.42
C LEU A 459 -26.64 -33.57 -10.31
N LEU A 460 -26.67 -32.26 -10.05
CA LEU A 460 -25.89 -31.66 -8.97
C LEU A 460 -26.83 -31.44 -7.79
N ASP A 461 -26.44 -31.90 -6.61
CA ASP A 461 -27.25 -31.73 -5.42
C ASP A 461 -26.45 -31.29 -4.20
N GLN A 462 -26.14 -29.99 -4.13
CA GLN A 462 -25.42 -29.35 -3.01
C GLN A 462 -23.99 -29.85 -2.82
N ASN A 463 -23.82 -31.14 -2.58
CA ASN A 463 -22.48 -31.73 -2.42
C ASN A 463 -22.30 -33.11 -3.05
N ILE A 464 -23.11 -33.43 -4.04
CA ILE A 464 -23.04 -34.73 -4.69
C ILE A 464 -23.36 -34.60 -6.18
N LEU A 465 -22.51 -35.17 -7.02
CA LEU A 465 -22.75 -35.16 -8.46
C LEU A 465 -22.82 -36.57 -9.04
N GLU A 466 -23.88 -36.82 -9.79
CA GLU A 466 -24.07 -38.10 -10.46
C GLU A 466 -24.13 -37.89 -11.97
N LEU A 467 -23.28 -38.63 -12.68
CA LEU A 467 -23.25 -38.55 -14.14
C LEU A 467 -23.80 -39.85 -14.71
N TYR A 468 -24.66 -39.74 -15.71
CA TYR A 468 -25.30 -40.88 -16.33
C TYR A 468 -25.01 -40.91 -17.83
N PHE A 469 -24.02 -41.71 -18.20
CA PHE A 469 -23.58 -41.80 -19.60
C PHE A 469 -24.40 -42.83 -20.38
N ASN A 470 -24.95 -42.39 -21.51
CA ASN A 470 -25.86 -43.20 -22.33
C ASN A 470 -27.01 -43.82 -21.54
N ASP A 471 -27.72 -42.97 -20.80
CA ASP A 471 -28.87 -43.36 -19.98
C ASP A 471 -28.53 -44.41 -18.93
N GLY A 472 -27.30 -44.35 -18.42
CA GLY A 472 -26.89 -45.20 -17.31
C GLY A 472 -26.11 -46.43 -17.68
N ASP A 473 -25.66 -46.51 -18.93
CA ASP A 473 -24.71 -47.55 -19.36
C ASP A 473 -23.40 -47.46 -18.58
N VAL A 474 -22.99 -46.24 -18.27
CA VAL A 474 -21.83 -45.98 -17.41
C VAL A 474 -22.24 -44.92 -16.40
N VAL A 475 -21.86 -45.11 -15.15
CA VAL A 475 -22.16 -44.12 -14.09
C VAL A 475 -20.96 -43.72 -13.23
N SER A 476 -21.00 -42.49 -12.75
CA SER A 476 -19.94 -41.93 -11.93
C SER A 476 -20.59 -41.12 -10.81
N THR A 477 -20.26 -41.44 -9.56
CA THR A 477 -20.79 -40.71 -8.40
C THR A 477 -19.66 -40.15 -7.56
N ASN A 478 -19.56 -38.82 -7.54
CA ASN A 478 -18.55 -38.12 -6.74
C ASN A 478 -19.13 -36.96 -5.95
N THR A 479 -18.76 -36.89 -4.67
CA THR A 479 -19.13 -35.77 -3.82
C THR A 479 -18.19 -34.59 -4.03
N TYR A 480 -18.70 -33.38 -3.81
CA TYR A 480 -17.89 -32.18 -3.96
C TYR A 480 -18.21 -31.20 -2.84
N PHE A 481 -17.21 -30.45 -2.38
CA PHE A 481 -17.44 -29.49 -1.31
C PHE A 481 -16.94 -28.09 -1.64
N MET A 482 -17.88 -27.17 -1.82
CA MET A 482 -17.57 -25.77 -2.08
C MET A 482 -17.81 -24.94 -0.81
N THR A 483 -17.53 -23.64 -0.85
CA THR A 483 -17.34 -22.85 0.37
C THR A 483 -18.63 -22.46 1.10
N THR A 484 -19.70 -23.23 0.89
CA THR A 484 -20.95 -23.04 1.62
C THR A 484 -21.71 -21.86 1.04
N GLY A 485 -23.02 -21.95 0.94
CA GLY A 485 -23.82 -20.83 0.52
C GLY A 485 -23.53 -20.46 -0.95
N ASN A 486 -22.84 -21.31 -1.65
CA ASN A 486 -22.38 -20.98 -2.99
C ASN A 486 -23.17 -21.69 -4.03
N ALA A 487 -23.75 -20.90 -4.91
CA ALA A 487 -24.66 -21.45 -5.86
C ALA A 487 -24.11 -22.51 -6.78
N LEU A 488 -22.95 -22.30 -7.31
CA LEU A 488 -22.52 -23.17 -8.42
C LEU A 488 -23.60 -23.09 -9.49
N GLY A 489 -24.10 -21.88 -9.66
CA GLY A 489 -25.14 -21.54 -10.60
C GLY A 489 -24.67 -20.99 -11.95
N SER A 490 -23.39 -20.64 -12.02
CA SER A 490 -22.83 -20.11 -13.27
C SER A 490 -22.40 -21.24 -14.20
N VAL A 491 -23.26 -21.57 -15.16
CA VAL A 491 -23.03 -22.73 -16.05
C VAL A 491 -22.39 -22.27 -17.36
N ASN A 492 -21.16 -22.73 -17.61
CA ASN A 492 -20.37 -22.30 -18.77
C ASN A 492 -19.88 -23.45 -19.64
N MET A 493 -20.12 -23.34 -20.95
CA MET A 493 -19.56 -24.31 -21.89
C MET A 493 -18.37 -23.72 -22.64
N THR A 494 -17.38 -24.57 -22.93
CA THR A 494 -16.09 -24.16 -23.46
C THR A 494 -15.51 -25.25 -24.34
N THR A 495 -14.66 -24.87 -25.28
CA THR A 495 -13.91 -25.87 -26.06
C THR A 495 -12.48 -25.44 -26.39
N GLY A 496 -11.66 -26.40 -26.79
CA GLY A 496 -10.38 -26.13 -27.40
C GLY A 496 -10.44 -26.72 -28.78
N VAL A 497 -9.91 -26.04 -29.77
CA VAL A 497 -9.93 -26.58 -31.13
C VAL A 497 -11.14 -26.03 -31.83
N ASP A 498 -10.93 -25.41 -32.98
CA ASP A 498 -11.97 -24.63 -33.59
C ASP A 498 -13.20 -25.42 -34.02
N ASN A 499 -13.01 -26.60 -34.60
CA ASN A 499 -14.18 -27.28 -35.07
C ASN A 499 -14.20 -28.79 -34.85
N LEU A 500 -14.30 -29.22 -33.61
CA LEU A 500 -14.34 -30.64 -33.34
C LEU A 500 -15.69 -31.12 -32.83
N PHE A 501 -16.25 -30.41 -31.84
CA PHE A 501 -17.44 -30.84 -31.13
C PHE A 501 -18.72 -30.24 -31.72
N TYR A 502 -19.75 -31.09 -31.84
CA TYR A 502 -21.06 -30.67 -32.27
C TYR A 502 -22.04 -30.84 -31.10
N ILE A 503 -22.64 -29.73 -30.66
CA ILE A 503 -23.66 -29.79 -29.61
C ILE A 503 -25.02 -30.02 -30.24
N ASP A 504 -25.51 -31.24 -30.10
CA ASP A 504 -26.88 -31.56 -30.50
C ASP A 504 -27.87 -30.91 -29.54
N LYS A 505 -27.57 -31.00 -28.25
CA LYS A 505 -28.47 -30.52 -27.21
C LYS A 505 -27.75 -30.26 -25.89
N PHE A 506 -28.08 -29.15 -25.25
CA PHE A 506 -27.67 -28.90 -23.87
C PHE A 506 -28.71 -28.10 -23.11
N GLN A 507 -29.19 -28.65 -22.00
CA GLN A 507 -30.25 -28.04 -21.20
C GLN A 507 -29.90 -28.08 -19.72
N VAL A 508 -30.17 -26.99 -19.02
CA VAL A 508 -30.03 -26.94 -17.56
C VAL A 508 -31.31 -26.42 -16.93
N ARG A 509 -31.62 -26.92 -15.74
CA ARG A 509 -32.72 -26.40 -14.95
C ARG A 509 -32.56 -26.72 -13.46
N GLU A 510 -33.15 -25.86 -12.63
CA GLU A 510 -33.16 -26.03 -11.18
C GLU A 510 -34.14 -27.15 -10.84
N VAL A 511 -33.83 -27.88 -9.77
CA VAL A 511 -34.60 -29.05 -9.36
C VAL A 511 -34.80 -29.04 -7.85
N LYS A 512 -36.01 -29.37 -7.40
CA LYS A 512 -36.33 -29.47 -5.98
C LYS A 512 -36.97 -30.81 -5.65
N GLU B 4 14.81 -24.16 -23.89
CA GLU B 4 15.08 -24.28 -22.42
C GLU B 4 14.63 -25.63 -21.85
N THR B 5 15.60 -26.37 -21.31
CA THR B 5 15.35 -27.72 -20.82
C THR B 5 14.67 -27.81 -19.46
N SER B 6 14.18 -29.02 -19.15
CA SER B 6 13.55 -29.35 -17.89
C SER B 6 14.52 -30.14 -17.01
N ASP B 7 14.09 -30.46 -15.79
CA ASP B 7 14.83 -31.36 -14.92
C ASP B 7 14.67 -32.80 -15.39
N ARG B 8 15.79 -33.48 -15.61
CA ARG B 8 15.83 -34.81 -16.22
C ARG B 8 16.21 -35.88 -15.21
N PRO B 9 15.37 -36.93 -15.08
CA PRO B 9 15.66 -38.04 -14.15
C PRO B 9 17.06 -38.60 -14.38
N LEU B 10 17.79 -38.79 -13.29
CA LEU B 10 19.18 -39.25 -13.35
C LEU B 10 19.34 -40.76 -13.50
N VAL B 11 18.47 -41.55 -12.90
CA VAL B 11 18.60 -43.01 -12.93
C VAL B 11 17.42 -43.75 -13.60
N HIS B 12 16.57 -42.99 -14.29
CA HIS B 12 15.51 -43.55 -15.12
C HIS B 12 15.81 -43.20 -16.54
N PHE B 13 15.61 -44.13 -17.46
CA PHE B 13 15.87 -43.84 -18.86
C PHE B 13 14.86 -42.90 -19.50
N THR B 14 15.37 -41.86 -20.16
CA THR B 14 14.58 -40.99 -21.04
C THR B 14 15.30 -40.90 -22.39
N PRO B 15 14.54 -40.66 -23.48
CA PRO B 15 15.21 -40.39 -24.74
C PRO B 15 15.86 -39.02 -24.71
N ASN B 16 16.91 -38.83 -25.52
CA ASN B 16 17.59 -37.54 -25.65
C ASN B 16 16.63 -36.41 -26.01
N LYS B 17 15.86 -36.62 -27.08
CA LYS B 17 14.82 -35.69 -27.49
C LYS B 17 13.64 -36.48 -28.04
N GLY B 18 12.48 -35.84 -28.13
CA GLY B 18 11.31 -36.46 -28.75
C GLY B 18 10.37 -37.19 -27.81
N TRP B 19 9.71 -38.20 -28.32
CA TRP B 19 8.65 -38.89 -27.57
C TRP B 19 8.87 -40.37 -27.45
N MET B 20 8.61 -40.89 -26.24
CA MET B 20 8.77 -42.31 -25.93
C MET B 20 7.49 -42.89 -25.32
N ASN B 21 7.18 -44.14 -25.67
CA ASN B 21 6.24 -44.95 -24.88
C ASN B 21 6.71 -46.39 -24.64
N ASP B 22 5.87 -47.37 -25.00
CA ASP B 22 6.10 -48.78 -24.59
C ASP B 22 7.53 -49.27 -24.77
N PRO B 23 8.10 -49.93 -23.74
CA PRO B 23 9.41 -50.58 -23.88
C PRO B 23 9.31 -51.80 -24.80
N ASN B 24 10.32 -52.00 -25.64
CA ASN B 24 10.30 -53.05 -26.65
C ASN B 24 11.53 -53.96 -26.64
N GLY B 25 11.43 -55.06 -27.38
CA GLY B 25 12.53 -56.01 -27.61
C GLY B 25 13.57 -56.17 -26.51
N LEU B 26 13.13 -56.34 -25.28
CA LEU B 26 14.05 -56.49 -24.15
C LEU B 26 14.78 -57.82 -24.17
N TRP B 27 16.11 -57.76 -24.17
CA TRP B 27 16.96 -58.95 -24.16
C TRP B 27 18.34 -58.61 -23.64
N TYR B 28 19.18 -59.62 -23.44
CA TYR B 28 20.52 -59.41 -22.86
C TYR B 28 21.65 -60.16 -23.60
N ASP B 29 22.70 -59.42 -23.94
CA ASP B 29 23.84 -59.97 -24.67
C ASP B 29 24.84 -60.56 -23.69
N GLU B 30 24.89 -61.89 -23.65
CA GLU B 30 25.72 -62.59 -22.68
C GLU B 30 27.22 -62.36 -22.91
N LYS B 31 27.68 -62.46 -24.15
CA LYS B 31 29.12 -62.38 -24.42
C LYS B 31 29.65 -60.95 -24.40
N ASP B 32 28.76 -59.99 -24.58
CA ASP B 32 29.13 -58.58 -24.60
C ASP B 32 28.82 -57.87 -23.27
N ALA B 33 28.06 -58.58 -22.42
CA ALA B 33 27.59 -58.07 -21.11
C ALA B 33 26.79 -56.77 -21.25
N LYS B 34 25.89 -56.74 -22.23
CA LYS B 34 25.09 -55.54 -22.51
C LYS B 34 23.60 -55.82 -22.45
N TRP B 35 22.89 -54.99 -21.69
CA TRP B 35 21.43 -54.99 -21.63
C TRP B 35 20.90 -54.16 -22.75
N HIS B 36 19.86 -54.64 -23.42
CA HIS B 36 19.29 -53.91 -24.54
C HIS B 36 17.90 -53.42 -24.25
N LEU B 37 17.71 -52.12 -24.41
CA LEU B 37 16.40 -51.49 -24.28
C LEU B 37 15.99 -50.85 -25.60
N TYR B 38 14.87 -51.32 -26.13
CA TYR B 38 14.23 -50.72 -27.29
C TYR B 38 12.93 -50.08 -26.81
N PHE B 39 12.41 -49.11 -27.56
CA PHE B 39 11.20 -48.41 -27.15
C PHE B 39 10.48 -47.74 -28.30
N GLN B 40 9.17 -47.61 -28.15
CA GLN B 40 8.36 -46.82 -29.06
C GLN B 40 8.90 -45.41 -29.05
N TYR B 41 9.23 -44.89 -30.23
CA TYR B 41 9.95 -43.63 -30.31
C TYR B 41 9.53 -42.77 -31.49
N ASN B 42 9.18 -41.52 -31.20
CA ASN B 42 8.94 -40.51 -32.23
C ASN B 42 9.97 -39.38 -32.12
N PRO B 43 11.02 -39.40 -32.96
CA PRO B 43 12.12 -38.47 -32.84
C PRO B 43 11.76 -37.06 -33.27
N ASN B 44 10.73 -36.93 -34.10
CA ASN B 44 10.36 -35.66 -34.70
C ASN B 44 9.69 -34.73 -33.70
N ASP B 45 8.44 -35.02 -33.37
CA ASP B 45 7.72 -34.22 -32.39
C ASP B 45 7.98 -34.72 -30.96
N THR B 46 7.41 -34.00 -30.00
CA THR B 46 7.55 -34.31 -28.58
C THR B 46 6.24 -34.92 -28.03
N VAL B 47 5.43 -35.41 -28.96
CA VAL B 47 4.26 -36.24 -28.68
C VAL B 47 4.23 -37.46 -29.62
N TRP B 48 3.31 -38.38 -29.36
CA TRP B 48 3.12 -39.56 -30.20
C TRP B 48 2.74 -39.17 -31.60
N GLY B 49 3.22 -39.95 -32.59
CA GLY B 49 2.90 -39.70 -34.00
C GLY B 49 3.60 -40.65 -34.96
N THR B 50 3.01 -40.82 -36.13
CA THR B 50 3.58 -41.69 -37.17
C THR B 50 4.33 -40.84 -38.18
N PRO B 51 5.53 -41.28 -38.62
CA PRO B 51 6.17 -42.57 -38.42
C PRO B 51 6.62 -42.79 -36.98
N LEU B 52 6.47 -44.03 -36.51
CA LEU B 52 6.87 -44.42 -35.16
C LEU B 52 7.96 -45.48 -35.25
N PHE B 53 9.04 -45.27 -34.50
CA PHE B 53 10.24 -46.11 -34.62
C PHE B 53 10.54 -46.91 -33.36
N TRP B 54 11.48 -47.83 -33.48
CA TRP B 54 12.07 -48.51 -32.33
C TRP B 54 13.34 -47.82 -31.98
N GLY B 55 13.32 -47.05 -30.89
CA GLY B 55 14.52 -46.44 -30.36
C GLY B 55 15.38 -47.50 -29.70
N HIS B 56 16.65 -47.19 -29.46
CA HIS B 56 17.56 -48.18 -28.92
C HIS B 56 18.53 -47.59 -27.96
N ALA B 57 18.65 -48.22 -26.79
CA ALA B 57 19.62 -47.79 -25.78
C ALA B 57 20.20 -48.99 -25.06
N THR B 58 21.50 -48.94 -24.78
CA THR B 58 22.20 -50.04 -24.14
C THR B 58 22.73 -49.66 -22.77
N SER B 59 22.83 -50.65 -21.89
CA SER B 59 23.39 -50.47 -20.56
C SER B 59 24.10 -51.74 -20.13
N ASP B 60 24.96 -51.63 -19.14
CA ASP B 60 25.58 -52.81 -18.53
C ASP B 60 25.33 -52.92 -17.01
N ASP B 61 24.49 -52.03 -16.49
CA ASP B 61 24.07 -52.09 -15.10
C ASP B 61 22.59 -51.77 -14.90
N LEU B 62 21.90 -51.48 -16.01
CA LEU B 62 20.46 -51.18 -16.01
C LEU B 62 20.10 -49.84 -15.33
N THR B 63 21.11 -49.09 -14.91
CA THR B 63 20.88 -47.78 -14.29
C THR B 63 21.47 -46.63 -15.12
N ASN B 64 22.52 -46.92 -15.90
CA ASN B 64 23.16 -45.94 -16.78
C ASN B 64 23.13 -46.36 -18.24
N TRP B 65 22.67 -45.46 -19.11
CA TRP B 65 22.36 -45.81 -20.50
C TRP B 65 23.18 -45.10 -21.53
N GLU B 66 23.35 -45.74 -22.69
CA GLU B 66 24.01 -45.12 -23.85
C GLU B 66 23.00 -45.10 -24.98
N ASP B 67 22.84 -43.94 -25.60
CA ASP B 67 21.96 -43.82 -26.77
C ASP B 67 22.53 -44.57 -27.97
N GLN B 68 21.64 -45.15 -28.77
CA GLN B 68 22.02 -45.83 -30.00
C GLN B 68 21.11 -45.40 -31.14
N PRO B 69 21.60 -45.51 -32.39
CA PRO B 69 20.76 -45.24 -33.57
C PRO B 69 19.45 -46.04 -33.60
N ILE B 70 18.40 -45.42 -34.16
CA ILE B 70 17.09 -46.05 -34.38
C ILE B 70 17.27 -47.48 -34.90
N ALA B 71 16.59 -48.42 -34.25
CA ALA B 71 16.75 -49.85 -34.56
C ALA B 71 15.81 -50.38 -35.65
N ILE B 72 14.55 -49.95 -35.62
CA ILE B 72 13.54 -50.40 -36.59
C ILE B 72 12.72 -49.23 -37.10
N ALA B 73 12.42 -49.24 -38.40
CA ALA B 73 11.62 -48.20 -39.03
C ALA B 73 10.54 -48.79 -39.92
N PRO B 74 9.35 -48.17 -39.98
CA PRO B 74 8.33 -48.61 -40.93
C PRO B 74 8.67 -48.15 -42.33
N LYS B 75 8.33 -48.97 -43.34
CA LYS B 75 8.48 -48.56 -44.74
C LYS B 75 7.72 -47.29 -45.07
N ARG B 76 6.55 -47.12 -44.44
CA ARG B 76 5.64 -46.01 -44.76
C ARG B 76 5.55 -44.95 -43.65
N ASN B 77 5.32 -43.70 -44.08
CA ASN B 77 5.01 -42.60 -43.16
C ASN B 77 3.64 -42.76 -42.50
N ASP B 78 2.67 -43.23 -43.29
CA ASP B 78 1.36 -43.65 -42.79
C ASP B 78 1.48 -44.55 -41.59
N SER B 79 2.48 -45.43 -41.64
CA SER B 79 2.55 -46.56 -40.75
C SER B 79 3.44 -46.30 -39.55
N GLY B 80 3.58 -47.32 -38.72
CA GLY B 80 4.48 -47.28 -37.58
C GLY B 80 4.94 -48.67 -37.24
N ALA B 81 6.15 -48.76 -36.67
CA ALA B 81 6.67 -50.01 -36.17
C ALA B 81 6.34 -50.11 -34.68
N PHE B 82 5.15 -50.64 -34.38
CA PHE B 82 4.60 -50.70 -33.02
C PHE B 82 5.38 -51.63 -32.08
N SER B 83 4.77 -51.92 -30.92
CA SER B 83 5.42 -52.72 -29.88
C SER B 83 5.69 -54.18 -30.26
N GLY B 84 6.61 -54.79 -29.53
CA GLY B 84 7.02 -56.16 -29.77
C GLY B 84 8.18 -56.57 -28.89
N SER B 85 8.61 -57.81 -29.04
CA SER B 85 9.67 -58.35 -28.20
C SER B 85 10.82 -58.93 -29.03
N MET B 86 11.86 -59.38 -28.33
CA MET B 86 12.98 -60.05 -28.97
C MET B 86 13.26 -61.42 -28.37
N VAL B 87 13.91 -62.26 -29.18
CA VAL B 87 14.36 -63.59 -28.78
C VAL B 87 15.79 -63.79 -29.26
N VAL B 88 16.51 -64.71 -28.63
CA VAL B 88 17.83 -65.09 -29.10
C VAL B 88 17.77 -66.50 -29.67
N ASP B 89 18.02 -66.63 -30.96
CA ASP B 89 17.93 -67.90 -31.67
C ASP B 89 19.27 -68.65 -31.65
N TYR B 90 19.63 -69.17 -30.48
CA TYR B 90 20.92 -69.85 -30.29
C TYR B 90 21.18 -70.93 -31.33
N ASN B 91 20.15 -71.67 -31.69
CA ASN B 91 20.26 -72.80 -32.60
C ASN B 91 19.79 -72.49 -34.02
N ASN B 92 19.87 -71.22 -34.41
CA ASN B 92 19.55 -70.79 -35.77
C ASN B 92 18.28 -71.42 -36.37
N THR B 93 17.24 -71.57 -35.55
CA THR B 93 15.96 -72.16 -35.97
C THR B 93 15.27 -71.34 -37.06
N SER B 94 15.66 -70.07 -37.18
CA SER B 94 15.14 -69.17 -38.20
C SER B 94 15.96 -69.27 -39.49
N GLY B 95 17.21 -69.71 -39.36
CA GLY B 95 18.11 -69.87 -40.50
C GLY B 95 18.67 -68.56 -41.03
N PHE B 96 18.75 -67.54 -40.18
CA PHE B 96 19.31 -66.26 -40.58
C PHE B 96 20.81 -66.14 -40.29
N PHE B 97 21.31 -67.00 -39.39
CA PHE B 97 22.63 -66.79 -38.80
C PHE B 97 23.67 -67.82 -39.25
N ASN B 98 24.79 -67.32 -39.78
CA ASN B 98 25.93 -68.15 -40.17
C ASN B 98 26.73 -68.59 -38.94
N ASP B 99 27.78 -69.35 -39.19
CA ASP B 99 28.66 -69.82 -38.15
C ASP B 99 29.53 -68.68 -37.70
N THR B 100 29.53 -67.60 -38.46
CA THR B 100 30.28 -66.38 -38.17
C THR B 100 29.61 -65.56 -37.04
N ILE B 101 28.29 -65.75 -36.90
CA ILE B 101 27.51 -65.06 -35.87
C ILE B 101 27.44 -65.93 -34.61
N ASP B 102 27.88 -65.36 -33.48
CA ASP B 102 27.85 -66.04 -32.19
C ASP B 102 26.41 -66.42 -31.83
N PRO B 103 26.19 -67.64 -31.30
CA PRO B 103 24.86 -68.07 -30.86
C PRO B 103 24.22 -67.11 -29.88
N ARG B 104 25.03 -66.59 -28.94
CA ARG B 104 24.55 -65.70 -27.88
C ARG B 104 24.15 -64.31 -28.40
N GLN B 105 24.34 -64.09 -29.70
CA GLN B 105 24.20 -62.76 -30.27
C GLN B 105 23.17 -62.75 -31.42
N ARG B 106 22.33 -63.78 -31.49
CA ARG B 106 21.44 -63.99 -32.63
C ARG B 106 20.04 -63.39 -32.42
N CYS B 107 19.95 -62.07 -32.62
CA CYS B 107 18.74 -61.29 -32.38
C CYS B 107 17.66 -61.50 -33.41
N VAL B 108 16.44 -61.76 -32.93
CA VAL B 108 15.28 -61.69 -33.80
C VAL B 108 14.21 -60.81 -33.15
N ALA B 109 13.92 -59.68 -33.78
CA ALA B 109 12.83 -58.81 -33.36
C ALA B 109 11.52 -59.30 -33.94
N ILE B 110 10.48 -59.31 -33.12
CA ILE B 110 9.11 -59.64 -33.55
C ILE B 110 8.22 -58.45 -33.17
N TRP B 111 7.59 -57.84 -34.17
CA TRP B 111 6.92 -56.56 -33.96
C TRP B 111 5.68 -56.35 -34.79
N THR B 112 4.80 -55.49 -34.33
CA THR B 112 3.56 -55.20 -35.04
C THR B 112 3.73 -54.04 -36.01
N TYR B 113 3.54 -54.30 -37.29
CA TYR B 113 3.54 -53.26 -38.29
C TYR B 113 2.12 -52.70 -38.43
N ASN B 114 1.88 -51.57 -37.77
CA ASN B 114 0.59 -50.89 -37.84
C ASN B 114 0.53 -49.96 -39.03
N THR B 115 -0.45 -50.20 -39.91
CA THR B 115 -0.72 -49.36 -41.07
C THR B 115 -2.21 -49.02 -41.03
N PRO B 116 -2.60 -47.85 -41.59
CA PRO B 116 -4.01 -47.46 -41.59
C PRO B 116 -4.97 -48.57 -42.03
N GLU B 117 -4.50 -49.48 -42.88
CA GLU B 117 -5.35 -50.56 -43.40
C GLU B 117 -5.39 -51.80 -42.51
N SER B 118 -4.27 -52.14 -41.87
CA SER B 118 -4.22 -53.33 -41.00
C SER B 118 -3.05 -53.36 -40.02
N GLU B 119 -3.20 -54.17 -38.97
CA GLU B 119 -2.11 -54.47 -38.05
C GLU B 119 -1.68 -55.93 -38.22
N GLU B 120 -0.39 -56.14 -38.46
CA GLU B 120 0.18 -57.47 -38.72
C GLU B 120 1.48 -57.69 -37.94
N GLN B 121 1.98 -58.92 -37.94
CA GLN B 121 3.22 -59.23 -37.23
C GLN B 121 4.38 -59.45 -38.20
N TYR B 122 5.49 -58.74 -37.97
CA TYR B 122 6.68 -58.87 -38.78
C TYR B 122 7.82 -59.41 -37.92
N ILE B 123 8.89 -59.86 -38.57
CA ILE B 123 10.13 -60.18 -37.85
C ILE B 123 11.35 -59.56 -38.53
N SER B 124 12.40 -59.34 -37.74
CA SER B 124 13.66 -58.78 -38.23
C SER B 124 14.84 -59.43 -37.52
N TYR B 125 15.97 -59.49 -38.20
CA TYR B 125 17.18 -60.13 -37.65
C TYR B 125 18.36 -59.19 -37.64
N SER B 126 19.30 -59.43 -36.74
CA SER B 126 20.50 -58.60 -36.62
C SER B 126 21.77 -59.44 -36.70
N LEU B 127 22.76 -58.92 -37.43
CA LEU B 127 24.02 -59.65 -37.62
C LEU B 127 25.19 -58.99 -36.88
N ASP B 128 24.90 -57.91 -36.15
CA ASP B 128 25.94 -57.17 -35.42
C ASP B 128 25.69 -57.05 -33.92
N GLY B 129 24.76 -57.85 -33.40
CA GLY B 129 24.50 -57.89 -31.97
C GLY B 129 23.36 -57.01 -31.50
N GLY B 130 22.45 -56.70 -32.43
CA GLY B 130 21.21 -56.00 -32.09
C GLY B 130 21.22 -54.49 -32.24
N TYR B 131 22.06 -53.98 -33.14
CA TYR B 131 22.12 -52.54 -33.39
C TYR B 131 21.45 -52.18 -34.70
N THR B 132 21.75 -52.96 -35.75
CA THR B 132 21.10 -52.80 -37.06
C THR B 132 20.26 -54.03 -37.37
N PHE B 133 19.09 -53.81 -37.99
CA PHE B 133 18.12 -54.87 -38.22
C PHE B 133 17.59 -54.90 -39.65
N THR B 134 17.55 -56.10 -40.24
CA THR B 134 16.95 -56.28 -41.57
C THR B 134 15.66 -57.08 -41.45
N GLU B 135 14.63 -56.67 -42.21
CA GLU B 135 13.35 -57.38 -42.24
C GLU B 135 13.47 -58.76 -42.87
N TYR B 136 12.61 -59.67 -42.44
CA TYR B 136 12.45 -60.97 -43.09
C TYR B 136 11.77 -60.77 -44.43
N GLN B 137 12.31 -61.40 -45.46
CA GLN B 137 11.88 -61.13 -46.84
C GLN B 137 10.39 -61.33 -47.12
N LYS B 138 9.75 -62.21 -46.36
CA LYS B 138 8.35 -62.55 -46.60
C LYS B 138 7.38 -62.13 -45.49
N ASN B 139 7.70 -61.05 -44.79
CA ASN B 139 6.80 -60.44 -43.80
C ASN B 139 5.45 -60.08 -44.43
N PRO B 140 4.33 -60.32 -43.71
CA PRO B 140 4.18 -60.72 -42.30
C PRO B 140 4.53 -62.16 -42.02
N VAL B 141 4.73 -62.49 -40.75
CA VAL B 141 4.83 -63.89 -40.32
C VAL B 141 3.55 -64.29 -39.61
N LEU B 142 2.63 -63.33 -39.47
CA LEU B 142 1.30 -63.60 -38.91
C LEU B 142 0.35 -62.46 -39.22
N ALA B 143 -0.70 -62.77 -39.96
CA ALA B 143 -1.77 -61.82 -40.24
C ALA B 143 -3.12 -62.47 -39.98
N ALA B 144 -3.96 -61.79 -39.21
CA ALA B 144 -5.28 -62.31 -38.87
C ALA B 144 -6.40 -61.44 -39.45
N ASN B 145 -6.11 -60.78 -40.57
CA ASN B 145 -7.06 -59.90 -41.25
C ASN B 145 -7.75 -58.95 -40.27
N SER B 146 -6.97 -58.14 -39.57
CA SER B 146 -7.46 -57.28 -38.48
C SER B 146 -6.77 -55.92 -38.41
N THR B 147 -7.43 -54.97 -37.73
CA THR B 147 -6.82 -53.68 -37.41
C THR B 147 -6.54 -53.57 -35.90
N GLN B 148 -6.86 -54.64 -35.17
CA GLN B 148 -6.66 -54.67 -33.73
C GLN B 148 -5.96 -55.97 -33.33
N PHE B 149 -4.72 -56.11 -33.79
CA PHE B 149 -3.94 -57.32 -33.58
C PHE B 149 -2.47 -56.93 -33.44
N ARG B 150 -1.98 -56.88 -32.21
CA ARG B 150 -0.67 -56.30 -31.95
C ARG B 150 0.08 -56.81 -30.71
N ASP B 151 1.31 -56.33 -30.55
CA ASP B 151 2.14 -56.51 -29.35
C ASP B 151 2.57 -57.96 -29.09
N PRO B 152 3.40 -58.52 -29.98
CA PRO B 152 3.82 -59.91 -29.82
C PRO B 152 5.00 -60.12 -28.86
N LYS B 153 4.72 -60.79 -27.75
CA LYS B 153 5.77 -61.22 -26.82
C LYS B 153 5.98 -62.72 -27.00
N VAL B 154 7.24 -63.11 -27.19
CA VAL B 154 7.56 -64.51 -27.52
C VAL B 154 8.70 -65.06 -26.65
N PHE B 155 8.54 -66.32 -26.23
CA PHE B 155 9.51 -67.02 -25.39
C PHE B 155 9.73 -68.45 -25.91
N TRP B 156 10.77 -69.11 -25.40
CA TRP B 156 11.07 -70.48 -25.78
C TRP B 156 10.56 -71.47 -24.77
N TYR B 157 9.76 -72.42 -25.22
CA TYR B 157 9.21 -73.46 -24.37
C TYR B 157 9.92 -74.79 -24.65
N GLU B 158 10.82 -75.18 -23.74
CA GLU B 158 11.63 -76.39 -23.89
C GLU B 158 10.83 -77.67 -24.15
N PRO B 159 9.92 -78.04 -23.22
CA PRO B 159 9.16 -79.29 -23.35
C PRO B 159 8.61 -79.57 -24.76
N SER B 160 7.89 -78.61 -25.35
CA SER B 160 7.27 -78.82 -26.65
C SER B 160 8.19 -78.42 -27.81
N GLN B 161 9.36 -77.87 -27.48
CA GLN B 161 10.39 -77.45 -28.43
C GLN B 161 9.89 -76.41 -29.44
N LYS B 162 9.17 -75.41 -28.92
CA LYS B 162 8.54 -74.38 -29.74
C LYS B 162 8.83 -72.96 -29.24
N TRP B 163 8.71 -71.99 -30.15
CA TRP B 163 8.60 -70.59 -29.76
C TRP B 163 7.15 -70.36 -29.48
N ILE B 164 6.85 -69.73 -28.34
CA ILE B 164 5.47 -69.41 -27.99
C ILE B 164 5.24 -67.91 -28.01
N MET B 165 4.31 -67.46 -28.86
CA MET B 165 3.94 -66.06 -28.93
C MET B 165 2.61 -65.80 -28.26
N THR B 166 2.62 -64.88 -27.30
CA THR B 166 1.41 -64.35 -26.70
C THR B 166 1.17 -62.94 -27.26
N ALA B 167 0.10 -62.79 -28.02
CA ALA B 167 -0.25 -61.52 -28.67
C ALA B 167 -1.72 -61.18 -28.47
N ALA B 168 -2.05 -59.90 -28.59
CA ALA B 168 -3.36 -59.40 -28.20
C ALA B 168 -4.27 -59.07 -29.37
N LYS B 169 -5.44 -59.69 -29.37
CA LYS B 169 -6.52 -59.33 -30.27
C LYS B 169 -7.29 -58.20 -29.56
N SER B 170 -6.62 -57.06 -29.44
CA SER B 170 -6.97 -55.96 -28.54
C SER B 170 -8.43 -55.72 -28.21
N GLN B 171 -9.23 -55.34 -29.20
CA GLN B 171 -10.63 -54.95 -28.97
C GLN B 171 -11.58 -56.15 -29.00
N ASP B 172 -11.02 -57.35 -29.11
CA ASP B 172 -11.79 -58.59 -28.97
C ASP B 172 -11.60 -59.17 -27.57
N TYR B 173 -10.89 -58.42 -26.73
CA TYR B 173 -10.61 -58.81 -25.33
C TYR B 173 -10.01 -60.22 -25.24
N LYS B 174 -9.25 -60.57 -26.26
CA LYS B 174 -8.73 -61.91 -26.42
C LYS B 174 -7.21 -61.81 -26.55
N ILE B 175 -6.50 -62.67 -25.83
CA ILE B 175 -5.06 -62.79 -26.03
C ILE B 175 -4.74 -64.19 -26.57
N GLU B 176 -4.42 -64.23 -27.86
CA GLU B 176 -4.19 -65.48 -28.57
C GLU B 176 -2.77 -66.01 -28.37
N ILE B 177 -2.66 -67.32 -28.19
CA ILE B 177 -1.37 -67.98 -28.05
C ILE B 177 -1.01 -68.76 -29.32
N TYR B 178 0.12 -68.40 -29.92
CA TYR B 178 0.61 -69.03 -31.15
C TYR B 178 1.90 -69.81 -30.91
N SER B 179 2.16 -70.80 -31.75
CA SER B 179 3.38 -71.61 -31.64
C SER B 179 4.08 -71.77 -32.98
N SER B 180 5.41 -71.84 -32.93
CA SER B 180 6.25 -72.03 -34.11
C SER B 180 7.61 -72.54 -33.69
N ASP B 181 8.04 -73.65 -34.27
CA ASP B 181 9.45 -74.04 -34.24
C ASP B 181 10.26 -73.14 -35.16
N ASP B 182 9.69 -72.89 -36.33
CA ASP B 182 10.33 -72.14 -37.40
C ASP B 182 10.53 -70.64 -37.09
N LEU B 183 9.50 -70.04 -36.52
CA LEU B 183 9.48 -68.60 -36.23
C LEU B 183 8.94 -67.77 -37.39
N LYS B 184 8.71 -68.40 -38.54
CA LYS B 184 8.10 -67.71 -39.67
C LYS B 184 6.70 -68.24 -39.98
N SER B 185 6.41 -69.42 -39.45
CA SER B 185 5.08 -70.04 -39.57
C SER B 185 4.46 -70.22 -38.20
N TRP B 186 3.40 -69.47 -37.92
CA TRP B 186 2.77 -69.52 -36.60
C TRP B 186 1.45 -70.22 -36.61
N LYS B 187 1.18 -70.97 -35.54
CA LYS B 187 -0.03 -71.78 -35.41
C LYS B 187 -0.80 -71.41 -34.15
N LEU B 188 -2.05 -70.98 -34.32
CA LEU B 188 -2.94 -70.65 -33.20
C LEU B 188 -3.17 -71.88 -32.33
N GLU B 189 -2.84 -71.76 -31.05
CA GLU B 189 -2.98 -72.88 -30.12
C GLU B 189 -4.18 -72.74 -29.19
N SER B 190 -4.40 -71.53 -28.70
CA SER B 190 -5.48 -71.26 -27.75
C SER B 190 -5.74 -69.76 -27.60
N ALA B 191 -6.85 -69.41 -26.99
CA ALA B 191 -7.14 -68.02 -26.73
C ALA B 191 -7.59 -67.80 -25.30
N PHE B 192 -7.04 -66.80 -24.63
CA PHE B 192 -7.50 -66.47 -23.30
C PHE B 192 -7.57 -64.97 -23.09
N ALA B 193 -8.73 -64.42 -22.76
CA ALA B 193 -10.03 -65.02 -22.93
C ALA B 193 -10.98 -63.84 -22.84
N ASN B 194 -11.62 -63.68 -21.69
CA ASN B 194 -12.24 -62.43 -21.29
C ASN B 194 -11.99 -62.22 -19.82
N GLU B 195 -10.71 -62.05 -19.46
CA GLU B 195 -10.27 -62.09 -18.07
C GLU B 195 -10.66 -60.98 -17.08
N GLY B 196 -10.67 -59.74 -17.51
CA GLY B 196 -11.10 -58.62 -16.66
C GLY B 196 -10.08 -58.16 -15.64
N PHE B 197 -10.04 -56.86 -15.34
CA PHE B 197 -10.92 -55.86 -15.96
C PHE B 197 -10.60 -55.73 -17.45
N LEU B 198 -11.65 -55.65 -18.24
CA LEU B 198 -11.52 -55.56 -19.70
C LEU B 198 -11.14 -54.14 -20.13
N GLY B 199 -11.97 -53.18 -19.77
CA GLY B 199 -11.77 -51.79 -20.17
C GLY B 199 -12.19 -51.61 -21.60
N TYR B 200 -11.24 -51.31 -22.46
CA TYR B 200 -11.50 -50.99 -23.85
C TYR B 200 -10.70 -51.90 -24.78
N GLN B 201 -9.57 -52.40 -24.27
CA GLN B 201 -8.59 -53.11 -25.06
C GLN B 201 -7.66 -53.96 -24.22
N TYR B 202 -7.16 -55.03 -24.82
CA TYR B 202 -6.03 -55.78 -24.29
C TYR B 202 -4.78 -55.31 -25.03
N GLU B 203 -3.77 -54.87 -24.29
CA GLU B 203 -2.50 -54.46 -24.89
C GLU B 203 -1.31 -55.10 -24.20
N CYS B 204 -0.19 -55.14 -24.91
CA CYS B 204 1.09 -55.63 -24.39
C CYS B 204 0.99 -56.84 -23.44
N PRO B 205 0.60 -58.01 -23.98
CA PRO B 205 0.57 -59.20 -23.12
C PRO B 205 1.97 -59.78 -22.90
N GLY B 206 2.14 -60.47 -21.79
CA GLY B 206 3.41 -61.08 -21.44
C GLY B 206 3.18 -62.38 -20.67
N LEU B 207 4.07 -63.35 -20.88
CA LEU B 207 3.93 -64.66 -20.25
C LEU B 207 5.29 -65.16 -19.79
N ILE B 208 5.46 -65.31 -18.49
CA ILE B 208 6.76 -65.65 -17.92
C ILE B 208 6.67 -66.53 -16.66
N GLU B 209 7.61 -67.46 -16.56
CA GLU B 209 7.85 -68.20 -15.32
C GLU B 209 8.52 -67.29 -14.31
N VAL B 210 7.88 -67.12 -13.17
CA VAL B 210 8.39 -66.27 -12.11
C VAL B 210 8.69 -67.12 -10.88
N PRO B 211 9.97 -67.13 -10.48
CA PRO B 211 10.41 -67.98 -9.40
C PRO B 211 9.74 -67.60 -8.12
N THR B 212 9.29 -68.60 -7.39
CA THR B 212 8.63 -68.41 -6.11
C THR B 212 9.64 -67.94 -5.08
N GLU B 213 9.19 -67.13 -4.14
CA GLU B 213 10.03 -66.71 -3.04
C GLU B 213 9.93 -67.98 -2.25
N GLN B 214 10.53 -68.02 -1.07
CA GLN B 214 10.41 -69.15 -0.20
C GLN B 214 11.23 -70.33 -0.76
N ASP B 215 10.78 -70.84 -1.91
CA ASP B 215 11.60 -71.70 -2.73
C ASP B 215 11.88 -71.14 -4.12
N PRO B 216 13.15 -70.91 -4.42
CA PRO B 216 13.55 -70.46 -5.74
C PRO B 216 13.31 -71.56 -6.75
N SER B 217 13.49 -72.79 -6.27
CA SER B 217 13.43 -73.98 -7.11
C SER B 217 12.07 -74.06 -7.83
N LYS B 218 11.00 -73.78 -7.09
CA LYS B 218 9.65 -73.73 -7.65
C LYS B 218 9.40 -72.42 -8.40
N SER B 219 8.38 -72.44 -9.27
CA SER B 219 7.91 -71.24 -9.98
C SER B 219 6.57 -71.48 -10.64
N TYR B 220 5.77 -70.42 -10.78
CA TYR B 220 4.49 -70.50 -11.49
C TYR B 220 4.47 -69.51 -12.65
N TRP B 221 3.50 -69.65 -13.53
CA TRP B 221 3.38 -68.79 -14.70
C TRP B 221 2.57 -67.56 -14.44
N VAL B 222 3.04 -66.43 -14.96
CA VAL B 222 2.32 -65.17 -14.79
C VAL B 222 1.95 -64.59 -16.15
N MET B 223 0.70 -64.15 -16.27
CA MET B 223 0.21 -63.49 -17.46
C MET B 223 0.02 -61.99 -17.19
N PHE B 224 0.71 -61.16 -17.96
CA PHE B 224 0.60 -59.70 -17.85
C PHE B 224 -0.29 -59.16 -18.96
N ILE B 225 -1.33 -58.42 -18.57
CA ILE B 225 -2.13 -57.68 -19.55
C ILE B 225 -2.21 -56.22 -19.11
N SER B 226 -2.00 -55.32 -20.06
CA SER B 226 -2.17 -53.90 -19.83
C SER B 226 -3.37 -53.41 -20.62
N ILE B 227 -4.16 -52.53 -20.01
CA ILE B 227 -5.38 -52.03 -20.65
C ILE B 227 -5.44 -50.50 -20.63
N ASN B 228 -6.01 -49.93 -21.69
CA ASN B 228 -6.15 -48.48 -21.85
C ASN B 228 -6.95 -48.15 -23.10
N PRO B 229 -7.94 -47.24 -23.00
CA PRO B 229 -8.45 -46.60 -21.78
C PRO B 229 -9.34 -47.54 -20.96
N GLY B 230 -9.89 -47.06 -19.85
CA GLY B 230 -10.87 -47.82 -19.09
C GLY B 230 -10.39 -48.48 -17.82
N ALA B 231 -9.17 -48.14 -17.39
CA ALA B 231 -8.67 -48.59 -16.09
C ALA B 231 -9.62 -48.16 -14.98
N PRO B 232 -9.71 -48.95 -13.89
CA PRO B 232 -10.66 -48.63 -12.81
C PRO B 232 -10.34 -47.29 -12.16
N ALA B 233 -9.05 -46.98 -12.04
CA ALA B 233 -8.59 -45.70 -11.51
C ALA B 233 -8.61 -44.62 -12.58
N GLY B 234 -9.02 -44.99 -13.79
CA GLY B 234 -9.04 -44.06 -14.93
C GLY B 234 -7.82 -44.16 -15.81
N GLY B 235 -8.05 -44.26 -17.11
CA GLY B 235 -6.98 -44.28 -18.10
C GLY B 235 -6.30 -45.62 -18.33
N SER B 236 -5.04 -45.71 -17.93
CA SER B 236 -4.21 -46.88 -18.20
C SER B 236 -3.80 -47.59 -16.90
N PHE B 237 -3.51 -48.89 -17.01
CA PHE B 237 -2.91 -49.65 -15.90
C PHE B 237 -2.50 -51.05 -16.32
N ASN B 238 -1.69 -51.71 -15.49
CA ASN B 238 -1.16 -53.03 -15.80
C ASN B 238 -1.66 -54.07 -14.80
N GLN B 239 -2.36 -55.08 -15.31
CA GLN B 239 -2.85 -56.18 -14.45
C GLN B 239 -2.05 -57.46 -14.65
N TYR B 240 -2.21 -58.41 -13.73
CA TYR B 240 -1.55 -59.70 -13.85
C TYR B 240 -2.40 -60.86 -13.33
N PHE B 241 -2.01 -62.08 -13.74
CA PHE B 241 -2.68 -63.31 -13.32
C PHE B 241 -1.60 -64.31 -12.96
N VAL B 242 -1.79 -65.04 -11.85
CA VAL B 242 -0.87 -66.12 -11.47
C VAL B 242 -1.52 -67.48 -11.70
N GLY B 243 -0.82 -68.35 -12.43
CA GLY B 243 -1.37 -69.66 -12.80
C GLY B 243 -0.38 -70.61 -13.41
N SER B 244 -0.85 -71.41 -14.38
CA SER B 244 -0.04 -72.45 -14.98
C SER B 244 -0.13 -72.51 -16.51
N PHE B 245 0.99 -72.86 -17.14
CA PHE B 245 1.09 -72.96 -18.58
C PHE B 245 1.50 -74.37 -19.00
N ASN B 246 0.68 -74.99 -19.85
CA ASN B 246 0.89 -76.38 -20.27
C ASN B 246 1.63 -76.53 -21.59
N GLY B 247 1.76 -75.43 -22.34
CA GLY B 247 2.36 -75.46 -23.67
C GLY B 247 1.47 -74.84 -24.72
N THR B 248 0.17 -74.81 -24.45
CA THR B 248 -0.78 -74.17 -25.35
C THR B 248 -1.73 -73.23 -24.60
N HIS B 249 -2.36 -73.73 -23.53
CA HIS B 249 -3.34 -72.95 -22.77
C HIS B 249 -2.77 -72.39 -21.50
N PHE B 250 -3.27 -71.23 -21.09
CA PHE B 250 -2.96 -70.66 -19.78
C PHE B 250 -4.21 -70.62 -18.89
N GLU B 251 -4.03 -71.00 -17.62
CA GLU B 251 -5.09 -70.95 -16.62
C GLU B 251 -4.58 -70.34 -15.34
N ALA B 252 -5.28 -69.33 -14.85
CA ALA B 252 -4.96 -68.73 -13.56
C ALA B 252 -5.48 -69.65 -12.46
N PHE B 253 -4.71 -69.81 -11.39
CA PHE B 253 -5.10 -70.69 -10.27
C PHE B 253 -6.53 -70.45 -9.82
N ASP B 254 -6.96 -69.19 -9.85
CA ASP B 254 -8.38 -68.83 -9.65
C ASP B 254 -8.81 -67.69 -10.57
N ASN B 255 -10.11 -67.56 -10.74
CA ASN B 255 -10.70 -66.39 -11.37
C ASN B 255 -10.48 -65.21 -10.41
N GLN B 256 -9.62 -64.25 -10.80
CA GLN B 256 -9.23 -63.16 -9.92
C GLN B 256 -8.42 -62.09 -10.65
N SER B 257 -8.76 -60.83 -10.40
CA SER B 257 -7.99 -59.69 -10.92
C SER B 257 -7.04 -59.17 -9.85
N ARG B 258 -5.89 -58.69 -10.30
CA ARG B 258 -4.87 -58.06 -9.44
C ARG B 258 -4.08 -57.04 -10.26
N VAL B 259 -3.61 -55.98 -9.63
CA VAL B 259 -2.87 -54.95 -10.38
C VAL B 259 -1.36 -55.01 -10.08
N VAL B 260 -0.54 -54.78 -11.10
CA VAL B 260 0.91 -54.82 -10.93
C VAL B 260 1.41 -53.60 -10.13
N ASP B 261 0.96 -52.41 -10.55
CA ASP B 261 1.38 -51.17 -9.93
C ASP B 261 0.17 -50.30 -9.62
N PHE B 262 0.08 -49.86 -8.36
CA PHE B 262 -1.06 -49.10 -7.89
C PHE B 262 -0.93 -47.61 -8.18
N GLY B 263 0.30 -47.18 -8.45
CA GLY B 263 0.56 -45.81 -8.90
C GLY B 263 -0.11 -45.50 -10.22
N LYS B 264 -0.24 -44.21 -10.51
CA LYS B 264 -0.95 -43.75 -11.69
C LYS B 264 -0.12 -43.83 -12.99
N ASP B 265 1.18 -44.06 -12.86
CA ASP B 265 2.09 -44.01 -14.01
C ASP B 265 2.96 -45.27 -14.17
N TYR B 266 2.35 -46.34 -14.66
CA TYR B 266 3.03 -47.63 -14.83
C TYR B 266 2.29 -48.48 -15.82
N TYR B 267 2.82 -48.55 -17.03
CA TYR B 267 2.09 -49.16 -18.14
C TYR B 267 3.00 -49.88 -19.14
N ALA B 268 2.39 -50.79 -19.90
CA ALA B 268 3.06 -51.56 -20.95
C ALA B 268 4.33 -52.27 -20.46
N LEU B 269 4.22 -52.98 -19.35
CA LEU B 269 5.33 -53.72 -18.78
C LEU B 269 5.70 -54.89 -19.68
N GLN B 270 6.97 -54.95 -20.03
CA GLN B 270 7.52 -56.11 -20.73
C GLN B 270 8.68 -56.66 -19.91
N THR B 271 8.80 -57.98 -19.86
CA THR B 271 9.89 -58.62 -19.18
C THR B 271 11.01 -58.88 -20.19
N PHE B 272 12.24 -58.98 -19.71
CA PHE B 272 13.38 -59.33 -20.56
C PHE B 272 13.25 -60.77 -21.07
N PHE B 273 13.91 -61.06 -22.19
CA PHE B 273 13.93 -62.42 -22.72
C PHE B 273 14.92 -63.28 -21.93
N ASN B 274 16.04 -62.68 -21.53
CA ASN B 274 17.02 -63.35 -20.69
C ASN B 274 17.73 -62.35 -19.80
N THR B 275 18.42 -62.82 -18.77
CA THR B 275 19.16 -61.92 -17.86
C THR B 275 20.59 -62.38 -17.56
N ASP B 276 21.25 -61.59 -16.73
CA ASP B 276 22.53 -61.96 -16.14
C ASP B 276 22.24 -62.29 -14.68
N PRO B 277 22.30 -63.59 -14.32
CA PRO B 277 21.99 -63.94 -12.93
C PRO B 277 23.20 -64.42 -12.11
N THR B 278 23.70 -63.68 -11.10
CA THR B 278 23.37 -62.29 -10.70
C THR B 278 21.89 -61.86 -10.69
N TYR B 279 21.58 -60.71 -11.32
CA TYR B 279 20.22 -60.11 -11.31
C TYR B 279 19.08 -61.13 -11.27
N GLY B 280 19.13 -62.09 -12.21
CA GLY B 280 18.26 -63.28 -12.22
C GLY B 280 16.82 -63.03 -12.62
N SER B 281 16.45 -63.44 -13.84
CA SER B 281 15.08 -63.29 -14.33
C SER B 281 14.11 -64.03 -13.40
N ALA B 282 12.87 -63.55 -13.25
CA ALA B 282 12.25 -62.53 -14.11
C ALA B 282 12.64 -61.08 -13.79
N LEU B 283 12.90 -60.32 -14.85
CA LEU B 283 13.19 -58.88 -14.78
C LEU B 283 12.30 -58.12 -15.77
N GLY B 284 11.65 -57.07 -15.29
CA GLY B 284 10.73 -56.30 -16.12
C GLY B 284 10.83 -54.80 -15.94
N ILE B 285 10.68 -54.08 -17.05
CA ILE B 285 10.66 -52.63 -17.06
C ILE B 285 9.34 -52.14 -17.67
N ALA B 286 8.94 -50.93 -17.32
CA ALA B 286 7.68 -50.36 -17.82
C ALA B 286 7.77 -48.86 -18.16
N TRP B 287 6.85 -48.41 -18.99
CA TRP B 287 6.73 -47.01 -19.36
C TRP B 287 6.01 -46.28 -18.26
N ALA B 288 6.70 -45.33 -17.65
CA ALA B 288 6.17 -44.62 -16.48
C ALA B 288 5.34 -43.38 -16.83
N SER B 289 4.06 -43.62 -17.14
CA SER B 289 3.10 -42.56 -17.45
C SER B 289 1.67 -43.09 -17.55
N ASN B 290 0.74 -42.20 -17.84
CA ASN B 290 -0.66 -42.56 -18.00
C ASN B 290 -1.23 -41.84 -19.22
N TRP B 291 -1.71 -42.61 -20.18
CA TRP B 291 -2.16 -42.10 -21.48
C TRP B 291 -3.10 -40.93 -21.43
N GLU B 292 -3.77 -40.75 -20.30
CA GLU B 292 -4.71 -39.63 -20.13
C GLU B 292 -4.04 -38.26 -20.28
N TYR B 293 -2.84 -38.12 -19.71
CA TYR B 293 -2.12 -36.85 -19.68
C TYR B 293 -0.63 -36.97 -20.07
N SER B 294 -0.26 -38.10 -20.67
CA SER B 294 1.13 -38.38 -20.99
C SER B 294 1.73 -37.40 -22.00
N ALA B 295 0.88 -36.88 -22.87
CA ALA B 295 1.31 -36.00 -23.96
C ALA B 295 1.37 -34.51 -23.58
N PHE B 296 1.02 -34.19 -22.34
CA PHE B 296 0.94 -32.80 -21.90
C PHE B 296 1.83 -32.47 -20.71
N VAL B 297 2.62 -33.46 -20.27
CA VAL B 297 3.53 -33.24 -19.14
C VAL B 297 4.60 -32.21 -19.52
N PRO B 298 5.02 -31.36 -18.56
CA PRO B 298 5.93 -30.27 -18.87
C PRO B 298 7.40 -30.69 -18.85
N THR B 299 7.81 -31.39 -19.90
CA THR B 299 9.23 -31.74 -20.11
C THR B 299 9.66 -31.39 -21.53
N ASN B 300 10.90 -30.95 -21.65
CA ASN B 300 11.50 -30.58 -22.93
C ASN B 300 13.01 -30.81 -22.83
N PRO B 301 13.65 -31.29 -23.93
CA PRO B 301 13.12 -31.57 -25.25
C PRO B 301 12.60 -33.00 -25.43
N TRP B 302 12.34 -33.68 -24.33
CA TRP B 302 11.84 -35.05 -24.37
C TRP B 302 10.57 -35.15 -23.59
N ARG B 303 9.86 -36.27 -23.77
CA ARG B 303 8.75 -36.63 -22.91
C ARG B 303 8.82 -38.10 -22.54
N SER B 304 8.47 -38.42 -21.30
CA SER B 304 8.36 -39.78 -20.79
C SER B 304 9.67 -40.42 -20.34
N SER B 305 9.62 -40.99 -19.14
CA SER B 305 10.71 -41.78 -18.58
C SER B 305 10.23 -43.20 -18.44
N MET B 306 11.17 -44.14 -18.38
CA MET B 306 10.84 -45.51 -18.06
C MET B 306 10.86 -45.64 -16.53
N SER B 307 10.29 -46.72 -16.02
CA SER B 307 10.45 -47.05 -14.61
C SER B 307 11.80 -47.74 -14.44
N LEU B 308 12.13 -48.11 -13.21
CA LEU B 308 13.31 -48.94 -12.97
C LEU B 308 13.03 -50.36 -13.44
N VAL B 309 14.08 -51.11 -13.73
CA VAL B 309 13.92 -52.54 -13.99
C VAL B 309 13.70 -53.21 -12.62
N ARG B 310 12.78 -54.17 -12.59
CA ARG B 310 12.41 -54.79 -11.32
C ARG B 310 12.56 -56.31 -11.39
N LYS B 311 13.11 -56.88 -10.32
CA LYS B 311 13.25 -58.32 -10.18
C LYS B 311 11.95 -58.92 -9.64
N PHE B 312 11.29 -59.70 -10.47
CA PHE B 312 10.04 -60.32 -10.10
C PHE B 312 10.22 -61.65 -9.39
N SER B 313 9.37 -61.86 -8.39
CA SER B 313 9.29 -63.12 -7.65
C SER B 313 7.87 -63.26 -7.11
N LEU B 314 7.42 -64.50 -6.91
CA LEU B 314 6.09 -64.74 -6.38
C LEU B 314 6.15 -65.06 -4.89
N ASN B 315 5.36 -64.33 -4.12
CA ASN B 315 5.30 -64.52 -2.68
C ASN B 315 3.97 -65.19 -2.37
N THR B 316 4.04 -66.49 -2.05
CA THR B 316 2.81 -67.26 -1.77
C THR B 316 2.27 -67.05 -0.36
N GLU B 317 3.12 -66.51 0.52
CA GLU B 317 2.78 -66.36 1.93
C GLU B 317 2.57 -64.89 2.28
N TYR B 318 2.11 -64.11 1.30
CA TYR B 318 1.83 -62.69 1.53
C TYR B 318 0.53 -62.51 2.30
N GLN B 319 0.63 -61.93 3.50
CA GLN B 319 -0.54 -61.64 4.33
C GLN B 319 -1.38 -60.50 3.74
N ALA B 320 -2.25 -60.84 2.79
CA ALA B 320 -3.14 -59.88 2.13
C ALA B 320 -3.99 -59.14 3.15
N ASN B 321 -4.41 -59.87 4.17
CA ASN B 321 -5.09 -59.31 5.35
C ASN B 321 -4.70 -60.19 6.55
N PRO B 322 -5.22 -59.89 7.76
CA PRO B 322 -4.75 -60.65 8.92
C PRO B 322 -5.23 -62.11 9.00
N GLU B 323 -6.18 -62.49 8.14
CA GLU B 323 -6.68 -63.88 8.12
C GLU B 323 -5.96 -64.78 7.11
N THR B 324 -6.05 -64.42 5.83
CA THR B 324 -5.58 -65.31 4.75
C THR B 324 -4.32 -64.82 4.04
N GLU B 325 -3.65 -65.74 3.35
CA GLU B 325 -2.47 -65.44 2.55
C GLU B 325 -2.78 -65.65 1.07
N LEU B 326 -2.17 -64.84 0.21
CA LEU B 326 -2.37 -64.97 -1.23
C LEU B 326 -1.02 -65.07 -1.95
N ILE B 327 -1.04 -65.63 -3.15
CA ILE B 327 0.12 -65.65 -4.02
C ILE B 327 0.21 -64.25 -4.62
N ASN B 328 1.18 -63.48 -4.14
CA ASN B 328 1.33 -62.08 -4.56
C ASN B 328 2.62 -61.85 -5.33
N LEU B 329 2.54 -61.04 -6.39
CA LEU B 329 3.72 -60.65 -7.16
C LEU B 329 4.57 -59.65 -6.39
N LYS B 330 5.86 -59.94 -6.30
CA LYS B 330 6.84 -59.11 -5.61
C LYS B 330 7.79 -58.51 -6.65
N ALA B 331 7.95 -57.20 -6.61
CA ALA B 331 8.82 -56.52 -7.54
C ALA B 331 9.88 -55.72 -6.78
N GLU B 332 11.14 -56.12 -6.93
CA GLU B 332 12.24 -55.47 -6.21
C GLU B 332 13.02 -54.63 -7.21
N PRO B 333 13.50 -53.45 -6.77
CA PRO B 333 14.17 -52.53 -7.70
C PRO B 333 15.58 -52.97 -8.10
N ILE B 334 15.95 -52.74 -9.36
CA ILE B 334 17.34 -52.88 -9.79
C ILE B 334 17.94 -51.48 -9.93
N LEU B 335 18.90 -51.17 -9.06
CA LEU B 335 19.55 -49.87 -9.07
C LEU B 335 21.02 -50.00 -8.67
N ASN B 336 21.92 -49.87 -9.63
CA ASN B 336 23.35 -49.80 -9.35
C ASN B 336 23.65 -48.41 -8.82
N ILE B 337 23.66 -48.29 -7.50
CA ILE B 337 23.70 -46.99 -6.81
C ILE B 337 24.85 -46.12 -7.31
N SER B 338 25.96 -46.78 -7.67
CA SER B 338 27.09 -46.13 -8.34
C SER B 338 28.00 -45.35 -7.36
N ASN B 339 27.55 -44.16 -6.95
CA ASN B 339 28.25 -43.36 -5.95
C ASN B 339 27.27 -42.45 -5.19
N ALA B 340 27.08 -42.75 -3.91
CA ALA B 340 26.08 -42.07 -3.09
C ALA B 340 26.46 -42.06 -1.61
N GLY B 341 25.62 -41.43 -0.79
CA GLY B 341 25.85 -41.31 0.64
C GLY B 341 26.16 -39.88 1.02
N PRO B 342 26.27 -39.60 2.33
CA PRO B 342 25.99 -40.56 3.40
C PRO B 342 24.54 -40.51 3.82
N TRP B 343 24.13 -41.48 4.65
CA TRP B 343 22.79 -41.50 5.21
C TRP B 343 22.58 -40.37 6.18
N SER B 344 21.34 -39.91 6.29
CA SER B 344 20.91 -39.02 7.35
C SER B 344 19.75 -39.72 8.07
N ARG B 345 19.74 -39.71 9.40
CA ARG B 345 18.62 -40.35 10.09
C ARG B 345 17.90 -39.55 11.20
N PHE B 346 16.71 -40.03 11.55
CA PHE B 346 15.79 -39.34 12.46
C PHE B 346 15.57 -40.08 13.77
N ALA B 347 14.29 -40.36 14.01
CA ALA B 347 13.77 -40.88 15.26
C ALA B 347 14.09 -42.37 15.44
N THR B 348 15.32 -42.74 15.13
CA THR B 348 15.77 -44.12 15.28
C THR B 348 15.38 -44.67 16.64
N ASN B 349 14.52 -45.68 16.60
CA ASN B 349 13.98 -46.36 17.79
C ASN B 349 13.29 -45.45 18.81
N THR B 350 12.44 -44.53 18.32
CA THR B 350 11.62 -43.67 19.19
C THR B 350 10.15 -43.66 18.77
N THR B 351 9.27 -43.32 19.72
CA THR B 351 7.83 -43.16 19.46
C THR B 351 7.52 -41.67 19.32
N LEU B 352 7.37 -41.21 18.08
CA LEU B 352 7.24 -39.77 17.81
C LEU B 352 5.89 -39.17 18.11
N THR B 353 5.93 -37.95 18.62
CA THR B 353 4.74 -37.30 19.21
C THR B 353 4.32 -36.03 18.44
N LYS B 354 3.01 -35.75 18.45
CA LYS B 354 2.42 -34.64 17.66
C LYS B 354 3.11 -33.28 17.82
N ALA B 355 3.32 -32.91 19.08
CA ALA B 355 3.95 -31.64 19.44
C ALA B 355 5.22 -31.33 18.65
N ASN B 356 6.15 -32.29 18.58
CA ASN B 356 7.45 -32.07 17.94
C ASN B 356 7.66 -32.86 16.62
N SER B 357 8.34 -32.22 15.67
CA SER B 357 8.54 -32.77 14.32
C SER B 357 9.99 -32.73 13.87
N TYR B 358 10.38 -33.68 13.02
CA TYR B 358 11.76 -33.82 12.55
C TYR B 358 11.99 -33.23 11.16
N ASN B 359 13.24 -32.79 10.92
CA ASN B 359 13.65 -32.24 9.63
C ASN B 359 15.14 -32.45 9.32
N VAL B 360 15.43 -32.85 8.09
CA VAL B 360 16.76 -32.69 7.53
C VAL B 360 16.56 -32.07 6.18
N ASP B 361 17.16 -30.90 5.94
CA ASP B 361 17.24 -30.44 4.57
C ASP B 361 18.66 -30.50 4.01
N LEU B 362 18.77 -31.22 2.90
CA LEU B 362 20.01 -31.42 2.19
C LEU B 362 20.19 -30.25 1.23
N SER B 363 20.94 -29.24 1.68
CA SER B 363 20.96 -27.90 1.06
C SER B 363 21.27 -27.86 -0.43
N ASN B 364 21.92 -28.89 -0.93
CA ASN B 364 22.18 -29.00 -2.37
C ASN B 364 22.00 -30.43 -2.91
N SER B 365 20.81 -30.98 -2.67
CA SER B 365 20.44 -32.24 -3.30
C SER B 365 20.14 -31.97 -4.76
N THR B 366 20.60 -32.87 -5.63
CA THR B 366 20.39 -32.77 -7.07
C THR B 366 18.92 -32.98 -7.44
N GLY B 367 18.10 -33.31 -6.44
CA GLY B 367 16.69 -33.59 -6.67
C GLY B 367 16.40 -35.07 -6.79
N THR B 368 17.46 -35.88 -6.80
CA THR B 368 17.33 -37.33 -6.80
C THR B 368 17.85 -37.87 -5.48
N LEU B 369 16.97 -38.53 -4.73
CA LEU B 369 17.33 -39.13 -3.45
C LEU B 369 16.45 -40.34 -3.11
N GLU B 370 16.96 -41.20 -2.23
CA GLU B 370 16.22 -42.38 -1.78
C GLU B 370 16.04 -42.34 -0.28
N PHE B 371 14.99 -43.00 0.21
CA PHE B 371 14.75 -43.09 1.64
C PHE B 371 14.29 -44.48 2.07
N GLU B 372 14.68 -44.86 3.28
CA GLU B 372 14.34 -46.14 3.85
C GLU B 372 13.60 -45.88 5.17
N LEU B 373 12.33 -46.29 5.23
CA LEU B 373 11.49 -46.05 6.40
C LEU B 373 10.84 -47.33 6.92
N VAL B 374 11.03 -47.63 8.19
CA VAL B 374 10.32 -48.73 8.86
C VAL B 374 9.58 -48.19 10.07
N TYR B 375 8.26 -48.09 9.96
CA TYR B 375 7.44 -47.59 11.06
C TYR B 375 6.57 -48.68 11.68
N ALA B 376 5.92 -48.35 12.80
CA ALA B 376 5.05 -49.29 13.50
C ALA B 376 3.87 -48.61 14.19
N VAL B 377 2.67 -49.11 13.91
CA VAL B 377 1.45 -48.63 14.56
C VAL B 377 1.28 -49.31 15.93
N ASN B 378 0.80 -48.57 16.91
CA ASN B 378 0.61 -49.14 18.23
C ASN B 378 -0.42 -50.23 18.25
N THR B 379 -1.49 -50.07 17.49
CA THR B 379 -2.47 -51.13 17.42
C THR B 379 -3.25 -51.13 18.73
N THR B 380 -2.51 -51.31 19.83
CA THR B 380 -3.15 -51.48 21.11
C THR B 380 -2.66 -50.55 22.22
N GLN B 381 -3.63 -49.88 22.84
CA GLN B 381 -4.96 -49.87 22.25
C GLN B 381 -5.11 -48.56 21.51
N THR B 382 -4.82 -47.47 22.22
CA THR B 382 -4.75 -46.15 21.61
C THR B 382 -6.13 -45.74 21.16
N ILE B 383 -6.76 -46.59 20.36
CA ILE B 383 -8.06 -46.29 19.78
C ILE B 383 -7.94 -45.06 18.92
N SER B 384 -8.86 -44.12 19.11
CA SER B 384 -8.79 -42.86 18.42
C SER B 384 -9.63 -42.89 17.16
N LYS B 385 -10.43 -41.86 17.00
CA LYS B 385 -11.09 -41.57 15.72
C LYS B 385 -11.69 -40.16 15.70
N SER B 386 -12.07 -39.72 14.50
CA SER B 386 -12.43 -38.32 14.20
C SER B 386 -11.20 -37.41 14.17
N VAL B 387 -10.05 -37.98 14.50
CA VAL B 387 -8.77 -37.30 14.46
C VAL B 387 -7.92 -37.99 13.40
N PHE B 388 -7.45 -37.21 12.41
CA PHE B 388 -6.63 -37.73 11.32
C PHE B 388 -5.30 -38.29 11.86
N ALA B 389 -5.24 -39.62 11.96
CA ALA B 389 -4.12 -40.29 12.61
C ALA B 389 -3.02 -40.66 11.62
N ASP B 390 -2.19 -39.70 11.26
CA ASP B 390 -1.21 -39.93 10.20
C ASP B 390 0.25 -39.82 10.65
N LEU B 391 1.09 -40.57 9.96
CA LEU B 391 2.53 -40.34 9.94
C LEU B 391 2.85 -39.80 8.55
N SER B 392 3.31 -38.56 8.48
CA SER B 392 3.52 -37.93 7.20
C SER B 392 4.97 -37.56 6.94
N LEU B 393 5.43 -37.86 5.73
CA LEU B 393 6.69 -37.35 5.22
C LEU B 393 6.42 -36.20 4.28
N TRP B 394 7.21 -35.13 4.43
CA TRP B 394 7.11 -33.97 3.55
C TRP B 394 8.43 -33.73 2.88
N PHE B 395 8.42 -33.80 1.56
CA PHE B 395 9.59 -33.43 0.78
C PHE B 395 9.39 -32.01 0.25
N LYS B 396 9.71 -31.06 1.13
CA LYS B 396 9.54 -29.63 0.89
C LYS B 396 10.77 -29.07 0.18
N GLY B 397 10.84 -27.75 0.11
CA GLY B 397 12.01 -27.05 -0.42
C GLY B 397 12.06 -27.13 -1.93
N LEU B 398 13.16 -26.68 -2.51
CA LEU B 398 14.31 -26.18 -1.74
C LEU B 398 14.56 -24.70 -2.05
N GLU B 399 14.31 -24.29 -3.29
CA GLU B 399 14.27 -22.89 -3.67
C GLU B 399 12.94 -22.31 -3.19
N ASP B 400 11.91 -23.16 -3.21
CA ASP B 400 10.57 -22.76 -2.87
C ASP B 400 9.83 -23.93 -2.23
N PRO B 401 9.78 -23.97 -0.87
CA PRO B 401 8.86 -24.88 -0.18
C PRO B 401 7.43 -24.42 -0.48
N GLU B 402 6.43 -25.03 0.16
CA GLU B 402 5.03 -24.73 -0.20
C GLU B 402 4.76 -25.37 -1.56
N GLU B 403 5.84 -25.80 -2.20
CA GLU B 403 5.81 -26.63 -3.38
C GLU B 403 6.52 -27.90 -2.98
N TYR B 404 5.75 -28.96 -2.77
CA TYR B 404 6.20 -30.13 -2.05
C TYR B 404 5.33 -31.33 -2.38
N LEU B 405 5.85 -32.52 -2.16
CA LEU B 405 4.97 -33.69 -2.18
C LEU B 405 4.87 -34.32 -0.79
N ARG B 406 3.64 -34.62 -0.39
CA ARG B 406 3.35 -35.22 0.90
C ARG B 406 2.97 -36.68 0.72
N MET B 407 3.46 -37.51 1.64
CA MET B 407 3.12 -38.92 1.66
C MET B 407 3.25 -39.46 3.08
N GLY B 408 2.51 -40.52 3.37
CA GLY B 408 2.61 -41.17 4.65
C GLY B 408 1.52 -42.19 4.78
N PHE B 409 1.20 -42.52 6.03
CA PHE B 409 0.21 -43.52 6.37
C PHE B 409 -0.78 -42.92 7.35
N GLU B 410 -2.06 -43.23 7.17
CA GLU B 410 -3.08 -42.88 8.15
C GLU B 410 -3.68 -44.18 8.69
N VAL B 411 -3.82 -44.26 10.01
CA VAL B 411 -4.28 -45.49 10.67
C VAL B 411 -5.73 -45.86 10.33
N SER B 412 -6.63 -44.89 10.44
CA SER B 412 -8.05 -45.11 10.19
C SER B 412 -8.36 -45.57 8.77
N ALA B 413 -7.54 -45.15 7.81
CA ALA B 413 -7.71 -45.55 6.41
C ALA B 413 -6.96 -46.85 6.09
N SER B 414 -5.92 -47.11 6.87
CA SER B 414 -5.02 -48.26 6.67
C SER B 414 -4.36 -48.28 5.27
N SER B 415 -4.07 -47.08 4.76
CA SER B 415 -3.55 -46.88 3.40
C SER B 415 -2.40 -45.88 3.40
N PHE B 416 -1.46 -46.07 2.48
CA PHE B 416 -0.35 -45.13 2.30
C PHE B 416 -0.64 -44.13 1.17
N PHE B 417 -0.80 -42.86 1.53
CA PHE B 417 -1.26 -41.83 0.60
C PHE B 417 -0.10 -41.07 -0.04
N LEU B 418 -0.37 -40.46 -1.20
CA LEU B 418 0.56 -39.56 -1.85
C LEU B 418 -0.18 -38.32 -2.36
N ASP B 419 0.40 -37.13 -2.17
CA ASP B 419 -0.21 -35.89 -2.63
C ASP B 419 0.74 -35.14 -3.57
N ARG B 420 0.61 -35.40 -4.88
CA ARG B 420 1.49 -34.79 -5.87
C ARG B 420 0.96 -33.48 -6.45
N GLY B 421 -0.07 -32.91 -5.81
CA GLY B 421 -0.43 -31.51 -6.01
C GLY B 421 0.56 -30.65 -5.23
N ASN B 422 0.35 -29.34 -5.21
CA ASN B 422 1.28 -28.39 -4.55
C ASN B 422 2.65 -28.35 -5.23
N SER B 423 2.79 -27.70 -6.38
CA SER B 423 1.82 -26.79 -6.94
C SER B 423 2.56 -26.20 -8.10
N LYS B 424 1.98 -25.17 -8.69
CA LYS B 424 2.64 -24.38 -9.71
C LYS B 424 2.69 -25.22 -10.93
N VAL B 425 3.33 -24.77 -11.98
CA VAL B 425 3.32 -25.59 -13.15
C VAL B 425 1.88 -25.66 -13.54
N LYS B 426 1.49 -24.97 -14.60
CA LYS B 426 0.09 -24.81 -14.78
C LYS B 426 -0.45 -26.20 -14.89
N PHE B 427 0.30 -27.07 -15.53
CA PHE B 427 -0.26 -28.35 -15.92
C PHE B 427 -0.76 -29.13 -14.72
N VAL B 428 -0.02 -29.16 -13.65
CA VAL B 428 -0.51 -29.81 -12.46
C VAL B 428 -1.73 -29.11 -11.94
N LYS B 429 -1.71 -27.79 -11.97
CA LYS B 429 -2.80 -26.94 -11.52
C LYS B 429 -4.04 -27.02 -12.38
N GLU B 430 -3.85 -27.25 -13.66
CA GLU B 430 -4.92 -27.11 -14.65
C GLU B 430 -5.38 -28.38 -15.37
N ASN B 431 -4.47 -29.33 -15.61
CA ASN B 431 -4.82 -30.53 -16.37
C ASN B 431 -5.78 -31.48 -15.64
N PRO B 432 -7.03 -31.58 -16.12
CA PRO B 432 -8.09 -32.29 -15.38
C PRO B 432 -7.89 -33.81 -15.26
N TYR B 433 -6.84 -34.34 -15.88
CA TYR B 433 -6.55 -35.77 -15.82
C TYR B 433 -5.40 -36.10 -14.89
N PHE B 434 -4.62 -35.09 -14.50
CA PHE B 434 -3.46 -35.30 -13.64
C PHE B 434 -3.87 -35.40 -12.17
N THR B 435 -4.17 -36.62 -11.74
CA THR B 435 -4.66 -36.89 -10.40
C THR B 435 -3.67 -36.39 -9.35
N ASN B 436 -4.19 -35.74 -8.32
CA ASN B 436 -3.34 -35.22 -7.24
C ASN B 436 -3.00 -36.24 -6.14
N ARG B 437 -3.87 -37.22 -5.94
CA ARG B 437 -3.83 -38.09 -4.75
C ARG B 437 -4.16 -39.55 -5.04
N MET B 438 -3.37 -40.46 -4.48
CA MET B 438 -3.66 -41.89 -4.52
C MET B 438 -3.14 -42.62 -3.30
N SER B 439 -3.75 -43.76 -3.00
CA SER B 439 -3.41 -44.58 -1.85
C SER B 439 -2.89 -45.95 -2.28
N VAL B 440 -2.52 -46.78 -1.31
CA VAL B 440 -1.97 -48.09 -1.65
C VAL B 440 -2.56 -49.27 -0.86
N ASN B 441 -2.90 -49.05 0.41
CA ASN B 441 -3.39 -50.13 1.30
C ASN B 441 -2.33 -51.19 1.55
N ASN B 442 -1.13 -50.76 1.95
CA ASN B 442 -0.07 -51.68 2.31
C ASN B 442 -0.34 -52.38 3.64
N GLN B 443 0.23 -53.56 3.81
CA GLN B 443 0.01 -54.38 5.00
C GLN B 443 1.29 -54.58 5.81
N PRO B 444 1.16 -54.88 7.13
CA PRO B 444 2.35 -55.05 7.96
C PRO B 444 3.14 -56.28 7.54
N PHE B 445 4.42 -56.35 7.94
CA PHE B 445 5.22 -57.55 7.67
C PHE B 445 5.41 -58.42 8.89
N LYS B 446 5.32 -57.83 10.07
CA LYS B 446 5.36 -58.58 11.32
C LYS B 446 4.62 -57.85 12.44
N SER B 447 4.35 -58.54 13.54
CA SER B 447 3.82 -57.90 14.72
C SER B 447 4.67 -58.30 15.90
N GLU B 448 5.13 -57.33 16.67
CA GLU B 448 5.98 -57.63 17.82
C GLU B 448 5.29 -57.21 19.10
N ASN B 449 5.10 -58.14 20.03
CA ASN B 449 4.42 -57.74 21.24
C ASN B 449 3.20 -57.04 20.70
N ASP B 450 3.06 -55.77 20.93
CA ASP B 450 1.91 -55.05 20.41
C ASP B 450 2.35 -53.87 19.56
N LEU B 451 2.85 -54.20 18.37
CA LEU B 451 3.21 -53.22 17.36
C LEU B 451 3.18 -53.85 15.97
N SER B 452 2.47 -53.22 15.04
CA SER B 452 2.43 -53.65 13.64
C SER B 452 3.48 -52.92 12.83
N TYR B 453 4.45 -53.69 12.32
CA TYR B 453 5.57 -53.13 11.57
C TYR B 453 5.30 -53.07 10.07
N TYR B 454 5.47 -51.88 9.50
CA TYR B 454 5.40 -51.68 8.05
C TYR B 454 6.75 -51.14 7.59
N LYS B 455 7.17 -51.51 6.38
CA LYS B 455 8.37 -50.92 5.78
C LYS B 455 8.12 -50.29 4.42
N VAL B 456 8.85 -49.21 4.12
CA VAL B 456 8.73 -48.49 2.86
C VAL B 456 10.11 -48.09 2.35
N TYR B 457 10.43 -48.48 1.12
CA TYR B 457 11.56 -47.91 0.42
C TYR B 457 11.02 -47.03 -0.69
N GLY B 458 11.59 -45.84 -0.83
CA GLY B 458 11.19 -44.93 -1.89
C GLY B 458 12.37 -44.28 -2.57
N LEU B 459 12.20 -44.00 -3.87
CA LEU B 459 13.23 -43.32 -4.65
C LEU B 459 12.63 -42.15 -5.43
N LEU B 460 13.21 -40.97 -5.25
CA LEU B 460 12.76 -39.78 -5.96
C LEU B 460 13.77 -39.42 -7.03
N ASP B 461 13.29 -39.24 -8.26
CA ASP B 461 14.16 -38.83 -9.36
C ASP B 461 13.63 -37.68 -10.19
N GLN B 462 13.60 -36.50 -9.60
CA GLN B 462 13.26 -35.28 -10.32
C GLN B 462 11.79 -35.22 -10.68
N ASN B 463 11.33 -36.16 -11.48
CA ASN B 463 9.92 -36.19 -11.85
C ASN B 463 9.20 -37.51 -11.60
N ILE B 464 9.90 -38.51 -11.09
CA ILE B 464 9.29 -39.81 -10.82
C ILE B 464 9.52 -40.29 -9.40
N LEU B 465 8.46 -40.80 -8.76
CA LEU B 465 8.58 -41.41 -7.45
C LEU B 465 8.09 -42.86 -7.45
N GLU B 466 8.93 -43.75 -6.93
CA GLU B 466 8.60 -45.15 -6.80
C GLU B 466 8.60 -45.54 -5.32
N LEU B 467 7.51 -46.16 -4.89
CA LEU B 467 7.38 -46.63 -3.52
C LEU B 467 7.36 -48.14 -3.51
N TYR B 468 8.14 -48.72 -2.61
CA TYR B 468 8.29 -50.17 -2.49
C TYR B 468 7.90 -50.64 -1.09
N PHE B 469 6.67 -51.11 -0.97
CA PHE B 469 6.12 -51.55 0.30
C PHE B 469 6.45 -53.01 0.58
N ASN B 470 7.03 -53.26 1.76
CA ASN B 470 7.53 -54.58 2.15
C ASN B 470 8.44 -55.23 1.11
N ASP B 471 9.46 -54.49 0.69
CA ASP B 471 10.44 -54.93 -0.30
C ASP B 471 9.80 -55.33 -1.64
N GLY B 472 8.71 -54.66 -1.98
CA GLY B 472 8.14 -54.82 -3.31
C GLY B 472 6.92 -55.72 -3.36
N ASP B 473 6.39 -56.08 -2.20
CA ASP B 473 5.11 -56.80 -2.13
C ASP B 473 3.98 -55.96 -2.71
N VAL B 474 4.06 -54.64 -2.50
CA VAL B 474 3.14 -53.67 -3.12
C VAL B 474 3.99 -52.52 -3.68
N VAL B 475 3.66 -52.08 -4.89
CA VAL B 475 4.39 -50.96 -5.52
C VAL B 475 3.46 -49.88 -6.10
N SER B 476 3.97 -48.65 -6.08
CA SER B 476 3.25 -47.48 -6.57
C SER B 476 4.23 -46.59 -7.35
N THR B 477 3.89 -46.29 -8.60
CA THR B 477 4.73 -45.43 -9.43
C THR B 477 3.96 -44.21 -9.93
N ASN B 478 4.35 -43.03 -9.43
CA ASN B 478 3.71 -41.78 -9.82
C ASN B 478 4.72 -40.70 -10.17
N THR B 479 4.50 -40.02 -11.29
CA THR B 479 5.31 -38.88 -11.71
C THR B 479 4.86 -37.60 -11.03
N TYR B 480 5.80 -36.70 -10.77
CA TYR B 480 5.48 -35.42 -10.13
C TYR B 480 6.22 -34.28 -10.80
N PHE B 481 5.58 -33.12 -10.88
CA PHE B 481 6.21 -31.98 -11.54
C PHE B 481 6.20 -30.73 -10.67
N MET B 482 7.40 -30.36 -10.22
CA MET B 482 7.61 -29.15 -9.43
C MET B 482 8.21 -28.06 -10.32
N THR B 483 8.40 -26.86 -9.77
CA THR B 483 8.58 -25.66 -10.59
C THR B 483 9.96 -25.49 -11.27
N THR B 484 10.55 -26.61 -11.69
CA THR B 484 11.90 -26.67 -12.32
C THR B 484 13.01 -26.16 -11.41
N GLY B 485 14.26 -26.49 -11.75
CA GLY B 485 15.43 -26.11 -10.96
C GLY B 485 15.15 -26.08 -9.46
N ASN B 486 15.10 -27.27 -8.87
CA ASN B 486 14.98 -27.42 -7.40
C ASN B 486 13.62 -27.68 -6.83
N ALA B 487 13.52 -28.63 -5.90
CA ALA B 487 14.61 -29.55 -5.52
C ALA B 487 14.07 -30.67 -4.67
N LEU B 488 13.17 -30.32 -3.73
CA LEU B 488 12.59 -31.30 -2.82
C LEU B 488 13.64 -31.91 -1.90
N GLY B 489 14.53 -31.06 -1.40
CA GLY B 489 15.58 -31.48 -0.49
C GLY B 489 15.22 -31.34 0.97
N SER B 490 14.15 -30.60 1.27
CA SER B 490 13.73 -30.42 2.66
C SER B 490 12.87 -31.58 3.10
N VAL B 491 13.47 -32.53 3.81
CA VAL B 491 12.78 -33.75 4.22
C VAL B 491 12.24 -33.60 5.65
N ASN B 492 10.92 -33.65 5.77
CA ASN B 492 10.24 -33.44 7.06
C ASN B 492 9.33 -34.59 7.47
N MET B 493 9.47 -35.06 8.71
CA MET B 493 8.54 -36.03 9.26
C MET B 493 7.62 -35.37 10.26
N THR B 494 6.37 -35.84 10.30
CA THR B 494 5.28 -35.23 11.05
C THR B 494 4.28 -36.29 11.49
N THR B 495 3.53 -36.01 12.55
CA THR B 495 2.41 -36.87 12.96
C THR B 495 1.22 -36.12 13.55
N GLY B 496 0.04 -36.70 13.40
CA GLY B 496 -1.13 -36.34 14.17
C GLY B 496 -1.10 -37.32 15.31
N VAL B 497 -1.94 -37.14 16.32
CA VAL B 497 -2.05 -38.15 17.38
C VAL B 497 -0.75 -38.32 18.14
N ASP B 498 -0.78 -37.88 19.39
CA ASP B 498 0.43 -37.71 20.16
C ASP B 498 1.22 -38.99 20.34
N ASN B 499 0.55 -40.12 20.57
CA ASN B 499 1.32 -41.32 20.81
C ASN B 499 0.92 -42.62 20.13
N LEU B 500 1.23 -42.76 18.84
CA LEU B 500 0.74 -43.90 18.05
C LEU B 500 1.81 -44.55 17.17
N PHE B 501 2.54 -43.75 16.39
CA PHE B 501 3.57 -44.28 15.51
C PHE B 501 4.93 -44.45 16.19
N TYR B 502 5.57 -45.58 15.91
CA TYR B 502 6.92 -45.84 16.38
C TYR B 502 7.84 -45.91 15.17
N ILE B 503 8.84 -45.03 15.14
CA ILE B 503 9.82 -45.06 14.06
C ILE B 503 10.96 -45.99 14.44
N ASP B 504 10.99 -47.16 13.81
CA ASP B 504 12.11 -48.08 13.97
C ASP B 504 13.33 -47.52 13.27
N LYS B 505 13.12 -47.02 12.05
CA LYS B 505 14.21 -46.54 11.21
C LYS B 505 13.71 -45.56 10.15
N PHE B 506 14.48 -44.49 9.94
CA PHE B 506 14.28 -43.61 8.79
C PHE B 506 15.60 -43.03 8.31
N GLN B 507 15.93 -43.25 7.04
CA GLN B 507 17.19 -42.81 6.46
C GLN B 507 16.96 -42.17 5.10
N VAL B 508 17.67 -41.08 4.82
CA VAL B 508 17.65 -40.44 3.51
C VAL B 508 19.07 -40.20 3.03
N ARG B 509 19.26 -40.31 1.72
CA ARG B 509 20.53 -39.97 1.09
C ARG B 509 20.37 -39.63 -0.38
N GLU B 510 21.30 -38.82 -0.88
CA GLU B 510 21.36 -38.42 -2.28
C GLU B 510 21.87 -39.59 -3.09
N VAL B 511 21.38 -39.71 -4.33
CA VAL B 511 21.70 -40.83 -5.21
C VAL B 511 22.01 -40.34 -6.62
N LYS B 512 23.07 -40.88 -7.22
CA LYS B 512 23.44 -40.55 -8.60
C LYS B 512 23.57 -41.81 -9.45
N GLU C 4 18.36 26.23 -17.75
CA GLU C 4 16.86 26.27 -17.68
C GLU C 4 16.36 27.55 -17.03
N THR C 5 15.57 28.32 -17.79
CA THR C 5 15.08 29.63 -17.36
C THR C 5 13.92 29.59 -16.37
N SER C 6 13.67 30.76 -15.76
CA SER C 6 12.57 30.97 -14.85
C SER C 6 11.46 31.77 -15.53
N ASP C 7 10.38 32.00 -14.80
CA ASP C 7 9.32 32.87 -15.28
C ASP C 7 9.75 34.33 -15.14
N ARG C 8 9.65 35.06 -16.25
CA ARG C 8 10.17 36.42 -16.34
C ARG C 8 9.06 37.46 -16.41
N PRO C 9 9.06 38.45 -15.49
CA PRO C 9 8.06 39.53 -15.49
C PRO C 9 7.94 40.18 -16.87
N LEU C 10 6.70 40.37 -17.33
CA LEU C 10 6.42 40.86 -18.68
C LEU C 10 6.44 42.39 -18.82
N VAL C 11 6.04 43.10 -17.77
CA VAL C 11 5.97 44.57 -17.81
C VAL C 11 6.86 45.28 -16.77
N HIS C 12 7.75 44.52 -16.14
CA HIS C 12 8.77 45.07 -15.25
C HIS C 12 10.09 44.82 -15.88
N PHE C 13 11.01 45.79 -15.80
CA PHE C 13 12.31 45.59 -16.42
C PHE C 13 13.21 44.64 -15.64
N THR C 14 13.78 43.68 -16.36
CA THR C 14 14.85 42.83 -15.84
C THR C 14 15.99 42.85 -16.85
N PRO C 15 17.23 42.66 -16.38
CA PRO C 15 18.32 42.48 -17.33
C PRO C 15 18.21 41.14 -18.05
N ASN C 16 18.80 41.06 -19.25
CA ASN C 16 18.80 39.82 -20.02
C ASN C 16 19.43 38.66 -19.24
N LYS C 17 20.62 38.89 -18.71
CA LYS C 17 21.33 37.94 -17.85
C LYS C 17 22.09 38.70 -16.78
N GLY C 18 22.46 38.02 -15.70
CA GLY C 18 23.31 38.64 -14.70
C GLY C 18 22.56 39.25 -13.53
N TRP C 19 23.17 40.25 -12.92
CA TRP C 19 22.66 40.83 -11.68
C TRP C 19 22.43 42.30 -11.77
N MET C 20 21.29 42.74 -11.23
CA MET C 20 20.90 44.14 -11.22
C MET C 20 20.57 44.62 -9.81
N ASN C 21 20.90 45.88 -9.51
CA ASN C 21 20.31 46.58 -8.37
C ASN C 21 19.91 48.02 -8.68
N ASP C 22 20.38 48.98 -7.87
CA ASP C 22 19.88 50.37 -7.93
C ASP C 22 19.71 50.95 -9.35
N PRO C 23 18.54 51.55 -9.62
CA PRO C 23 18.36 52.29 -10.87
C PRO C 23 19.20 53.56 -10.90
N ASN C 24 19.80 53.88 -12.06
CA ASN C 24 20.74 54.98 -12.20
C ASN C 24 20.41 55.94 -13.34
N GLY C 25 21.09 57.09 -13.34
CA GLY C 25 21.01 58.10 -14.41
C GLY C 25 19.71 58.26 -15.17
N LEU C 26 18.60 58.33 -14.44
CA LEU C 26 17.28 58.46 -15.06
C LEU C 26 17.09 59.83 -15.69
N TRP C 27 16.79 59.83 -16.99
CA TRP C 27 16.52 61.06 -17.75
C TRP C 27 15.70 60.75 -18.98
N TYR C 28 15.25 61.78 -19.69
CA TYR C 28 14.41 61.60 -20.88
C TYR C 28 14.83 62.44 -22.09
N ASP C 29 14.97 61.76 -23.23
CA ASP C 29 15.39 62.42 -24.48
C ASP C 29 14.17 62.99 -25.19
N GLU C 30 14.07 64.32 -25.16
CA GLU C 30 12.91 65.02 -25.71
C GLU C 30 12.77 64.89 -27.23
N LYS C 31 13.87 65.07 -27.96
CA LYS C 31 13.81 65.08 -29.42
C LYS C 31 13.73 63.67 -30.01
N ASP C 32 14.16 62.68 -29.24
CA ASP C 32 14.16 61.29 -29.70
C ASP C 32 12.97 60.51 -29.14
N ALA C 33 12.28 61.11 -28.16
CA ALA C 33 11.15 60.49 -27.46
C ALA C 33 11.51 59.17 -26.78
N LYS C 34 12.67 59.15 -26.13
CA LYS C 34 13.20 57.94 -25.49
C LYS C 34 13.45 58.13 -24.00
N TRP C 35 12.91 57.22 -23.19
CA TRP C 35 13.19 57.16 -21.76
C TRP C 35 14.46 56.37 -21.57
N HIS C 36 15.32 56.84 -20.67
CA HIS C 36 16.58 56.16 -20.42
C HIS C 36 16.64 55.58 -19.03
N LEU C 37 16.88 54.28 -18.96
CA LEU C 37 17.09 53.58 -17.70
C LEU C 37 18.51 53.02 -17.63
N TYR C 38 19.25 53.46 -16.63
CA TYR C 38 20.55 52.90 -16.30
C TYR C 38 20.41 52.16 -14.98
N PHE C 39 21.31 51.22 -14.70
CA PHE C 39 21.22 50.42 -13.48
C PHE C 39 22.55 49.79 -13.09
N GLN C 40 22.71 49.58 -11.78
CA GLN C 40 23.82 48.80 -11.24
C GLN C 40 23.75 47.40 -11.86
N TYR C 41 24.84 46.96 -12.45
CA TYR C 41 24.81 45.75 -13.26
C TYR C 41 26.09 44.96 -13.20
N ASN C 42 25.95 43.68 -12.86
CA ASN C 42 27.05 42.72 -12.93
C ASN C 42 26.75 41.65 -13.97
N PRO C 43 27.34 41.78 -15.17
CA PRO C 43 27.00 40.89 -16.28
C PRO C 43 27.57 39.49 -16.12
N ASN C 44 28.63 39.36 -15.32
CA ASN C 44 29.36 38.11 -15.17
C ASN C 44 28.59 37.10 -14.34
N ASP C 45 28.53 37.32 -13.03
CA ASP C 45 27.78 36.43 -12.16
C ASP C 45 26.31 36.83 -12.07
N THR C 46 25.53 36.04 -11.34
CA THR C 46 24.11 36.27 -11.14
C THR C 46 23.84 36.81 -9.71
N VAL C 47 24.91 37.31 -9.09
CA VAL C 47 24.86 38.05 -7.83
C VAL C 47 25.73 39.31 -7.94
N TRP C 48 25.67 40.15 -6.91
CA TRP C 48 26.48 41.37 -6.84
C TRP C 48 27.95 41.06 -6.81
N GLY C 49 28.75 41.91 -7.45
CA GLY C 49 30.20 41.72 -7.51
C GLY C 49 30.91 42.77 -8.34
N THR C 50 32.20 42.99 -8.05
CA THR C 50 33.03 43.94 -8.77
C THR C 50 33.88 43.18 -9.78
N PRO C 51 34.01 43.70 -11.02
CA PRO C 51 33.60 45.01 -11.52
C PRO C 51 32.10 45.19 -11.61
N LEU C 52 31.63 46.38 -11.27
CA LEU C 52 30.21 46.71 -11.33
C LEU C 52 30.00 47.82 -12.35
N PHE C 53 29.03 47.62 -13.23
CA PHE C 53 28.81 48.51 -14.38
C PHE C 53 27.48 49.25 -14.32
N TRP C 54 27.34 50.23 -15.21
CA TRP C 54 26.07 50.87 -15.48
C TRP C 54 25.47 50.22 -16.69
N GLY C 55 24.44 49.40 -16.47
CA GLY C 55 23.67 48.81 -17.54
C GLY C 55 22.78 49.87 -18.16
N HIS C 56 22.27 49.61 -19.36
CA HIS C 56 21.50 50.61 -20.09
C HIS C 56 20.37 50.01 -20.86
N ALA C 57 19.17 50.55 -20.67
CA ALA C 57 17.98 50.12 -21.39
C ALA C 57 17.10 51.32 -21.72
N THR C 58 16.53 51.31 -22.92
CA THR C 58 15.70 52.41 -23.38
C THR C 58 14.26 51.98 -23.62
N SER C 59 13.33 52.92 -23.43
CA SER C 59 11.92 52.69 -23.69
C SER C 59 11.28 53.98 -24.20
N ASP C 60 10.11 53.84 -24.82
CA ASP C 60 9.34 55.02 -25.22
C ASP C 60 7.93 55.02 -24.63
N ASP C 61 7.66 54.06 -23.74
CA ASP C 61 6.39 54.00 -23.03
C ASP C 61 6.54 53.60 -21.55
N LEU C 62 7.78 53.36 -21.15
CA LEU C 62 8.14 52.98 -19.77
C LEU C 62 7.62 51.58 -19.35
N THR C 63 7.03 50.85 -20.29
CA THR C 63 6.54 49.51 -20.01
C THR C 63 7.27 48.44 -20.85
N ASN C 64 7.76 48.83 -22.02
CA ASN C 64 8.51 47.94 -22.90
C ASN C 64 9.92 48.45 -23.17
N TRP C 65 10.91 47.58 -22.99
CA TRP C 65 12.31 47.99 -22.98
C TRP C 65 13.15 47.39 -24.08
N GLU C 66 14.21 48.10 -24.46
CA GLU C 66 15.23 47.60 -25.38
C GLU C 66 16.57 47.59 -24.67
N ASP C 67 17.27 46.46 -24.71
CA ASP C 67 18.60 46.36 -24.14
C ASP C 67 19.61 47.20 -24.92
N GLN C 68 20.57 47.77 -24.19
CA GLN C 68 21.64 48.56 -24.79
C GLN C 68 22.98 48.15 -24.20
N PRO C 69 24.08 48.35 -24.93
CA PRO C 69 25.42 48.09 -24.42
C PRO C 69 25.74 48.82 -23.12
N ILE C 70 26.58 48.21 -22.28
CA ILE C 70 27.05 48.78 -21.01
C ILE C 70 27.43 50.26 -21.19
N ALA C 71 26.91 51.11 -20.32
CA ALA C 71 27.09 52.56 -20.46
C ALA C 71 28.35 53.11 -19.78
N ILE C 72 28.63 52.64 -18.56
CA ILE C 72 29.79 53.09 -17.79
C ILE C 72 30.53 51.90 -17.19
N ALA C 73 31.86 51.97 -17.18
CA ALA C 73 32.69 50.92 -16.60
C ALA C 73 33.78 51.52 -15.71
N PRO C 74 34.13 50.84 -14.60
CA PRO C 74 35.27 51.29 -13.80
C PRO C 74 36.59 50.93 -14.47
N LYS C 75 37.59 51.79 -14.33
CA LYS C 75 38.93 51.48 -14.82
C LYS C 75 39.47 50.17 -14.24
N ARG C 76 39.14 49.92 -12.97
CA ARG C 76 39.71 48.79 -12.22
C ARG C 76 38.71 47.66 -11.95
N ASN C 77 39.23 46.43 -11.90
CA ASN C 77 38.48 45.25 -11.46
C ASN C 77 38.14 45.30 -9.98
N ASP C 78 39.10 45.78 -9.16
CA ASP C 78 38.90 46.11 -7.75
C ASP C 78 37.66 46.96 -7.53
N SER C 79 37.46 47.89 -8.45
CA SER C 79 36.53 48.97 -8.27
C SER C 79 35.18 48.65 -8.89
N GLY C 80 34.28 49.63 -8.80
CA GLY C 80 32.97 49.57 -9.40
C GLY C 80 32.45 50.97 -9.68
N ALA C 81 31.63 51.08 -10.72
CA ALA C 81 30.94 52.33 -11.03
C ALA C 81 29.58 52.34 -10.36
N PHE C 82 29.54 52.78 -9.10
CA PHE C 82 28.35 52.73 -8.25
C PHE C 82 27.20 53.64 -8.72
N SER C 83 26.20 53.82 -7.87
CA SER C 83 25.00 54.60 -8.20
C SER C 83 25.26 56.08 -8.49
N GLY C 84 24.32 56.70 -9.19
CA GLY C 84 24.39 58.11 -9.53
C GLY C 84 23.24 58.51 -10.43
N SER C 85 23.24 59.78 -10.82
CA SER C 85 22.15 60.32 -11.62
C SER C 85 22.66 60.99 -12.89
N MET C 86 21.73 61.46 -13.71
CA MET C 86 22.05 62.21 -14.91
C MET C 86 21.36 63.56 -14.96
N VAL C 87 21.96 64.48 -15.72
CA VAL C 87 21.39 65.80 -15.98
C VAL C 87 21.53 66.10 -17.48
N VAL C 88 20.70 67.02 -17.97
CA VAL C 88 20.84 67.48 -19.34
C VAL C 88 21.33 68.93 -19.31
N ASP C 89 22.53 69.14 -19.86
CA ASP C 89 23.18 70.45 -19.85
C ASP C 89 22.82 71.25 -21.11
N TYR C 90 21.58 71.73 -21.15
CA TYR C 90 21.05 72.48 -22.30
C TYR C 90 21.98 73.61 -22.74
N ASN C 91 22.52 74.32 -21.76
CA ASN C 91 23.33 75.52 -22.00
C ASN C 91 24.84 75.27 -21.90
N ASN C 92 25.25 74.03 -22.13
CA ASN C 92 26.67 73.66 -22.16
C ASN C 92 27.52 74.26 -21.01
N THR C 93 26.94 74.30 -19.81
CA THR C 93 27.61 74.84 -18.62
C THR C 93 28.87 74.05 -18.24
N SER C 94 28.96 72.82 -18.74
CA SER C 94 30.12 71.96 -18.53
C SER C 94 31.17 72.18 -19.60
N GLY C 95 30.72 72.67 -20.76
CA GLY C 95 31.63 72.94 -21.88
C GLY C 95 32.07 71.72 -22.66
N PHE C 96 31.29 70.64 -22.59
CA PHE C 96 31.61 69.41 -23.30
C PHE C 96 30.99 69.35 -24.69
N PHE C 97 29.96 70.17 -24.93
CA PHE C 97 29.09 70.01 -26.09
C PHE C 97 29.24 71.11 -27.15
N ASN C 98 29.51 70.70 -28.38
CA ASN C 98 29.59 71.61 -29.53
C ASN C 98 28.20 72.01 -30.01
N ASP C 99 28.17 72.78 -31.06
CA ASP C 99 26.94 73.24 -31.60
C ASP C 99 26.42 72.23 -32.58
N THR C 100 27.14 71.13 -32.68
CA THR C 100 26.73 69.93 -33.42
C THR C 100 25.83 69.02 -32.56
N ILE C 101 25.98 69.13 -31.23
CA ILE C 101 25.19 68.35 -30.28
C ILE C 101 23.95 69.14 -29.88
N ASP C 102 22.77 68.54 -30.10
CA ASP C 102 21.49 69.13 -29.72
C ASP C 102 21.45 69.41 -28.22
N PRO C 103 20.92 70.58 -27.80
CA PRO C 103 20.80 70.92 -26.38
C PRO C 103 20.01 69.88 -25.59
N ARG C 104 18.96 69.34 -26.19
CA ARG C 104 18.07 68.36 -25.55
C ARG C 104 18.73 66.99 -25.37
N GLN C 105 19.95 66.84 -25.86
CA GLN C 105 20.61 65.55 -25.93
C GLN C 105 21.96 65.55 -25.20
N ARG C 106 22.18 66.55 -24.35
CA ARG C 106 23.48 66.78 -23.72
C ARG C 106 23.63 66.10 -22.35
N CYS C 107 23.92 64.79 -22.40
CA CYS C 107 23.99 63.94 -21.20
C CYS C 107 25.23 64.13 -20.37
N VAL C 108 25.04 64.31 -19.06
CA VAL C 108 26.15 64.26 -18.12
C VAL C 108 25.79 63.29 -16.99
N ALA C 109 26.52 62.18 -16.93
CA ALA C 109 26.40 61.23 -15.83
C ALA C 109 27.25 61.69 -14.64
N ILE C 110 26.68 61.61 -13.45
CA ILE C 110 27.40 61.89 -12.20
C ILE C 110 27.30 60.65 -11.34
N TRP C 111 28.44 60.05 -11.01
CA TRP C 111 28.46 58.73 -10.37
C TRP C 111 29.57 58.53 -9.37
N THR C 112 29.36 57.58 -8.45
CA THR C 112 30.34 57.28 -7.42
C THR C 112 31.28 56.17 -7.88
N TYR C 113 32.57 56.51 -7.97
CA TYR C 113 33.60 55.54 -8.27
C TYR C 113 34.07 54.91 -6.96
N ASN C 114 33.53 53.72 -6.63
CA ASN C 114 33.94 53.00 -5.44
C ASN C 114 35.16 52.13 -5.70
N THR C 115 36.22 52.39 -4.95
CA THR C 115 37.45 51.60 -4.99
C THR C 115 37.77 51.18 -3.55
N PRO C 116 38.45 50.03 -3.37
CA PRO C 116 38.78 49.57 -2.02
C PRO C 116 39.39 50.65 -1.11
N GLU C 117 40.07 51.63 -1.70
CA GLU C 117 40.72 52.69 -0.94
C GLU C 117 39.78 53.86 -0.60
N SER C 118 38.90 54.24 -1.54
CA SER C 118 38.00 55.38 -1.32
C SER C 118 36.77 55.39 -2.23
N GLU C 119 35.76 56.15 -1.82
CA GLU C 119 34.59 56.45 -2.65
C GLU C 119 34.59 57.92 -3.01
N GLU C 120 34.52 58.22 -4.31
CA GLU C 120 34.59 59.59 -4.83
C GLU C 120 33.53 59.82 -5.91
N GLN C 121 33.35 61.07 -6.32
CA GLN C 121 32.35 61.40 -7.34
C GLN C 121 33.02 61.75 -8.68
N TYR C 122 32.58 61.08 -9.73
CA TYR C 122 33.09 61.30 -11.08
C TYR C 122 31.98 61.84 -11.97
N ILE C 123 32.35 62.39 -13.12
CA ILE C 123 31.36 62.72 -14.14
C ILE C 123 31.74 62.22 -15.52
N SER C 124 30.74 61.98 -16.37
CA SER C 124 30.95 61.53 -17.73
C SER C 124 29.96 62.19 -18.70
N TYR C 125 30.37 62.35 -19.95
CA TYR C 125 29.54 63.02 -20.94
C TYR C 125 29.31 62.13 -22.17
N SER C 126 28.19 62.37 -22.86
CA SER C 126 27.83 61.59 -24.05
C SER C 126 27.58 62.50 -25.24
N LEU C 127 28.09 62.09 -26.39
CA LEU C 127 27.94 62.88 -27.61
C LEU C 127 26.97 62.25 -28.63
N ASP C 128 26.39 61.11 -28.27
CA ASP C 128 25.48 60.37 -29.15
C ASP C 128 24.08 60.13 -28.57
N GLY C 129 23.76 60.86 -27.49
CA GLY C 129 22.42 60.81 -26.91
C GLY C 129 22.28 59.85 -25.74
N GLY C 130 23.40 59.57 -25.07
CA GLY C 130 23.39 58.78 -23.84
C GLY C 130 23.59 57.28 -23.99
N TYR C 131 24.30 56.87 -25.05
CA TYR C 131 24.60 55.45 -25.26
C TYR C 131 26.05 55.13 -24.93
N THR C 132 26.96 55.97 -25.41
CA THR C 132 28.38 55.87 -25.08
C THR C 132 28.82 57.08 -24.24
N PHE C 133 29.68 56.82 -23.26
CA PHE C 133 30.11 57.85 -22.31
C PHE C 133 31.62 57.94 -22.14
N THR C 134 32.15 59.16 -22.14
CA THR C 134 33.57 59.39 -21.86
C THR C 134 33.72 60.13 -20.52
N GLU C 135 34.70 59.70 -19.72
CA GLU C 135 34.99 60.36 -18.44
C GLU C 135 35.49 61.79 -18.62
N TYR C 136 35.24 62.62 -17.61
CA TYR C 136 35.85 63.94 -17.53
C TYR C 136 37.33 63.78 -17.19
N GLN C 137 38.19 64.49 -17.91
CA GLN C 137 39.63 64.28 -17.81
C GLN C 137 40.24 64.43 -16.43
N LYS C 138 39.59 65.23 -15.56
CA LYS C 138 40.14 65.52 -14.25
C LYS C 138 39.31 64.99 -13.07
N ASN C 139 38.61 63.88 -13.29
CA ASN C 139 37.87 63.18 -12.23
C ASN C 139 38.81 62.78 -11.08
N PRO C 140 38.36 62.91 -9.82
CA PRO C 140 37.01 63.23 -9.34
C PRO C 140 36.60 64.69 -9.53
N VAL C 141 35.30 64.94 -9.42
CA VAL C 141 34.79 66.30 -9.32
C VAL C 141 34.38 66.62 -7.88
N LEU C 142 34.47 65.60 -7.01
CA LEU C 142 34.22 65.77 -5.58
C LEU C 142 34.79 64.60 -4.80
N ALA C 143 35.74 64.90 -3.91
CA ALA C 143 36.31 63.90 -3.00
C ALA C 143 36.33 64.48 -1.60
N ALA C 144 35.81 63.71 -0.64
CA ALA C 144 35.77 64.16 0.74
C ALA C 144 36.61 63.27 1.65
N ASN C 145 37.66 62.68 1.07
CA ASN C 145 38.58 61.80 1.79
C ASN C 145 37.84 60.74 2.64
N SER C 146 37.01 59.95 1.97
CA SER C 146 36.12 59.01 2.64
C SER C 146 35.95 57.67 1.90
N THR C 147 35.48 56.66 2.63
CA THR C 147 35.10 55.38 2.04
C THR C 147 33.58 55.19 2.09
N GLN C 148 32.88 56.19 2.63
CA GLN C 148 31.42 56.17 2.78
C GLN C 148 30.82 57.46 2.27
N PHE C 149 30.96 57.68 0.96
CA PHE C 149 30.55 58.92 0.32
C PHE C 149 30.10 58.60 -1.11
N ARG C 150 28.79 58.50 -1.31
CA ARG C 150 28.26 57.97 -2.57
C ARG C 150 26.86 58.45 -2.97
N ASP C 151 26.44 58.01 -4.15
CA ASP C 151 25.07 58.18 -4.67
C ASP C 151 24.66 59.64 -4.92
N PRO C 152 25.30 60.30 -5.91
CA PRO C 152 24.99 61.70 -6.17
C PRO C 152 23.78 61.89 -7.09
N LYS C 153 22.73 62.49 -6.54
CA LYS C 153 21.57 62.91 -7.33
C LYS C 153 21.61 64.42 -7.49
N VAL C 154 21.49 64.89 -8.73
CA VAL C 154 21.66 66.31 -9.03
C VAL C 154 20.53 66.86 -9.91
N PHE C 155 20.10 68.07 -9.57
CA PHE C 155 19.04 68.78 -10.29
C PHE C 155 19.42 70.24 -10.52
N TRP C 156 18.66 70.92 -11.39
CA TRP C 156 18.89 72.33 -11.69
C TRP C 156 17.99 73.23 -10.89
N TYR C 157 18.59 74.16 -10.16
CA TYR C 157 17.83 75.13 -9.37
C TYR C 157 17.89 76.51 -10.03
N GLU C 158 16.78 76.88 -10.68
CA GLU C 158 16.66 78.13 -11.43
C GLU C 158 17.03 79.40 -10.63
N PRO C 159 16.35 79.66 -9.50
CA PRO C 159 16.60 80.88 -8.71
C PRO C 159 18.07 81.22 -8.49
N SER C 160 18.84 80.27 -7.97
CA SER C 160 20.26 80.51 -7.67
C SER C 160 21.18 80.22 -8.85
N GLN C 161 20.61 79.71 -9.93
CA GLN C 161 21.32 79.41 -11.18
C GLN C 161 22.47 78.40 -11.00
N LYS C 162 22.17 77.33 -10.25
CA LYS C 162 23.17 76.32 -9.89
C LYS C 162 22.68 74.90 -10.16
N TRP C 163 23.62 73.96 -10.29
CA TRP C 163 23.32 72.55 -10.17
C TRP C 163 23.40 72.22 -8.71
N ILE C 164 22.40 71.51 -8.21
CA ILE C 164 22.39 71.13 -6.80
C ILE C 164 22.53 69.62 -6.68
N MET C 165 23.57 69.19 -5.97
CA MET C 165 23.81 67.76 -5.72
C MET C 165 23.48 67.39 -4.29
N THR C 166 22.58 66.43 -4.15
CA THR C 166 22.30 65.81 -2.86
C THR C 166 22.95 64.43 -2.85
N ALA C 167 23.97 64.26 -1.99
CA ALA C 167 24.71 63.02 -1.88
C ALA C 167 24.87 62.60 -0.43
N ALA C 168 25.11 61.30 -0.23
CA ALA C 168 25.07 60.72 1.11
C ALA C 168 26.45 60.43 1.71
N LYS C 169 26.69 60.99 2.89
CA LYS C 169 27.81 60.61 3.72
C LYS C 169 27.36 59.41 4.55
N SER C 170 27.15 58.30 3.85
CA SER C 170 26.40 57.11 4.33
C SER C 170 26.44 56.80 5.82
N GLN C 171 27.62 56.44 6.33
CA GLN C 171 27.73 55.98 7.72
C GLN C 171 27.91 57.11 8.72
N ASP C 172 27.84 58.35 8.22
CA ASP C 172 27.82 59.53 9.07
C ASP C 172 26.38 60.04 9.26
N TYR C 173 25.43 59.27 8.71
CA TYR C 173 24.00 59.59 8.78
C TYR C 173 23.70 61.01 8.31
N LYS C 174 24.50 61.46 7.35
CA LYS C 174 24.48 62.83 6.87
C LYS C 174 24.24 62.83 5.38
N ILE C 175 23.35 63.69 4.92
CA ILE C 175 23.19 63.91 3.47
C ILE C 175 23.57 65.35 3.11
N GLU C 176 24.75 65.48 2.51
CA GLU C 176 25.33 66.77 2.22
C GLU C 176 24.79 67.35 0.92
N ILE C 177 24.55 68.65 0.92
CA ILE C 177 24.08 69.37 -0.27
C ILE C 177 25.19 70.23 -0.86
N TYR C 178 25.55 69.94 -2.11
CA TYR C 178 26.59 70.67 -2.82
C TYR C 178 26.01 71.51 -3.96
N SER C 179 26.73 72.56 -4.35
CA SER C 179 26.32 73.42 -5.45
C SER C 179 27.46 73.68 -6.44
N SER C 180 27.12 73.76 -7.71
CA SER C 180 28.05 74.26 -8.72
C SER C 180 27.30 74.82 -9.91
N ASP C 181 27.85 75.87 -10.51
CA ASP C 181 27.34 76.36 -11.78
C ASP C 181 28.13 75.72 -12.89
N ASP C 182 29.23 75.08 -12.52
CA ASP C 182 30.15 74.48 -13.49
C ASP C 182 29.93 72.99 -13.67
N LEU C 183 29.65 72.29 -12.58
CA LEU C 183 29.47 70.85 -12.59
C LEU C 183 30.77 70.09 -12.33
N LYS C 184 31.89 70.80 -12.33
CA LYS C 184 33.18 70.20 -12.05
C LYS C 184 33.78 70.69 -10.74
N SER C 185 33.34 71.86 -10.29
CA SER C 185 33.71 72.42 -8.99
C SER C 185 32.51 72.49 -8.07
N TRP C 186 32.51 71.67 -7.03
CA TRP C 186 31.36 71.60 -6.12
C TRP C 186 31.65 72.23 -4.79
N LYS C 187 30.64 72.92 -4.25
CA LYS C 187 30.75 73.65 -3.00
C LYS C 187 29.72 73.17 -1.98
N LEU C 188 30.20 72.71 -0.82
CA LEU C 188 29.33 72.26 0.26
C LEU C 188 28.48 73.42 0.78
N GLU C 189 27.16 73.25 0.74
CA GLU C 189 26.23 74.31 1.15
C GLU C 189 25.60 74.05 2.50
N SER C 190 25.23 72.80 2.76
CA SER C 190 24.57 72.41 4.00
C SER C 190 24.57 70.90 4.22
N ALA C 191 24.22 70.49 5.43
CA ALA C 191 24.10 69.07 5.77
C ALA C 191 22.71 68.76 6.33
N PHE C 192 22.17 67.61 5.98
CA PHE C 192 20.92 67.16 6.54
C PHE C 192 20.96 65.66 6.63
N ALA C 193 20.83 65.09 7.82
CA ALA C 193 21.14 65.72 9.09
C ALA C 193 21.31 64.56 10.02
N ASN C 194 20.30 64.29 10.83
CA ASN C 194 20.13 63.00 11.48
C ASN C 194 18.66 62.69 11.51
N GLU C 195 18.08 62.50 10.33
CA GLU C 195 16.63 62.44 10.15
C GLU C 195 15.84 61.26 10.74
N GLY C 196 16.39 60.06 10.66
CA GLY C 196 15.70 58.88 11.21
C GLY C 196 14.47 58.42 10.44
N PHE C 197 14.22 57.11 10.38
CA PHE C 197 15.08 56.10 11.01
C PHE C 197 16.45 56.05 10.35
N LEU C 198 17.48 55.98 11.19
CA LEU C 198 18.86 55.97 10.75
C LEU C 198 19.27 54.60 10.20
N GLY C 199 19.15 53.59 11.05
CA GLY C 199 19.55 52.24 10.69
C GLY C 199 21.05 52.12 10.76
N TYR C 200 21.68 51.93 9.60
CA TYR C 200 23.11 51.66 9.50
C TYR C 200 23.77 52.66 8.56
N GLN C 201 23.00 53.17 7.60
CA GLN C 201 23.52 54.00 6.51
C GLN C 201 22.45 54.86 5.87
N TYR C 202 22.87 55.98 5.32
CA TYR C 202 22.06 56.75 4.39
C TYR C 202 22.52 56.38 2.97
N GLU C 203 21.58 55.93 2.13
CA GLU C 203 21.90 55.61 0.73
C GLU C 203 20.92 56.27 -0.24
N CYS C 204 21.35 56.41 -1.49
CA CYS C 204 20.53 56.96 -2.58
C CYS C 204 19.58 58.09 -2.19
N PRO C 205 20.13 59.28 -1.85
CA PRO C 205 19.25 60.42 -1.56
C PRO C 205 18.71 61.05 -2.83
N GLY C 206 17.54 61.67 -2.72
CA GLY C 206 16.89 62.33 -3.84
C GLY C 206 16.13 63.56 -3.37
N LEU C 207 16.08 64.59 -4.21
CA LEU C 207 15.44 65.85 -3.85
C LEU C 207 14.65 66.40 -5.03
N ILE C 208 13.33 66.47 -4.87
CA ILE C 208 12.48 66.84 -6.00
C ILE C 208 11.22 67.63 -5.59
N GLU C 209 10.86 68.60 -6.42
CA GLU C 209 9.59 69.29 -6.31
C GLU C 209 8.49 68.37 -6.80
N VAL C 210 7.54 68.09 -5.92
CA VAL C 210 6.43 67.20 -6.24
C VAL C 210 5.12 68.00 -6.20
N PRO C 211 4.43 68.07 -7.33
CA PRO C 211 3.22 68.87 -7.46
C PRO C 211 2.13 68.38 -6.52
N THR C 212 1.44 69.31 -5.87
CA THR C 212 0.36 68.97 -4.97
C THR C 212 -0.85 68.42 -5.71
N GLU C 213 -1.49 67.42 -5.11
CA GLU C 213 -2.73 66.90 -5.67
C GLU C 213 -3.81 67.95 -5.45
N GLN C 214 -4.89 67.90 -6.21
CA GLN C 214 -5.96 68.89 -6.08
C GLN C 214 -5.57 70.26 -6.63
N ASP C 215 -4.46 70.81 -6.17
CA ASP C 215 -3.89 71.95 -6.87
C ASP C 215 -2.53 71.62 -7.46
N PRO C 216 -2.46 71.53 -8.79
CA PRO C 216 -1.21 71.29 -9.50
C PRO C 216 -0.21 72.44 -9.39
N SER C 217 -0.74 73.65 -9.47
CA SER C 217 0.06 74.87 -9.54
C SER C 217 1.05 74.92 -8.39
N LYS C 218 0.61 74.56 -7.19
CA LYS C 218 1.47 74.47 -6.01
C LYS C 218 2.32 73.19 -6.01
N SER C 219 3.39 73.20 -5.22
CA SER C 219 4.24 72.03 -4.99
C SER C 219 5.17 72.23 -3.80
N TYR C 220 5.53 71.14 -3.13
CA TYR C 220 6.52 71.19 -2.03
C TYR C 220 7.69 70.26 -2.34
N TRP C 221 8.77 70.41 -1.59
CA TRP C 221 9.98 69.60 -1.81
C TRP C 221 9.96 68.34 -1.04
N VAL C 222 10.41 67.26 -1.68
CA VAL C 222 10.48 65.96 -1.03
C VAL C 222 11.92 65.45 -1.00
N MET C 223 12.33 64.95 0.17
CA MET C 223 13.64 64.33 0.34
C MET C 223 13.48 62.82 0.49
N PHE C 224 14.10 62.07 -0.42
CA PHE C 224 14.11 60.61 -0.37
C PHE C 224 15.42 60.09 0.22
N ILE C 225 15.31 59.29 1.27
CA ILE C 225 16.46 58.56 1.80
C ILE C 225 16.14 57.07 1.89
N SER C 226 17.06 56.24 1.40
CA SER C 226 16.92 54.79 1.53
C SER C 226 18.00 54.30 2.48
N ILE C 227 17.64 53.36 3.34
CA ILE C 227 18.56 52.83 4.35
C ILE C 227 18.62 51.31 4.31
N ASN C 228 19.80 50.76 4.59
CA ASN C 228 20.06 49.31 4.59
C ASN C 228 21.48 49.01 5.07
N PRO C 229 21.64 48.05 6.00
CA PRO C 229 20.60 47.32 6.73
C PRO C 229 19.98 48.18 7.83
N GLY C 230 19.04 47.61 8.59
CA GLY C 230 18.50 48.28 9.76
C GLY C 230 17.12 48.87 9.61
N ALA C 231 16.43 48.57 8.51
CA ALA C 231 15.03 48.94 8.34
C ALA C 231 14.18 48.41 9.51
N PRO C 232 13.10 49.12 9.88
CA PRO C 232 12.29 48.69 11.03
C PRO C 232 11.64 47.33 10.81
N ALA C 233 11.25 47.08 9.55
CA ALA C 233 10.68 45.80 9.13
C ALA C 233 11.78 44.77 8.84
N GLY C 234 13.03 45.21 8.95
CA GLY C 234 14.18 44.35 8.70
C GLY C 234 14.76 44.58 7.31
N GLY C 235 16.08 44.73 7.25
CA GLY C 235 16.79 44.85 5.98
C GLY C 235 16.80 46.23 5.37
N SER C 236 16.11 46.36 4.23
CA SER C 236 16.12 47.59 3.43
C SER C 236 14.74 48.25 3.35
N PHE C 237 14.71 49.57 3.14
CA PHE C 237 13.47 50.29 2.86
C PHE C 237 13.72 51.74 2.45
N ASN C 238 12.70 52.38 1.89
CA ASN C 238 12.82 53.73 1.39
C ASN C 238 11.91 54.70 2.16
N GLN C 239 12.50 55.71 2.78
CA GLN C 239 11.75 56.72 3.53
C GLN C 239 11.71 58.06 2.79
N TYR C 240 10.80 58.94 3.21
CA TYR C 240 10.71 60.27 2.62
C TYR C 240 10.36 61.35 3.63
N PHE C 241 10.61 62.60 3.25
CA PHE C 241 10.30 63.78 4.06
C PHE C 241 9.64 64.81 3.15
N VAL C 242 8.59 65.46 3.63
CA VAL C 242 7.96 66.56 2.89
C VAL C 242 8.29 67.88 3.56
N GLY C 243 8.79 68.84 2.78
CA GLY C 243 9.18 70.14 3.33
C GLY C 243 9.52 71.18 2.27
N SER C 244 10.51 72.01 2.58
CA SER C 244 10.86 73.12 1.70
C SER C 244 12.36 73.24 1.44
N PHE C 245 12.71 73.69 0.23
CA PHE C 245 14.08 73.89 -0.18
C PHE C 245 14.32 75.34 -0.58
N ASN C 246 15.31 75.97 0.05
CA ASN C 246 15.61 77.39 -0.18
C ASN C 246 16.72 77.66 -1.20
N GLY C 247 17.49 76.62 -1.52
CA GLY C 247 18.62 76.76 -2.43
C GLY C 247 19.89 76.17 -1.84
N THR C 248 19.91 76.04 -0.50
CA THR C 248 21.04 75.42 0.19
C THR C 248 20.58 74.39 1.23
N HIS C 249 19.66 74.78 2.10
CA HIS C 249 19.18 73.92 3.18
C HIS C 249 17.83 73.30 2.87
N PHE C 250 17.60 72.10 3.39
CA PHE C 250 16.29 71.48 3.35
C PHE C 250 15.72 71.33 4.76
N GLU C 251 14.43 71.65 4.89
CA GLU C 251 13.69 71.50 6.15
C GLU C 251 12.36 70.83 5.89
N ALA C 252 12.10 69.75 6.62
CA ALA C 252 10.79 69.10 6.57
C ALA C 252 9.81 69.92 7.39
N PHE C 253 8.59 70.07 6.88
CA PHE C 253 7.55 70.84 7.57
C PHE C 253 7.44 70.50 9.06
N ASP C 254 7.63 69.22 9.39
CA ASP C 254 7.76 68.78 10.78
C ASP C 254 8.81 67.67 10.91
N ASN C 255 9.29 67.48 12.14
CA ASN C 255 10.09 66.32 12.49
C ASN C 255 9.16 65.10 12.41
N GLN C 256 9.37 64.24 11.42
CA GLN C 256 8.49 63.10 11.16
C GLN C 256 9.06 62.12 10.15
N SER C 257 8.96 60.83 10.46
CA SER C 257 9.34 59.76 9.53
C SER C 257 8.10 59.23 8.83
N ARG C 258 8.29 58.81 7.58
CA ARG C 258 7.25 58.20 6.75
C ARG C 258 7.92 57.27 5.73
N VAL C 259 7.25 56.19 5.35
CA VAL C 259 7.85 55.24 4.40
C VAL C 259 7.20 55.37 3.01
N VAL C 260 8.02 55.23 1.96
CA VAL C 260 7.53 55.34 0.59
C VAL C 260 6.69 54.11 0.23
N ASP C 261 7.25 52.93 0.48
CA ASP C 261 6.60 51.66 0.13
C ASP C 261 6.61 50.72 1.32
N PHE C 262 5.43 50.21 1.67
CA PHE C 262 5.28 49.37 2.85
C PHE C 262 5.62 47.92 2.56
N GLY C 263 5.64 47.57 1.28
CA GLY C 263 6.05 46.24 0.83
C GLY C 263 7.49 45.95 1.19
N LYS C 264 7.87 44.68 1.14
CA LYS C 264 9.20 44.25 1.55
C LYS C 264 10.26 44.46 0.45
N ASP C 265 9.83 44.76 -0.77
CA ASP C 265 10.74 44.82 -1.91
C ASP C 265 10.61 46.10 -2.70
N TYR C 266 11.17 47.18 -2.16
CA TYR C 266 11.14 48.50 -2.80
C TYR C 266 12.26 49.38 -2.25
N TYR C 267 13.32 49.54 -3.03
CA TYR C 267 14.52 50.19 -2.53
C TYR C 267 15.23 51.00 -3.59
N ALA C 268 16.08 51.93 -3.12
CA ALA C 268 16.92 52.80 -3.95
C ALA C 268 16.14 53.54 -5.04
N LEU C 269 15.04 54.19 -4.62
CA LEU C 269 14.20 54.94 -5.54
C LEU C 269 14.93 56.18 -6.04
N GLN C 270 14.96 56.34 -7.35
CA GLN C 270 15.48 57.55 -7.97
C GLN C 270 14.40 58.09 -8.89
N THR C 271 14.26 59.41 -8.90
CA THR C 271 13.31 60.07 -9.78
C THR C 271 14.04 60.44 -11.07
N PHE C 272 13.28 60.54 -12.17
CA PHE C 272 13.83 61.02 -13.44
C PHE C 272 14.28 62.47 -13.32
N PHE C 273 15.19 62.88 -14.21
CA PHE C 273 15.64 64.26 -14.26
C PHE C 273 14.62 65.12 -14.99
N ASN C 274 13.98 64.55 -16.02
CA ASN C 274 12.92 65.22 -16.75
C ASN C 274 11.94 64.19 -17.30
N THR C 275 10.75 64.65 -17.70
CA THR C 275 9.74 63.74 -18.27
C THR C 275 9.10 64.26 -19.57
N ASP C 276 8.19 63.45 -20.09
CA ASP C 276 7.30 63.83 -21.18
C ASP C 276 5.92 64.08 -20.56
N PRO C 277 5.50 65.35 -20.45
CA PRO C 277 4.21 65.59 -19.80
C PRO C 277 3.11 66.08 -20.74
N THR C 278 2.04 65.32 -21.04
CA THR C 278 1.80 63.90 -20.72
C THR C 278 2.15 63.38 -19.31
N TYR C 279 2.87 62.26 -19.22
CA TYR C 279 3.23 61.59 -17.94
C TYR C 279 3.40 62.57 -16.77
N GLY C 280 4.26 63.57 -16.96
CA GLY C 280 4.41 64.70 -16.04
C GLY C 280 5.14 64.41 -14.74
N SER C 281 6.39 64.89 -14.63
CA SER C 281 7.18 64.70 -13.41
C SER C 281 6.47 65.33 -12.22
N ALA C 282 6.64 64.78 -11.01
CA ALA C 282 7.66 63.78 -10.67
C ALA C 282 7.34 62.34 -11.08
N LEU C 283 8.35 61.66 -11.63
CA LEU C 283 8.28 60.24 -11.98
C LEU C 283 9.47 59.50 -11.38
N GLY C 284 9.19 58.37 -10.71
CA GLY C 284 10.24 57.61 -10.03
C GLY C 284 10.11 56.11 -10.18
N ILE C 285 11.26 55.45 -10.33
CA ILE C 285 11.33 53.99 -10.41
C ILE C 285 12.25 53.47 -9.29
N ALA C 286 12.06 52.22 -8.89
CA ALA C 286 12.87 51.63 -7.82
C ALA C 286 13.22 50.17 -8.06
N TRP C 287 14.29 49.73 -7.39
CA TRP C 287 14.73 48.34 -7.45
C TRP C 287 13.87 47.51 -6.55
N ALA C 288 13.15 46.56 -7.12
CA ALA C 288 12.18 45.77 -6.38
C ALA C 288 12.76 44.51 -5.73
N SER C 289 13.36 44.71 -4.55
CA SER C 289 13.90 43.61 -3.75
C SER C 289 14.32 44.09 -2.35
N ASN C 290 14.86 43.16 -1.57
CA ASN C 290 15.33 43.46 -0.23
C ASN C 290 16.67 42.79 -0.01
N TRP C 291 17.68 43.59 0.28
CA TRP C 291 19.07 43.13 0.40
C TRP C 291 19.29 41.91 1.26
N GLU C 292 18.36 41.65 2.17
CA GLU C 292 18.45 40.46 3.04
C GLU C 292 18.50 39.14 2.26
N TYR C 293 17.70 39.04 1.21
CA TYR C 293 17.56 37.80 0.44
C TYR C 293 17.58 38.02 -1.07
N SER C 294 18.01 39.20 -1.51
CA SER C 294 18.02 39.57 -2.93
C SER C 294 18.91 38.68 -3.81
N ALA C 295 19.97 38.17 -3.21
CA ALA C 295 20.97 37.36 -3.93
C ALA C 295 20.65 35.86 -3.98
N PHE C 296 19.53 35.47 -3.36
CA PHE C 296 19.17 34.05 -3.26
C PHE C 296 17.83 33.70 -3.88
N VAL C 297 17.18 34.68 -4.49
CA VAL C 297 15.90 34.44 -5.15
C VAL C 297 16.07 33.50 -6.35
N PRO C 298 15.07 32.61 -6.59
CA PRO C 298 15.22 31.58 -7.62
C PRO C 298 14.85 32.08 -9.01
N THR C 299 15.75 32.85 -9.61
CA THR C 299 15.60 33.28 -10.99
C THR C 299 16.90 33.05 -11.77
N ASN C 300 16.76 32.68 -13.04
CA ASN C 300 17.88 32.41 -13.93
C ASN C 300 17.44 32.70 -15.35
N PRO C 301 18.33 33.28 -16.18
CA PRO C 301 19.73 33.61 -15.96
C PRO C 301 19.97 35.01 -15.38
N TRP C 302 18.92 35.62 -14.86
CA TRP C 302 19.00 36.97 -14.29
C TRP C 302 18.53 36.96 -12.87
N ARG C 303 18.84 38.04 -12.16
CA ARG C 303 18.24 38.30 -10.86
C ARG C 303 17.80 39.76 -10.76
N SER C 304 16.65 39.97 -10.13
CA SER C 304 16.11 41.31 -9.80
C SER C 304 15.34 41.97 -10.93
N SER C 305 14.16 42.47 -10.58
CA SER C 305 13.33 43.27 -11.45
C SER C 305 13.21 44.65 -10.86
N MET C 306 12.91 45.63 -11.71
CA MET C 306 12.61 46.96 -11.24
C MET C 306 11.11 47.02 -10.92
N SER C 307 10.69 48.03 -10.18
CA SER C 307 9.27 48.28 -9.99
C SER C 307 8.77 49.03 -11.22
N LEU C 308 7.48 49.35 -11.25
CA LEU C 308 6.93 50.21 -12.29
C LEU C 308 7.38 51.64 -12.01
N VAL C 309 7.40 52.45 -13.07
CA VAL C 309 7.61 53.88 -12.89
C VAL C 309 6.31 54.47 -12.33
N ARG C 310 6.44 55.37 -11.36
CA ARG C 310 5.26 55.90 -10.68
C ARG C 310 5.22 57.43 -10.75
N LYS C 311 4.03 57.97 -11.03
CA LYS C 311 3.80 59.41 -11.04
C LYS C 311 3.56 59.90 -9.62
N PHE C 312 4.48 60.71 -9.11
CA PHE C 312 4.37 61.24 -7.76
C PHE C 312 3.57 62.53 -7.70
N SER C 313 2.80 62.65 -6.62
CA SER C 313 2.02 63.85 -6.31
C SER C 313 1.81 63.89 -4.80
N LEU C 314 1.68 65.10 -4.25
CA LEU C 314 1.45 65.23 -2.82
C LEU C 314 -0.03 65.47 -2.52
N ASN C 315 -0.57 64.64 -1.62
CA ASN C 315 -1.96 64.74 -1.22
C ASN C 315 -1.99 65.38 0.18
N THR C 316 -2.39 66.64 0.23
CA THR C 316 -2.45 67.40 1.47
C THR C 316 -3.63 67.00 2.34
N GLU C 317 -4.67 66.47 1.71
CA GLU C 317 -5.92 66.16 2.40
C GLU C 317 -6.15 64.66 2.60
N TYR C 318 -5.06 63.91 2.77
CA TYR C 318 -5.15 62.47 3.02
C TYR C 318 -5.61 62.20 4.45
N GLN C 319 -6.76 61.53 4.58
CA GLN C 319 -7.31 61.14 5.89
C GLN C 319 -6.48 60.00 6.50
N ALA C 320 -5.38 60.37 7.16
CA ALA C 320 -4.49 59.41 7.81
C ALA C 320 -5.23 58.58 8.83
N ASN C 321 -6.18 59.22 9.51
CA ASN C 321 -7.13 58.56 10.39
C ASN C 321 -8.45 59.36 10.33
N PRO C 322 -9.48 58.97 11.12
CA PRO C 322 -10.74 59.69 10.96
C PRO C 322 -10.77 61.11 11.53
N GLU C 323 -9.73 61.50 12.28
CA GLU C 323 -9.67 62.87 12.85
C GLU C 323 -8.89 63.85 11.98
N THR C 324 -7.62 63.57 11.75
CA THR C 324 -6.72 64.53 11.11
C THR C 324 -6.29 64.15 9.69
N GLU C 325 -5.80 65.15 8.95
CA GLU C 325 -5.30 64.96 7.59
C GLU C 325 -3.80 65.24 7.57
N LEU C 326 -3.05 64.50 6.75
CA LEU C 326 -1.61 64.70 6.62
C LEU C 326 -1.23 64.90 5.17
N ILE C 327 -0.09 65.56 4.95
CA ILE C 327 0.50 65.67 3.62
C ILE C 327 1.12 64.32 3.29
N ASN C 328 0.47 63.57 2.41
CA ASN C 328 0.91 62.21 2.08
C ASN C 328 1.38 62.10 0.63
N LEU C 329 2.45 61.34 0.42
CA LEU C 329 2.94 61.08 -0.92
C LEU C 329 2.05 60.09 -1.64
N LYS C 330 1.65 60.46 -2.86
CA LYS C 330 0.79 59.63 -3.70
C LYS C 330 1.60 59.13 -4.89
N ALA C 331 1.56 57.83 -5.13
CA ALA C 331 2.30 57.22 -6.23
C ALA C 331 1.37 56.44 -7.13
N GLU C 332 1.21 56.91 -8.35
CA GLU C 332 0.31 56.27 -9.31
C GLU C 332 1.12 55.53 -10.36
N PRO C 333 0.64 54.35 -10.79
CA PRO C 333 1.44 53.52 -11.72
C PRO C 333 1.47 54.07 -13.15
N ILE C 334 2.61 53.91 -13.81
CA ILE C 334 2.72 54.16 -15.25
C ILE C 334 2.80 52.80 -15.93
N LEU C 335 1.76 52.48 -16.69
CA LEU C 335 1.68 51.21 -17.41
C LEU C 335 0.95 51.40 -18.74
N ASN C 336 1.70 51.38 -19.84
CA ASN C 336 1.09 51.35 -21.17
C ASN C 336 0.57 49.94 -21.44
N ILE C 337 -0.72 49.75 -21.15
CA ILE C 337 -1.34 48.43 -21.11
C ILE C 337 -1.08 47.65 -22.40
N SER C 338 -1.01 48.37 -23.52
CA SER C 338 -0.60 47.82 -24.81
C SER C 338 -1.72 47.02 -25.50
N ASN C 339 -1.97 45.80 -25.04
CA ASN C 339 -3.07 44.98 -25.55
C ASN C 339 -3.53 43.97 -24.48
N ALA C 340 -4.74 44.17 -24.00
CA ALA C 340 -5.28 43.39 -22.88
C ALA C 340 -6.80 43.31 -22.91
N GLY C 341 -7.37 42.61 -21.94
CA GLY C 341 -8.82 42.41 -21.83
C GLY C 341 -9.19 40.98 -22.14
N PRO C 342 -10.48 40.64 -21.99
CA PRO C 342 -11.51 41.51 -21.43
C PRO C 342 -11.59 41.37 -19.91
N TRP C 343 -12.33 42.27 -19.27
CA TRP C 343 -12.55 42.18 -17.84
C TRP C 343 -13.38 40.97 -17.50
N SER C 344 -13.19 40.48 -16.28
CA SER C 344 -14.10 39.50 -15.67
C SER C 344 -14.55 40.11 -14.36
N ARG C 345 -15.84 40.01 -14.02
CA ARG C 345 -16.30 40.55 -12.74
C ARG C 345 -17.17 39.65 -11.85
N PHE C 346 -17.26 40.04 -10.58
CA PHE C 346 -17.92 39.26 -9.52
C PHE C 346 -19.17 39.92 -8.96
N ALA C 347 -19.14 40.09 -7.64
CA ALA C 347 -20.25 40.54 -6.83
C ALA C 347 -20.55 42.03 -7.01
N THR C 348 -20.56 42.47 -8.27
CA THR C 348 -20.87 43.86 -8.58
C THR C 348 -22.13 44.29 -7.85
N ASN C 349 -21.95 45.27 -6.96
CA ASN C 349 -23.00 45.85 -6.13
C ASN C 349 -23.79 44.84 -5.28
N THR C 350 -23.08 43.92 -4.64
CA THR C 350 -23.69 42.97 -3.69
C THR C 350 -22.94 42.92 -2.34
N THR C 351 -23.62 42.43 -1.31
CA THR C 351 -22.94 42.18 -0.05
C THR C 351 -22.73 40.67 0.09
N LEU C 352 -21.47 40.26 0.17
CA LEU C 352 -21.14 38.84 0.23
C LEU C 352 -21.44 38.21 1.59
N THR C 353 -21.65 36.90 1.57
CA THR C 353 -21.91 36.15 2.76
C THR C 353 -20.94 34.99 2.84
N LYS C 354 -20.61 34.56 4.06
CA LYS C 354 -19.58 33.56 4.27
C LYS C 354 -19.94 32.24 3.62
N ALA C 355 -21.21 31.88 3.70
CA ALA C 355 -21.65 30.61 3.10
C ALA C 355 -21.16 30.42 1.66
N ASN C 356 -21.33 31.44 0.82
CA ASN C 356 -21.01 31.33 -0.62
C ASN C 356 -19.80 32.17 -1.09
N SER C 357 -19.01 31.61 -2.00
CA SER C 357 -17.77 32.23 -2.47
C SER C 357 -17.66 32.29 -3.99
N TYR C 358 -16.95 33.30 -4.49
CA TYR C 358 -16.81 33.55 -5.93
C TYR C 358 -15.50 33.05 -6.52
N ASN C 359 -15.53 32.69 -7.81
CA ASN C 359 -14.34 32.23 -8.54
C ASN C 359 -14.40 32.53 -10.04
N VAL C 360 -13.29 33.02 -10.57
CA VAL C 360 -13.03 32.97 -12.01
C VAL C 360 -11.63 32.44 -12.16
N ASP C 361 -11.48 31.32 -12.87
CA ASP C 361 -10.14 30.92 -13.26
C ASP C 361 -9.94 31.08 -14.76
N LEU C 362 -8.92 31.87 -15.09
CA LEU C 362 -8.52 32.18 -16.45
C LEU C 362 -7.57 31.09 -16.91
N SER C 363 -8.13 30.08 -17.59
CA SER C 363 -7.48 28.78 -17.83
C SER C 363 -6.11 28.84 -18.47
N ASN C 364 -5.81 29.94 -19.16
CA ASN C 364 -4.48 30.14 -19.73
C ASN C 364 -3.97 31.58 -19.59
N SER C 365 -3.92 32.06 -18.35
CA SER C 365 -3.32 33.35 -18.05
C SER C 365 -1.81 33.14 -18.11
N THR C 366 -1.13 34.11 -18.71
CA THR C 366 0.34 34.08 -18.82
C THR C 366 1.02 34.24 -17.47
N GLY C 367 0.23 34.46 -16.42
CA GLY C 367 0.79 34.68 -15.08
C GLY C 367 0.92 36.16 -14.74
N THR C 368 0.62 37.01 -15.71
CA THR C 368 0.57 38.45 -15.50
C THR C 368 -0.87 38.94 -15.68
N LEU C 369 -1.42 39.51 -14.62
CA LEU C 369 -2.78 40.06 -14.63
C LEU C 369 -2.96 41.20 -13.63
N GLU C 370 -3.97 42.04 -13.86
CA GLU C 370 -4.28 43.16 -12.96
C GLU C 370 -5.72 43.04 -12.47
N PHE C 371 -5.99 43.62 -11.31
CA PHE C 371 -7.32 43.60 -10.74
C PHE C 371 -7.70 44.94 -10.10
N GLU C 372 -8.98 45.25 -10.18
CA GLU C 372 -9.54 46.48 -9.65
C GLU C 372 -10.63 46.11 -8.66
N LEU C 373 -10.42 46.46 -7.38
CA LEU C 373 -11.37 46.10 -6.32
C LEU C 373 -11.77 47.31 -5.49
N VAL C 374 -13.07 47.55 -5.36
CA VAL C 374 -13.58 48.57 -4.45
C VAL C 374 -14.57 47.92 -3.49
N TYR C 375 -14.16 47.75 -2.23
CA TYR C 375 -15.02 47.15 -1.22
C TYR C 375 -15.47 48.16 -0.16
N ALA C 376 -16.38 47.74 0.71
CA ALA C 376 -16.90 48.60 1.77
C ALA C 376 -17.28 47.81 3.01
N VAL C 377 -16.73 48.20 4.14
CA VAL C 377 -17.08 47.63 5.42
C VAL C 377 -18.41 48.17 5.85
N ASN C 378 -19.20 47.37 6.54
CA ASN C 378 -20.50 47.83 6.97
C ASN C 378 -20.43 48.97 7.94
N THR C 379 -19.47 48.92 8.85
CA THR C 379 -19.27 49.99 9.81
C THR C 379 -20.33 49.98 10.87
N THR C 380 -21.59 50.06 10.46
CA THR C 380 -22.68 50.07 11.43
C THR C 380 -23.68 48.95 11.24
N GLN C 381 -23.76 48.09 12.25
CA GLN C 381 -22.73 48.02 13.27
C GLN C 381 -22.11 46.64 13.15
N THR C 382 -22.89 45.64 13.50
CA THR C 382 -22.56 44.26 13.21
C THR C 382 -21.58 43.82 14.27
N ILE C 383 -21.02 44.78 14.98
CA ILE C 383 -20.15 44.43 16.06
C ILE C 383 -19.17 43.39 15.54
N SER C 384 -19.16 42.24 16.18
CA SER C 384 -18.27 41.13 15.82
C SER C 384 -16.84 41.22 16.37
N LYS C 385 -16.44 40.26 17.21
CA LYS C 385 -15.02 39.98 17.49
C LYS C 385 -14.80 38.56 17.95
N SER C 386 -13.53 38.15 18.02
CA SER C 386 -13.11 36.76 18.24
C SER C 386 -13.30 35.92 16.98
N VAL C 387 -13.92 36.52 15.96
CA VAL C 387 -14.13 35.90 14.66
C VAL C 387 -13.33 36.68 13.63
N PHE C 388 -12.43 35.99 12.93
CA PHE C 388 -11.59 36.62 11.92
C PHE C 388 -12.43 37.19 10.78
N ALA C 389 -12.62 38.51 10.84
CA ALA C 389 -13.52 39.22 9.94
C ALA C 389 -12.82 39.69 8.68
N ASP C 390 -12.62 38.79 7.72
CA ASP C 390 -11.84 39.13 6.52
C ASP C 390 -12.61 39.05 5.20
N LEU C 391 -12.18 39.88 4.25
CA LEU C 391 -12.48 39.72 2.84
C LEU C 391 -11.18 39.29 2.20
N SER C 392 -11.14 38.08 1.66
CA SER C 392 -9.90 37.54 1.10
C SER C 392 -9.98 37.28 -0.38
N LEU C 393 -8.91 37.65 -1.08
CA LEU C 393 -8.69 37.25 -2.46
C LEU C 393 -7.66 36.13 -2.51
N TRP C 394 -7.94 35.09 -3.28
CA TRP C 394 -7.01 34.00 -3.45
C TRP C 394 -6.64 33.86 -4.89
N PHE C 395 -5.36 34.02 -5.19
CA PHE C 395 -4.86 33.75 -6.52
C PHE C 395 -4.24 32.35 -6.53
N LYS C 396 -5.13 31.37 -6.69
CA LYS C 396 -4.78 29.96 -6.68
C LYS C 396 -4.33 29.51 -8.07
N GLY C 397 -4.21 28.19 -8.24
CA GLY C 397 -3.94 27.57 -9.53
C GLY C 397 -2.48 27.73 -9.91
N LEU C 398 -2.15 27.40 -11.16
CA LEU C 398 -3.15 26.91 -12.13
C LEU C 398 -2.84 25.46 -12.54
N GLU C 399 -1.57 25.12 -12.60
CA GLU C 399 -1.13 23.73 -12.72
C GLU C 399 -1.27 23.06 -11.36
N ASP C 400 -1.04 23.86 -10.32
CA ASP C 400 -1.06 23.38 -8.95
C ASP C 400 -1.56 24.48 -8.01
N PRO C 401 -2.86 24.44 -7.65
CA PRO C 401 -3.35 25.24 -6.55
C PRO C 401 -2.70 24.73 -5.26
N GLU C 402 -3.12 25.22 -4.10
CA GLU C 402 -2.45 24.89 -2.85
C GLU C 402 -1.10 25.60 -2.85
N GLU C 403 -0.74 26.11 -4.02
CA GLU C 403 0.37 27.03 -4.19
C GLU C 403 -0.25 28.32 -4.71
N TYR C 404 -0.32 29.31 -3.85
CA TYR C 404 -1.18 30.45 -4.06
C TYR C 404 -0.71 31.62 -3.21
N LEU C 405 -1.08 32.84 -3.59
CA LEU C 405 -0.94 33.96 -2.67
C LEU C 405 -2.30 34.50 -2.23
N ARG C 406 -2.42 34.72 -0.93
CA ARG C 406 -3.63 35.22 -0.31
C ARG C 406 -3.43 36.67 0.10
N MET C 407 -4.48 37.46 -0.12
CA MET C 407 -4.50 38.85 0.31
C MET C 407 -5.93 39.31 0.53
N GLY C 408 -6.06 40.34 1.35
CA GLY C 408 -7.36 40.93 1.61
C GLY C 408 -7.31 41.86 2.79
N PHE C 409 -8.47 42.06 3.40
CA PHE C 409 -8.62 43.00 4.50
C PHE C 409 -9.32 42.31 5.65
N GLU C 410 -8.86 42.56 6.87
CA GLU C 410 -9.55 42.11 8.07
C GLU C 410 -9.99 43.31 8.88
N VAL C 411 -11.25 43.31 9.31
CA VAL C 411 -11.83 44.50 9.96
C VAL C 411 -11.20 44.82 11.30
N SER C 412 -11.05 43.80 12.15
CA SER C 412 -10.50 43.96 13.50
C SER C 412 -9.06 44.48 13.50
N ALA C 413 -8.29 44.15 12.45
CA ALA C 413 -6.92 44.64 12.32
C ALA C 413 -6.85 45.98 11.61
N SER C 414 -7.86 46.25 10.78
CA SER C 414 -7.93 47.45 9.93
C SER C 414 -6.71 47.58 8.99
N SER C 415 -6.23 46.43 8.52
CA SER C 415 -5.02 46.36 7.70
C SER C 415 -5.23 45.41 6.52
N PHE C 416 -4.57 45.71 5.39
CA PHE C 416 -4.59 44.84 4.21
C PHE C 416 -3.38 43.90 4.21
N PHE C 417 -3.64 42.60 4.35
CA PHE C 417 -2.59 41.59 4.49
C PHE C 417 -2.19 40.93 3.18
N LEU C 418 -0.98 40.38 3.15
CA LEU C 418 -0.51 39.57 2.03
C LEU C 418 0.23 38.33 2.55
N ASP C 419 -0.05 37.17 1.96
CA ASP C 419 0.60 35.92 2.39
C ASP C 419 1.34 35.26 1.21
N ARG C 420 2.62 35.60 1.07
CA ARG C 420 3.41 35.10 -0.04
C ARG C 420 4.17 33.81 0.25
N GLY C 421 3.79 33.15 1.35
CA GLY C 421 4.13 31.74 1.57
C GLY C 421 3.20 30.87 0.72
N ASN C 422 3.27 29.56 0.87
CA ASN C 422 2.47 28.61 0.06
C ASN C 422 2.82 28.68 -1.44
N SER C 423 3.95 28.12 -1.87
CA SER C 423 4.83 27.27 -1.10
C SER C 423 5.83 26.70 -2.07
N LYS C 424 6.38 25.54 -1.73
CA LYS C 424 7.38 24.85 -2.54
C LYS C 424 8.61 25.71 -2.71
N VAL C 425 9.17 25.81 -3.90
CA VAL C 425 10.17 26.83 -4.12
C VAL C 425 11.10 26.86 -2.92
N LYS C 426 12.04 25.94 -2.91
CA LYS C 426 12.71 25.57 -1.67
C LYS C 426 13.16 26.83 -0.98
N PHE C 427 13.60 27.81 -1.74
CA PHE C 427 13.99 29.09 -1.16
C PHE C 427 12.92 29.78 -0.31
N VAL C 428 11.67 29.78 -0.77
CA VAL C 428 10.57 30.34 0.01
C VAL C 428 10.30 29.58 1.32
N LYS C 429 10.36 28.25 1.24
CA LYS C 429 10.19 27.36 2.38
C LYS C 429 11.37 27.37 3.36
N GLU C 430 12.55 27.81 2.91
CA GLU C 430 13.79 27.65 3.70
C GLU C 430 14.52 28.93 4.08
N ASN C 431 14.51 29.93 3.21
CA ASN C 431 15.28 31.16 3.44
C ASN C 431 14.73 32.02 4.58
N PRO C 432 15.48 32.10 5.71
CA PRO C 432 14.97 32.70 6.95
C PRO C 432 14.77 34.23 6.87
N TYR C 433 15.08 34.84 5.74
CA TYR C 433 14.89 36.27 5.56
C TYR C 433 13.69 36.59 4.68
N PHE C 434 13.20 35.61 3.92
CA PHE C 434 12.06 35.83 3.02
C PHE C 434 10.73 35.82 3.77
N THR C 435 10.32 37.00 4.22
CA THR C 435 9.10 37.16 5.02
C THR C 435 7.87 36.65 4.27
N ASN C 436 7.03 35.92 4.97
CA ASN C 436 5.82 35.36 4.37
C ASN C 436 4.62 36.31 4.34
N ARG C 437 4.60 37.25 5.28
CA ARG C 437 3.39 38.05 5.56
C ARG C 437 3.69 39.51 5.92
N MET C 438 2.91 40.42 5.34
CA MET C 438 2.96 41.84 5.69
C MET C 438 1.60 42.52 5.50
N SER C 439 1.40 43.62 6.23
CA SER C 439 0.15 44.37 6.21
C SER C 439 0.40 45.77 5.69
N VAL C 440 -0.66 46.58 5.61
CA VAL C 440 -0.51 47.94 5.08
C VAL C 440 -1.20 49.04 5.90
N ASN C 441 -2.34 48.73 6.51
CA ASN C 441 -3.15 49.72 7.25
C ASN C 441 -3.69 50.84 6.34
N ASN C 442 -4.33 50.44 5.25
CA ASN C 442 -4.97 51.38 4.34
C ASN C 442 -6.24 51.99 4.95
N GLN C 443 -6.59 53.18 4.50
CA GLN C 443 -7.73 53.92 5.05
C GLN C 443 -8.84 54.10 4.00
N PRO C 444 -10.09 54.33 4.45
CA PRO C 444 -11.18 54.52 3.48
C PRO C 444 -10.99 55.80 2.69
N PHE C 445 -11.67 55.92 1.54
CA PHE C 445 -11.66 57.17 0.78
C PHE C 445 -12.93 57.98 0.93
N LYS C 446 -14.04 57.30 1.19
CA LYS C 446 -15.30 57.98 1.44
C LYS C 446 -16.19 57.07 2.25
N SER C 447 -17.15 57.66 2.96
CA SER C 447 -18.20 56.88 3.55
C SER C 447 -19.54 57.34 3.03
N GLU C 448 -20.21 56.45 2.29
CA GLU C 448 -21.62 56.61 1.99
C GLU C 448 -22.26 56.26 3.30
N ASN C 449 -23.53 56.59 3.46
CA ASN C 449 -24.20 56.41 4.73
C ASN C 449 -23.90 55.06 5.34
N ASP C 450 -23.39 55.03 6.53
CA ASP C 450 -23.10 53.80 7.28
C ASP C 450 -22.26 52.77 6.52
N LEU C 451 -21.29 53.26 5.77
CA LEU C 451 -20.37 52.38 5.06
C LEU C 451 -19.02 53.04 4.89
N SER C 452 -17.97 52.23 4.84
CA SER C 452 -16.62 52.75 4.60
C SER C 452 -16.01 52.14 3.34
N TYR C 453 -15.79 53.00 2.34
CA TYR C 453 -15.31 52.56 1.04
C TYR C 453 -13.79 52.58 0.95
N TYR C 454 -13.23 51.42 0.60
CA TYR C 454 -11.81 51.29 0.32
C TYR C 454 -11.65 50.87 -1.13
N LYS C 455 -10.58 51.32 -1.79
CA LYS C 455 -10.26 50.83 -3.13
C LYS C 455 -8.84 50.26 -3.21
N VAL C 456 -8.67 49.24 -4.05
CA VAL C 456 -7.38 48.60 -4.28
C VAL C 456 -7.19 48.31 -5.77
N TYR C 457 -6.08 48.79 -6.32
CA TYR C 457 -5.63 48.32 -7.62
C TYR C 457 -4.37 47.49 -7.41
N GLY C 458 -4.31 46.34 -8.07
CA GLY C 458 -3.17 45.45 -7.97
C GLY C 458 -2.75 44.90 -9.30
N LEU C 459 -1.44 44.68 -9.45
CA LEU C 459 -0.88 44.11 -10.67
C LEU C 459 0.07 42.97 -10.31
N LEU C 460 -0.23 41.78 -10.83
CA LEU C 460 0.63 40.61 -10.69
C LEU C 460 1.45 40.44 -11.95
N ASP C 461 2.75 40.31 -11.80
CA ASP C 461 3.63 40.14 -12.95
C ASP C 461 4.61 39.01 -12.79
N GLN C 462 4.10 37.79 -12.79
CA GLN C 462 4.92 36.59 -12.76
C GLN C 462 5.60 36.37 -11.42
N ASN C 463 6.47 37.29 -11.02
CA ASN C 463 7.14 37.15 -9.74
C ASN C 463 7.03 38.36 -8.81
N ILE C 464 6.25 39.35 -9.21
CA ILE C 464 6.13 40.58 -8.43
C ILE C 464 4.68 41.01 -8.26
N LEU C 465 4.35 41.60 -7.12
CA LEU C 465 3.01 42.16 -6.89
C LEU C 465 3.05 43.58 -6.31
N GLU C 466 2.31 44.47 -6.98
CA GLU C 466 2.19 45.85 -6.53
C GLU C 466 0.73 46.15 -6.18
N LEU C 467 0.52 46.67 -4.98
CA LEU C 467 -0.81 47.06 -4.53
C LEU C 467 -0.86 48.57 -4.42
N TYR C 468 -1.95 49.15 -4.94
CA TYR C 468 -2.15 50.59 -4.95
C TYR C 468 -3.43 50.95 -4.23
N PHE C 469 -3.29 51.36 -2.97
CA PHE C 469 -4.44 51.68 -2.13
C PHE C 469 -4.86 53.14 -2.30
N ASN C 470 -6.14 53.34 -2.60
CA ASN C 470 -6.70 54.66 -2.90
C ASN C 470 -5.93 55.45 -3.97
N ASP C 471 -5.73 54.78 -5.12
CA ASP C 471 -5.01 55.35 -6.26
C ASP C 471 -3.57 55.77 -5.93
N GLY C 472 -2.95 55.05 -5.01
CA GLY C 472 -1.54 55.26 -4.70
C GLY C 472 -1.26 56.10 -3.47
N ASP C 473 -2.28 56.36 -2.67
CA ASP C 473 -2.09 57.01 -1.37
C ASP C 473 -1.23 56.14 -0.45
N VAL C 474 -1.39 54.83 -0.57
CA VAL C 474 -0.53 53.85 0.11
C VAL C 474 -0.12 52.79 -0.91
N VAL C 475 1.16 52.39 -0.88
CA VAL C 475 1.65 51.36 -1.79
C VAL C 475 2.47 50.26 -1.10
N SER C 476 2.39 49.06 -1.68
CA SER C 476 3.08 47.88 -1.16
C SER C 476 3.66 47.09 -2.32
N THR C 477 4.96 46.87 -2.30
CA THR C 477 5.63 46.09 -3.36
C THR C 477 6.36 44.87 -2.79
N ASN C 478 5.85 43.68 -3.14
CA ASN C 478 6.43 42.42 -2.68
C ASN C 478 6.59 41.41 -3.81
N THR C 479 7.76 40.79 -3.86
CA THR C 479 8.01 39.73 -4.83
C THR C 479 7.49 38.39 -4.30
N TYR C 480 7.09 37.51 -5.22
CA TYR C 480 6.60 36.19 -4.84
C TYR C 480 7.16 35.14 -5.77
N PHE C 481 7.42 33.94 -5.25
CA PHE C 481 7.97 32.88 -6.09
C PHE C 481 7.20 31.57 -5.98
N MET C 482 6.49 31.24 -7.06
CA MET C 482 5.74 30.00 -7.16
C MET C 482 6.52 28.99 -8.01
N THR C 483 6.00 27.76 -8.14
CA THR C 483 6.81 26.62 -8.59
C THR C 483 7.15 26.56 -10.10
N THR C 484 7.36 27.74 -10.69
CA THR C 484 7.66 27.90 -12.14
C THR C 484 6.53 27.40 -13.05
N GLY C 485 6.58 27.81 -14.32
CA GLY C 485 5.54 27.44 -15.29
C GLY C 485 4.16 27.32 -14.69
N ASN C 486 3.53 28.47 -14.43
CA ASN C 486 2.14 28.51 -13.97
C ASN C 486 1.86 28.65 -12.49
N ALA C 487 0.93 29.54 -12.13
CA ALA C 487 0.27 30.49 -13.04
C ALA C 487 -0.48 31.55 -12.26
N LEU C 488 -1.15 31.10 -11.19
CA LEU C 488 -1.95 31.99 -10.37
C LEU C 488 -3.10 32.61 -11.16
N GLY C 489 -3.77 31.76 -11.94
CA GLY C 489 -4.91 32.19 -12.75
C GLY C 489 -6.24 31.92 -12.08
N SER C 490 -6.24 31.13 -11.01
CA SER C 490 -7.48 30.84 -10.29
C SER C 490 -7.78 31.93 -9.27
N VAL C 491 -8.65 32.85 -9.65
CA VAL C 491 -8.96 34.02 -8.81
C VAL C 491 -10.22 33.77 -7.98
N ASN C 492 -10.05 33.73 -6.66
CA ASN C 492 -11.14 33.40 -5.74
C ASN C 492 -11.37 34.47 -4.67
N MET C 493 -12.63 34.86 -4.49
CA MET C 493 -13.01 35.78 -3.41
C MET C 493 -13.74 35.02 -2.31
N THR C 494 -13.50 35.43 -1.07
CA THR C 494 -13.93 34.71 0.12
C THR C 494 -14.17 35.69 1.26
N THR C 495 -15.01 35.30 2.21
CA THR C 495 -15.31 36.16 3.33
C THR C 495 -15.56 35.37 4.58
N GLY C 496 -15.57 36.07 5.69
CA GLY C 496 -15.94 35.50 6.97
C GLY C 496 -16.99 36.42 7.54
N VAL C 497 -17.81 35.96 8.48
CA VAL C 497 -18.85 36.82 8.96
C VAL C 497 -19.79 37.11 7.81
N ASP C 498 -21.02 36.64 7.93
CA ASP C 498 -21.96 36.66 6.84
C ASP C 498 -22.25 38.01 6.24
N ASN C 499 -22.44 39.02 7.07
CA ASN C 499 -22.86 40.28 6.51
C ASN C 499 -22.03 41.46 6.92
N LEU C 500 -20.87 41.58 6.33
CA LEU C 500 -20.03 42.73 6.66
C LEU C 500 -19.49 43.50 5.46
N PHE C 501 -18.90 42.78 4.51
CA PHE C 501 -18.27 43.41 3.35
C PHE C 501 -19.24 43.61 2.19
N TYR C 502 -19.17 44.79 1.57
CA TYR C 502 -19.96 45.09 0.39
C TYR C 502 -19.02 45.27 -0.79
N ILE C 503 -19.17 44.44 -1.82
CA ILE C 503 -18.37 44.57 -3.02
C ILE C 503 -19.05 45.53 -3.98
N ASP C 504 -18.51 46.74 -4.08
CA ASP C 504 -18.97 47.70 -5.07
C ASP C 504 -18.53 47.25 -6.45
N LYS C 505 -17.26 46.81 -6.56
CA LYS C 505 -16.67 46.44 -7.83
C LYS C 505 -15.48 45.51 -7.64
N PHE C 506 -15.40 44.49 -8.50
CA PHE C 506 -14.20 43.67 -8.62
C PHE C 506 -14.01 43.19 -10.06
N GLN C 507 -12.86 43.50 -10.64
CA GLN C 507 -12.56 43.15 -12.03
C GLN C 507 -11.15 42.57 -12.16
N VAL C 508 -11.00 41.54 -12.98
CA VAL C 508 -9.69 40.98 -13.30
C VAL C 508 -9.54 40.84 -14.80
N ARG C 509 -8.31 41.04 -15.28
CA ARG C 509 -7.98 40.81 -16.68
C ARG C 509 -6.49 40.55 -16.88
N GLU C 510 -6.19 39.79 -17.94
CA GLU C 510 -4.82 39.49 -18.35
C GLU C 510 -4.20 40.74 -18.96
N VAL C 511 -2.89 40.90 -18.75
CA VAL C 511 -2.17 42.09 -19.20
C VAL C 511 -0.85 41.70 -19.84
N LYS C 512 -0.52 42.33 -20.97
CA LYS C 512 0.75 42.10 -21.65
C LYS C 512 1.51 43.41 -21.89
N GLU D 4 -9.38 22.25 28.00
CA GLU D 4 -7.98 21.78 27.85
C GLU D 4 -7.00 22.93 27.70
N THR D 5 -6.05 23.01 28.64
CA THR D 5 -5.08 24.11 28.71
C THR D 5 -3.95 24.04 27.69
N SER D 6 -3.24 25.17 27.57
CA SER D 6 -2.07 25.31 26.72
C SER D 6 -0.82 25.32 27.58
N ASP D 7 0.33 25.41 26.92
CA ASP D 7 1.60 25.58 27.63
C ASP D 7 1.72 27.03 28.08
N ARG D 8 2.00 27.21 29.37
CA ARG D 8 2.00 28.53 29.99
C ARG D 8 3.40 28.99 30.38
N PRO D 9 3.81 30.19 29.91
CA PRO D 9 5.13 30.74 30.25
C PRO D 9 5.38 30.71 31.76
N LEU D 10 6.56 30.25 32.15
CA LEU D 10 6.91 30.07 33.57
C LEU D 10 7.41 31.33 34.27
N VAL D 11 8.13 32.19 33.55
CA VAL D 11 8.72 33.40 34.13
C VAL D 11 8.22 34.72 33.53
N HIS D 12 7.17 34.63 32.71
CA HIS D 12 6.49 35.80 32.19
C HIS D 12 5.11 35.84 32.78
N PHE D 13 4.61 37.02 33.14
CA PHE D 13 3.29 37.08 33.73
C PHE D 13 2.17 36.89 32.71
N THR D 14 1.24 36.00 33.04
CA THR D 14 -0.02 35.86 32.32
C THR D 14 -1.16 35.90 33.33
N PRO D 15 -2.36 36.36 32.92
CA PRO D 15 -3.50 36.25 33.81
C PRO D 15 -3.93 34.78 33.94
N ASN D 16 -4.58 34.46 35.06
CA ASN D 16 -5.10 33.11 35.30
C ASN D 16 -6.05 32.65 34.19
N LYS D 17 -7.03 33.49 33.86
CA LYS D 17 -7.96 33.25 32.77
C LYS D 17 -8.32 34.58 32.13
N GLY D 18 -8.82 34.54 30.91
CA GLY D 18 -9.33 35.74 30.26
C GLY D 18 -8.31 36.45 29.37
N TRP D 19 -8.47 37.77 29.25
CA TRP D 19 -7.70 38.54 28.30
C TRP D 19 -6.96 39.67 28.94
N MET D 20 -5.70 39.85 28.51
CA MET D 20 -4.83 40.90 29.01
C MET D 20 -4.27 41.74 27.86
N ASN D 21 -4.10 43.04 28.08
CA ASN D 21 -3.20 43.86 27.24
C ASN D 21 -2.32 44.81 28.05
N ASP D 22 -2.34 46.10 27.72
CA ASP D 22 -1.40 47.10 28.26
C ASP D 22 -1.13 47.00 29.77
N PRO D 23 0.15 47.00 30.16
CA PRO D 23 0.49 47.07 31.59
C PRO D 23 0.12 48.45 32.15
N ASN D 24 -0.38 48.48 33.38
CA ASN D 24 -0.87 49.71 34.00
C ASN D 24 -0.29 49.99 35.40
N GLY D 25 -0.49 51.22 35.87
CA GLY D 25 -0.16 51.65 37.24
C GLY D 25 1.05 51.01 37.90
N LEU D 26 2.16 50.95 37.19
CA LEU D 26 3.39 50.35 37.72
C LEU D 26 4.01 51.20 38.82
N TRP D 27 4.19 50.60 39.99
CA TRP D 27 4.82 51.26 41.15
C TRP D 27 5.37 50.22 42.10
N TYR D 28 6.09 50.67 43.12
CA TYR D 28 6.74 49.76 44.08
C TYR D 28 6.54 50.17 45.55
N ASP D 29 6.09 49.22 46.35
CA ASP D 29 5.85 49.44 47.78
C ASP D 29 7.12 49.24 48.58
N GLU D 30 7.71 50.34 49.04
CA GLU D 30 9.00 50.30 49.73
C GLU D 30 8.97 49.55 51.06
N LYS D 31 7.96 49.84 51.89
CA LYS D 31 7.91 49.26 53.23
C LYS D 31 7.44 47.81 53.24
N ASP D 32 6.75 47.41 52.19
CA ASP D 32 6.21 46.05 52.09
C ASP D 32 7.07 45.16 51.18
N ALA D 33 8.00 45.80 50.47
CA ALA D 33 8.88 45.15 49.47
C ALA D 33 8.10 44.42 48.39
N LYS D 34 7.07 45.06 47.86
CA LYS D 34 6.21 44.47 46.85
C LYS D 34 6.15 45.30 45.57
N TRP D 35 6.40 44.64 44.44
CA TRP D 35 6.20 45.22 43.12
C TRP D 35 4.77 45.07 42.71
N HIS D 36 4.20 46.12 42.13
CA HIS D 36 2.81 46.08 41.72
C HIS D 36 2.65 46.14 40.23
N LEU D 37 1.95 45.15 39.70
CA LEU D 37 1.60 45.12 38.28
C LEU D 37 0.09 45.17 38.10
N TYR D 38 -0.37 46.20 37.41
CA TYR D 38 -1.76 46.31 36.98
C TYR D 38 -1.80 46.15 35.48
N PHE D 39 -2.93 45.75 34.93
CA PHE D 39 -3.05 45.51 33.49
C PHE D 39 -4.48 45.57 32.98
N GLN D 40 -4.61 45.96 31.71
CA GLN D 40 -5.89 45.92 31.01
C GLN D 40 -6.36 44.49 31.03
N TYR D 41 -7.57 44.28 31.53
CA TYR D 41 -8.05 42.93 31.80
C TYR D 41 -9.52 42.72 31.50
N ASN D 42 -9.81 41.70 30.69
CA ASN D 42 -11.19 41.25 30.46
C ASN D 42 -11.38 39.83 30.99
N PRO D 43 -11.96 39.70 32.20
CA PRO D 43 -12.06 38.39 32.86
C PRO D 43 -13.08 37.48 32.22
N ASN D 44 -14.04 38.07 31.50
CA ASN D 44 -15.17 37.33 30.94
C ASN D 44 -14.75 36.49 29.73
N ASP D 45 -14.52 37.15 28.60
CA ASP D 45 -14.07 36.45 27.41
C ASP D 45 -12.55 36.30 27.38
N THR D 46 -12.07 35.63 26.34
CA THR D 46 -10.64 35.39 26.14
C THR D 46 -10.09 36.29 25.02
N VAL D 47 -10.87 37.33 24.70
CA VAL D 47 -10.44 38.43 23.83
C VAL D 47 -10.80 39.77 24.46
N TRP D 48 -10.38 40.86 23.84
CA TRP D 48 -10.69 42.21 24.31
C TRP D 48 -12.17 42.49 24.26
N GLY D 49 -12.66 43.25 25.23
CA GLY D 49 -14.08 43.60 25.30
C GLY D 49 -14.44 44.44 26.53
N THR D 50 -15.52 45.21 26.42
CA THR D 50 -16.01 46.03 27.53
C THR D 50 -17.14 45.29 28.24
N PRO D 51 -17.17 45.31 29.58
CA PRO D 51 -16.35 46.10 30.52
C PRO D 51 -14.90 45.66 30.54
N LEU D 52 -14.00 46.64 30.65
CA LEU D 52 -12.57 46.39 30.74
C LEU D 52 -12.05 46.88 32.08
N PHE D 53 -11.29 46.03 32.75
CA PHE D 53 -10.87 46.28 34.13
C PHE D 53 -9.35 46.46 34.27
N TRP D 54 -8.94 46.89 35.45
CA TRP D 54 -7.53 46.87 35.85
C TRP D 54 -7.30 45.65 36.67
N GLY D 55 -6.63 44.67 36.07
CA GLY D 55 -6.21 43.48 36.80
C GLY D 55 -5.06 43.83 37.72
N HIS D 56 -4.75 42.97 38.67
CA HIS D 56 -3.73 43.27 39.66
C HIS D 56 -2.96 42.06 40.06
N ALA D 57 -1.63 42.17 39.99
CA ALA D 57 -0.75 41.10 40.43
C ALA D 57 0.48 41.67 41.12
N THR D 58 0.91 41.00 42.20
CA THR D 58 2.05 41.45 42.97
C THR D 58 3.21 40.46 42.92
N SER D 59 4.42 40.99 43.04
CA SER D 59 5.65 40.20 43.10
C SER D 59 6.65 40.88 44.02
N ASP D 60 7.65 40.11 44.46
CA ASP D 60 8.77 40.69 45.21
C ASP D 60 10.13 40.42 44.56
N ASP D 61 10.10 39.82 43.37
CA ASP D 61 11.32 39.59 42.60
C ASP D 61 11.14 39.85 41.10
N LEU D 62 9.92 40.25 40.72
CA LEU D 62 9.56 40.58 39.33
C LEU D 62 9.58 39.38 38.37
N THR D 63 9.80 38.19 38.92
CA THR D 63 9.79 36.96 38.11
C THR D 63 8.66 36.01 38.51
N ASN D 64 8.25 36.07 39.79
CA ASN D 64 7.16 35.24 40.32
C ASN D 64 6.01 36.07 40.86
N TRP D 65 4.80 35.76 40.42
CA TRP D 65 3.65 36.63 40.67
C TRP D 65 2.56 35.99 41.51
N GLU D 66 1.80 36.84 42.20
CA GLU D 66 0.61 36.42 42.95
C GLU D 66 -0.58 37.17 42.38
N ASP D 67 -1.64 36.43 42.07
CA ASP D 67 -2.87 37.04 41.58
C ASP D 67 -3.56 37.84 42.69
N GLN D 68 -4.18 38.95 42.32
CA GLN D 68 -4.95 39.77 43.25
C GLN D 68 -6.29 40.12 42.63
N PRO D 69 -7.31 40.41 43.47
CA PRO D 69 -8.62 40.87 42.99
C PRO D 69 -8.55 42.12 42.09
N ILE D 70 -9.49 42.21 41.15
CA ILE D 70 -9.62 43.35 40.24
C ILE D 70 -9.46 44.67 40.99
N ALA D 71 -8.58 45.54 40.49
CA ALA D 71 -8.25 46.79 41.17
C ALA D 71 -9.18 47.96 40.83
N ILE D 72 -9.53 48.13 39.56
CA ILE D 72 -10.39 49.23 39.10
C ILE D 72 -11.45 48.70 38.14
N ALA D 73 -12.66 49.25 38.24
CA ALA D 73 -13.77 48.88 37.37
C ALA D 73 -14.49 50.12 36.86
N PRO D 74 -14.99 50.09 35.61
CA PRO D 74 -15.83 51.18 35.12
C PRO D 74 -17.24 51.08 35.68
N LYS D 75 -17.87 52.23 35.95
CA LYS D 75 -19.26 52.27 36.41
C LYS D 75 -20.20 51.59 35.41
N ARG D 76 -19.88 51.73 34.12
CA ARG D 76 -20.76 51.26 33.05
C ARG D 76 -20.22 50.04 32.29
N ASN D 77 -21.14 49.21 31.80
CA ASN D 77 -20.82 48.10 30.91
C ASN D 77 -20.36 48.57 29.52
N ASP D 78 -21.03 49.63 29.03
CA ASP D 78 -20.62 50.38 27.85
C ASP D 78 -19.14 50.76 27.86
N SER D 79 -18.68 51.12 29.05
CA SER D 79 -17.41 51.77 29.22
C SER D 79 -16.32 50.79 29.58
N GLY D 80 -15.13 51.34 29.81
CA GLY D 80 -13.97 50.59 30.25
C GLY D 80 -13.02 51.48 31.02
N ALA D 81 -12.27 50.86 31.93
CA ALA D 81 -11.22 51.56 32.65
C ALA D 81 -9.90 51.32 31.93
N PHE D 82 -9.60 52.18 30.96
CA PHE D 82 -8.45 52.01 30.06
C PHE D 82 -7.10 52.20 30.77
N SER D 83 -6.04 52.32 29.98
CA SER D 83 -4.67 52.42 30.50
C SER D 83 -4.40 53.67 31.35
N GLY D 84 -3.33 53.61 32.14
CA GLY D 84 -2.92 54.71 32.99
C GLY D 84 -1.79 54.28 33.90
N SER D 85 -1.35 55.22 34.74
CA SER D 85 -0.21 54.99 35.61
C SER D 85 -0.55 55.27 37.07
N MET D 86 0.43 55.02 37.95
CA MET D 86 0.30 55.32 39.36
C MET D 86 1.44 56.19 39.87
N VAL D 87 1.16 56.91 40.95
CA VAL D 87 2.13 57.73 41.67
C VAL D 87 1.99 57.46 43.17
N VAL D 88 3.05 57.75 43.92
CA VAL D 88 3.00 57.69 45.37
C VAL D 88 3.07 59.11 45.93
N ASP D 89 1.98 59.51 46.60
CA ASP D 89 1.84 60.87 47.14
C ASP D 89 2.36 60.94 48.57
N TYR D 90 3.69 60.88 48.72
CA TYR D 90 4.36 60.88 50.02
C TYR D 90 3.88 62.02 50.92
N ASN D 91 3.69 63.19 50.33
CA ASN D 91 3.36 64.40 51.07
C ASN D 91 1.89 64.78 50.98
N ASN D 92 1.03 63.78 50.76
CA ASN D 92 -0.43 63.97 50.74
C ASN D 92 -0.91 65.22 49.97
N THR D 93 -0.27 65.51 48.84
CA THR D 93 -0.62 66.67 48.00
C THR D 93 -2.04 66.59 47.42
N SER D 94 -2.60 65.38 47.43
CA SER D 94 -3.97 65.16 46.98
C SER D 94 -4.96 65.32 48.13
N GLY D 95 -4.46 65.13 49.36
CA GLY D 95 -5.28 65.25 50.56
C GLY D 95 -6.19 64.07 50.84
N PHE D 96 -5.83 62.90 50.32
CA PHE D 96 -6.64 61.68 50.52
C PHE D 96 -6.18 60.89 51.75
N PHE D 97 -4.94 61.13 52.19
CA PHE D 97 -4.29 60.23 53.14
C PHE D 97 -4.11 60.82 54.54
N ASN D 98 -4.62 60.09 55.55
CA ASN D 98 -4.44 60.45 56.96
C ASN D 98 -3.03 60.11 57.45
N ASP D 99 -2.77 60.37 58.70
CA ASP D 99 -1.47 60.07 59.23
C ASP D 99 -1.45 58.64 59.66
N THR D 100 -2.57 57.99 59.51
CA THR D 100 -2.68 56.54 59.70
C THR D 100 -2.11 55.77 58.49
N ILE D 101 -2.11 56.42 57.33
CA ILE D 101 -1.57 55.83 56.09
C ILE D 101 -0.10 56.21 55.92
N ASP D 102 0.75 55.18 55.81
CA ASP D 102 2.19 55.37 55.61
C ASP D 102 2.44 56.17 54.32
N PRO D 103 3.38 57.14 54.36
CA PRO D 103 3.74 57.92 53.17
C PRO D 103 4.15 57.05 51.97
N ARG D 104 4.88 55.97 52.26
CA ARG D 104 5.41 55.07 51.23
C ARG D 104 4.32 54.20 50.59
N GLN D 105 3.09 54.35 51.07
CA GLN D 105 1.99 53.46 50.69
C GLN D 105 0.80 54.22 50.13
N ARG D 106 1.02 55.46 49.73
CA ARG D 106 -0.06 56.37 49.33
C ARG D 106 -0.35 56.37 47.82
N CYS D 107 -1.08 55.34 47.38
CA CYS D 107 -1.35 55.09 45.97
C CYS D 107 -2.37 56.02 45.36
N VAL D 108 -2.03 56.59 44.21
CA VAL D 108 -3.01 57.30 43.40
C VAL D 108 -2.94 56.78 41.97
N ALA D 109 -4.02 56.12 41.53
CA ALA D 109 -4.16 55.69 40.15
C ALA D 109 -4.71 56.84 39.29
N ILE D 110 -4.11 57.01 38.11
CA ILE D 110 -4.59 57.99 37.14
C ILE D 110 -4.88 57.21 35.85
N TRP D 111 -6.11 57.26 35.38
CA TRP D 111 -6.55 56.38 34.30
C TRP D 111 -7.58 56.98 33.39
N THR D 112 -7.65 56.46 32.16
CA THR D 112 -8.61 56.94 31.18
C THR D 112 -9.92 56.17 31.24
N TYR D 113 -10.99 56.89 31.53
CA TYR D 113 -12.32 56.32 31.51
C TYR D 113 -12.89 56.46 30.10
N ASN D 114 -12.78 55.39 29.32
CA ASN D 114 -13.34 55.35 27.96
C ASN D 114 -14.81 54.94 27.98
N THR D 115 -15.65 55.84 27.45
CA THR D 115 -17.08 55.58 27.28
C THR D 115 -17.42 55.89 25.83
N PRO D 116 -18.46 55.24 25.27
CA PRO D 116 -18.83 55.47 23.87
C PRO D 116 -18.93 56.96 23.49
N GLU D 117 -19.26 57.81 24.46
CA GLU D 117 -19.42 59.25 24.20
C GLU D 117 -18.10 60.04 24.28
N SER D 118 -17.23 59.68 25.23
CA SER D 118 -15.96 60.40 25.38
C SER D 118 -14.88 59.63 26.15
N GLU D 119 -13.63 60.06 25.97
CA GLU D 119 -12.51 59.59 26.77
C GLU D 119 -12.00 60.70 27.68
N GLU D 120 -11.94 60.43 28.98
CA GLU D 120 -11.54 61.42 29.98
C GLU D 120 -10.55 60.83 30.99
N GLN D 121 -9.97 61.68 31.83
CA GLN D 121 -9.00 61.22 32.82
C GLN D 121 -9.60 61.24 34.23
N TYR D 122 -9.51 60.10 34.92
CA TYR D 122 -10.01 59.98 36.28
C TYR D 122 -8.84 59.69 37.21
N ILE D 123 -9.06 59.84 38.52
CA ILE D 123 -8.09 59.38 39.51
C ILE D 123 -8.75 58.56 40.62
N SER D 124 -7.98 57.68 41.24
CA SER D 124 -8.44 56.84 42.34
C SER D 124 -7.35 56.70 43.40
N TYR D 125 -7.76 56.51 44.65
CA TYR D 125 -6.82 56.39 45.77
C TYR D 125 -7.00 55.09 46.53
N SER D 126 -5.93 54.63 47.17
CA SER D 126 -5.97 53.40 47.96
C SER D 126 -5.49 53.63 49.39
N LEU D 127 -6.20 53.01 50.34
CA LEU D 127 -5.89 53.17 51.75
C LEU D 127 -5.29 51.90 52.37
N ASP D 128 -5.13 50.85 51.56
CA ASP D 128 -4.62 49.57 52.04
C ASP D 128 -3.36 49.09 51.32
N GLY D 129 -2.70 50.00 50.60
CA GLY D 129 -1.44 49.69 49.92
C GLY D 129 -1.57 49.26 48.47
N GLY D 130 -2.65 49.67 47.82
CA GLY D 130 -2.84 49.46 46.39
C GLY D 130 -3.58 48.21 45.96
N TYR D 131 -4.47 47.70 46.81
CA TYR D 131 -5.28 46.53 46.49
C TYR D 131 -6.72 46.91 46.18
N THR D 132 -7.30 47.77 47.01
CA THR D 132 -8.64 48.33 46.78
C THR D 132 -8.55 49.83 46.49
N PHE D 133 -9.37 50.31 45.56
CA PHE D 133 -9.30 51.70 45.10
C PHE D 133 -10.66 52.37 45.05
N THR D 134 -10.73 53.60 45.57
CA THR D 134 -11.94 54.41 45.50
C THR D 134 -11.71 55.60 44.58
N GLU D 135 -12.71 55.90 43.75
CA GLU D 135 -12.66 57.04 42.84
C GLU D 135 -12.64 58.38 43.59
N TYR D 136 -12.03 59.39 42.96
CA TYR D 136 -12.11 60.76 43.43
C TYR D 136 -13.51 61.28 43.15
N GLN D 137 -14.10 61.95 44.14
CA GLN D 137 -15.53 62.30 44.10
C GLN D 137 -15.93 63.18 42.92
N LYS D 138 -14.99 63.95 42.38
CA LYS D 138 -15.30 64.90 41.31
C LYS D 138 -14.60 64.59 39.98
N ASN D 139 -14.39 63.30 39.70
CA ASN D 139 -13.86 62.85 38.40
C ASN D 139 -14.79 63.27 37.26
N PRO D 140 -14.23 63.71 36.11
CA PRO D 140 -12.83 63.69 35.68
C PRO D 140 -11.92 64.70 36.38
N VAL D 141 -10.61 64.50 36.27
CA VAL D 141 -9.65 65.52 36.68
C VAL D 141 -9.05 66.18 35.44
N LEU D 142 -9.43 65.67 34.27
CA LEU D 142 -9.03 66.26 32.99
C LEU D 142 -9.91 65.78 31.85
N ALA D 143 -10.63 66.71 31.24
CA ALA D 143 -11.45 66.41 30.07
C ALA D 143 -11.16 67.44 28.99
N ALA D 144 -10.88 66.97 27.78
CA ALA D 144 -10.57 67.85 26.66
C ALA D 144 -11.62 67.75 25.55
N ASN D 145 -12.84 67.40 25.94
CA ASN D 145 -13.96 67.26 25.01
C ASN D 145 -13.59 66.41 23.78
N SER D 146 -13.16 65.17 24.03
CA SER D 146 -12.61 64.31 22.98
C SER D 146 -12.98 62.84 23.15
N THR D 147 -12.84 62.07 22.06
CA THR D 147 -13.00 60.62 22.08
C THR D 147 -11.65 59.94 21.85
N GLN D 148 -10.61 60.75 21.67
CA GLN D 148 -9.25 60.26 21.43
C GLN D 148 -8.26 60.95 22.35
N PHE D 149 -8.41 60.69 23.65
CA PHE D 149 -7.63 61.35 24.69
C PHE D 149 -7.44 60.38 25.84
N ARG D 150 -6.26 59.76 25.90
CA ARG D 150 -6.06 58.63 26.82
C ARG D 150 -4.61 58.39 27.26
N ASP D 151 -4.46 57.40 28.16
CA ASP D 151 -3.16 56.86 28.60
C ASP D 151 -2.29 57.86 29.36
N PRO D 152 -2.73 58.28 30.57
CA PRO D 152 -1.96 59.25 31.34
C PRO D 152 -0.82 58.64 32.17
N LYS D 153 0.41 58.97 31.80
CA LYS D 153 1.57 58.61 32.61
C LYS D 153 2.06 59.87 33.33
N VAL D 154 2.25 59.75 34.63
CA VAL D 154 2.57 60.90 35.48
C VAL D 154 3.75 60.63 36.42
N PHE D 155 4.63 61.63 36.54
CA PHE D 155 5.82 61.58 37.39
C PHE D 155 5.96 62.88 38.19
N TRP D 156 6.85 62.85 39.18
CA TRP D 156 7.12 64.03 40.02
C TRP D 156 8.35 64.76 39.56
N TYR D 157 8.18 66.05 39.28
CA TYR D 157 9.30 66.90 38.87
C TYR D 157 9.70 67.84 40.02
N GLU D 158 10.81 67.51 40.66
CA GLU D 158 11.31 68.26 41.83
C GLU D 158 11.47 69.77 41.60
N PRO D 159 12.30 70.19 40.61
CA PRO D 159 12.56 71.61 40.37
C PRO D 159 11.32 72.51 40.39
N SER D 160 10.30 72.18 39.62
CA SER D 160 9.10 73.01 39.53
C SER D 160 8.04 72.65 40.58
N GLN D 161 8.32 71.60 41.35
CA GLN D 161 7.44 71.13 42.43
C GLN D 161 6.03 70.75 41.94
N LYS D 162 5.98 70.01 40.83
CA LYS D 162 4.72 69.65 40.18
C LYS D 162 4.65 68.17 39.87
N TRP D 163 3.42 67.66 39.71
CA TRP D 163 3.19 66.38 39.03
C TRP D 163 3.12 66.69 37.56
N ILE D 164 3.84 65.92 36.76
CA ILE D 164 3.81 66.10 35.31
C ILE D 164 3.14 64.91 34.63
N MET D 165 2.07 65.19 33.90
CA MET D 165 1.35 64.17 33.14
C MET D 165 1.65 64.28 31.65
N THR D 166 2.14 63.19 31.08
CA THR D 166 2.28 63.05 29.64
C THR D 166 1.17 62.12 29.14
N ALA D 167 0.23 62.68 28.38
CA ALA D 167 -0.90 61.92 27.85
C ALA D 167 -1.08 62.16 26.36
N ALA D 168 -1.76 61.23 25.70
CA ALA D 168 -1.84 61.22 24.24
C ALA D 168 -3.18 61.68 23.67
N LYS D 169 -3.10 62.69 22.82
CA LYS D 169 -4.23 63.10 21.99
C LYS D 169 -4.17 62.22 20.73
N SER D 170 -4.42 60.93 20.96
CA SER D 170 -4.12 59.84 20.00
C SER D 170 -4.16 60.16 18.51
N GLN D 171 -5.34 60.46 17.97
CA GLN D 171 -5.50 60.63 16.53
C GLN D 171 -5.18 62.05 16.05
N ASP D 172 -4.72 62.89 16.98
CA ASP D 172 -4.21 64.23 16.65
C ASP D 172 -2.69 64.22 16.59
N TYR D 173 -2.10 63.02 16.71
CA TYR D 173 -0.65 62.79 16.67
C TYR D 173 0.10 63.71 17.62
N LYS D 174 -0.57 64.02 18.73
CA LYS D 174 -0.10 65.00 19.69
C LYS D 174 0.00 64.33 21.05
N ILE D 175 1.10 64.57 21.76
CA ILE D 175 1.22 64.15 23.15
C ILE D 175 1.36 65.37 24.05
N GLU D 176 0.28 65.67 24.76
CA GLU D 176 0.18 66.88 25.55
C GLU D 176 0.79 66.69 26.93
N ILE D 177 1.48 67.73 27.40
CA ILE D 177 2.09 67.71 28.73
C ILE D 177 1.33 68.63 29.69
N TYR D 178 0.81 68.04 30.77
CA TYR D 178 0.04 68.77 31.77
C TYR D 178 0.79 68.82 33.11
N SER D 179 0.48 69.82 33.92
CA SER D 179 1.08 69.99 35.23
C SER D 179 0.05 70.26 36.32
N SER D 180 0.25 69.67 37.49
CA SER D 180 -0.56 70.04 38.66
C SER D 180 0.17 69.73 39.96
N ASP D 181 0.26 70.72 40.85
CA ASP D 181 0.67 70.46 42.23
C ASP D 181 -0.40 69.67 42.98
N ASP D 182 -1.66 70.06 42.78
CA ASP D 182 -2.78 69.45 43.46
C ASP D 182 -3.02 68.00 43.07
N LEU D 183 -2.93 67.73 41.77
CA LEU D 183 -3.20 66.42 41.22
C LEU D 183 -4.67 66.20 40.87
N LYS D 184 -5.51 67.17 41.20
CA LYS D 184 -6.91 67.16 40.80
C LYS D 184 -7.21 68.22 39.76
N SER D 185 -6.25 69.11 39.58
CA SER D 185 -6.36 70.23 38.65
C SER D 185 -5.16 70.17 37.73
N TRP D 186 -5.40 70.15 36.42
CA TRP D 186 -4.33 69.99 35.46
C TRP D 186 -4.25 71.15 34.48
N LYS D 187 -3.02 71.60 34.23
CA LYS D 187 -2.77 72.74 33.36
C LYS D 187 -1.90 72.34 32.17
N LEU D 188 -2.43 72.54 30.96
CA LEU D 188 -1.70 72.26 29.72
C LEU D 188 -0.46 73.13 29.61
N GLU D 189 0.70 72.51 29.50
CA GLU D 189 1.98 73.22 29.46
C GLU D 189 2.57 73.30 28.06
N SER D 190 2.48 72.19 27.32
CA SER D 190 3.05 72.10 25.97
C SER D 190 2.53 70.89 25.21
N ALA D 191 2.71 70.87 23.91
CA ALA D 191 2.32 69.73 23.13
C ALA D 191 3.48 69.31 22.25
N PHE D 192 3.81 68.03 22.28
CA PHE D 192 4.77 67.51 21.34
C PHE D 192 4.34 66.18 20.78
N ALA D 193 4.25 66.04 19.47
CA ALA D 193 4.16 67.13 18.53
C ALA D 193 3.68 66.51 17.23
N ASN D 194 4.59 66.27 16.30
CA ASN D 194 4.38 65.34 15.20
C ASN D 194 5.66 64.58 14.96
N GLU D 195 6.04 63.76 15.93
CA GLU D 195 7.35 63.09 15.95
C GLU D 195 7.68 62.03 14.89
N GLY D 196 6.73 61.18 14.55
CA GLY D 196 6.98 60.13 13.55
C GLY D 196 7.89 59.00 14.00
N PHE D 197 7.65 57.77 13.53
CA PHE D 197 6.55 57.46 12.62
C PHE D 197 5.22 57.65 13.32
N LEU D 198 4.29 58.30 12.61
CA LEU D 198 2.97 58.61 13.12
C LEU D 198 2.06 57.38 13.13
N GLY D 199 1.87 56.79 11.96
CA GLY D 199 0.99 55.65 11.81
C GLY D 199 -0.44 56.13 11.80
N TYR D 200 -1.18 55.75 12.84
CA TYR D 200 -2.61 55.99 12.93
C TYR D 200 -2.95 56.72 14.22
N GLN D 201 -2.10 56.53 15.24
CA GLN D 201 -2.39 57.00 16.58
C GLN D 201 -1.13 57.11 17.43
N TYR D 202 -1.18 58.00 18.42
CA TYR D 202 -0.21 58.00 19.51
C TYR D 202 -0.87 57.32 20.71
N GLU D 203 -0.23 56.28 21.25
CA GLU D 203 -0.74 55.59 22.44
C GLU D 203 0.33 55.43 23.50
N CYS D 204 -0.11 55.21 24.74
CA CYS D 204 0.77 54.96 25.89
C CYS D 204 2.09 55.75 25.89
N PRO D 205 2.02 57.08 26.09
CA PRO D 205 3.27 57.84 26.18
C PRO D 205 3.92 57.71 27.56
N GLY D 206 5.24 57.86 27.60
CA GLY D 206 5.99 57.77 28.85
C GLY D 206 7.16 58.75 28.82
N LEU D 207 7.51 59.28 29.98
CA LEU D 207 8.59 60.26 30.08
C LEU D 207 9.43 59.98 31.32
N ILE D 208 10.71 59.64 31.11
CA ILE D 208 11.55 59.22 32.22
C ILE D 208 13.03 59.60 32.05
N GLU D 209 13.65 59.96 33.16
CA GLU D 209 15.10 60.13 33.25
C GLU D 209 15.75 58.76 33.26
N VAL D 210 16.61 58.51 32.26
CA VAL D 210 17.29 57.24 32.14
C VAL D 210 18.79 57.46 32.33
N PRO D 211 19.36 56.82 33.34
CA PRO D 211 20.75 57.06 33.70
C PRO D 211 21.66 56.66 32.57
N THR D 212 22.65 57.49 32.28
CA THR D 212 23.60 57.17 31.24
C THR D 212 24.45 56.02 31.69
N GLU D 213 24.79 55.13 30.78
CA GLU D 213 25.75 54.08 31.08
C GLU D 213 27.11 54.67 31.21
N GLN D 214 28.02 53.98 31.90
CA GLN D 214 29.37 54.53 32.12
C GLN D 214 29.53 55.82 32.97
N ASP D 215 28.57 56.71 32.79
CA ASP D 215 28.34 57.73 33.80
C ASP D 215 26.95 57.49 34.31
N PRO D 216 26.85 56.83 35.45
CA PRO D 216 25.58 56.67 36.13
C PRO D 216 25.09 58.03 36.61
N SER D 217 26.05 58.84 36.99
CA SER D 217 25.76 60.14 37.58
C SER D 217 24.93 61.00 36.63
N LYS D 218 25.30 60.99 35.34
CA LYS D 218 24.53 61.69 34.31
C LYS D 218 23.30 60.91 33.88
N SER D 219 22.35 61.62 33.25
CA SER D 219 21.16 61.01 32.65
C SER D 219 20.46 61.98 31.71
N TYR D 220 19.78 61.44 30.70
CA TYR D 220 18.96 62.25 29.79
C TYR D 220 17.50 61.77 29.81
N TRP D 221 16.61 62.58 29.25
CA TRP D 221 15.19 62.25 29.23
C TRP D 221 14.80 61.45 28.02
N VAL D 222 13.96 60.46 28.24
CA VAL D 222 13.46 59.62 27.15
C VAL D 222 11.95 59.72 27.02
N MET D 223 11.48 59.89 25.80
CA MET D 223 10.05 59.90 25.50
C MET D 223 9.68 58.59 24.79
N PHE D 224 8.74 57.85 25.38
CA PHE D 224 8.21 56.62 24.78
C PHE D 224 6.87 56.89 24.13
N ILE D 225 6.74 56.54 22.85
CA ILE D 225 5.44 56.54 22.19
C ILE D 225 5.22 55.19 21.51
N SER D 226 4.04 54.62 21.70
CA SER D 226 3.65 53.41 21.02
C SER D 226 2.54 53.73 20.02
N ILE D 227 2.62 53.12 18.84
CA ILE D 227 1.64 53.38 17.78
C ILE D 227 1.04 52.09 17.23
N ASN D 228 -0.24 52.16 16.86
CA ASN D 228 -1.00 51.02 16.32
C ASN D 228 -2.40 51.46 15.88
N PRO D 229 -2.82 51.06 14.67
CA PRO D 229 -2.07 50.33 13.64
C PRO D 229 -1.09 51.24 12.90
N GLY D 230 -0.36 50.69 11.92
CA GLY D 230 0.47 51.51 11.05
C GLY D 230 1.96 51.49 11.31
N ALA D 231 2.41 50.56 12.15
CA ALA D 231 3.84 50.34 12.35
C ALA D 231 4.53 50.01 11.02
N PRO D 232 5.82 50.38 10.88
CA PRO D 232 6.51 50.16 9.60
C PRO D 232 6.61 48.67 9.26
N ALA D 233 6.77 47.84 10.29
CA ALA D 233 6.80 46.38 10.13
C ALA D 233 5.39 45.79 10.07
N GLY D 234 4.38 46.65 10.20
CA GLY D 234 2.99 46.23 10.22
C GLY D 234 2.44 46.10 11.63
N GLY D 235 1.27 46.69 11.85
CA GLY D 235 0.55 46.58 13.11
C GLY D 235 1.01 47.52 14.20
N SER D 236 1.60 46.94 15.25
CA SER D 236 1.96 47.69 16.45
C SER D 236 3.48 47.72 16.68
N PHE D 237 3.97 48.76 17.37
CA PHE D 237 5.36 48.81 17.82
C PHE D 237 5.61 49.98 18.78
N ASN D 238 6.76 49.94 19.45
CA ASN D 238 7.10 50.96 20.44
C ASN D 238 8.33 51.75 20.02
N GLN D 239 8.18 53.06 19.86
CA GLN D 239 9.30 53.95 19.53
C GLN D 239 9.77 54.78 20.72
N TYR D 240 10.95 55.36 20.59
CA TYR D 240 11.49 56.24 21.63
C TYR D 240 12.28 57.43 21.08
N PHE D 241 12.45 58.45 21.93
CA PHE D 241 13.24 59.64 21.61
C PHE D 241 14.15 59.94 22.81
N VAL D 242 15.40 60.30 22.53
CA VAL D 242 16.33 60.71 23.59
C VAL D 242 16.55 62.21 23.49
N GLY D 243 16.35 62.91 24.62
CA GLY D 243 16.49 64.36 24.65
C GLY D 243 16.48 64.96 26.04
N SER D 244 15.87 66.15 26.15
CA SER D 244 15.89 66.88 27.41
C SER D 244 14.51 67.43 27.80
N PHE D 245 14.27 67.49 29.11
CA PHE D 245 13.02 67.99 29.68
C PHE D 245 13.29 69.16 30.61
N ASN D 246 12.66 70.30 30.33
CA ASN D 246 12.88 71.53 31.10
C ASN D 246 11.85 71.77 32.22
N GLY D 247 10.75 71.03 32.19
CA GLY D 247 9.66 71.21 33.15
C GLY D 247 8.32 71.37 32.46
N THR D 248 8.36 71.79 31.20
CA THR D 248 7.14 71.94 30.40
C THR D 248 7.27 71.28 29.03
N HIS D 249 8.32 71.62 28.30
CA HIS D 249 8.54 71.12 26.94
C HIS D 249 9.54 70.01 26.89
N PHE D 250 9.36 69.09 25.94
CA PHE D 250 10.36 68.07 25.64
C PHE D 250 10.95 68.28 24.24
N GLU D 251 12.28 68.14 24.15
CA GLU D 251 13.00 68.22 22.88
C GLU D 251 13.98 67.07 22.76
N ALA D 252 13.90 66.35 21.65
CA ALA D 252 14.88 65.30 21.35
C ALA D 252 16.14 65.95 20.85
N PHE D 253 17.29 65.43 21.28
CA PHE D 253 18.60 65.97 20.87
C PHE D 253 18.70 66.21 19.37
N ASP D 254 18.08 65.33 18.60
CA ASP D 254 17.89 65.53 17.16
C ASP D 254 16.53 65.02 16.68
N ASN D 255 16.11 65.51 15.52
CA ASN D 255 14.99 64.94 14.81
C ASN D 255 15.40 63.54 14.34
N GLN D 256 14.81 62.49 14.93
CA GLN D 256 15.22 61.10 14.67
C GLN D 256 14.26 60.08 15.28
N SER D 257 13.91 59.06 14.49
CA SER D 257 13.09 57.96 14.97
C SER D 257 13.98 56.78 15.32
N ARG D 258 13.56 56.02 16.33
CA ARG D 258 14.25 54.80 16.77
C ARG D 258 13.22 53.87 17.40
N VAL D 259 13.43 52.56 17.31
CA VAL D 259 12.47 51.62 17.88
C VAL D 259 13.00 50.97 19.17
N VAL D 260 12.11 50.74 20.14
CA VAL D 260 12.51 50.12 21.41
C VAL D 260 12.81 48.63 21.21
N ASP D 261 11.88 47.92 20.58
CA ASP D 261 12.03 46.49 20.35
C ASP D 261 11.77 46.14 18.90
N PHE D 262 12.71 45.42 18.30
CA PHE D 262 12.64 45.09 16.87
C PHE D 262 11.79 43.86 16.61
N GLY D 263 11.54 43.08 17.67
CA GLY D 263 10.63 41.95 17.61
C GLY D 263 9.21 42.36 17.29
N LYS D 264 8.41 41.39 16.88
CA LYS D 264 7.05 41.65 16.43
C LYS D 264 6.05 41.77 17.59
N ASP D 265 6.45 41.39 18.79
CA ASP D 265 5.55 41.34 19.94
C ASP D 265 6.08 42.11 21.15
N TYR D 266 5.97 43.43 21.11
CA TYR D 266 6.43 44.30 22.21
C TYR D 266 5.76 45.65 22.08
N TYR D 267 4.77 45.89 22.95
CA TYR D 267 3.93 47.06 22.81
C TYR D 267 3.47 47.62 24.16
N ALA D 268 3.06 48.89 24.14
CA ALA D 268 2.52 49.60 25.32
C ALA D 268 3.45 49.55 26.54
N LEU D 269 4.71 49.85 26.33
CA LEU D 269 5.70 49.86 27.39
C LEU D 269 5.42 50.99 28.36
N GLN D 270 5.34 50.63 29.63
CA GLN D 270 5.27 51.61 30.70
C GLN D 270 6.40 51.33 31.68
N THR D 271 7.00 52.41 32.19
CA THR D 271 8.06 52.30 33.19
C THR D 271 7.42 52.37 34.57
N PHE D 272 8.09 51.80 35.56
CA PHE D 272 7.64 51.89 36.95
C PHE D 272 7.74 53.34 37.45
N PHE D 273 6.97 53.66 38.48
CA PHE D 273 7.05 54.99 39.09
C PHE D 273 8.27 55.09 40.01
N ASN D 274 8.57 53.98 40.69
CA ASN D 274 9.74 53.89 41.56
C ASN D 274 10.26 52.46 41.60
N THR D 275 11.49 52.27 42.07
CA THR D 275 12.05 50.92 42.17
C THR D 275 12.75 50.64 43.50
N ASP D 276 13.26 49.43 43.61
CA ASP D 276 14.14 49.02 44.69
C ASP D 276 15.55 48.95 44.11
N PRO D 277 16.41 49.94 44.44
CA PRO D 277 17.75 49.92 43.85
C PRO D 277 18.89 49.58 44.84
N THR D 278 19.57 48.43 44.75
CA THR D 278 19.31 47.24 43.89
C THR D 278 18.91 47.46 42.41
N TYR D 279 17.85 46.81 41.96
CA TYR D 279 17.37 46.85 40.56
C TYR D 279 17.65 48.19 39.86
N GLY D 280 17.21 49.29 40.48
CA GLY D 280 17.54 50.66 40.07
C GLY D 280 16.86 51.18 38.82
N SER D 281 15.87 52.07 38.99
CA SER D 281 15.15 52.66 37.86
C SER D 281 16.13 53.40 36.94
N ALA D 282 15.87 53.45 35.63
CA ALA D 282 14.58 53.09 35.01
C ALA D 282 14.33 51.58 34.82
N LEU D 283 13.10 51.16 35.13
CA LEU D 283 12.63 49.80 34.91
C LEU D 283 11.29 49.82 34.17
N GLY D 284 11.20 49.04 33.09
CA GLY D 284 10.00 49.00 32.27
C GLY D 284 9.55 47.62 31.82
N ILE D 285 8.24 47.42 31.77
CA ILE D 285 7.64 46.18 31.30
C ILE D 285 6.68 46.49 30.16
N ALA D 286 6.44 45.51 29.29
CA ALA D 286 5.57 45.70 28.13
C ALA D 286 4.70 44.49 27.83
N TRP D 287 3.60 44.74 27.13
CA TRP D 287 2.67 43.71 26.68
C TRP D 287 3.25 43.03 25.46
N ALA D 288 3.53 41.73 25.59
CA ALA D 288 4.23 41.00 24.54
C ALA D 288 3.29 40.39 23.50
N SER D 289 2.89 41.21 22.53
CA SER D 289 2.05 40.77 21.41
C SER D 289 1.94 41.85 20.32
N ASN D 290 1.17 41.55 19.29
CA ASN D 290 0.93 42.48 18.20
C ASN D 290 -0.55 42.49 17.83
N TRP D 291 -1.16 43.65 17.94
CA TRP D 291 -2.61 43.81 17.75
C TRP D 291 -3.20 43.18 16.53
N GLU D 292 -2.37 42.94 15.52
CA GLU D 292 -2.83 42.31 14.28
C GLU D 292 -3.41 40.91 14.49
N TYR D 293 -2.77 40.13 15.36
CA TYR D 293 -3.13 38.73 15.59
C TYR D 293 -3.18 38.34 17.07
N SER D 294 -3.20 39.33 17.95
CA SER D 294 -3.16 39.11 19.40
C SER D 294 -4.38 38.35 19.93
N ALA D 295 -5.51 38.52 19.25
CA ALA D 295 -6.77 37.93 19.70
C ALA D 295 -7.03 36.53 19.15
N PHE D 296 -6.10 36.02 18.35
CA PHE D 296 -6.27 34.72 17.69
C PHE D 296 -5.19 33.70 18.04
N VAL D 297 -4.26 34.06 18.92
CA VAL D 297 -3.20 33.14 19.34
C VAL D 297 -3.80 31.95 20.10
N PRO D 298 -3.23 30.74 19.90
CA PRO D 298 -3.81 29.53 20.46
C PRO D 298 -3.38 29.28 21.91
N THR D 299 -3.99 30.05 22.83
CA THR D 299 -3.79 29.84 24.26
C THR D 299 -5.14 29.82 24.98
N ASN D 300 -5.24 28.95 25.99
CA ASN D 300 -6.44 28.79 26.78
C ASN D 300 -6.04 28.31 28.19
N PRO D 301 -6.72 28.82 29.24
CA PRO D 301 -7.88 29.71 29.27
C PRO D 301 -7.54 31.20 29.28
N TRP D 302 -6.31 31.54 28.96
CA TRP D 302 -5.87 32.94 28.96
C TRP D 302 -5.32 33.31 27.61
N ARG D 303 -5.16 34.60 27.39
CA ARG D 303 -4.41 35.10 26.24
C ARG D 303 -3.48 36.22 26.68
N SER D 304 -2.29 36.24 26.09
CA SER D 304 -1.29 37.30 26.27
C SER D 304 -0.42 37.16 27.51
N SER D 305 0.88 37.29 27.29
CA SER D 305 1.89 37.34 28.34
C SER D 305 2.52 38.71 28.32
N MET D 306 3.09 39.10 29.45
CA MET D 306 3.89 40.32 29.50
C MET D 306 5.32 39.95 29.12
N SER D 307 6.14 40.94 28.78
CA SER D 307 7.56 40.71 28.59
C SER D 307 8.21 40.69 29.97
N LEU D 308 9.52 40.49 30.02
CA LEU D 308 10.26 40.64 31.27
C LEU D 308 10.38 42.12 31.60
N VAL D 309 10.58 42.43 32.87
CA VAL D 309 10.90 43.80 33.27
C VAL D 309 12.35 44.03 32.89
N ARG D 310 12.64 45.22 32.36
CA ARG D 310 13.96 45.50 31.85
C ARG D 310 14.56 46.76 32.49
N LYS D 311 15.84 46.68 32.85
CA LYS D 311 16.58 47.82 33.39
C LYS D 311 17.07 48.69 32.24
N PHE D 312 16.54 49.91 32.15
CA PHE D 312 16.94 50.84 31.11
C PHE D 312 18.16 51.68 31.49
N SER D 313 19.00 51.90 30.48
CA SER D 313 20.17 52.76 30.59
C SER D 313 20.49 53.30 29.20
N LEU D 314 21.07 54.50 29.13
CA LEU D 314 21.46 55.07 27.84
C LEU D 314 22.93 54.86 27.54
N ASN D 315 23.21 54.30 26.37
CA ASN D 315 24.57 54.05 25.92
C ASN D 315 24.94 55.10 24.89
N THR D 316 25.76 56.06 25.30
CA THR D 316 26.17 57.15 24.42
C THR D 316 27.23 56.73 23.40
N GLU D 317 27.94 55.65 23.70
CA GLU D 317 29.06 55.20 22.88
C GLU D 317 28.74 53.92 22.10
N TYR D 318 27.47 53.73 21.75
CA TYR D 318 27.05 52.57 20.96
C TYR D 318 27.48 52.71 19.50
N GLN D 319 28.35 51.80 19.05
CA GLN D 319 28.79 51.76 17.66
C GLN D 319 27.65 51.32 16.74
N ALA D 320 26.82 52.28 16.34
CA ALA D 320 25.70 52.02 15.44
C ALA D 320 26.18 51.42 14.12
N ASN D 321 27.32 51.90 13.65
CA ASN D 321 28.06 51.32 12.54
C ASN D 321 29.55 51.50 12.81
N PRO D 322 30.43 51.10 11.86
CA PRO D 322 31.87 51.20 12.18
C PRO D 322 32.43 52.63 12.18
N GLU D 323 31.67 53.62 11.73
CA GLU D 323 32.14 55.00 11.72
C GLU D 323 31.71 55.79 12.97
N THR D 324 30.41 55.92 13.16
CA THR D 324 29.86 56.83 14.19
C THR D 324 29.21 56.12 15.38
N GLU D 325 29.07 56.85 16.47
CA GLU D 325 28.42 56.37 17.69
C GLU D 325 27.13 57.14 17.92
N LEU D 326 26.12 56.46 18.46
CA LEU D 326 24.85 57.12 18.75
C LEU D 326 24.45 56.89 20.21
N ILE D 327 23.60 57.77 20.72
CA ILE D 327 23.00 57.57 22.03
C ILE D 327 21.91 56.51 21.86
N ASN D 328 22.18 55.31 22.34
CA ASN D 328 21.26 54.18 22.17
C ASN D 328 20.67 53.69 23.49
N LEU D 329 19.38 53.36 23.49
CA LEU D 329 18.72 52.79 24.65
C LEU D 329 19.15 51.34 24.87
N LYS D 330 19.56 51.04 26.09
CA LYS D 330 19.98 49.71 26.49
C LYS D 330 18.97 49.13 27.47
N ALA D 331 18.50 47.92 27.18
CA ALA D 331 17.52 47.25 28.02
C ALA D 331 18.05 45.90 28.48
N GLU D 332 18.28 45.78 29.79
CA GLU D 332 18.81 44.55 30.37
C GLU D 332 17.72 43.83 31.10
N PRO D 333 17.71 42.47 31.03
CA PRO D 333 16.61 41.70 31.63
C PRO D 333 16.65 41.63 33.16
N ILE D 334 15.48 41.66 33.79
CA ILE D 334 15.36 41.36 35.21
C ILE D 334 14.74 39.98 35.35
N LEU D 335 15.54 39.04 35.86
CA LEU D 335 15.11 37.66 36.03
C LEU D 335 15.78 37.05 37.25
N ASN D 336 14.99 36.87 38.32
CA ASN D 336 15.45 36.14 39.49
C ASN D 336 15.41 34.66 39.15
N ILE D 337 16.55 34.14 38.71
CA ILE D 337 16.65 32.79 38.13
C ILE D 337 16.03 31.74 39.05
N SER D 338 16.14 31.95 40.35
CA SER D 338 15.46 31.14 41.37
C SER D 338 16.16 29.80 41.64
N ASN D 339 15.98 28.84 40.73
CA ASN D 339 16.68 27.54 40.79
C ASN D 339 16.83 26.93 39.40
N ALA D 340 18.08 26.85 38.95
CA ALA D 340 18.39 26.43 37.57
C ALA D 340 19.77 25.79 37.47
N GLY D 341 20.12 25.36 36.26
CA GLY D 341 21.39 24.71 35.98
C GLY D 341 21.20 23.23 35.70
N PRO D 342 22.29 22.54 35.31
CA PRO D 342 23.60 23.13 35.06
C PRO D 342 23.73 23.55 33.60
N TRP D 343 24.79 24.31 33.30
CA TRP D 343 25.09 24.68 31.93
C TRP D 343 25.47 23.50 31.10
N SER D 344 25.19 23.58 29.80
CA SER D 344 25.74 22.66 28.81
C SER D 344 26.47 23.51 27.78
N ARG D 345 27.66 23.09 27.36
CA ARG D 345 28.37 23.89 26.35
C ARG D 345 28.90 23.16 25.11
N PHE D 346 29.24 23.94 24.08
CA PHE D 346 29.64 23.44 22.77
C PHE D 346 31.08 23.75 22.41
N ALA D 347 31.21 24.42 21.26
CA ALA D 347 32.47 24.72 20.60
C ALA D 347 33.28 25.79 21.32
N THR D 348 33.37 25.68 22.64
CA THR D 348 34.13 26.64 23.45
C THR D 348 35.51 26.85 22.85
N ASN D 349 35.76 28.08 22.41
CA ASN D 349 37.01 28.50 21.79
C ASN D 349 37.44 27.69 20.56
N THR D 350 36.49 27.41 19.66
CA THR D 350 36.78 26.73 18.39
C THR D 350 36.18 27.46 17.17
N THR D 351 36.77 27.23 16.00
CA THR D 351 36.26 27.76 14.73
C THR D 351 35.45 26.66 14.04
N LEU D 352 34.13 26.73 14.14
CA LEU D 352 33.28 25.65 13.66
C LEU D 352 33.10 25.59 12.15
N THR D 353 33.05 24.37 11.63
CA THR D 353 33.15 24.10 10.20
C THR D 353 31.89 23.42 9.63
N LYS D 354 31.55 23.74 8.38
CA LYS D 354 30.32 23.25 7.70
C LYS D 354 30.03 21.76 7.84
N ALA D 355 31.03 20.94 7.53
CA ALA D 355 30.94 19.49 7.57
C ALA D 355 30.32 18.96 8.87
N ASN D 356 30.78 19.44 10.02
CA ASN D 356 30.31 18.92 11.31
C ASN D 356 29.49 19.89 12.15
N SER D 357 28.48 19.37 12.85
CA SER D 357 27.52 20.18 13.60
C SER D 357 27.31 19.68 15.03
N TYR D 358 26.98 20.61 15.93
CA TYR D 358 26.85 20.33 17.36
C TYR D 358 25.40 20.15 17.81
N ASN D 359 25.21 19.35 18.85
CA ASN D 359 23.89 19.12 19.44
C ASN D 359 23.94 18.78 20.93
N VAL D 360 23.03 19.39 21.70
CA VAL D 360 22.66 18.90 23.02
C VAL D 360 21.16 18.87 23.04
N ASP D 361 20.57 17.70 23.28
CA ASP D 361 19.16 17.69 23.61
C ASP D 361 18.89 17.34 25.07
N LEU D 362 18.21 18.26 25.74
CA LEU D 362 17.86 18.14 27.14
C LEU D 362 16.54 17.38 27.22
N SER D 363 16.65 16.06 27.41
CA SER D 363 15.56 15.09 27.20
C SER D 363 14.25 15.38 27.91
N ASN D 364 14.31 16.17 28.99
CA ASN D 364 13.10 16.61 29.67
C ASN D 364 13.16 18.06 30.13
N SER D 365 13.40 18.96 29.17
CA SER D 365 13.29 20.40 29.43
C SER D 365 11.82 20.76 29.53
N THR D 366 11.49 21.60 30.49
CA THR D 366 10.12 22.06 30.68
C THR D 366 9.63 22.97 29.54
N GLY D 367 10.51 23.27 28.59
CA GLY D 367 10.18 24.16 27.49
C GLY D 367 10.63 25.59 27.74
N THR D 368 11.14 25.85 28.95
CA THR D 368 11.72 27.13 29.31
C THR D 368 13.22 26.95 29.55
N LEU D 369 14.02 27.63 28.73
CA LEU D 369 15.48 27.62 28.87
C LEU D 369 16.13 28.90 28.37
N GLU D 370 17.35 29.16 28.83
CA GLU D 370 18.11 30.33 28.43
C GLU D 370 19.43 29.91 27.80
N PHE D 371 19.97 30.75 26.93
CA PHE D 371 21.25 30.48 26.31
C PHE D 371 22.13 31.72 26.22
N GLU D 372 23.44 31.49 26.31
CA GLU D 372 24.44 32.55 26.24
C GLU D 372 25.39 32.21 25.10
N LEU D 373 25.43 33.07 24.07
CA LEU D 373 26.25 32.83 22.89
C LEU D 373 27.11 34.04 22.56
N VAL D 374 28.42 33.81 22.43
CA VAL D 374 29.36 34.84 21.95
C VAL D 374 30.12 34.31 20.74
N TYR D 375 29.77 34.80 19.55
CA TYR D 375 30.43 34.36 18.32
C TYR D 375 31.30 35.46 17.72
N ALA D 376 32.06 35.11 16.69
CA ALA D 376 32.93 36.06 15.99
C ALA D 376 33.10 35.74 14.51
N VAL D 377 32.82 36.72 13.66
CA VAL D 377 33.04 36.55 12.24
C VAL D 377 34.51 36.66 11.93
N ASN D 378 34.97 35.96 10.90
CA ASN D 378 36.39 36.01 10.56
C ASN D 378 36.81 37.41 10.15
N THR D 379 35.95 38.10 9.44
CA THR D 379 36.23 39.44 9.00
C THR D 379 37.27 39.47 7.89
N THR D 380 38.44 38.92 8.16
CA THR D 380 39.46 38.88 7.13
C THR D 380 40.06 37.52 6.88
N GLN D 381 39.85 37.05 5.66
CA GLN D 381 38.95 37.76 4.79
C GLN D 381 37.84 36.83 4.39
N THR D 382 38.22 35.79 3.67
CA THR D 382 37.39 34.65 3.39
C THR D 382 36.45 34.99 2.25
N ILE D 383 36.31 36.26 1.96
CA ILE D 383 35.47 36.70 0.88
C ILE D 383 34.10 36.05 0.99
N SER D 384 33.65 35.46 -0.11
CA SER D 384 32.51 34.57 -0.10
C SER D 384 31.23 35.30 -0.41
N LYS D 385 30.54 34.88 -1.44
CA LYS D 385 29.19 35.33 -1.67
C LYS D 385 28.47 34.40 -2.61
N SER D 386 27.14 34.48 -2.60
CA SER D 386 26.34 33.59 -3.40
C SER D 386 26.20 32.33 -2.60
N VAL D 387 26.88 32.29 -1.47
CA VAL D 387 26.74 31.17 -0.55
C VAL D 387 26.20 31.72 0.77
N PHE D 388 25.07 31.17 1.22
CA PHE D 388 24.43 31.62 2.46
C PHE D 388 25.34 31.37 3.66
N ALA D 389 26.01 32.43 4.10
CA ALA D 389 27.03 32.36 5.14
C ALA D 389 26.46 32.55 6.53
N ASP D 390 25.87 31.49 7.09
CA ASP D 390 25.17 31.61 8.38
C ASP D 390 25.75 30.78 9.51
N LEU D 391 25.55 31.27 10.73
CA LEU D 391 25.69 30.49 11.95
C LEU D 391 24.28 30.35 12.48
N SER D 392 23.78 29.12 12.53
CA SER D 392 22.39 28.90 12.91
C SER D 392 22.24 28.08 14.16
N LEU D 393 21.33 28.51 15.02
CA LEU D 393 20.88 27.73 16.16
C LEU D 393 19.51 27.13 15.86
N TRP D 394 19.35 25.85 16.15
CA TRP D 394 18.08 25.19 15.95
C TRP D 394 17.59 24.65 17.26
N PHE D 395 16.42 25.14 17.69
CA PHE D 395 15.74 24.58 18.84
C PHE D 395 14.67 23.61 18.35
N LYS D 396 15.12 22.39 18.08
CA LYS D 396 14.30 21.31 17.55
C LYS D 396 13.64 20.55 18.69
N GLY D 397 13.04 19.41 18.35
CA GLY D 397 12.46 18.50 19.33
C GLY D 397 11.14 19.01 19.84
N LEU D 398 10.60 18.36 20.88
CA LEU D 398 11.27 17.23 21.52
C LEU D 398 10.44 15.95 21.37
N GLU D 399 9.13 16.09 21.39
CA GLU D 399 8.21 15.02 21.00
C GLU D 399 8.20 14.91 19.48
N ASP D 400 8.37 16.08 18.83
CA ASP D 400 8.30 16.18 17.40
C ASP D 400 9.23 17.29 16.92
N PRO D 401 10.45 16.92 16.48
CA PRO D 401 11.30 17.85 15.72
C PRO D 401 10.62 18.13 14.39
N GLU D 402 11.28 18.84 13.48
CA GLU D 402 10.61 19.28 12.25
C GLU D 402 9.61 20.39 12.61
N GLU D 403 9.37 20.51 13.92
CA GLU D 403 8.64 21.61 14.51
C GLU D 403 9.64 22.28 15.45
N TYR D 404 10.13 23.44 15.02
CA TYR D 404 11.34 24.02 15.60
C TYR D 404 11.37 25.50 15.30
N LEU D 405 12.14 26.26 16.08
CA LEU D 405 12.47 27.62 15.66
C LEU D 405 13.95 27.79 15.35
N ARG D 406 14.22 28.40 14.21
CA ARG D 406 15.58 28.63 13.75
C ARG D 406 15.96 30.08 13.96
N MET D 407 17.20 30.31 14.38
CA MET D 407 17.75 31.65 14.52
C MET D 407 19.26 31.61 14.38
N GLY D 408 19.82 32.75 13.99
CA GLY D 408 21.26 32.88 13.88
C GLY D 408 21.65 34.15 13.17
N PHE D 409 22.85 34.15 12.61
CA PHE D 409 23.40 35.31 11.94
C PHE D 409 23.88 34.90 10.57
N GLU D 410 23.65 35.74 9.58
CA GLU D 410 24.22 35.56 8.25
C GLU D 410 25.13 36.74 7.95
N VAL D 411 26.33 36.46 7.45
CA VAL D 411 27.36 37.49 7.25
C VAL D 411 26.97 38.50 6.18
N SER D 412 26.51 38.02 5.03
CA SER D 412 26.17 38.86 3.88
C SER D 412 25.03 39.84 4.19
N ALA D 413 24.13 39.43 5.08
CA ALA D 413 23.01 40.28 5.48
C ALA D 413 23.36 41.18 6.65
N SER D 414 24.34 40.74 7.45
CA SER D 414 24.76 41.42 8.67
C SER D 414 23.60 41.60 9.67
N SER D 415 22.71 40.62 9.71
CA SER D 415 21.50 40.66 10.54
C SER D 415 21.27 39.33 11.24
N PHE D 416 20.66 39.40 12.43
CA PHE D 416 20.30 38.19 13.19
C PHE D 416 18.84 37.84 12.92
N PHE D 417 18.62 36.68 12.27
CA PHE D 417 17.30 36.26 11.83
C PHE D 417 16.58 35.33 12.83
N LEU D 418 15.26 35.29 12.74
CA LEU D 418 14.44 34.35 13.49
C LEU D 418 13.36 33.76 12.58
N ASP D 419 13.15 32.44 12.67
CA ASP D 419 12.13 31.77 11.87
C ASP D 419 11.12 31.02 12.75
N ARG D 420 10.03 31.71 13.10
CA ARG D 420 9.02 31.14 14.00
C ARG D 420 7.89 30.41 13.27
N GLY D 421 8.09 30.13 11.99
CA GLY D 421 7.27 29.16 11.27
C GLY D 421 7.79 27.78 11.63
N ASN D 422 7.25 26.73 11.01
CA ASN D 422 7.58 25.32 11.34
C ASN D 422 7.15 24.94 12.76
N SER D 423 5.86 24.77 13.04
CA SER D 423 4.77 24.71 12.10
C SER D 423 3.61 24.19 12.92
N LYS D 424 2.65 23.53 12.27
CA LYS D 424 1.54 22.94 12.99
C LYS D 424 0.70 24.08 13.53
N VAL D 425 -0.07 23.87 14.57
CA VAL D 425 -0.68 25.01 15.19
C VAL D 425 -1.25 25.81 14.05
N LYS D 426 -2.37 25.37 13.50
CA LYS D 426 -2.77 25.84 12.23
C LYS D 426 -2.64 27.33 12.30
N PHE D 427 -2.95 27.91 13.46
CA PHE D 427 -2.86 29.34 13.52
C PHE D 427 -1.58 29.87 12.89
N VAL D 428 -0.44 29.26 13.18
CA VAL D 428 0.83 29.68 12.58
C VAL D 428 0.83 29.40 11.08
N LYS D 429 0.15 28.33 10.69
CA LYS D 429 0.09 27.95 9.29
C LYS D 429 -0.91 28.77 8.47
N GLU D 430 -1.89 29.37 9.13
CA GLU D 430 -3.01 30.00 8.43
C GLU D 430 -3.21 31.50 8.63
N ASN D 431 -2.92 32.00 9.83
CA ASN D 431 -3.17 33.41 10.14
C ASN D 431 -2.26 34.35 9.35
N PRO D 432 -2.84 35.14 8.41
CA PRO D 432 -2.06 35.94 7.47
C PRO D 432 -1.32 37.13 8.09
N TYR D 433 -1.47 37.32 9.40
CA TYR D 433 -0.80 38.41 10.10
C TYR D 433 0.36 37.92 10.96
N PHE D 434 0.43 36.61 11.20
CA PHE D 434 1.49 36.06 12.05
C PHE D 434 2.76 35.84 11.27
N THR D 435 3.61 36.88 11.25
CA THR D 435 4.86 36.89 10.50
C THR D 435 5.75 35.74 10.92
N ASN D 436 6.35 35.06 9.93
CA ASN D 436 7.22 33.92 10.19
C ASN D 436 8.68 34.29 10.47
N ARG D 437 9.12 35.44 9.95
CA ARG D 437 10.53 35.80 9.92
C ARG D 437 10.81 37.28 10.17
N MET D 438 11.80 37.55 11.02
CA MET D 438 12.31 38.92 11.23
C MET D 438 13.80 38.95 11.55
N SER D 439 14.43 40.10 11.30
CA SER D 439 15.86 40.27 11.52
C SER D 439 16.09 41.37 12.55
N VAL D 440 17.37 41.65 12.85
CA VAL D 440 17.68 42.65 13.88
C VAL D 440 18.78 43.66 13.49
N ASN D 441 19.78 43.21 12.73
CA ASN D 441 20.94 44.04 12.36
C ASN D 441 21.78 44.44 13.58
N ASN D 442 22.15 43.45 14.39
CA ASN D 442 23.02 43.68 15.53
C ASN D 442 24.45 43.97 15.12
N GLN D 443 25.17 44.71 15.95
CA GLN D 443 26.54 45.14 15.65
C GLN D 443 27.55 44.52 16.61
N PRO D 444 28.84 44.42 16.19
CA PRO D 444 29.84 43.81 17.07
C PRO D 444 30.09 44.66 18.32
N PHE D 445 30.67 44.08 19.37
CA PHE D 445 31.04 44.86 20.55
C PHE D 445 32.53 45.16 20.64
N LYS D 446 33.35 44.32 20.00
CA LYS D 446 34.78 44.56 19.90
C LYS D 446 35.37 43.89 18.65
N SER D 447 36.61 44.21 18.36
CA SER D 447 37.32 43.63 17.22
C SER D 447 38.75 43.25 17.59
N GLU D 448 38.95 41.98 17.89
CA GLU D 448 40.27 41.51 18.23
C GLU D 448 41.00 40.93 17.05
N ASN D 449 42.07 41.57 16.65
CA ASN D 449 42.95 40.94 15.71
C ASN D 449 42.19 40.36 14.55
N ASP D 450 41.32 41.10 13.94
CA ASP D 450 40.62 40.61 12.75
C ASP D 450 39.41 39.72 12.99
N LEU D 451 38.96 39.59 14.23
CA LEU D 451 37.69 38.91 14.46
C LEU D 451 36.68 39.86 15.07
N SER D 452 35.52 40.00 14.46
CA SER D 452 34.43 40.82 15.00
C SER D 452 33.55 40.01 15.94
N TYR D 453 33.55 40.41 17.20
CA TYR D 453 32.82 39.72 18.27
C TYR D 453 31.40 40.25 18.47
N TYR D 454 30.43 39.34 18.40
CA TYR D 454 29.04 39.63 18.70
C TYR D 454 28.62 38.76 19.88
N LYS D 455 27.74 39.29 20.74
CA LYS D 455 27.17 38.46 21.82
C LYS D 455 25.64 38.45 21.81
N VAL D 456 25.05 37.32 22.21
CA VAL D 456 23.60 37.16 22.26
C VAL D 456 23.19 36.39 23.51
N TYR D 457 22.32 37.00 24.30
CA TYR D 457 21.62 36.27 25.36
C TYR D 457 20.18 36.09 24.91
N GLY D 458 19.66 34.88 25.09
CA GLY D 458 18.27 34.59 24.73
C GLY D 458 17.59 33.77 25.80
N LEU D 459 16.29 33.99 25.95
CA LEU D 459 15.46 33.24 26.90
C LEU D 459 14.19 32.76 26.21
N LEU D 460 13.95 31.45 26.26
CA LEU D 460 12.75 30.88 25.68
C LEU D 460 11.84 30.44 26.80
N ASP D 461 10.58 30.87 26.75
CA ASP D 461 9.64 30.50 27.80
C ASP D 461 8.33 29.96 27.23
N GLN D 462 8.40 28.77 26.67
CA GLN D 462 7.22 28.04 26.24
C GLN D 462 6.57 28.67 25.02
N ASN D 463 6.14 29.91 25.16
CA ASN D 463 5.54 30.60 24.02
C ASN D 463 6.14 31.97 23.66
N ILE D 464 7.22 32.37 24.31
CA ILE D 464 7.84 33.67 24.04
C ILE D 464 9.37 33.61 23.96
N LEU D 465 9.97 34.35 23.04
CA LEU D 465 11.43 34.42 22.95
C LEU D 465 11.94 35.86 22.97
N GLU D 466 12.91 36.11 23.86
CA GLU D 466 13.54 37.41 23.95
C GLU D 466 15.02 37.28 23.64
N LEU D 467 15.50 38.11 22.72
CA LEU D 467 16.91 38.13 22.36
C LEU D 467 17.54 39.43 22.84
N TYR D 468 18.70 39.33 23.45
CA TYR D 468 19.40 40.47 24.00
C TYR D 468 20.78 40.59 23.38
N PHE D 469 20.90 41.47 22.39
CA PHE D 469 22.13 41.65 21.66
C PHE D 469 23.02 42.68 22.35
N ASN D 470 24.28 42.28 22.60
CA ASN D 470 25.25 43.09 23.34
C ASN D 470 24.72 43.62 24.66
N ASP D 471 24.21 42.69 25.47
CA ASP D 471 23.65 42.98 26.81
C ASP D 471 22.50 43.98 26.78
N GLY D 472 21.72 43.97 25.70
CA GLY D 472 20.52 44.77 25.60
C GLY D 472 20.65 46.05 24.80
N ASP D 473 21.76 46.21 24.09
CA ASP D 473 21.91 47.32 23.15
C ASP D 473 20.86 47.25 22.05
N VAL D 474 20.52 46.03 21.64
CA VAL D 474 19.44 45.77 20.69
C VAL D 474 18.59 44.63 21.25
N VAL D 475 17.27 44.77 21.17
CA VAL D 475 16.37 43.71 21.65
C VAL D 475 15.27 43.33 20.67
N SER D 476 14.86 42.06 20.73
CA SER D 476 13.84 41.51 19.86
C SER D 476 12.94 40.60 20.69
N THR D 477 11.64 40.88 20.65
CA THR D 477 10.67 40.07 21.38
C THR D 477 9.59 39.49 20.45
N ASN D 478 9.61 38.17 20.28
CA ASN D 478 8.65 37.48 19.42
C ASN D 478 8.06 36.27 20.11
N THR D 479 6.75 36.12 19.99
CA THR D 479 6.05 34.95 20.50
C THR D 479 6.10 33.80 19.48
N TYR D 480 6.07 32.57 19.95
CA TYR D 480 6.08 31.41 19.06
C TYR D 480 5.12 30.33 19.55
N PHE D 481 4.49 29.62 18.63
CA PHE D 481 3.52 28.58 19.03
C PHE D 481 3.77 27.24 18.35
N MET D 482 4.21 26.29 19.17
CA MET D 482 4.48 24.93 18.73
C MET D 482 3.33 24.03 19.19
N THR D 483 3.37 22.75 18.83
CA THR D 483 2.17 21.90 18.86
C THR D 483 1.75 21.41 20.25
N THR D 484 1.94 22.25 21.27
CA THR D 484 1.60 21.96 22.69
C THR D 484 2.37 20.78 23.24
N GLY D 485 2.38 20.64 24.57
CA GLY D 485 3.13 19.59 25.26
C GLY D 485 4.44 19.22 24.56
N ASN D 486 5.45 20.07 24.72
CA ASN D 486 6.81 19.79 24.22
C ASN D 486 7.20 20.38 22.90
N ALA D 487 8.42 20.93 22.83
CA ALA D 487 9.32 21.16 23.99
C ALA D 487 10.45 22.09 23.62
N LEU D 488 11.00 21.89 22.41
CA LEU D 488 12.12 22.67 21.92
C LEU D 488 13.36 22.48 22.81
N GLY D 489 13.62 21.22 23.16
CA GLY D 489 14.76 20.87 23.97
C GLY D 489 15.97 20.43 23.17
N SER D 490 15.77 20.13 21.89
CA SER D 490 16.87 19.70 21.03
C SER D 490 17.62 20.90 20.47
N VAL D 491 18.74 21.25 21.12
CA VAL D 491 19.49 22.46 20.76
C VAL D 491 20.64 22.12 19.82
N ASN D 492 20.57 22.66 18.59
CA ASN D 492 21.54 22.34 17.54
C ASN D 492 22.22 23.56 16.94
N MET D 493 23.55 23.51 16.86
CA MET D 493 24.32 24.56 16.18
C MET D 493 24.80 24.07 14.82
N THR D 494 24.81 24.98 13.84
CA THR D 494 25.05 24.67 12.44
C THR D 494 25.72 25.85 11.74
N THR D 495 26.41 25.59 10.65
CA THR D 495 27.00 26.67 9.90
C THR D 495 27.08 26.30 8.44
N GLY D 496 27.25 27.30 7.59
CA GLY D 496 27.51 27.11 6.18
C GLY D 496 28.74 27.91 5.92
N VAL D 497 29.72 27.33 5.23
CA VAL D 497 31.00 27.99 5.00
C VAL D 497 32.02 27.42 5.96
N ASP D 498 32.99 26.73 5.41
CA ASP D 498 33.81 25.85 6.23
C ASP D 498 34.55 26.65 7.25
N ASN D 499 35.02 27.84 6.90
CA ASN D 499 35.80 28.54 7.89
C ASN D 499 35.55 30.02 8.12
N LEU D 500 34.51 30.37 8.86
CA LEU D 500 34.18 31.78 9.03
C LEU D 500 33.81 32.17 10.45
N PHE D 501 32.92 31.42 11.08
CA PHE D 501 32.47 31.75 12.44
C PHE D 501 33.37 31.12 13.51
N TYR D 502 33.68 31.91 14.53
CA TYR D 502 34.42 31.43 15.69
C TYR D 502 33.50 31.47 16.91
N ILE D 503 33.26 30.32 17.52
CA ILE D 503 32.48 30.27 18.75
C ILE D 503 33.39 30.47 19.96
N ASP D 504 33.30 31.66 20.55
CA ASP D 504 33.99 31.94 21.80
C ASP D 504 33.31 31.19 22.94
N LYS D 505 31.98 31.23 22.96
CA LYS D 505 31.20 30.65 24.04
C LYS D 505 29.77 30.35 23.61
N PHE D 506 29.26 29.19 24.00
CA PHE D 506 27.85 28.86 23.90
C PHE D 506 27.40 27.97 25.04
N GLN D 507 26.39 28.43 25.79
CA GLN D 507 25.88 27.72 26.95
C GLN D 507 24.36 27.69 26.96
N VAL D 508 23.78 26.54 27.31
CA VAL D 508 22.33 26.42 27.49
C VAL D 508 22.02 25.79 28.83
N ARG D 509 20.92 26.23 29.44
CA ARG D 509 20.42 25.60 30.66
C ARG D 509 18.92 25.83 30.86
N GLU D 510 18.30 24.90 31.57
CA GLU D 510 16.89 24.98 31.93
C GLU D 510 16.70 26.02 33.01
N VAL D 511 15.57 26.72 32.98
CA VAL D 511 15.29 27.83 33.89
C VAL D 511 13.86 27.71 34.44
N LYS D 512 13.70 27.96 35.74
CA LYS D 512 12.38 27.95 36.37
C LYS D 512 12.14 29.24 37.16
N GLU E 4 -34.49 6.57 4.46
CA GLU E 4 -33.99 6.99 3.13
C GLU E 4 -35.12 7.62 2.35
N THR E 5 -35.63 8.71 2.92
CA THR E 5 -36.74 9.44 2.35
C THR E 5 -36.53 10.05 0.98
N SER E 6 -35.39 10.68 0.74
CA SER E 6 -35.14 11.32 -0.54
C SER E 6 -35.33 12.80 -0.43
N ASP E 7 -34.78 13.53 -1.39
CA ASP E 7 -34.92 14.96 -1.42
C ASP E 7 -36.29 15.32 -1.96
N ARG E 8 -36.99 16.21 -1.26
CA ARG E 8 -38.37 16.52 -1.57
C ARG E 8 -38.57 17.97 -1.94
N PRO E 9 -39.08 18.24 -3.13
CA PRO E 9 -39.31 19.61 -3.58
C PRO E 9 -39.92 20.52 -2.50
N LEU E 10 -39.46 21.75 -2.43
CA LEU E 10 -39.86 22.68 -1.38
C LEU E 10 -40.97 23.65 -1.77
N VAL E 11 -41.11 23.93 -3.07
CA VAL E 11 -42.11 24.88 -3.56
C VAL E 11 -43.07 24.28 -4.62
N HIS E 12 -42.92 23.00 -4.89
CA HIS E 12 -43.87 22.26 -5.71
C HIS E 12 -44.63 21.33 -4.81
N PHE E 13 -45.91 21.09 -5.11
CA PHE E 13 -46.68 20.18 -4.27
C PHE E 13 -46.34 18.74 -4.57
N THR E 14 -46.13 17.97 -3.50
CA THR E 14 -46.05 16.51 -3.58
C THR E 14 -47.00 15.92 -2.54
N PRO E 15 -47.49 14.69 -2.77
CA PRO E 15 -48.33 14.08 -1.75
C PRO E 15 -47.54 13.82 -0.47
N ASN E 16 -48.27 13.62 0.62
CA ASN E 16 -47.70 13.15 1.87
C ASN E 16 -46.86 11.89 1.60
N LYS E 17 -47.53 10.84 1.12
CA LYS E 17 -46.89 9.60 0.68
C LYS E 17 -47.73 8.97 -0.42
N GLY E 18 -47.13 8.09 -1.21
CA GLY E 18 -47.86 7.35 -2.24
C GLY E 18 -47.87 8.01 -3.60
N TRP E 19 -48.68 7.46 -4.51
CA TRP E 19 -48.70 7.90 -5.90
C TRP E 19 -49.64 9.04 -6.15
N MET E 20 -49.23 9.93 -7.06
CA MET E 20 -50.04 11.06 -7.52
C MET E 20 -49.95 11.22 -9.04
N ASN E 21 -51.04 11.65 -9.66
CA ASN E 21 -51.02 12.12 -11.05
C ASN E 21 -51.89 13.34 -11.33
N ASP E 22 -52.84 13.21 -12.25
CA ASP E 22 -53.64 14.34 -12.77
C ASP E 22 -54.24 15.22 -11.67
N PRO E 23 -54.06 16.55 -11.79
CA PRO E 23 -54.70 17.49 -10.87
C PRO E 23 -56.21 17.54 -11.11
N ASN E 24 -56.97 17.73 -10.04
CA ASN E 24 -58.43 17.67 -10.09
C ASN E 24 -59.11 18.84 -9.38
N GLY E 25 -60.38 19.08 -9.73
CA GLY E 25 -61.25 20.04 -9.05
C GLY E 25 -60.67 21.36 -8.56
N LEU E 26 -59.90 22.03 -9.42
CA LEU E 26 -59.24 23.28 -9.06
C LEU E 26 -60.22 24.45 -8.99
N TRP E 27 -60.27 25.10 -7.82
CA TRP E 27 -61.11 26.28 -7.60
C TRP E 27 -60.61 27.09 -6.44
N TYR E 28 -61.20 28.26 -6.21
CA TYR E 28 -60.77 29.15 -5.14
C TYR E 28 -61.92 29.60 -4.23
N ASP E 29 -61.71 29.47 -2.92
CA ASP E 29 -62.69 29.89 -1.92
C ASP E 29 -62.52 31.37 -1.62
N GLU E 30 -63.44 32.17 -2.14
CA GLU E 30 -63.36 33.63 -2.02
C GLU E 30 -63.64 34.13 -0.60
N LYS E 31 -64.39 33.35 0.16
CA LYS E 31 -64.71 33.70 1.54
C LYS E 31 -63.52 33.51 2.47
N ASP E 32 -62.91 32.33 2.42
CA ASP E 32 -61.81 31.98 3.34
C ASP E 32 -60.41 32.16 2.74
N ALA E 33 -60.36 32.74 1.54
CA ALA E 33 -59.10 32.99 0.80
C ALA E 33 -58.21 31.76 0.71
N LYS E 34 -58.78 30.65 0.23
CA LYS E 34 -58.05 29.39 0.10
C LYS E 34 -58.15 28.78 -1.30
N TRP E 35 -57.00 28.44 -1.86
CA TRP E 35 -56.91 27.71 -3.12
C TRP E 35 -57.06 26.25 -2.83
N HIS E 36 -57.87 25.56 -3.62
CA HIS E 36 -58.05 24.12 -3.44
C HIS E 36 -57.44 23.33 -4.56
N LEU E 37 -56.59 22.38 -4.20
CA LEU E 37 -55.97 21.48 -5.17
C LEU E 37 -56.31 20.04 -4.85
N TYR E 38 -56.95 19.37 -5.80
CA TYR E 38 -57.26 17.95 -5.69
C TYR E 38 -56.45 17.22 -6.74
N PHE E 39 -56.26 15.92 -6.54
CA PHE E 39 -55.41 15.13 -7.43
C PHE E 39 -55.72 13.64 -7.39
N GLN E 40 -55.44 12.95 -8.50
CA GLN E 40 -55.51 11.49 -8.55
C GLN E 40 -54.51 10.92 -7.54
N TYR E 41 -55.00 10.04 -6.66
CA TYR E 41 -54.24 9.66 -5.48
C TYR E 41 -54.36 8.19 -5.11
N ASN E 42 -53.20 7.55 -4.94
CA ASN E 42 -53.14 6.20 -4.40
C ASN E 42 -52.29 6.18 -3.15
N PRO E 43 -52.94 6.28 -1.97
CA PRO E 43 -52.21 6.45 -0.72
C PRO E 43 -51.61 5.15 -0.20
N ASN E 44 -51.94 4.02 -0.84
CA ASN E 44 -51.43 2.71 -0.42
C ASN E 44 -50.04 2.41 -0.99
N ASP E 45 -49.99 1.99 -2.25
CA ASP E 45 -48.72 1.78 -2.93
C ASP E 45 -48.14 3.10 -3.46
N THR E 46 -46.90 3.05 -3.91
CA THR E 46 -46.21 4.23 -4.43
C THR E 46 -46.21 4.24 -5.98
N VAL E 47 -47.13 3.47 -6.56
CA VAL E 47 -47.42 3.46 -8.01
C VAL E 47 -48.93 3.52 -8.22
N TRP E 48 -49.36 3.70 -9.47
CA TRP E 48 -50.80 3.79 -9.80
C TRP E 48 -51.52 2.50 -9.50
N GLY E 49 -52.72 2.62 -8.93
CA GLY E 49 -53.51 1.46 -8.55
C GLY E 49 -54.88 1.82 -7.98
N THR E 50 -55.76 0.81 -7.94
CA THR E 50 -57.11 0.96 -7.39
C THR E 50 -57.21 0.29 -6.02
N PRO E 51 -58.00 0.86 -5.09
CA PRO E 51 -58.84 2.05 -5.24
C PRO E 51 -58.05 3.33 -5.48
N LEU E 52 -58.49 4.12 -6.45
CA LEU E 52 -57.89 5.42 -6.73
C LEU E 52 -58.78 6.56 -6.19
N PHE E 53 -58.16 7.46 -5.42
CA PHE E 53 -58.90 8.49 -4.70
C PHE E 53 -58.66 9.90 -5.23
N TRP E 54 -59.38 10.86 -4.66
CA TRP E 54 -59.12 12.28 -4.88
C TRP E 54 -58.42 12.81 -3.68
N GLY E 55 -57.12 13.05 -3.80
CA GLY E 55 -56.37 13.69 -2.72
C GLY E 55 -56.71 15.16 -2.61
N HIS E 56 -56.49 15.73 -1.43
CA HIS E 56 -56.86 17.13 -1.19
C HIS E 56 -55.80 17.89 -0.44
N ALA E 57 -55.51 19.10 -0.91
CA ALA E 57 -54.55 20.00 -0.26
C ALA E 57 -54.91 21.47 -0.51
N THR E 58 -54.72 22.28 0.53
CA THR E 58 -55.07 23.70 0.47
C THR E 58 -53.86 24.61 0.60
N SER E 59 -54.01 25.85 0.13
CA SER E 59 -52.98 26.87 0.21
C SER E 59 -53.61 28.24 0.00
N ASP E 60 -52.98 29.27 0.56
CA ASP E 60 -53.45 30.65 0.35
C ASP E 60 -52.41 31.51 -0.35
N ASP E 61 -51.39 30.87 -0.92
CA ASP E 61 -50.37 31.58 -1.70
C ASP E 61 -49.85 30.74 -2.86
N LEU E 62 -50.50 29.59 -3.09
CA LEU E 62 -50.16 28.63 -4.15
C LEU E 62 -48.69 28.17 -4.15
N THR E 63 -48.00 28.40 -3.03
CA THR E 63 -46.60 28.02 -2.89
C THR E 63 -46.43 27.07 -1.70
N ASN E 64 -47.04 27.43 -0.57
CA ASN E 64 -46.98 26.60 0.62
C ASN E 64 -48.31 25.89 0.88
N TRP E 65 -48.24 24.56 0.90
CA TRP E 65 -49.44 23.72 0.92
C TRP E 65 -49.72 23.10 2.26
N GLU E 66 -50.94 22.58 2.41
CA GLU E 66 -51.38 21.97 3.66
C GLU E 66 -52.20 20.71 3.36
N ASP E 67 -51.74 19.57 3.87
CA ASP E 67 -52.41 18.30 3.65
C ASP E 67 -53.82 18.26 4.24
N GLN E 68 -54.74 17.67 3.49
CA GLN E 68 -56.13 17.52 3.91
C GLN E 68 -56.57 16.08 3.67
N PRO E 69 -57.62 15.62 4.38
CA PRO E 69 -58.14 14.25 4.18
C PRO E 69 -58.68 14.04 2.77
N ILE E 70 -58.76 12.78 2.35
CA ILE E 70 -59.27 12.40 1.04
C ILE E 70 -60.66 12.98 0.81
N ALA E 71 -60.86 13.61 -0.34
CA ALA E 71 -62.10 14.32 -0.62
C ALA E 71 -63.14 13.46 -1.33
N ILE E 72 -62.69 12.65 -2.29
CA ILE E 72 -63.58 11.75 -3.02
C ILE E 72 -62.99 10.34 -3.04
N ALA E 73 -63.84 9.35 -2.78
CA ALA E 73 -63.44 7.95 -2.73
C ALA E 73 -64.39 7.08 -3.57
N PRO E 74 -63.86 6.05 -4.24
CA PRO E 74 -64.76 5.12 -4.91
C PRO E 74 -65.50 4.24 -3.91
N LYS E 75 -66.70 3.83 -4.26
CA LYS E 75 -67.47 2.90 -3.43
C LYS E 75 -66.81 1.52 -3.40
N ARG E 76 -65.99 1.23 -4.40
CA ARG E 76 -65.33 -0.06 -4.52
C ARG E 76 -63.80 0.07 -4.49
N ASN E 77 -63.14 -0.85 -3.80
CA ASN E 77 -61.69 -0.99 -3.89
C ASN E 77 -61.31 -1.53 -5.27
N ASP E 78 -62.32 -2.13 -5.90
CA ASP E 78 -62.26 -2.62 -7.27
C ASP E 78 -62.14 -1.46 -8.27
N SER E 79 -62.87 -0.38 -8.00
CA SER E 79 -63.00 0.74 -8.91
C SER E 79 -62.10 1.91 -8.53
N GLY E 80 -62.33 3.06 -9.18
CA GLY E 80 -61.56 4.28 -8.92
C GLY E 80 -62.34 5.55 -9.20
N ALA E 81 -62.03 6.61 -8.44
CA ALA E 81 -62.64 7.91 -8.65
C ALA E 81 -61.71 8.76 -9.52
N PHE E 82 -61.96 8.76 -10.83
CA PHE E 82 -61.04 9.32 -11.83
C PHE E 82 -61.05 10.85 -11.94
N SER E 83 -60.28 11.37 -12.89
CA SER E 83 -60.09 12.82 -13.07
C SER E 83 -61.36 13.62 -13.33
N GLY E 84 -61.33 14.89 -12.93
CA GLY E 84 -62.48 15.77 -13.07
C GLY E 84 -62.24 17.18 -12.57
N SER E 85 -63.24 18.04 -12.75
CA SER E 85 -63.17 19.45 -12.38
C SER E 85 -64.20 19.80 -11.32
N MET E 86 -64.17 21.04 -10.86
CA MET E 86 -65.14 21.53 -9.89
C MET E 86 -65.68 22.90 -10.28
N VAL E 87 -66.90 23.19 -9.82
CA VAL E 87 -67.55 24.47 -10.08
C VAL E 87 -68.11 25.04 -8.79
N VAL E 88 -68.14 26.37 -8.70
CA VAL E 88 -68.81 27.07 -7.61
C VAL E 88 -70.18 27.51 -8.13
N ASP E 89 -71.23 27.01 -7.50
CA ASP E 89 -72.60 27.32 -7.90
C ASP E 89 -73.25 28.37 -6.97
N TYR E 90 -72.97 29.63 -7.25
CA TYR E 90 -73.47 30.73 -6.44
C TYR E 90 -74.98 30.79 -6.47
N ASN E 91 -75.53 30.65 -7.68
CA ASN E 91 -76.96 30.83 -7.94
C ASN E 91 -77.81 29.57 -7.77
N ASN E 92 -77.25 28.58 -7.07
CA ASN E 92 -77.97 27.36 -6.68
C ASN E 92 -78.63 26.56 -7.82
N THR E 93 -78.14 26.77 -9.05
CA THR E 93 -78.69 26.13 -10.25
C THR E 93 -78.63 24.59 -10.21
N SER E 94 -78.00 24.05 -9.17
CA SER E 94 -77.84 22.61 -8.99
C SER E 94 -79.03 21.99 -8.28
N GLY E 95 -79.59 22.75 -7.34
CA GLY E 95 -80.66 22.29 -6.48
C GLY E 95 -80.17 21.87 -5.13
N PHE E 96 -78.86 21.71 -4.99
CA PHE E 96 -78.23 21.54 -3.69
C PHE E 96 -78.00 22.88 -3.04
N PHE E 97 -77.89 22.87 -1.72
CA PHE E 97 -77.43 24.05 -1.01
C PHE E 97 -78.54 24.85 -0.39
N ASN E 98 -78.41 25.02 0.92
CA ASN E 98 -79.31 25.86 1.70
C ASN E 98 -78.86 27.31 1.64
N ASP E 99 -79.70 28.17 2.15
CA ASP E 99 -79.39 29.57 2.25
C ASP E 99 -78.30 29.68 3.26
N THR E 100 -78.17 28.65 4.08
CA THR E 100 -77.14 28.56 5.10
C THR E 100 -75.72 28.51 4.51
N ILE E 101 -75.57 27.79 3.41
CA ILE E 101 -74.26 27.66 2.76
C ILE E 101 -73.98 28.89 1.89
N ASP E 102 -72.87 29.56 2.17
CA ASP E 102 -72.44 30.78 1.46
C ASP E 102 -72.35 30.53 -0.05
N PRO E 103 -72.90 31.45 -0.86
CA PRO E 103 -72.88 31.34 -2.33
C PRO E 103 -71.52 30.97 -2.94
N ARG E 104 -70.46 31.66 -2.50
CA ARG E 104 -69.10 31.45 -3.02
C ARG E 104 -68.37 30.27 -2.36
N GLN E 105 -69.15 29.40 -1.72
CA GLN E 105 -68.64 28.26 -0.98
C GLN E 105 -69.42 27.01 -1.35
N ARG E 106 -70.10 27.06 -2.49
CA ARG E 106 -70.98 25.97 -2.96
C ARG E 106 -70.33 25.22 -4.12
N CYS E 107 -69.39 24.34 -3.78
CA CYS E 107 -68.60 23.63 -4.78
C CYS E 107 -69.22 22.29 -5.19
N VAL E 108 -69.30 22.07 -6.50
CA VAL E 108 -69.80 20.81 -7.04
C VAL E 108 -68.75 20.14 -7.91
N ALA E 109 -68.30 18.96 -7.47
CA ALA E 109 -67.32 18.17 -8.21
C ALA E 109 -67.99 17.31 -9.28
N ILE E 110 -67.44 17.34 -10.48
CA ILE E 110 -67.90 16.49 -11.58
C ILE E 110 -66.74 15.56 -11.91
N TRP E 111 -66.99 14.27 -11.86
CA TRP E 111 -65.92 13.28 -12.02
C TRP E 111 -66.35 11.99 -12.65
N THR E 112 -65.37 11.21 -13.07
CA THR E 112 -65.61 9.92 -13.69
C THR E 112 -65.47 8.79 -12.66
N TYR E 113 -66.50 7.96 -12.55
CA TYR E 113 -66.45 6.76 -11.73
C TYR E 113 -66.12 5.56 -12.63
N ASN E 114 -64.84 5.26 -12.73
CA ASN E 114 -64.36 4.14 -13.54
C ASN E 114 -64.42 2.83 -12.76
N THR E 115 -65.04 1.84 -13.38
CA THR E 115 -65.27 0.51 -12.80
C THR E 115 -64.68 -0.52 -13.76
N PRO E 116 -64.33 -1.73 -13.26
CA PRO E 116 -63.98 -2.82 -14.19
C PRO E 116 -65.12 -3.15 -15.16
N GLU E 117 -66.36 -2.85 -14.79
CA GLU E 117 -67.53 -3.09 -15.65
C GLU E 117 -67.92 -1.88 -16.50
N SER E 118 -68.08 -0.71 -15.86
CA SER E 118 -68.65 0.48 -16.53
C SER E 118 -67.83 1.75 -16.31
N GLU E 119 -68.18 2.81 -17.03
CA GLU E 119 -67.52 4.12 -16.87
C GLU E 119 -68.48 5.31 -16.96
N GLU E 120 -69.10 5.64 -15.83
CA GLU E 120 -70.14 6.65 -15.77
C GLU E 120 -69.63 8.00 -15.26
N GLN E 121 -70.46 9.04 -15.37
CA GLN E 121 -70.11 10.39 -14.90
C GLN E 121 -70.91 10.78 -13.66
N TYR E 122 -70.21 10.97 -12.56
CA TYR E 122 -70.83 11.28 -11.28
C TYR E 122 -70.58 12.73 -10.91
N ILE E 123 -71.50 13.30 -10.11
CA ILE E 123 -71.29 14.59 -9.47
C ILE E 123 -71.45 14.47 -7.96
N SER E 124 -70.78 15.35 -7.21
CA SER E 124 -70.85 15.35 -5.76
C SER E 124 -70.81 16.76 -5.21
N TYR E 125 -71.55 17.02 -4.14
CA TYR E 125 -71.58 18.33 -3.50
C TYR E 125 -70.87 18.32 -2.15
N SER E 126 -70.36 19.49 -1.74
CA SER E 126 -69.74 19.66 -0.44
C SER E 126 -70.44 20.78 0.32
N LEU E 127 -70.56 20.61 1.63
CA LEU E 127 -71.28 21.58 2.47
C LEU E 127 -70.36 22.28 3.47
N ASP E 128 -69.16 21.74 3.64
CA ASP E 128 -68.15 22.37 4.49
C ASP E 128 -67.04 23.06 3.68
N GLY E 129 -67.39 23.45 2.44
CA GLY E 129 -66.49 24.20 1.59
C GLY E 129 -65.41 23.39 0.90
N GLY E 130 -65.71 22.12 0.64
CA GLY E 130 -64.83 21.27 -0.18
C GLY E 130 -63.86 20.34 0.52
N TYR E 131 -64.15 20.01 1.78
CA TYR E 131 -63.26 19.14 2.55
C TYR E 131 -63.84 17.72 2.64
N THR E 132 -65.15 17.64 2.89
CA THR E 132 -65.89 16.38 2.74
C THR E 132 -66.92 16.52 1.63
N PHE E 133 -67.14 15.44 0.89
CA PHE E 133 -68.08 15.45 -0.24
C PHE E 133 -69.13 14.35 -0.13
N THR E 134 -70.34 14.67 -0.55
CA THR E 134 -71.43 13.70 -0.62
C THR E 134 -71.89 13.54 -2.07
N GLU E 135 -72.07 12.29 -2.49
CA GLU E 135 -72.50 11.99 -3.86
C GLU E 135 -73.94 12.40 -4.12
N TYR E 136 -74.21 12.78 -5.37
CA TYR E 136 -75.57 13.02 -5.84
C TYR E 136 -76.32 11.70 -5.87
N GLN E 137 -77.57 11.71 -5.41
CA GLN E 137 -78.31 10.48 -5.15
C GLN E 137 -78.75 9.74 -6.41
N LYS E 138 -78.93 10.45 -7.50
CA LYS E 138 -79.36 9.83 -8.76
C LYS E 138 -78.25 9.79 -9.82
N ASN E 139 -77.04 9.40 -9.38
CA ASN E 139 -75.91 9.18 -10.29
C ASN E 139 -76.09 7.90 -11.10
N PRO E 140 -75.57 7.88 -12.35
CA PRO E 140 -74.75 8.90 -13.00
C PRO E 140 -75.58 9.99 -13.67
N VAL E 141 -74.92 11.06 -14.11
CA VAL E 141 -75.57 12.12 -14.85
C VAL E 141 -75.40 11.92 -16.37
N LEU E 142 -74.51 11.01 -16.76
CA LEU E 142 -74.31 10.64 -18.17
C LEU E 142 -74.30 9.13 -18.38
N ALA E 143 -75.23 8.66 -19.20
CA ALA E 143 -75.57 7.24 -19.29
C ALA E 143 -74.51 6.32 -19.91
N ALA E 144 -73.96 6.71 -21.05
CA ALA E 144 -73.18 5.78 -21.88
C ALA E 144 -72.25 6.44 -22.92
N ASN E 145 -71.79 5.70 -23.94
CA ASN E 145 -72.08 4.28 -24.19
C ASN E 145 -71.77 3.32 -23.03
N SER E 146 -70.66 3.56 -22.34
CA SER E 146 -69.73 4.60 -22.72
C SER E 146 -68.48 3.99 -23.33
N THR E 147 -68.17 4.36 -24.56
CA THR E 147 -66.82 4.18 -25.07
C THR E 147 -66.02 5.03 -24.11
N GLN E 148 -64.76 4.69 -23.88
CA GLN E 148 -63.99 5.39 -22.85
C GLN E 148 -64.27 6.90 -22.78
N PHE E 149 -64.89 7.33 -21.69
CA PHE E 149 -65.34 8.71 -21.52
C PHE E 149 -64.95 9.32 -20.17
N ARG E 150 -64.03 10.28 -20.20
CA ARG E 150 -63.41 10.78 -18.98
C ARG E 150 -62.83 12.19 -19.04
N ASP E 151 -62.31 12.64 -17.90
CA ASP E 151 -61.66 13.96 -17.73
C ASP E 151 -62.59 15.16 -18.01
N PRO E 152 -63.78 15.18 -17.38
CA PRO E 152 -64.74 16.27 -17.64
C PRO E 152 -64.35 17.62 -17.01
N LYS E 153 -64.18 18.63 -17.85
CA LYS E 153 -63.90 19.99 -17.41
C LYS E 153 -65.14 20.86 -17.63
N VAL E 154 -65.68 21.37 -16.54
CA VAL E 154 -66.95 22.12 -16.56
C VAL E 154 -66.72 23.59 -16.26
N PHE E 155 -67.36 24.46 -17.05
CA PHE E 155 -67.31 25.92 -16.82
C PHE E 155 -68.66 26.61 -17.04
N TRP E 156 -68.81 27.81 -16.51
CA TRP E 156 -70.02 28.61 -16.66
C TRP E 156 -69.99 29.46 -17.91
N TYR E 157 -71.12 29.53 -18.60
CA TYR E 157 -71.25 30.35 -19.79
C TYR E 157 -72.39 31.35 -19.62
N GLU E 158 -72.04 32.63 -19.56
CA GLU E 158 -73.01 33.72 -19.35
C GLU E 158 -74.04 33.86 -20.46
N PRO E 159 -73.60 33.95 -21.74
CA PRO E 159 -74.55 34.17 -22.83
C PRO E 159 -75.68 33.14 -22.88
N SER E 160 -75.34 31.86 -22.94
CA SER E 160 -76.37 30.81 -23.08
C SER E 160 -76.92 30.33 -21.73
N GLN E 161 -76.39 30.90 -20.64
CA GLN E 161 -76.82 30.58 -19.28
C GLN E 161 -76.79 29.06 -19.00
N LYS E 162 -75.66 28.45 -19.33
CA LYS E 162 -75.48 26.99 -19.22
C LYS E 162 -74.10 26.60 -18.67
N TRP E 163 -74.05 25.44 -18.01
CA TRP E 163 -72.79 24.78 -17.69
C TRP E 163 -72.31 24.07 -18.92
N ILE E 164 -71.13 24.44 -19.39
CA ILE E 164 -70.53 23.81 -20.55
C ILE E 164 -69.44 22.85 -20.09
N MET E 165 -69.54 21.60 -20.51
CA MET E 165 -68.59 20.56 -20.13
C MET E 165 -67.84 20.00 -21.32
N THR E 166 -66.52 20.02 -21.23
CA THR E 166 -65.65 19.46 -22.26
C THR E 166 -64.98 18.19 -21.74
N ALA E 167 -65.18 17.07 -22.45
CA ALA E 167 -64.69 15.76 -22.01
C ALA E 167 -63.99 15.00 -23.13
N ALA E 168 -63.09 14.10 -22.76
CA ALA E 168 -62.29 13.35 -23.72
C ALA E 168 -62.88 11.99 -24.07
N LYS E 169 -63.00 11.75 -25.37
CA LYS E 169 -63.48 10.47 -25.89
C LYS E 169 -62.30 9.75 -26.53
N SER E 170 -61.57 8.98 -25.72
CA SER E 170 -60.27 8.40 -26.09
C SER E 170 -60.34 7.39 -27.24
N GLN E 171 -61.42 6.60 -27.27
CA GLN E 171 -61.60 5.54 -28.26
C GLN E 171 -61.88 6.08 -29.65
N ASP E 172 -62.62 7.19 -29.72
CA ASP E 172 -62.99 7.81 -30.99
C ASP E 172 -62.16 9.03 -31.37
N TYR E 173 -61.09 9.27 -30.59
CA TYR E 173 -60.14 10.35 -30.83
C TYR E 173 -60.82 11.72 -30.99
N LYS E 174 -61.76 11.99 -30.09
CA LYS E 174 -62.51 13.24 -30.09
C LYS E 174 -62.48 13.93 -28.73
N ILE E 175 -63.00 15.16 -28.71
CA ILE E 175 -63.33 15.85 -27.48
C ILE E 175 -64.78 16.30 -27.64
N GLU E 176 -65.66 15.77 -26.80
CA GLU E 176 -67.07 16.10 -26.86
C GLU E 176 -67.42 17.29 -25.94
N ILE E 177 -68.36 18.11 -26.39
CA ILE E 177 -68.85 19.22 -25.57
C ILE E 177 -70.31 18.98 -25.18
N TYR E 178 -70.60 19.10 -23.89
CA TYR E 178 -71.95 18.90 -23.36
C TYR E 178 -72.46 20.15 -22.65
N SER E 179 -73.78 20.32 -22.65
CA SER E 179 -74.43 21.49 -22.04
C SER E 179 -75.47 21.06 -21.01
N SER E 180 -75.61 21.87 -19.96
CA SER E 180 -76.61 21.65 -18.92
C SER E 180 -76.83 22.94 -18.14
N ASP E 181 -78.05 23.15 -17.66
CA ASP E 181 -78.32 24.24 -16.72
C ASP E 181 -78.61 23.67 -15.33
N ASP E 182 -79.15 22.45 -15.33
CA ASP E 182 -79.45 21.72 -14.11
C ASP E 182 -78.17 21.17 -13.49
N LEU E 183 -77.22 20.81 -14.35
CA LEU E 183 -75.98 20.13 -13.98
C LEU E 183 -76.21 18.63 -13.80
N LYS E 184 -77.48 18.22 -13.78
CA LYS E 184 -77.86 16.83 -13.58
C LYS E 184 -78.09 16.08 -14.90
N SER E 185 -78.43 16.82 -15.95
CA SER E 185 -78.67 16.21 -17.26
C SER E 185 -77.96 16.98 -18.37
N TRP E 186 -77.14 16.26 -19.13
CA TRP E 186 -76.29 16.88 -20.15
C TRP E 186 -76.71 16.52 -21.55
N LYS E 187 -76.68 17.50 -22.44
CA LYS E 187 -76.98 17.29 -23.85
C LYS E 187 -75.73 17.49 -24.72
N LEU E 188 -75.44 16.50 -25.55
CA LEU E 188 -74.30 16.54 -26.48
C LEU E 188 -74.48 17.67 -27.48
N GLU E 189 -73.41 18.41 -27.75
CA GLU E 189 -73.52 19.55 -28.65
C GLU E 189 -72.60 19.45 -29.87
N SER E 190 -71.31 19.21 -29.65
CA SER E 190 -70.34 19.14 -30.74
C SER E 190 -69.24 18.12 -30.45
N ALA E 191 -68.18 18.20 -31.25
CA ALA E 191 -66.95 17.44 -31.01
C ALA E 191 -65.72 18.19 -31.53
N PHE E 192 -64.54 17.69 -31.16
CA PHE E 192 -63.25 18.26 -31.54
C PHE E 192 -62.26 17.08 -31.55
N ALA E 193 -61.28 17.00 -32.44
CA ALA E 193 -60.97 17.97 -33.48
C ALA E 193 -59.93 17.30 -34.36
N ASN E 194 -59.08 18.10 -35.01
CA ASN E 194 -57.92 17.57 -35.72
C ASN E 194 -57.09 16.76 -34.73
N GLU E 195 -56.71 15.54 -35.07
CA GLU E 195 -56.91 14.92 -36.40
C GLU E 195 -55.55 14.95 -37.10
N GLY E 196 -54.74 15.93 -36.75
CA GLY E 196 -53.31 15.87 -37.05
C GLY E 196 -52.74 14.71 -36.25
N PHE E 197 -53.26 14.54 -35.03
CA PHE E 197 -52.94 13.37 -34.23
C PHE E 197 -54.21 12.56 -33.90
N LEU E 198 -54.43 11.51 -34.68
CA LEU E 198 -55.43 10.52 -34.34
C LEU E 198 -54.74 9.17 -34.24
N GLY E 199 -55.25 8.32 -33.36
CA GLY E 199 -54.53 7.12 -32.95
C GLY E 199 -53.83 7.48 -31.66
N TYR E 200 -53.55 8.77 -31.52
CA TYR E 200 -53.09 9.36 -30.27
C TYR E 200 -54.29 9.38 -29.33
N GLN E 201 -54.03 9.29 -28.03
CA GLN E 201 -55.10 9.34 -27.04
C GLN E 201 -55.31 10.73 -26.49
N TYR E 202 -56.57 11.17 -26.50
CA TYR E 202 -56.92 12.47 -25.95
C TYR E 202 -57.23 12.34 -24.48
N GLU E 203 -56.71 13.28 -23.70
CA GLU E 203 -56.92 13.31 -22.26
C GLU E 203 -57.04 14.73 -21.72
N CYS E 204 -57.57 14.83 -20.50
CA CYS E 204 -57.71 16.09 -19.76
C CYS E 204 -57.90 17.34 -20.62
N PRO E 205 -59.06 17.45 -21.30
CA PRO E 205 -59.32 18.67 -22.07
C PRO E 205 -59.80 19.80 -21.16
N GLY E 206 -59.70 21.04 -21.66
CA GLY E 206 -60.10 22.22 -20.92
C GLY E 206 -60.40 23.36 -21.86
N LEU E 207 -61.32 24.24 -21.46
CA LEU E 207 -61.71 25.35 -22.33
C LEU E 207 -61.87 26.65 -21.53
N ILE E 208 -60.95 27.59 -21.75
CA ILE E 208 -60.90 28.83 -20.98
C ILE E 208 -60.59 30.05 -21.85
N GLU E 209 -61.16 31.19 -21.47
CA GLU E 209 -60.85 32.47 -22.11
C GLU E 209 -59.57 33.06 -21.53
N VAL E 210 -58.57 33.22 -22.38
CA VAL E 210 -57.25 33.66 -21.96
C VAL E 210 -57.02 35.11 -22.35
N PRO E 211 -56.88 36.01 -21.35
CA PRO E 211 -56.61 37.43 -21.58
C PRO E 211 -55.37 37.68 -22.44
N THR E 212 -55.33 38.84 -23.08
CA THR E 212 -54.22 39.20 -23.96
C THR E 212 -53.22 40.09 -23.23
N GLU E 213 -51.98 40.11 -23.69
CA GLU E 213 -51.03 41.13 -23.30
C GLU E 213 -51.36 42.40 -24.07
N GLN E 214 -50.75 43.52 -23.67
CA GLN E 214 -50.97 44.85 -24.29
C GLN E 214 -52.43 45.34 -24.24
N ASP E 215 -53.36 44.42 -23.97
CA ASP E 215 -54.77 44.73 -23.71
C ASP E 215 -55.43 43.58 -22.95
N PRO E 216 -55.44 43.65 -21.60
CA PRO E 216 -56.05 42.61 -20.76
C PRO E 216 -57.58 42.55 -20.85
N SER E 217 -58.18 43.53 -21.52
CA SER E 217 -59.62 43.56 -21.74
C SER E 217 -60.07 42.51 -22.76
N LYS E 218 -59.32 42.40 -23.86
CA LYS E 218 -59.55 41.37 -24.89
C LYS E 218 -59.18 39.97 -24.40
N SER E 219 -59.73 38.95 -25.06
CA SER E 219 -59.42 37.55 -24.75
C SER E 219 -59.85 36.63 -25.89
N TYR E 220 -59.18 35.48 -25.98
CA TYR E 220 -59.52 34.45 -26.97
C TYR E 220 -59.81 33.13 -26.27
N TRP E 221 -60.65 32.29 -26.89
CA TRP E 221 -60.92 30.95 -26.40
C TRP E 221 -59.78 30.03 -26.71
N VAL E 222 -59.28 29.36 -25.67
CA VAL E 222 -58.18 28.40 -25.81
C VAL E 222 -58.60 27.02 -25.33
N MET E 223 -58.40 26.02 -26.18
CA MET E 223 -58.72 24.64 -25.87
C MET E 223 -57.44 23.87 -25.53
N PHE E 224 -57.35 23.40 -24.30
CA PHE E 224 -56.23 22.59 -23.84
C PHE E 224 -56.54 21.10 -24.02
N ILE E 225 -55.61 20.38 -24.65
CA ILE E 225 -55.70 18.91 -24.71
C ILE E 225 -54.38 18.29 -24.26
N SER E 226 -54.47 17.28 -23.40
CA SER E 226 -53.31 16.47 -23.05
C SER E 226 -53.27 15.29 -24.01
N ILE E 227 -52.21 15.23 -24.80
CA ILE E 227 -52.05 14.21 -25.82
C ILE E 227 -50.96 13.22 -25.44
N ASN E 228 -51.35 11.97 -25.39
CA ASN E 228 -50.45 10.86 -25.25
C ASN E 228 -50.94 9.75 -26.15
N PRO E 229 -50.00 8.98 -26.66
CA PRO E 229 -48.61 9.38 -26.52
C PRO E 229 -47.78 9.02 -27.75
N GLY E 230 -47.60 7.72 -27.94
CA GLY E 230 -46.58 7.14 -28.77
C GLY E 230 -45.21 7.46 -28.21
N ALA E 231 -44.58 6.47 -27.60
CA ALA E 231 -43.23 6.62 -27.08
C ALA E 231 -42.30 6.85 -28.25
N PRO E 232 -42.56 6.14 -29.34
CA PRO E 232 -41.78 6.25 -30.58
C PRO E 232 -41.92 7.66 -31.11
N ALA E 233 -43.12 8.20 -30.96
CA ALA E 233 -43.38 9.57 -31.33
C ALA E 233 -42.85 10.38 -30.17
N GLY E 234 -43.08 11.68 -30.18
CA GLY E 234 -42.44 12.54 -29.21
C GLY E 234 -42.78 12.11 -27.81
N GLY E 235 -44.00 11.64 -27.60
CA GLY E 235 -44.40 11.18 -26.29
C GLY E 235 -45.34 12.16 -25.65
N SER E 236 -45.68 11.93 -24.38
CA SER E 236 -46.64 12.80 -23.71
C SER E 236 -46.36 14.29 -23.95
N PHE E 237 -47.33 15.00 -24.49
CA PHE E 237 -47.25 16.47 -24.58
C PHE E 237 -48.60 17.14 -24.32
N ASN E 238 -48.55 18.33 -23.71
CA ASN E 238 -49.76 19.09 -23.45
C ASN E 238 -49.94 20.15 -24.55
N GLN E 239 -51.04 20.03 -25.29
CA GLN E 239 -51.28 20.87 -26.47
C GLN E 239 -52.37 21.92 -26.23
N TYR E 240 -52.30 23.03 -26.96
CA TYR E 240 -53.36 24.04 -26.92
C TYR E 240 -53.77 24.55 -28.30
N PHE E 241 -55.05 24.93 -28.42
CA PHE E 241 -55.58 25.53 -29.64
C PHE E 241 -56.24 26.87 -29.34
N VAL E 242 -55.80 27.93 -30.02
CA VAL E 242 -56.47 29.22 -29.95
C VAL E 242 -57.60 29.23 -30.99
N GLY E 243 -58.80 29.61 -30.56
CA GLY E 243 -59.96 29.54 -31.43
C GLY E 243 -61.19 30.33 -31.01
N SER E 244 -62.35 29.87 -31.47
CA SER E 244 -63.60 30.58 -31.29
C SER E 244 -64.68 29.64 -30.74
N PHE E 245 -65.41 30.11 -29.73
CA PHE E 245 -66.47 29.32 -29.12
C PHE E 245 -67.78 30.07 -29.13
N ASN E 246 -68.73 29.56 -29.92
CA ASN E 246 -70.04 30.21 -30.08
C ASN E 246 -71.03 29.90 -28.96
N GLY E 247 -70.78 28.84 -28.21
CA GLY E 247 -71.68 28.41 -27.15
C GLY E 247 -72.05 26.95 -27.28
N THR E 248 -71.67 26.35 -28.41
CA THR E 248 -71.91 24.93 -28.69
C THR E 248 -70.74 24.28 -29.44
N HIS E 249 -70.06 25.06 -30.29
CA HIS E 249 -68.99 24.55 -31.14
C HIS E 249 -67.69 25.29 -30.95
N PHE E 250 -66.57 24.58 -31.10
CA PHE E 250 -65.25 25.21 -31.02
C PHE E 250 -64.53 25.21 -32.36
N GLU E 251 -64.13 26.41 -32.79
CA GLU E 251 -63.44 26.60 -34.07
C GLU E 251 -61.97 26.88 -33.80
N ALA E 252 -61.09 26.02 -34.31
CA ALA E 252 -59.66 26.24 -34.17
C ALA E 252 -59.19 27.13 -35.31
N PHE E 253 -58.37 28.12 -34.98
CA PHE E 253 -57.85 29.00 -35.98
C PHE E 253 -56.70 28.24 -36.54
N ASP E 254 -56.73 27.95 -37.82
CA ASP E 254 -55.68 27.13 -38.38
C ASP E 254 -54.38 27.86 -38.18
N ASN E 255 -53.39 27.08 -37.74
CA ASN E 255 -52.02 27.54 -37.63
C ASN E 255 -51.76 28.23 -36.32
N GLN E 256 -52.83 28.45 -35.56
CA GLN E 256 -52.68 28.84 -34.16
C GLN E 256 -52.75 27.64 -33.24
N SER E 257 -51.67 26.88 -33.14
CA SER E 257 -51.59 25.77 -32.17
C SER E 257 -50.14 25.39 -31.85
N ARG E 258 -49.80 25.41 -30.57
CA ARG E 258 -48.47 25.03 -30.09
C ARG E 258 -48.59 24.12 -28.88
N VAL E 259 -47.49 23.51 -28.46
CA VAL E 259 -47.48 22.76 -27.19
C VAL E 259 -47.38 23.74 -26.03
N VAL E 260 -48.03 23.40 -24.91
CA VAL E 260 -48.02 24.26 -23.73
C VAL E 260 -46.61 24.37 -23.16
N ASP E 261 -46.02 23.22 -22.86
CA ASP E 261 -44.70 23.14 -22.26
C ASP E 261 -43.81 22.23 -23.10
N PHE E 262 -42.61 22.72 -23.40
CA PHE E 262 -41.70 21.99 -24.29
C PHE E 262 -40.89 20.93 -23.56
N GLY E 263 -40.97 20.92 -22.23
CA GLY E 263 -40.32 19.92 -21.39
C GLY E 263 -40.97 18.55 -21.49
N LYS E 264 -40.30 17.55 -20.94
CA LYS E 264 -40.76 16.17 -21.04
C LYS E 264 -41.67 15.79 -19.86
N ASP E 265 -41.73 16.65 -18.85
CA ASP E 265 -42.47 16.34 -17.63
C ASP E 265 -43.47 17.44 -17.27
N TYR E 266 -44.56 17.47 -18.04
CA TYR E 266 -45.62 18.47 -17.89
C TYR E 266 -46.80 17.91 -18.65
N TYR E 267 -47.79 17.42 -17.91
CA TYR E 267 -48.91 16.71 -18.51
C TYR E 267 -50.16 16.85 -17.63
N ALA E 268 -51.33 16.57 -18.22
CA ALA E 268 -52.64 16.58 -17.53
C ALA E 268 -53.04 17.95 -16.97
N LEU E 269 -52.67 19.02 -17.68
CA LEU E 269 -52.94 20.39 -17.25
C LEU E 269 -54.43 20.66 -17.07
N GLN E 270 -54.78 21.28 -15.96
CA GLN E 270 -56.13 21.78 -15.72
C GLN E 270 -56.04 23.21 -15.17
N THR E 271 -56.94 24.07 -15.65
CA THR E 271 -57.02 25.45 -15.18
C THR E 271 -58.03 25.57 -14.02
N PHE E 272 -57.79 26.55 -13.14
CA PHE E 272 -58.72 26.87 -12.05
C PHE E 272 -60.07 27.35 -12.60
N PHE E 273 -61.13 27.02 -11.88
CA PHE E 273 -62.48 27.46 -12.26
C PHE E 273 -62.66 28.93 -11.94
N ASN E 274 -62.06 29.37 -10.85
CA ASN E 274 -62.07 30.77 -10.42
C ASN E 274 -60.79 31.09 -9.66
N THR E 275 -60.38 32.36 -9.68
CA THR E 275 -59.13 32.78 -9.04
C THR E 275 -59.28 34.05 -8.22
N ASP E 276 -58.21 34.40 -7.52
CA ASP E 276 -58.08 35.67 -6.83
C ASP E 276 -57.29 36.63 -7.72
N PRO E 277 -57.93 37.73 -8.17
CA PRO E 277 -57.20 38.70 -8.98
C PRO E 277 -57.03 40.08 -8.30
N THR E 278 -55.84 40.47 -7.83
CA THR E 278 -54.58 39.70 -7.75
C THR E 278 -54.16 38.89 -8.98
N TYR E 279 -53.78 37.62 -8.78
CA TYR E 279 -53.17 36.77 -9.81
C TYR E 279 -53.90 36.75 -11.17
N GLY E 280 -55.23 36.74 -11.10
CA GLY E 280 -56.12 36.90 -12.26
C GLY E 280 -56.09 35.77 -13.26
N SER E 281 -57.18 35.00 -13.33
CA SER E 281 -57.29 33.88 -14.28
C SER E 281 -57.13 34.39 -15.71
N ALA E 282 -56.62 33.57 -16.62
CA ALA E 282 -56.40 32.12 -16.45
C ALA E 282 -55.17 31.73 -15.61
N LEU E 283 -55.39 30.78 -14.70
CA LEU E 283 -54.34 30.14 -13.90
C LEU E 283 -54.43 28.63 -14.08
N GLY E 284 -53.26 27.99 -14.23
CA GLY E 284 -53.20 26.54 -14.45
C GLY E 284 -52.03 25.81 -13.80
N ILE E 285 -52.27 24.56 -13.42
CA ILE E 285 -51.25 23.69 -12.82
C ILE E 285 -51.25 22.33 -13.54
N ALA E 286 -50.08 21.69 -13.57
CA ALA E 286 -49.94 20.41 -14.28
C ALA E 286 -49.21 19.34 -13.48
N TRP E 287 -49.50 18.08 -13.80
CA TRP E 287 -48.78 16.94 -13.27
C TRP E 287 -47.43 16.91 -13.92
N ALA E 288 -46.40 17.17 -13.12
CA ALA E 288 -45.03 17.29 -13.65
C ALA E 288 -44.31 15.95 -13.79
N SER E 289 -44.79 15.14 -14.73
CA SER E 289 -44.17 13.86 -15.06
C SER E 289 -44.61 13.33 -16.43
N ASN E 290 -44.22 12.10 -16.74
CA ASN E 290 -44.40 11.51 -18.06
C ASN E 290 -44.74 10.03 -17.93
N TRP E 291 -45.83 9.62 -18.55
CA TRP E 291 -46.34 8.24 -18.44
C TRP E 291 -45.40 7.14 -18.86
N GLU E 292 -44.38 7.47 -19.65
CA GLU E 292 -43.44 6.45 -20.15
C GLU E 292 -42.52 5.88 -19.06
N TYR E 293 -42.30 6.64 -17.99
CA TYR E 293 -41.36 6.24 -16.94
C TYR E 293 -41.73 6.73 -15.52
N SER E 294 -42.82 7.49 -15.40
CA SER E 294 -43.22 8.12 -14.14
C SER E 294 -43.31 7.16 -12.96
N ALA E 295 -43.60 5.90 -13.27
CA ALA E 295 -43.79 4.87 -12.24
C ALA E 295 -42.47 4.27 -11.77
N PHE E 296 -41.35 4.74 -12.34
CA PHE E 296 -40.04 4.17 -12.00
C PHE E 296 -39.07 5.19 -11.45
N VAL E 297 -39.52 6.43 -11.27
CA VAL E 297 -38.66 7.48 -10.72
C VAL E 297 -38.30 7.15 -9.26
N PRO E 298 -37.05 7.48 -8.85
CA PRO E 298 -36.59 7.09 -7.52
C PRO E 298 -36.95 8.12 -6.45
N THR E 299 -38.22 8.14 -6.06
CA THR E 299 -38.67 8.97 -4.94
C THR E 299 -39.42 8.11 -3.92
N ASN E 300 -39.24 8.43 -2.64
CA ASN E 300 -39.80 7.67 -1.54
C ASN E 300 -40.10 8.55 -0.32
N PRO E 301 -41.26 8.35 0.32
CA PRO E 301 -42.31 7.36 0.07
C PRO E 301 -43.41 7.82 -0.88
N TRP E 302 -43.16 8.90 -1.61
CA TRP E 302 -44.14 9.44 -2.54
C TRP E 302 -43.60 9.39 -3.94
N ARG E 303 -44.49 9.50 -4.91
CA ARG E 303 -44.10 9.70 -6.30
C ARG E 303 -44.90 10.84 -6.92
N SER E 304 -44.22 11.62 -7.76
CA SER E 304 -44.82 12.70 -8.53
C SER E 304 -44.91 14.02 -7.75
N SER E 305 -44.49 15.09 -8.41
CA SER E 305 -44.74 16.44 -7.95
C SER E 305 -45.66 17.10 -8.96
N MET E 306 -46.39 18.11 -8.52
CA MET E 306 -47.13 18.94 -9.44
C MET E 306 -46.14 19.99 -9.95
N SER E 307 -46.53 20.76 -10.95
CA SER E 307 -45.72 21.90 -11.39
C SER E 307 -46.09 23.14 -10.59
N LEU E 308 -45.53 24.29 -10.97
CA LEU E 308 -45.95 25.57 -10.41
C LEU E 308 -47.24 26.02 -11.10
N VAL E 309 -48.05 26.80 -10.38
CA VAL E 309 -49.24 27.41 -10.97
C VAL E 309 -48.80 28.56 -11.89
N ARG E 310 -49.37 28.61 -13.09
CA ARG E 310 -48.93 29.60 -14.06
C ARG E 310 -50.09 30.50 -14.51
N LYS E 311 -49.81 31.79 -14.57
CA LYS E 311 -50.75 32.78 -15.10
C LYS E 311 -50.63 32.84 -16.63
N PHE E 312 -51.64 32.33 -17.32
CA PHE E 312 -51.63 32.32 -18.77
C PHE E 312 -52.09 33.66 -19.34
N SER E 313 -51.45 34.07 -20.44
CA SER E 313 -51.82 35.27 -21.18
C SER E 313 -51.41 35.11 -22.64
N LEU E 314 -52.21 35.67 -23.56
CA LEU E 314 -51.91 35.54 -24.97
C LEU E 314 -51.13 36.73 -25.51
N ASN E 315 -50.10 36.42 -26.29
CA ASN E 315 -49.16 37.42 -26.80
C ASN E 315 -49.33 37.57 -28.31
N THR E 316 -50.39 38.28 -28.70
CA THR E 316 -50.77 38.43 -30.12
C THR E 316 -49.66 38.95 -31.04
N GLU E 317 -48.75 39.76 -30.50
CA GLU E 317 -47.56 40.18 -31.22
C GLU E 317 -46.36 39.37 -30.72
N TYR E 318 -45.88 38.46 -31.57
CA TYR E 318 -44.78 37.58 -31.20
C TYR E 318 -43.69 37.54 -32.28
N GLN E 319 -44.10 37.28 -33.53
CA GLN E 319 -43.17 37.05 -34.63
C GLN E 319 -42.27 35.86 -34.28
N ALA E 320 -40.98 35.96 -34.59
CA ALA E 320 -40.00 34.97 -34.16
C ALA E 320 -40.55 33.55 -34.39
N ASN E 321 -40.54 33.06 -35.63
CA ASN E 321 -39.78 33.59 -36.77
C ASN E 321 -40.17 34.96 -37.36
N PRO E 322 -39.19 35.60 -38.05
CA PRO E 322 -39.46 36.82 -38.81
C PRO E 322 -40.67 36.58 -39.70
N GLU E 323 -41.07 35.31 -39.78
CA GLU E 323 -42.34 34.93 -40.38
C GLU E 323 -43.51 35.62 -39.66
N THR E 324 -44.58 35.89 -40.40
CA THR E 324 -45.71 36.67 -39.88
C THR E 324 -46.16 36.16 -38.50
N GLU E 325 -46.41 37.11 -37.60
CA GLU E 325 -46.74 36.80 -36.21
C GLU E 325 -48.05 36.03 -36.02
N LEU E 326 -48.13 35.33 -34.90
CA LEU E 326 -49.27 34.51 -34.54
C LEU E 326 -49.49 34.60 -33.03
N ILE E 327 -50.71 34.32 -32.59
CA ILE E 327 -51.06 34.38 -31.17
C ILE E 327 -50.26 33.35 -30.39
N ASN E 328 -49.53 33.82 -29.39
CA ASN E 328 -48.63 32.96 -28.61
C ASN E 328 -49.03 32.95 -27.14
N LEU E 329 -49.08 31.75 -26.56
CA LEU E 329 -49.41 31.59 -25.15
C LEU E 329 -48.19 31.77 -24.27
N LYS E 330 -48.27 32.69 -23.31
CA LYS E 330 -47.17 32.88 -22.36
C LYS E 330 -47.61 32.66 -20.92
N ALA E 331 -46.88 31.77 -20.24
CA ALA E 331 -47.18 31.40 -18.86
C ALA E 331 -46.12 31.93 -17.92
N GLU E 332 -46.55 32.76 -16.96
CA GLU E 332 -45.68 33.30 -15.94
C GLU E 332 -45.85 32.51 -14.64
N PRO E 333 -44.75 32.27 -13.90
CA PRO E 333 -44.82 31.49 -12.67
C PRO E 333 -45.52 32.22 -11.52
N ILE E 334 -46.26 31.48 -10.70
CA ILE E 334 -46.82 31.99 -9.45
C ILE E 334 -46.00 31.39 -8.31
N LEU E 335 -45.11 32.20 -7.74
CA LEU E 335 -44.20 31.74 -6.68
C LEU E 335 -43.95 32.82 -5.63
N ASN E 336 -44.44 32.56 -4.41
CA ASN E 336 -44.27 33.49 -3.29
C ASN E 336 -43.04 33.15 -2.46
N ILE E 337 -42.09 34.08 -2.45
CA ILE E 337 -40.80 33.90 -1.78
C ILE E 337 -40.91 34.28 -0.30
N SER E 338 -40.49 33.36 0.56
CA SER E 338 -40.42 33.59 2.01
C SER E 338 -39.04 34.09 2.40
N ASN E 339 -38.02 33.30 2.05
CA ASN E 339 -36.62 33.64 2.32
C ASN E 339 -36.04 34.47 1.16
N ALA E 340 -36.37 35.76 1.17
CA ALA E 340 -35.96 36.69 0.10
C ALA E 340 -34.49 37.09 0.22
N GLY E 341 -33.81 37.13 -0.93
CA GLY E 341 -32.39 37.49 -1.00
C GLY E 341 -31.47 36.42 -0.48
N PRO E 342 -30.14 36.62 -0.60
CA PRO E 342 -29.48 37.68 -1.37
C PRO E 342 -28.89 37.15 -2.67
N TRP E 343 -28.95 37.95 -3.73
CA TRP E 343 -28.41 37.53 -5.03
C TRP E 343 -26.92 37.38 -5.00
N SER E 344 -26.44 36.39 -5.74
CA SER E 344 -25.02 36.29 -6.07
C SER E 344 -24.93 36.38 -7.60
N ARG E 345 -24.03 37.25 -8.10
CA ARG E 345 -23.91 37.42 -9.55
C ARG E 345 -22.50 37.20 -10.15
N PHE E 346 -22.49 36.87 -11.43
CA PHE E 346 -21.25 36.69 -12.20
C PHE E 346 -20.84 37.97 -12.89
N ALA E 347 -20.22 37.78 -14.06
CA ALA E 347 -19.79 38.87 -14.89
C ALA E 347 -21.00 39.48 -15.55
N THR E 348 -21.20 40.76 -15.26
CA THR E 348 -22.27 41.55 -15.85
C THR E 348 -21.64 42.57 -16.80
N ASN E 349 -22.40 43.01 -17.78
CA ASN E 349 -21.89 43.89 -18.85
C ASN E 349 -20.49 43.44 -19.24
N THR E 350 -20.42 42.29 -19.90
CA THR E 350 -19.17 41.59 -20.13
C THR E 350 -19.24 40.61 -21.31
N THR E 351 -18.11 40.44 -21.99
CA THR E 351 -17.98 39.49 -23.10
C THR E 351 -17.24 38.24 -22.65
N LEU E 352 -17.84 37.09 -22.92
CA LEU E 352 -17.28 35.80 -22.52
C LEU E 352 -16.23 35.28 -23.49
N THR E 353 -15.13 34.77 -22.95
CA THR E 353 -14.13 34.08 -23.75
C THR E 353 -14.02 32.62 -23.30
N LYS E 354 -13.71 31.74 -24.26
CA LYS E 354 -13.55 30.31 -24.00
C LYS E 354 -12.55 30.01 -22.89
N ALA E 355 -11.48 30.80 -22.87
CA ALA E 355 -10.32 30.56 -22.03
C ALA E 355 -10.59 30.55 -20.52
N ASN E 356 -11.69 31.15 -20.08
CA ASN E 356 -11.96 31.26 -18.64
C ASN E 356 -13.43 31.15 -18.25
N SER E 357 -13.67 30.63 -17.05
CA SER E 357 -15.01 30.31 -16.58
C SER E 357 -15.36 30.93 -15.22
N TYR E 358 -16.66 31.07 -14.95
CA TYR E 358 -17.17 31.68 -13.72
C TYR E 358 -17.75 30.64 -12.75
N ASN E 359 -17.78 30.99 -11.47
CA ASN E 359 -18.21 30.09 -10.39
C ASN E 359 -18.69 30.85 -9.14
N VAL E 360 -19.88 30.50 -8.67
CA VAL E 360 -20.29 30.80 -7.29
C VAL E 360 -20.58 29.47 -6.60
N ASP E 361 -19.96 29.26 -5.45
CA ASP E 361 -20.09 28.00 -4.73
C ASP E 361 -21.01 28.12 -3.51
N LEU E 362 -22.30 27.95 -3.74
CA LEU E 362 -23.32 28.07 -2.68
C LEU E 362 -23.27 26.89 -1.69
N SER E 363 -22.38 27.00 -0.70
CA SER E 363 -21.96 25.86 0.13
C SER E 363 -23.04 25.12 0.91
N ASN E 364 -23.99 25.86 1.47
CA ASN E 364 -25.10 25.21 2.18
C ASN E 364 -26.49 25.53 1.64
N SER E 365 -26.62 25.43 0.32
CA SER E 365 -27.92 25.48 -0.34
C SER E 365 -28.56 24.10 -0.29
N THR E 366 -29.87 24.07 -0.08
CA THR E 366 -30.61 22.83 0.08
C THR E 366 -30.77 22.07 -1.23
N GLY E 367 -30.67 22.80 -2.35
CA GLY E 367 -30.93 22.23 -3.67
C GLY E 367 -32.18 22.82 -4.28
N THR E 368 -32.65 23.92 -3.68
CA THR E 368 -33.73 24.72 -4.25
C THR E 368 -33.20 26.14 -4.43
N LEU E 369 -32.94 26.48 -5.69
CA LEU E 369 -32.42 27.80 -6.05
C LEU E 369 -33.02 28.29 -7.36
N GLU E 370 -33.02 29.61 -7.55
CA GLU E 370 -33.48 30.23 -8.79
C GLU E 370 -32.39 31.04 -9.48
N PHE E 371 -32.47 31.19 -10.79
CA PHE E 371 -31.47 31.94 -11.53
C PHE E 371 -32.07 32.76 -12.65
N GLU E 372 -31.37 33.84 -12.99
CA GLU E 372 -31.85 34.80 -13.97
C GLU E 372 -30.71 35.16 -14.91
N LEU E 373 -30.79 34.69 -16.15
CA LEU E 373 -29.74 34.90 -17.14
C LEU E 373 -30.24 35.74 -18.29
N VAL E 374 -29.50 36.80 -18.61
CA VAL E 374 -29.77 37.63 -19.78
C VAL E 374 -28.49 37.76 -20.63
N TYR E 375 -28.47 37.00 -21.73
CA TYR E 375 -27.29 36.96 -22.59
C TYR E 375 -27.62 37.47 -23.99
N ALA E 376 -26.59 37.94 -24.68
CA ALA E 376 -26.74 38.39 -26.05
C ALA E 376 -25.73 37.70 -26.97
N VAL E 377 -26.19 37.25 -28.13
CA VAL E 377 -25.32 36.64 -29.13
C VAL E 377 -24.86 37.68 -30.14
N ASN E 378 -23.55 37.77 -30.34
CA ASN E 378 -22.97 38.74 -31.27
C ASN E 378 -23.06 38.28 -32.71
N THR E 379 -24.08 38.77 -33.42
CA THR E 379 -24.33 38.38 -34.82
C THR E 379 -23.27 38.93 -35.78
N THR E 380 -22.47 39.90 -35.31
CA THR E 380 -21.65 40.76 -36.17
C THR E 380 -20.93 40.07 -37.31
N GLN E 381 -20.15 39.05 -36.93
CA GLN E 381 -19.30 38.32 -37.86
C GLN E 381 -19.07 37.02 -37.17
N THR E 382 -17.91 36.90 -36.52
CA THR E 382 -17.68 35.78 -35.63
C THR E 382 -18.27 34.61 -36.40
N ILE E 383 -17.81 34.47 -37.63
CA ILE E 383 -18.48 33.67 -38.67
C ILE E 383 -19.08 32.40 -38.10
N SER E 384 -18.31 31.70 -37.26
CA SER E 384 -18.77 30.49 -36.63
C SER E 384 -18.48 29.26 -37.47
N LYS E 385 -17.27 28.75 -37.31
CA LYS E 385 -16.81 27.56 -37.99
C LYS E 385 -17.53 26.40 -37.40
N SER E 386 -17.38 25.22 -37.96
CA SER E 386 -18.14 24.10 -37.44
C SER E 386 -17.48 23.56 -36.18
N VAL E 387 -17.70 24.29 -35.09
CA VAL E 387 -17.24 23.93 -33.78
C VAL E 387 -18.38 24.31 -32.86
N PHE E 388 -18.46 23.71 -31.67
CA PHE E 388 -19.58 24.01 -30.80
C PHE E 388 -19.51 25.45 -30.35
N ALA E 389 -20.58 26.20 -30.58
CA ALA E 389 -20.72 27.57 -30.09
C ALA E 389 -21.66 27.69 -28.92
N ASP E 390 -21.26 27.13 -27.78
CA ASP E 390 -22.14 27.07 -26.61
C ASP E 390 -21.86 28.14 -25.54
N LEU E 391 -22.94 28.55 -24.88
CA LEU E 391 -22.90 29.19 -23.58
C LEU E 391 -23.58 28.17 -22.67
N SER E 392 -22.86 27.71 -21.65
CA SER E 392 -23.37 26.66 -20.78
C SER E 392 -23.39 27.06 -19.31
N LEU E 393 -24.48 26.69 -18.65
CA LEU E 393 -24.57 26.78 -17.20
C LEU E 393 -24.41 25.38 -16.63
N TRP E 394 -23.67 25.27 -15.54
CA TRP E 394 -23.44 23.98 -14.89
C TRP E 394 -23.83 23.97 -13.42
N PHE E 395 -24.54 22.94 -12.98
CA PHE E 395 -24.83 22.73 -11.57
C PHE E 395 -24.24 21.39 -11.11
N LYS E 396 -23.47 21.43 -10.03
CA LYS E 396 -22.71 20.26 -9.57
C LYS E 396 -22.64 20.10 -8.06
N GLY E 397 -22.28 18.91 -7.60
CA GLY E 397 -22.10 18.63 -6.18
C GLY E 397 -23.35 18.89 -5.38
N LEU E 398 -23.22 19.58 -4.25
CA LEU E 398 -21.92 19.97 -3.70
C LEU E 398 -21.07 18.81 -3.19
N GLU E 399 -21.69 17.83 -2.52
CA GLU E 399 -20.91 16.77 -1.94
C GLU E 399 -20.17 16.03 -3.03
N ASP E 400 -20.82 15.85 -4.16
CA ASP E 400 -20.19 15.19 -5.31
C ASP E 400 -20.54 15.80 -6.68
N PRO E 401 -19.61 16.59 -7.21
CA PRO E 401 -19.69 17.07 -8.61
C PRO E 401 -19.54 15.85 -9.50
N GLU E 402 -19.34 16.03 -10.80
CA GLU E 402 -19.30 14.87 -11.69
C GLU E 402 -20.72 14.30 -11.78
N GLU E 403 -21.59 14.84 -10.91
CA GLU E 403 -23.01 14.61 -10.92
C GLU E 403 -23.66 15.99 -11.01
N TYR E 404 -24.01 16.39 -12.23
CA TYR E 404 -24.39 17.77 -12.53
C TYR E 404 -25.48 17.77 -13.60
N LEU E 405 -26.17 18.90 -13.75
CA LEU E 405 -26.96 19.11 -14.96
C LEU E 405 -26.51 20.34 -15.75
N ARG E 406 -26.39 20.12 -17.06
CA ARG E 406 -25.90 21.12 -17.99
C ARG E 406 -27.07 21.70 -18.77
N MET E 407 -26.99 23.01 -19.03
CA MET E 407 -27.92 23.68 -19.91
C MET E 407 -27.29 24.96 -20.44
N GLY E 408 -27.79 25.43 -21.58
CA GLY E 408 -27.27 26.64 -22.21
C GLY E 408 -27.66 26.76 -23.67
N PHE E 409 -27.11 27.77 -24.33
CA PHE E 409 -27.46 28.07 -25.71
C PHE E 409 -26.32 27.77 -26.68
N GLU E 410 -26.64 27.03 -27.74
CA GLU E 410 -25.69 26.79 -28.81
C GLU E 410 -26.15 27.51 -30.07
N VAL E 411 -25.27 28.37 -30.59
CA VAL E 411 -25.62 29.34 -31.65
C VAL E 411 -25.92 28.67 -32.98
N SER E 412 -25.00 27.83 -33.43
CA SER E 412 -25.12 27.07 -34.66
C SER E 412 -26.48 26.37 -34.78
N ALA E 413 -26.95 25.76 -33.70
CA ALA E 413 -28.22 25.03 -33.70
C ALA E 413 -29.42 25.91 -33.34
N SER E 414 -29.17 27.14 -32.92
CA SER E 414 -30.21 28.09 -32.50
C SER E 414 -31.27 27.51 -31.54
N SER E 415 -30.80 26.92 -30.44
CA SER E 415 -31.69 26.38 -29.40
C SER E 415 -31.02 26.28 -28.03
N PHE E 416 -31.85 26.21 -26.98
CA PHE E 416 -31.38 26.08 -25.60
C PHE E 416 -31.45 24.60 -25.14
N PHE E 417 -30.29 23.99 -24.98
CA PHE E 417 -30.22 22.57 -24.62
C PHE E 417 -30.23 22.33 -23.11
N LEU E 418 -30.63 21.12 -22.72
CA LEU E 418 -30.60 20.66 -21.34
C LEU E 418 -30.17 19.19 -21.30
N ASP E 419 -29.16 18.88 -20.49
CA ASP E 419 -28.66 17.51 -20.36
C ASP E 419 -28.83 17.00 -18.93
N ARG E 420 -30.01 16.48 -18.64
CA ARG E 420 -30.34 15.96 -17.30
C ARG E 420 -29.76 14.57 -17.02
N GLY E 421 -28.92 14.08 -17.92
CA GLY E 421 -28.06 12.91 -17.64
C GLY E 421 -26.94 13.35 -16.71
N ASN E 422 -25.94 12.49 -16.52
CA ASN E 422 -24.86 12.73 -15.54
C ASN E 422 -25.40 12.64 -14.12
N SER E 423 -25.89 11.45 -13.78
CA SER E 423 -26.25 11.12 -12.41
C SER E 423 -25.87 9.68 -12.14
N LYS E 424 -25.44 9.42 -10.91
CA LYS E 424 -25.07 8.08 -10.50
C LYS E 424 -26.30 7.24 -10.16
N VAL E 425 -27.41 7.90 -9.87
CA VAL E 425 -28.72 7.28 -9.64
C VAL E 425 -29.06 6.20 -10.67
N LYS E 426 -29.51 5.06 -10.17
CA LYS E 426 -29.77 3.91 -11.02
C LYS E 426 -30.84 4.17 -12.07
N PHE E 427 -31.92 4.82 -11.68
CA PHE E 427 -32.96 5.08 -12.66
C PHE E 427 -32.65 6.33 -13.43
N VAL E 428 -31.62 6.26 -14.23
CA VAL E 428 -31.27 7.33 -15.15
C VAL E 428 -30.24 6.71 -16.02
N LYS E 429 -29.38 5.94 -15.37
CA LYS E 429 -28.44 5.05 -16.04
C LYS E 429 -29.15 3.89 -16.70
N GLU E 430 -30.17 3.36 -16.02
CA GLU E 430 -30.85 2.15 -16.49
C GLU E 430 -32.09 2.31 -17.36
N ASN E 431 -32.98 3.24 -17.01
CA ASN E 431 -34.27 3.34 -17.67
C ASN E 431 -34.22 3.93 -19.07
N PRO E 432 -34.42 3.07 -20.10
CA PRO E 432 -34.20 3.47 -21.49
C PRO E 432 -35.24 4.44 -22.07
N TYR E 433 -36.32 4.70 -21.33
CA TYR E 433 -37.35 5.62 -21.81
C TYR E 433 -37.18 7.00 -21.21
N PHE E 434 -36.20 7.14 -20.32
CA PHE E 434 -35.92 8.41 -19.67
C PHE E 434 -34.88 9.18 -20.48
N THR E 435 -35.36 9.98 -21.44
CA THR E 435 -34.48 10.78 -22.30
C THR E 435 -33.78 11.88 -21.49
N ASN E 436 -32.51 12.11 -21.79
CA ASN E 436 -31.67 13.02 -21.01
C ASN E 436 -31.36 14.35 -21.69
N ARG E 437 -31.63 14.43 -22.97
CA ARG E 437 -31.34 15.63 -23.70
C ARG E 437 -32.53 16.22 -24.42
N MET E 438 -32.76 17.52 -24.23
CA MET E 438 -33.75 18.28 -24.98
C MET E 438 -33.20 19.66 -25.30
N SER E 439 -33.72 20.24 -26.38
CA SER E 439 -33.49 21.64 -26.69
C SER E 439 -34.84 22.32 -26.86
N VAL E 440 -34.87 23.64 -26.71
CA VAL E 440 -36.14 24.37 -26.63
C VAL E 440 -36.43 25.27 -27.83
N ASN E 441 -35.42 26.04 -28.25
CA ASN E 441 -35.60 27.05 -29.32
C ASN E 441 -36.26 28.34 -28.82
N ASN E 442 -35.58 29.00 -27.89
CA ASN E 442 -35.99 30.32 -27.45
C ASN E 442 -35.64 31.38 -28.49
N GLN E 443 -36.39 32.47 -28.49
CA GLN E 443 -36.22 33.55 -29.46
C GLN E 443 -35.87 34.86 -28.75
N PRO E 444 -35.00 35.68 -29.37
CA PRO E 444 -34.56 36.92 -28.73
C PRO E 444 -35.70 37.94 -28.58
N PHE E 445 -35.71 38.67 -27.46
CA PHE E 445 -36.72 39.70 -27.22
C PHE E 445 -36.31 41.05 -27.83
N LYS E 446 -35.00 41.26 -27.93
CA LYS E 446 -34.43 42.53 -28.38
C LYS E 446 -33.27 42.25 -29.32
N SER E 447 -33.21 42.99 -30.43
CA SER E 447 -32.15 42.81 -31.42
C SER E 447 -31.45 44.14 -31.77
N GLU E 448 -31.07 44.87 -30.72
CA GLU E 448 -30.40 46.16 -30.86
C GLU E 448 -28.90 45.97 -31.12
N ASN E 449 -28.30 46.90 -31.87
CA ASN E 449 -26.90 46.79 -32.35
C ASN E 449 -26.71 45.54 -33.19
N ASP E 450 -25.60 44.84 -32.94
CA ASP E 450 -25.32 43.58 -33.62
C ASP E 450 -25.45 42.41 -32.64
N LEU E 451 -26.13 42.66 -31.53
CA LEU E 451 -26.29 41.67 -30.48
C LEU E 451 -27.77 41.30 -30.39
N SER E 452 -28.04 40.01 -30.23
CA SER E 452 -29.40 39.55 -29.98
C SER E 452 -29.55 39.14 -28.53
N TYR E 453 -30.46 39.80 -27.82
CA TYR E 453 -30.63 39.60 -26.39
C TYR E 453 -31.67 38.52 -26.07
N TYR E 454 -31.29 37.56 -25.23
CA TYR E 454 -32.19 36.51 -24.76
C TYR E 454 -32.32 36.58 -23.23
N LYS E 455 -33.53 36.34 -22.75
CA LYS E 455 -33.78 36.22 -21.31
C LYS E 455 -34.24 34.81 -20.96
N VAL E 456 -33.74 34.30 -19.82
CA VAL E 456 -34.16 33.00 -19.31
C VAL E 456 -34.12 32.98 -17.77
N TYR E 457 -35.28 32.74 -17.16
CA TYR E 457 -35.37 32.51 -15.73
C TYR E 457 -35.57 31.02 -15.49
N GLY E 458 -34.92 30.49 -14.46
CA GLY E 458 -35.07 29.08 -14.11
C GLY E 458 -35.15 28.83 -12.62
N LEU E 459 -35.99 27.87 -12.24
CA LEU E 459 -36.10 27.44 -10.85
C LEU E 459 -35.74 25.96 -10.68
N LEU E 460 -34.81 25.68 -9.77
CA LEU E 460 -34.44 24.31 -9.47
C LEU E 460 -35.03 23.88 -8.13
N ASP E 461 -35.76 22.77 -8.12
CA ASP E 461 -36.35 22.28 -6.88
C ASP E 461 -36.10 20.80 -6.63
N GLN E 462 -34.86 20.44 -6.33
CA GLN E 462 -34.52 19.11 -5.88
C GLN E 462 -34.65 18.05 -6.97
N ASN E 463 -35.85 17.86 -7.49
CA ASN E 463 -36.04 16.92 -8.58
C ASN E 463 -36.74 17.51 -9.81
N ILE E 464 -37.10 18.78 -9.73
CA ILE E 464 -37.80 19.45 -10.83
C ILE E 464 -37.14 20.74 -11.29
N LEU E 465 -36.99 20.91 -12.61
CA LEU E 465 -36.46 22.13 -13.18
C LEU E 465 -37.45 22.77 -14.15
N GLU E 466 -37.69 24.06 -13.99
CA GLU E 466 -38.62 24.79 -14.85
C GLU E 466 -37.92 26.02 -15.44
N LEU E 467 -37.89 26.09 -16.76
CA LEU E 467 -37.25 27.20 -17.46
C LEU E 467 -38.27 28.09 -18.16
N TYR E 468 -38.24 29.38 -17.83
CA TYR E 468 -39.12 30.37 -18.43
C TYR E 468 -38.30 31.29 -19.33
N PHE E 469 -38.57 31.22 -20.62
CA PHE E 469 -37.85 32.00 -21.62
C PHE E 469 -38.64 33.27 -22.00
N ASN E 470 -37.95 34.41 -21.96
CA ASN E 470 -38.54 35.72 -22.24
C ASN E 470 -39.78 35.99 -21.38
N ASP E 471 -39.65 35.70 -20.09
CA ASP E 471 -40.71 35.88 -19.11
C ASP E 471 -41.95 35.00 -19.37
N GLY E 472 -41.72 33.82 -19.95
CA GLY E 472 -42.79 32.85 -20.13
C GLY E 472 -43.29 32.63 -21.55
N ASP E 473 -42.72 33.38 -22.50
CA ASP E 473 -43.09 33.24 -23.92
C ASP E 473 -42.98 31.79 -24.39
N VAL E 474 -41.97 31.09 -23.87
CA VAL E 474 -41.81 29.65 -24.05
C VAL E 474 -41.37 29.06 -22.70
N VAL E 475 -41.88 27.88 -22.36
CA VAL E 475 -41.47 27.20 -21.13
C VAL E 475 -41.07 25.75 -21.35
N SER E 476 -40.24 25.24 -20.44
CA SER E 476 -39.75 23.86 -20.48
C SER E 476 -39.63 23.29 -19.07
N THR E 477 -40.36 22.20 -18.81
CA THR E 477 -40.36 21.57 -17.49
C THR E 477 -39.86 20.12 -17.54
N ASN E 478 -38.77 19.87 -16.81
CA ASN E 478 -38.16 18.54 -16.77
C ASN E 478 -37.74 18.17 -15.37
N THR E 479 -38.09 16.96 -14.93
CA THR E 479 -37.62 16.45 -13.66
C THR E 479 -36.23 15.84 -13.84
N TYR E 480 -35.49 15.77 -12.73
CA TYR E 480 -34.13 15.22 -12.73
C TYR E 480 -33.85 14.56 -11.40
N PHE E 481 -33.00 13.53 -11.41
CA PHE E 481 -32.71 12.79 -10.19
C PHE E 481 -31.23 12.64 -9.94
N MET E 482 -30.84 13.00 -8.72
CA MET E 482 -29.45 13.15 -8.33
C MET E 482 -29.32 12.53 -6.94
N THR E 483 -28.20 11.85 -6.69
CA THR E 483 -28.06 11.02 -5.47
C THR E 483 -28.53 11.73 -4.20
N THR E 484 -29.40 11.04 -3.45
CA THR E 484 -30.08 11.57 -2.27
C THR E 484 -29.14 12.36 -1.36
N GLY E 485 -29.50 13.63 -1.11
CA GLY E 485 -28.70 14.52 -0.29
C GLY E 485 -27.53 15.08 -1.08
N ASN E 486 -27.59 16.38 -1.32
CA ASN E 486 -26.55 17.15 -2.03
C ASN E 486 -26.37 16.83 -3.54
N ALA E 487 -26.89 17.68 -4.41
CA ALA E 487 -27.46 19.04 -4.16
C ALA E 487 -26.67 20.02 -5.01
N LEU E 488 -27.28 20.47 -6.08
CA LEU E 488 -26.58 21.24 -7.10
C LEU E 488 -26.36 22.69 -6.66
N GLY E 489 -25.25 22.92 -5.96
CA GLY E 489 -24.94 24.24 -5.41
C GLY E 489 -23.81 24.96 -6.11
N SER E 490 -22.95 24.19 -6.77
CA SER E 490 -21.84 24.76 -7.51
C SER E 490 -22.33 25.27 -8.88
N VAL E 491 -22.62 26.57 -8.95
CA VAL E 491 -23.13 27.19 -10.17
C VAL E 491 -21.98 27.70 -11.02
N ASN E 492 -21.91 27.22 -12.27
CA ASN E 492 -20.78 27.51 -13.16
C ASN E 492 -21.21 28.00 -14.53
N MET E 493 -20.41 28.87 -15.12
CA MET E 493 -20.67 29.33 -16.49
C MET E 493 -19.44 29.12 -17.38
N THR E 494 -19.68 28.52 -18.53
CA THR E 494 -18.64 28.15 -19.46
C THR E 494 -19.07 28.50 -20.87
N THR E 495 -18.10 28.70 -21.76
CA THR E 495 -18.43 28.88 -23.16
C THR E 495 -17.36 28.39 -24.11
N GLY E 496 -17.81 27.89 -25.26
CA GLY E 496 -16.95 27.63 -26.39
C GLY E 496 -16.80 28.94 -27.12
N VAL E 497 -15.93 29.02 -28.12
CA VAL E 497 -15.92 30.20 -28.93
C VAL E 497 -15.60 31.48 -28.14
N ASP E 498 -14.42 32.01 -28.41
CA ASP E 498 -13.80 33.03 -27.56
C ASP E 498 -14.58 34.34 -27.40
N ASN E 499 -15.14 34.84 -28.50
CA ASN E 499 -15.85 36.11 -28.40
C ASN E 499 -17.22 36.14 -29.06
N LEU E 500 -18.16 35.38 -28.52
CA LEU E 500 -19.49 35.31 -29.12
C LEU E 500 -20.62 35.78 -28.22
N PHE E 501 -20.42 35.67 -26.92
CA PHE E 501 -21.51 35.85 -25.95
C PHE E 501 -21.28 37.01 -25.00
N TYR E 502 -22.29 37.85 -24.86
CA TYR E 502 -22.24 38.96 -23.93
C TYR E 502 -23.24 38.71 -22.81
N ILE E 503 -22.76 38.66 -21.58
CA ILE E 503 -23.63 38.52 -20.42
C ILE E 503 -24.01 39.88 -19.87
N ASP E 504 -25.27 40.24 -20.08
CA ASP E 504 -25.81 41.46 -19.50
C ASP E 504 -26.05 41.24 -18.02
N LYS E 505 -26.53 40.05 -17.67
CA LYS E 505 -27.03 39.75 -16.34
C LYS E 505 -27.01 38.24 -16.07
N PHE E 506 -26.34 37.83 -15.00
CA PHE E 506 -26.57 36.51 -14.40
C PHE E 506 -26.54 36.60 -12.88
N GLN E 507 -27.53 35.98 -12.24
CA GLN E 507 -27.67 36.02 -10.78
C GLN E 507 -28.41 34.80 -10.19
N VAL E 508 -27.83 34.21 -9.14
CA VAL E 508 -28.40 33.05 -8.46
C VAL E 508 -28.79 33.36 -7.02
N ARG E 509 -29.78 32.64 -6.52
CA ARG E 509 -30.34 32.88 -5.20
C ARG E 509 -31.01 31.63 -4.66
N GLU E 510 -30.94 31.43 -3.36
CA GLU E 510 -31.63 30.34 -2.71
C GLU E 510 -33.11 30.70 -2.51
N VAL E 511 -33.96 29.68 -2.59
CA VAL E 511 -35.40 29.83 -2.34
C VAL E 511 -35.83 28.80 -1.30
N LYS E 512 -36.63 29.24 -0.33
CA LYS E 512 -37.25 28.32 0.63
C LYS E 512 -38.78 28.41 0.65
N GLU F 4 -4.54 7.32 -34.31
CA GLU F 4 -5.93 7.09 -33.78
C GLU F 4 -6.91 7.26 -34.96
N THR F 5 -6.72 6.44 -35.96
CA THR F 5 -7.63 6.29 -37.01
C THR F 5 -9.10 5.95 -36.64
N SER F 6 -9.35 5.14 -35.64
CA SER F 6 -10.72 4.84 -35.29
C SER F 6 -11.19 3.57 -35.96
N ASP F 7 -12.42 3.16 -35.65
CA ASP F 7 -12.96 1.95 -36.20
C ASP F 7 -13.90 2.28 -37.35
N ARG F 8 -13.68 1.65 -38.48
CA ARG F 8 -14.38 2.00 -39.69
C ARG F 8 -15.32 0.89 -40.14
N PRO F 9 -16.59 1.22 -40.29
CA PRO F 9 -17.59 0.27 -40.77
C PRO F 9 -17.09 -0.59 -41.94
N LEU F 10 -17.44 -1.86 -41.92
CA LEU F 10 -16.94 -2.83 -42.91
C LEU F 10 -17.88 -3.09 -44.10
N VAL F 11 -19.18 -2.88 -43.89
CA VAL F 11 -20.17 -3.13 -44.95
C VAL F 11 -21.04 -1.91 -45.29
N HIS F 12 -20.74 -0.78 -44.66
CA HIS F 12 -21.35 0.51 -45.04
C HIS F 12 -20.30 1.34 -45.70
N PHE F 13 -20.69 2.14 -46.69
CA PHE F 13 -19.72 2.98 -47.37
C PHE F 13 -19.32 4.18 -46.52
N THR F 14 -18.01 4.41 -46.42
CA THR F 14 -17.47 5.65 -45.86
C THR F 14 -16.47 6.22 -46.86
N PRO F 15 -16.27 7.56 -46.84
CA PRO F 15 -15.25 8.11 -47.72
C PRO F 15 -13.86 7.62 -47.33
N ASN F 16 -12.91 7.77 -48.25
CA ASN F 16 -11.51 7.55 -47.99
C ASN F 16 -11.08 8.37 -46.77
N LYS F 17 -11.24 9.69 -46.89
CA LYS F 17 -11.01 10.63 -45.80
C LYS F 17 -11.87 11.87 -46.03
N GLY F 18 -12.13 12.63 -44.97
CA GLY F 18 -12.88 13.88 -45.08
C GLY F 18 -14.37 13.73 -44.88
N TRP F 19 -15.10 14.81 -45.15
CA TRP F 19 -16.53 14.88 -44.87
C TRP F 19 -17.37 14.35 -45.99
N MET F 20 -18.50 13.71 -45.61
CA MET F 20 -19.50 13.22 -46.56
C MET F 20 -20.91 13.53 -46.05
N ASN F 21 -21.83 13.77 -46.97
CA ASN F 21 -23.27 13.78 -46.65
C ASN F 21 -24.16 13.17 -47.74
N ASP F 22 -25.10 13.95 -48.26
CA ASP F 22 -26.16 13.46 -49.16
C ASP F 22 -25.62 12.59 -50.31
N PRO F 23 -26.24 11.41 -50.54
CA PRO F 23 -25.91 10.59 -51.70
C PRO F 23 -26.39 11.24 -52.99
N ASN F 24 -25.63 11.04 -54.06
CA ASN F 24 -25.89 11.69 -55.35
C ASN F 24 -25.85 10.75 -56.54
N GLY F 25 -26.46 11.18 -57.65
CA GLY F 25 -26.42 10.48 -58.94
C GLY F 25 -26.42 8.96 -58.97
N LEU F 26 -27.33 8.34 -58.22
CA LEU F 26 -27.40 6.88 -58.14
C LEU F 26 -27.97 6.24 -59.40
N TRP F 27 -27.18 5.35 -60.01
CA TRP F 27 -27.60 4.61 -61.21
C TRP F 27 -26.79 3.35 -61.38
N TYR F 28 -27.18 2.52 -62.33
CA TYR F 28 -26.49 1.23 -62.55
C TYR F 28 -26.05 1.03 -64.00
N ASP F 29 -24.79 0.67 -64.18
CA ASP F 29 -24.22 0.38 -65.50
C ASP F 29 -24.52 -1.06 -65.89
N GLU F 30 -25.47 -1.22 -66.81
CA GLU F 30 -25.95 -2.54 -67.22
C GLU F 30 -24.92 -3.29 -68.06
N LYS F 31 -24.04 -2.56 -68.74
CA LYS F 31 -23.00 -3.16 -69.57
C LYS F 31 -21.89 -3.78 -68.73
N ASP F 32 -21.34 -3.00 -67.80
CA ASP F 32 -20.19 -3.42 -66.99
C ASP F 32 -20.57 -3.96 -65.61
N ALA F 33 -21.88 -4.10 -65.36
CA ALA F 33 -22.44 -4.59 -64.10
C ALA F 33 -21.88 -3.86 -62.87
N LYS F 34 -21.96 -2.52 -62.88
CA LYS F 34 -21.43 -1.70 -61.79
C LYS F 34 -22.46 -0.71 -61.27
N TRP F 35 -22.64 -0.71 -59.95
CA TRP F 35 -23.44 0.27 -59.24
C TRP F 35 -22.62 1.49 -59.00
N HIS F 36 -23.19 2.67 -59.27
CA HIS F 36 -22.48 3.92 -59.05
C HIS F 36 -23.08 4.70 -57.92
N LEU F 37 -22.22 5.07 -56.97
CA LEU F 37 -22.62 5.90 -55.83
C LEU F 37 -21.79 7.18 -55.81
N TYR F 38 -22.49 8.31 -55.88
CA TYR F 38 -21.86 9.61 -55.74
C TYR F 38 -22.38 10.24 -54.45
N PHE F 39 -21.66 11.24 -53.94
CA PHE F 39 -21.99 11.84 -52.65
C PHE F 39 -21.39 13.23 -52.47
N GLN F 40 -22.07 14.05 -51.67
CA GLN F 40 -21.53 15.35 -51.28
C GLN F 40 -20.22 15.13 -50.53
N TYR F 41 -19.16 15.81 -50.96
CA TYR F 41 -17.81 15.46 -50.51
C TYR F 41 -16.90 16.66 -50.28
N ASN F 42 -16.29 16.67 -49.10
CA ASN F 42 -15.26 17.66 -48.79
C ASN F 42 -13.98 16.93 -48.41
N PRO F 43 -13.07 16.75 -49.39
CA PRO F 43 -11.89 15.92 -49.17
C PRO F 43 -10.79 16.65 -48.38
N ASN F 44 -10.98 17.94 -48.11
CA ASN F 44 -9.98 18.73 -47.39
C ASN F 44 -10.15 18.61 -45.88
N ASP F 45 -11.09 19.35 -45.32
CA ASP F 45 -11.40 19.22 -43.89
C ASP F 45 -12.29 18.00 -43.62
N THR F 46 -12.47 17.69 -42.34
CA THR F 46 -13.31 16.57 -41.93
C THR F 46 -14.71 17.04 -41.45
N VAL F 47 -15.07 18.25 -41.86
CA VAL F 47 -16.42 18.83 -41.68
C VAL F 47 -16.90 19.45 -43.00
N TRP F 48 -18.18 19.85 -43.05
CA TRP F 48 -18.74 20.45 -44.26
C TRP F 48 -18.05 21.74 -44.60
N GLY F 49 -17.76 21.93 -45.89
CA GLY F 49 -17.11 23.16 -46.36
C GLY F 49 -16.98 23.25 -47.86
N THR F 50 -16.69 24.45 -48.36
CA THR F 50 -16.50 24.69 -49.79
C THR F 50 -15.02 24.89 -50.09
N PRO F 51 -14.54 24.42 -51.26
CA PRO F 51 -15.31 23.79 -52.35
C PRO F 51 -15.90 22.44 -51.94
N LEU F 52 -17.17 22.24 -52.29
CA LEU F 52 -17.83 20.96 -52.07
C LEU F 52 -17.95 20.19 -53.39
N PHE F 53 -17.53 18.93 -53.36
CA PHE F 53 -17.41 18.11 -54.57
C PHE F 53 -18.43 16.97 -54.63
N TRP F 54 -18.43 16.27 -55.76
CA TRP F 54 -19.14 15.01 -55.92
C TRP F 54 -18.16 13.88 -55.83
N GLY F 55 -18.15 13.18 -54.69
CA GLY F 55 -17.32 12.00 -54.54
C GLY F 55 -17.87 10.85 -55.36
N HIS F 56 -17.02 9.88 -55.67
CA HIS F 56 -17.44 8.76 -56.52
C HIS F 56 -16.88 7.45 -56.04
N ALA F 57 -17.74 6.43 -56.02
CA ALA F 57 -17.34 5.07 -55.64
C ALA F 57 -18.21 4.02 -56.33
N THR F 58 -17.60 2.91 -56.72
CA THR F 58 -18.28 1.87 -57.48
C THR F 58 -18.34 0.56 -56.71
N SER F 59 -19.28 -0.29 -57.10
CA SER F 59 -19.44 -1.62 -56.52
C SER F 59 -20.28 -2.49 -57.44
N ASP F 60 -20.08 -3.80 -57.38
CA ASP F 60 -20.91 -4.73 -58.15
C ASP F 60 -21.72 -5.68 -57.26
N ASP F 61 -21.81 -5.37 -55.96
CA ASP F 61 -22.63 -6.13 -55.02
C ASP F 61 -23.23 -5.26 -53.93
N LEU F 62 -23.07 -3.94 -54.08
CA LEU F 62 -23.60 -2.93 -53.15
C LEU F 62 -23.16 -3.11 -51.69
N THR F 63 -22.13 -3.95 -51.50
CA THR F 63 -21.60 -4.23 -50.17
C THR F 63 -20.13 -3.85 -50.10
N ASN F 64 -19.36 -4.27 -51.09
CA ASN F 64 -17.94 -3.95 -51.16
C ASN F 64 -17.63 -2.88 -52.21
N TRP F 65 -17.09 -1.76 -51.74
CA TRP F 65 -16.93 -0.56 -52.57
C TRP F 65 -15.53 -0.34 -53.04
N GLU F 66 -15.38 0.55 -54.02
CA GLU F 66 -14.09 0.87 -54.61
C GLU F 66 -13.99 2.37 -54.87
N ASP F 67 -13.01 3.02 -54.25
CA ASP F 67 -12.79 4.45 -54.38
C ASP F 67 -12.49 4.88 -55.83
N GLN F 68 -13.08 6.00 -56.23
CA GLN F 68 -12.87 6.55 -57.57
C GLN F 68 -12.59 8.05 -57.45
N PRO F 69 -11.94 8.65 -58.47
CA PRO F 69 -11.65 10.09 -58.43
C PRO F 69 -12.93 10.93 -58.42
N ILE F 70 -12.80 12.18 -57.96
CA ILE F 70 -13.92 13.12 -57.91
C ILE F 70 -14.60 13.25 -59.28
N ALA F 71 -15.92 13.11 -59.29
CA ALA F 71 -16.68 13.11 -60.54
C ALA F 71 -17.15 14.51 -60.98
N ILE F 72 -17.60 15.32 -60.03
CA ILE F 72 -18.04 16.68 -60.33
C ILE F 72 -17.39 17.67 -59.36
N ALA F 73 -16.87 18.76 -59.90
CA ALA F 73 -16.21 19.81 -59.11
C ALA F 73 -16.77 21.19 -59.43
N PRO F 74 -16.86 22.07 -58.43
CA PRO F 74 -17.26 23.45 -58.73
C PRO F 74 -16.13 24.20 -59.41
N LYS F 75 -16.47 25.15 -60.27
CA LYS F 75 -15.46 26.00 -60.94
C LYS F 75 -14.76 26.90 -59.93
N ARG F 76 -15.41 27.14 -58.79
CA ARG F 76 -14.90 28.02 -57.75
C ARG F 76 -14.68 27.28 -56.42
N ASN F 77 -13.56 27.59 -55.75
CA ASN F 77 -13.34 27.15 -54.38
C ASN F 77 -14.30 27.89 -53.46
N ASP F 78 -14.80 29.01 -53.98
CA ASP F 78 -15.83 29.83 -53.35
C ASP F 78 -17.16 29.09 -53.29
N SER F 79 -17.47 28.38 -54.38
CA SER F 79 -18.78 27.74 -54.55
C SER F 79 -18.76 26.24 -54.21
N GLY F 80 -19.84 25.55 -54.59
CA GLY F 80 -19.95 24.11 -54.36
C GLY F 80 -20.86 23.42 -55.35
N ALA F 81 -20.56 22.15 -55.63
CA ALA F 81 -21.37 21.34 -56.52
C ALA F 81 -22.35 20.50 -55.70
N PHE F 82 -23.56 21.02 -55.52
CA PHE F 82 -24.54 20.47 -54.55
C PHE F 82 -25.26 19.21 -55.01
N SER F 83 -26.21 18.74 -54.19
CA SER F 83 -26.90 17.46 -54.40
C SER F 83 -27.66 17.38 -55.71
N GLY F 84 -27.81 16.16 -56.22
CA GLY F 84 -28.52 15.91 -57.47
C GLY F 84 -28.58 14.43 -57.85
N SER F 85 -29.28 14.16 -58.95
CA SER F 85 -29.50 12.79 -59.42
C SER F 85 -28.85 12.57 -60.79
N MET F 86 -28.93 11.34 -61.29
CA MET F 86 -28.44 11.02 -62.62
C MET F 86 -29.43 10.20 -63.43
N VAL F 87 -29.34 10.30 -64.75
CA VAL F 87 -30.19 9.55 -65.66
C VAL F 87 -29.36 8.87 -66.74
N VAL F 88 -29.84 7.71 -67.20
CA VAL F 88 -29.26 7.04 -68.36
C VAL F 88 -30.12 7.38 -69.56
N ASP F 89 -29.52 8.03 -70.56
CA ASP F 89 -30.24 8.45 -71.75
C ASP F 89 -29.94 7.52 -72.94
N TYR F 90 -30.66 6.40 -73.00
CA TYR F 90 -30.47 5.39 -74.05
C TYR F 90 -30.80 5.97 -75.42
N ASN F 91 -31.92 6.70 -75.49
CA ASN F 91 -32.46 7.19 -76.76
C ASN F 91 -31.95 8.57 -77.16
N ASN F 92 -30.83 8.98 -76.57
CA ASN F 92 -30.10 10.19 -76.95
C ASN F 92 -30.92 11.50 -76.96
N THR F 93 -32.02 11.51 -76.20
CA THR F 93 -32.94 12.66 -76.12
C THR F 93 -32.27 13.95 -75.60
N SER F 94 -31.00 13.82 -75.19
CA SER F 94 -30.24 14.95 -74.65
C SER F 94 -29.55 15.74 -75.76
N GLY F 95 -28.97 15.03 -76.73
CA GLY F 95 -28.23 15.67 -77.81
C GLY F 95 -26.76 15.31 -77.79
N PHE F 96 -26.27 14.99 -76.61
CA PHE F 96 -24.92 14.51 -76.43
C PHE F 96 -24.89 13.05 -76.85
N PHE F 97 -23.72 12.55 -77.18
CA PHE F 97 -23.57 11.11 -77.38
C PHE F 97 -23.58 10.69 -78.83
N ASN F 98 -22.40 10.31 -79.32
CA ASN F 98 -22.29 9.68 -80.62
C ASN F 98 -22.72 8.24 -80.42
N ASP F 99 -22.79 7.50 -81.52
CA ASP F 99 -23.15 6.09 -81.50
C ASP F 99 -21.96 5.22 -81.26
N THR F 100 -20.89 5.87 -80.88
CA THR F 100 -19.70 5.33 -80.23
C THR F 100 -19.89 5.01 -78.75
N ILE F 101 -20.83 5.70 -78.11
CA ILE F 101 -21.13 5.49 -76.70
C ILE F 101 -22.36 4.58 -76.56
N ASP F 102 -22.18 3.49 -75.81
CA ASP F 102 -23.23 2.50 -75.57
C ASP F 102 -24.47 3.14 -74.94
N PRO F 103 -25.69 2.81 -75.46
CA PRO F 103 -26.95 3.36 -74.96
C PRO F 103 -27.09 3.32 -73.44
N ARG F 104 -26.81 2.17 -72.84
CA ARG F 104 -26.97 1.96 -71.39
C ARG F 104 -25.76 2.47 -70.57
N GLN F 105 -24.97 3.32 -71.21
CA GLN F 105 -23.74 3.87 -70.62
C GLN F 105 -23.70 5.39 -70.82
N ARG F 106 -24.87 5.97 -71.10
CA ARG F 106 -25.01 7.40 -71.39
C ARG F 106 -25.61 8.17 -70.22
N CYS F 107 -24.78 8.45 -69.21
CA CYS F 107 -25.26 9.05 -67.97
C CYS F 107 -25.18 10.57 -67.97
N VAL F 108 -26.30 11.21 -67.59
CA VAL F 108 -26.37 12.67 -67.48
C VAL F 108 -26.71 13.09 -66.06
N ALA F 109 -25.77 13.77 -65.42
CA ALA F 109 -25.95 14.28 -64.06
C ALA F 109 -26.68 15.63 -64.08
N ILE F 110 -27.68 15.75 -63.21
CA ILE F 110 -28.40 17.01 -63.01
C ILE F 110 -28.14 17.44 -61.58
N TRP F 111 -27.59 18.64 -61.41
CA TRP F 111 -27.15 19.10 -60.09
C TRP F 111 -27.26 20.57 -59.88
N THR F 112 -27.15 20.99 -58.62
CA THR F 112 -27.24 22.39 -58.25
C THR F 112 -25.83 22.98 -58.11
N TYR F 113 -25.57 24.07 -58.82
CA TYR F 113 -24.33 24.83 -58.64
C TYR F 113 -24.59 26.01 -57.70
N ASN F 114 -24.35 25.79 -56.41
CA ASN F 114 -24.54 26.82 -55.40
C ASN F 114 -23.31 27.72 -55.27
N THR F 115 -23.57 29.02 -55.33
CA THR F 115 -22.56 30.08 -55.30
C THR F 115 -22.90 31.02 -54.16
N PRO F 116 -21.91 31.76 -53.62
CA PRO F 116 -22.26 32.84 -52.70
C PRO F 116 -23.20 33.88 -53.31
N GLU F 117 -23.17 34.01 -54.64
CA GLU F 117 -24.05 34.96 -55.35
C GLU F 117 -25.38 34.34 -55.81
N SER F 118 -25.30 33.20 -56.51
CA SER F 118 -26.48 32.62 -57.18
C SER F 118 -26.66 31.13 -56.91
N GLU F 119 -27.80 30.58 -57.33
CA GLU F 119 -28.06 29.14 -57.19
C GLU F 119 -28.79 28.55 -58.41
N GLU F 120 -28.01 28.14 -59.40
CA GLU F 120 -28.54 27.67 -60.68
C GLU F 120 -28.54 26.14 -60.80
N GLN F 121 -29.23 25.63 -61.82
CA GLN F 121 -29.27 24.18 -62.09
C GLN F 121 -28.45 23.79 -63.30
N TYR F 122 -27.41 22.99 -63.07
CA TYR F 122 -26.50 22.58 -64.13
C TYR F 122 -26.70 21.11 -64.48
N ILE F 123 -26.37 20.75 -65.72
CA ILE F 123 -26.29 19.35 -66.12
C ILE F 123 -24.90 19.06 -66.70
N SER F 124 -24.49 17.79 -66.60
CA SER F 124 -23.19 17.37 -67.11
C SER F 124 -23.27 15.96 -67.68
N TYR F 125 -22.53 15.71 -68.76
CA TYR F 125 -22.50 14.39 -69.39
C TYR F 125 -21.15 13.69 -69.17
N SER F 126 -21.18 12.37 -69.20
CA SER F 126 -19.97 11.56 -69.12
C SER F 126 -19.86 10.65 -70.35
N LEU F 127 -18.63 10.42 -70.79
CA LEU F 127 -18.39 9.63 -71.99
C LEU F 127 -17.62 8.35 -71.70
N ASP F 128 -17.05 8.26 -70.50
CA ASP F 128 -16.36 7.04 -70.06
C ASP F 128 -17.18 6.27 -69.03
N GLY F 129 -18.50 6.47 -69.08
CA GLY F 129 -19.43 5.73 -68.24
C GLY F 129 -19.52 6.19 -66.80
N GLY F 130 -19.30 7.48 -66.58
CA GLY F 130 -19.56 8.08 -65.28
C GLY F 130 -18.37 8.27 -64.34
N TYR F 131 -17.16 8.29 -64.89
CA TYR F 131 -15.97 8.46 -64.07
C TYR F 131 -15.43 9.88 -64.18
N THR F 132 -15.40 10.42 -65.39
CA THR F 132 -15.13 11.84 -65.61
C THR F 132 -16.34 12.49 -66.26
N PHE F 133 -16.62 13.74 -65.88
CA PHE F 133 -17.79 14.46 -66.37
C PHE F 133 -17.43 15.79 -67.02
N THR F 134 -18.16 16.14 -68.08
CA THR F 134 -17.99 17.44 -68.73
C THR F 134 -19.32 18.22 -68.66
N GLU F 135 -19.22 19.49 -68.31
CA GLU F 135 -20.39 20.34 -68.15
C GLU F 135 -21.05 20.66 -69.49
N TYR F 136 -22.37 20.83 -69.46
CA TYR F 136 -23.12 21.31 -70.61
C TYR F 136 -22.73 22.76 -70.86
N GLN F 137 -22.52 23.09 -72.13
CA GLN F 137 -21.93 24.38 -72.50
C GLN F 137 -22.84 25.60 -72.28
N LYS F 138 -24.15 25.39 -72.32
CA LYS F 138 -25.11 26.49 -72.13
C LYS F 138 -25.85 26.40 -70.79
N ASN F 139 -25.09 26.14 -69.73
CA ASN F 139 -25.62 26.14 -68.36
C ASN F 139 -25.87 27.57 -67.89
N PRO F 140 -26.88 27.76 -67.01
CA PRO F 140 -27.76 26.75 -66.39
C PRO F 140 -28.94 26.35 -67.27
N VAL F 141 -29.64 25.31 -66.86
CA VAL F 141 -30.88 24.88 -67.55
C VAL F 141 -32.12 25.45 -66.86
N LEU F 142 -31.94 26.01 -65.67
CA LEU F 142 -33.03 26.67 -64.93
C LEU F 142 -32.60 28.03 -64.39
N ALA F 143 -33.31 29.07 -64.81
CA ALA F 143 -32.87 30.46 -64.66
C ALA F 143 -32.86 31.00 -63.22
N ALA F 144 -33.98 30.79 -62.50
CA ALA F 144 -34.22 31.54 -61.26
C ALA F 144 -35.25 30.93 -60.30
N ASN F 145 -35.78 31.69 -59.34
CA ASN F 145 -35.48 33.12 -59.09
C ASN F 145 -33.99 33.46 -58.85
N SER F 146 -33.29 32.57 -58.15
CA SER F 146 -33.90 31.42 -57.52
C SER F 146 -33.99 31.63 -56.01
N THR F 147 -35.19 31.57 -55.47
CA THR F 147 -35.35 31.35 -54.05
C THR F 147 -34.69 29.99 -53.89
N GLN F 148 -34.10 29.70 -52.72
CA GLN F 148 -33.33 28.47 -52.57
C GLN F 148 -33.95 27.28 -53.32
N PHE F 149 -33.24 26.81 -54.34
CA PHE F 149 -33.73 25.76 -55.22
C PHE F 149 -32.69 24.66 -55.48
N ARG F 150 -32.95 23.47 -54.93
CA ARG F 150 -31.94 22.41 -54.91
C ARG F 150 -32.49 20.97 -54.83
N ASP F 151 -31.56 20.01 -54.86
CA ASP F 151 -31.82 18.57 -54.74
C ASP F 151 -32.73 18.00 -55.85
N PRO F 152 -32.37 18.25 -57.13
CA PRO F 152 -33.21 17.79 -58.25
C PRO F 152 -33.14 16.29 -58.51
N LYS F 153 -34.28 15.62 -58.40
CA LYS F 153 -34.37 14.19 -58.71
C LYS F 153 -35.12 14.00 -60.03
N VAL F 154 -34.44 13.43 -61.01
CA VAL F 154 -34.97 13.33 -62.36
C VAL F 154 -35.25 11.87 -62.72
N PHE F 155 -36.42 11.62 -63.32
CA PHE F 155 -36.80 10.29 -63.80
C PHE F 155 -37.52 10.32 -65.15
N TRP F 156 -37.56 9.17 -65.81
CA TRP F 156 -38.22 9.02 -67.12
C TRP F 156 -39.66 8.65 -66.96
N TYR F 157 -40.51 9.25 -67.79
CA TYR F 157 -41.94 8.98 -67.79
C TYR F 157 -42.38 8.53 -69.18
N GLU F 158 -42.79 7.26 -69.29
CA GLU F 158 -43.21 6.66 -70.56
C GLU F 158 -44.44 7.31 -71.19
N PRO F 159 -45.55 7.45 -70.42
CA PRO F 159 -46.79 7.99 -71.01
C PRO F 159 -46.62 9.35 -71.70
N SER F 160 -46.12 10.35 -70.98
CA SER F 160 -45.97 11.69 -71.54
C SER F 160 -44.66 11.90 -72.31
N GLN F 161 -43.82 10.87 -72.35
CA GLN F 161 -42.53 10.91 -73.05
C GLN F 161 -41.66 12.10 -72.62
N LYS F 162 -41.51 12.27 -71.31
CA LYS F 162 -40.79 13.41 -70.73
C LYS F 162 -39.89 13.03 -69.54
N TRP F 163 -38.83 13.80 -69.34
CA TRP F 163 -38.05 13.75 -68.10
C TRP F 163 -38.78 14.56 -67.06
N ILE F 164 -39.16 13.89 -65.97
CA ILE F 164 -39.84 14.57 -64.88
C ILE F 164 -38.85 14.80 -63.74
N MET F 165 -38.75 16.06 -63.30
CA MET F 165 -37.81 16.45 -62.26
C MET F 165 -38.54 16.98 -61.03
N THR F 166 -38.23 16.40 -59.89
CA THR F 166 -38.79 16.84 -58.61
C THR F 166 -37.69 17.52 -57.77
N ALA F 167 -37.92 18.78 -57.41
CA ALA F 167 -36.92 19.58 -56.70
C ALA F 167 -37.50 20.29 -55.47
N ALA F 168 -36.64 20.59 -54.50
CA ALA F 168 -37.07 21.20 -53.25
C ALA F 168 -36.94 22.71 -53.24
N LYS F 169 -38.02 23.39 -52.88
CA LYS F 169 -38.06 24.84 -52.75
C LYS F 169 -38.14 25.19 -51.27
N SER F 170 -36.98 25.30 -50.62
CA SER F 170 -36.88 25.39 -49.16
C SER F 170 -37.48 26.65 -48.56
N GLN F 171 -37.38 27.76 -49.27
CA GLN F 171 -37.87 29.06 -48.79
C GLN F 171 -39.39 29.15 -48.79
N ASP F 172 -40.03 28.51 -49.76
CA ASP F 172 -41.48 28.53 -49.90
C ASP F 172 -42.16 27.25 -49.38
N TYR F 173 -41.38 26.38 -48.77
CA TYR F 173 -41.87 25.13 -48.17
C TYR F 173 -42.69 24.29 -49.16
N LYS F 174 -42.14 24.13 -50.36
CA LYS F 174 -42.78 23.38 -51.44
C LYS F 174 -41.84 22.36 -52.05
N ILE F 175 -42.40 21.51 -52.90
CA ILE F 175 -41.64 20.65 -53.79
C ILE F 175 -42.20 20.89 -55.19
N GLU F 176 -41.38 21.43 -56.08
CA GLU F 176 -41.82 21.74 -57.43
C GLU F 176 -41.52 20.59 -58.38
N ILE F 177 -42.41 20.38 -59.35
CA ILE F 177 -42.21 19.37 -60.40
C ILE F 177 -42.01 20.05 -61.75
N TYR F 178 -40.94 19.67 -62.45
CA TYR F 178 -40.62 20.23 -63.77
C TYR F 178 -40.59 19.14 -64.83
N SER F 179 -40.89 19.53 -66.07
CA SER F 179 -40.90 18.60 -67.21
C SER F 179 -39.99 19.07 -68.33
N SER F 180 -39.40 18.10 -69.03
CA SER F 180 -38.55 18.37 -70.19
C SER F 180 -38.40 17.11 -71.01
N ASP F 181 -38.27 17.26 -72.33
CA ASP F 181 -37.91 16.14 -73.20
C ASP F 181 -36.49 16.32 -73.72
N ASP F 182 -36.09 17.59 -73.83
CA ASP F 182 -34.74 17.95 -74.25
C ASP F 182 -33.75 17.70 -73.11
N LEU F 183 -34.21 17.92 -71.87
CA LEU F 183 -33.38 17.88 -70.66
C LEU F 183 -32.65 19.21 -70.46
N LYS F 184 -32.69 20.07 -71.48
CA LYS F 184 -32.01 21.37 -71.46
C LYS F 184 -32.92 22.51 -71.03
N SER F 185 -34.24 22.35 -71.23
CA SER F 185 -35.21 23.38 -70.86
C SER F 185 -36.40 22.78 -70.12
N TRP F 186 -36.66 23.29 -68.92
CA TRP F 186 -37.67 22.74 -68.04
C TRP F 186 -38.85 23.65 -67.86
N LYS F 187 -40.05 23.06 -67.87
CA LYS F 187 -41.28 23.81 -67.63
C LYS F 187 -41.92 23.39 -66.30
N LEU F 188 -42.21 24.39 -65.47
CA LEU F 188 -42.88 24.18 -64.18
C LEU F 188 -44.28 23.59 -64.38
N GLU F 189 -44.64 22.61 -63.57
CA GLU F 189 -45.93 21.94 -63.73
C GLU F 189 -46.82 22.04 -62.50
N SER F 190 -46.30 21.64 -61.34
CA SER F 190 -47.07 21.65 -60.10
C SER F 190 -46.23 22.00 -58.89
N ALA F 191 -46.80 21.75 -57.71
CA ALA F 191 -46.09 21.84 -56.44
C ALA F 191 -46.62 20.86 -55.40
N PHE F 192 -45.89 20.69 -54.31
CA PHE F 192 -46.24 19.80 -53.20
C PHE F 192 -45.60 20.41 -51.96
N ALA F 193 -46.21 20.36 -50.77
CA ALA F 193 -47.49 19.72 -50.46
C ALA F 193 -47.83 20.16 -49.06
N ASN F 194 -48.60 19.33 -48.34
CA ASN F 194 -48.82 19.55 -46.91
C ASN F 194 -47.46 19.59 -46.23
N GLU F 195 -47.21 20.61 -45.40
CA GLU F 195 -48.18 21.61 -44.96
C GLU F 195 -48.60 21.26 -43.54
N GLY F 196 -48.52 19.97 -43.22
CA GLY F 196 -48.53 19.54 -41.83
C GLY F 196 -47.25 20.07 -41.21
N PHE F 197 -46.18 20.04 -41.99
CA PHE F 197 -44.94 20.67 -41.59
C PHE F 197 -44.54 21.78 -42.58
N LEU F 198 -44.84 23.01 -42.21
CA LEU F 198 -44.31 24.16 -42.91
C LEU F 198 -43.54 25.01 -41.90
N GLY F 199 -42.49 25.67 -42.38
CA GLY F 199 -41.52 26.29 -41.48
C GLY F 199 -40.39 25.30 -41.35
N TYR F 200 -40.73 24.02 -41.54
CA TYR F 200 -39.77 22.95 -41.72
C TYR F 200 -39.13 23.12 -43.08
N GLN F 201 -37.88 22.69 -43.23
CA GLN F 201 -37.20 22.78 -44.51
C GLN F 201 -37.32 21.50 -45.32
N TYR F 202 -37.72 21.63 -46.58
CA TYR F 202 -37.81 20.48 -47.47
C TYR F 202 -36.47 20.26 -48.15
N GLU F 203 -36.06 19.00 -48.20
CA GLU F 203 -34.81 18.61 -48.85
C GLU F 203 -34.93 17.27 -49.57
N CYS F 204 -33.99 17.03 -50.48
CA CYS F 204 -33.83 15.78 -51.22
C CYS F 204 -35.13 15.03 -51.52
N PRO F 205 -36.00 15.61 -52.37
CA PRO F 205 -37.22 14.92 -52.74
C PRO F 205 -36.97 13.85 -53.81
N GLY F 206 -37.88 12.90 -53.92
CA GLY F 206 -37.77 11.83 -54.91
C GLY F 206 -39.12 11.24 -55.22
N LEU F 207 -39.29 10.73 -56.45
CA LEU F 207 -40.57 10.20 -56.88
C LEU F 207 -40.41 8.91 -57.68
N ILE F 208 -40.81 7.80 -57.06
CA ILE F 208 -40.61 6.48 -57.65
C ILE F 208 -41.84 5.58 -57.49
N GLU F 209 -42.06 4.71 -58.47
CA GLU F 209 -43.10 3.68 -58.39
C GLU F 209 -42.60 2.47 -57.61
N VAL F 210 -43.26 2.20 -56.49
CA VAL F 210 -42.83 1.15 -55.57
C VAL F 210 -43.74 -0.07 -55.69
N PRO F 211 -43.17 -1.22 -56.16
CA PRO F 211 -43.91 -2.46 -56.29
C PRO F 211 -44.57 -2.92 -54.99
N THR F 212 -45.61 -3.73 -55.11
CA THR F 212 -46.36 -4.21 -53.96
C THR F 212 -45.89 -5.61 -53.57
N GLU F 213 -46.09 -5.99 -52.31
CA GLU F 213 -46.00 -7.38 -51.90
C GLU F 213 -47.26 -8.09 -52.35
N GLN F 214 -47.26 -9.42 -52.27
CA GLN F 214 -48.38 -10.30 -52.69
C GLN F 214 -48.78 -10.14 -54.16
N ASP F 215 -48.32 -9.06 -54.79
CA ASP F 215 -48.45 -8.84 -56.24
C ASP F 215 -47.42 -7.81 -56.70
N PRO F 216 -46.24 -8.29 -57.15
CA PRO F 216 -45.16 -7.42 -57.64
C PRO F 216 -45.48 -6.71 -58.97
N SER F 217 -46.58 -7.10 -59.61
CA SER F 217 -47.04 -6.48 -60.84
C SER F 217 -47.61 -5.07 -60.60
N LYS F 218 -48.43 -4.94 -59.55
CA LYS F 218 -48.98 -3.64 -59.13
C LYS F 218 -47.91 -2.75 -58.51
N SER F 219 -48.18 -1.44 -58.49
CA SER F 219 -47.30 -0.46 -57.86
C SER F 219 -48.02 0.86 -57.61
N TYR F 220 -47.53 1.62 -56.63
CA TYR F 220 -48.06 2.94 -56.31
C TYR F 220 -46.95 3.99 -56.36
N TRP F 221 -47.32 5.22 -56.67
CA TRP F 221 -46.37 6.33 -56.66
C TRP F 221 -46.06 6.76 -55.25
N VAL F 222 -44.78 6.82 -54.92
CA VAL F 222 -44.33 7.24 -53.59
C VAL F 222 -43.42 8.46 -53.69
N MET F 223 -43.75 9.49 -52.93
CA MET F 223 -42.97 10.72 -52.87
C MET F 223 -42.14 10.76 -51.59
N PHE F 224 -40.82 10.74 -51.76
CA PHE F 224 -39.89 10.84 -50.64
C PHE F 224 -39.51 12.30 -50.40
N ILE F 225 -39.61 12.74 -49.15
CA ILE F 225 -39.08 14.05 -48.76
C ILE F 225 -38.19 13.90 -47.52
N SER F 226 -37.03 14.55 -47.55
CA SER F 226 -36.20 14.68 -46.36
C SER F 226 -36.58 15.97 -45.65
N ILE F 227 -37.10 15.83 -44.44
CA ILE F 227 -37.57 16.97 -43.66
C ILE F 227 -36.63 17.26 -42.50
N ASN F 228 -36.16 18.49 -42.45
CA ASN F 228 -35.45 19.03 -41.32
C ASN F 228 -35.84 20.48 -41.13
N PRO F 229 -35.82 20.89 -39.87
CA PRO F 229 -35.74 19.93 -38.79
C PRO F 229 -36.58 20.33 -37.61
N GLY F 230 -36.15 21.42 -36.99
CA GLY F 230 -36.48 21.76 -35.63
C GLY F 230 -35.89 20.73 -34.69
N ALA F 231 -34.81 21.11 -34.04
CA ALA F 231 -34.21 20.26 -33.02
C ALA F 231 -35.18 20.11 -31.86
N PRO F 232 -35.85 21.20 -31.52
CA PRO F 232 -36.83 21.22 -30.45
C PRO F 232 -37.94 20.26 -30.80
N ALA F 233 -38.25 20.23 -32.10
CA ALA F 233 -39.16 19.26 -32.63
C ALA F 233 -38.30 18.03 -32.78
N GLY F 234 -38.87 16.98 -33.35
CA GLY F 234 -38.22 15.68 -33.35
C GLY F 234 -36.85 15.74 -33.98
N GLY F 235 -36.70 16.51 -35.05
CA GLY F 235 -35.42 16.62 -35.71
C GLY F 235 -35.42 15.96 -37.05
N SER F 236 -34.25 15.88 -37.67
CA SER F 236 -34.17 15.31 -39.02
C SER F 236 -34.93 14.01 -39.16
N PHE F 237 -35.87 13.96 -40.10
CA PHE F 237 -36.54 12.70 -40.46
C PHE F 237 -36.80 12.60 -41.96
N ASN F 238 -36.72 11.37 -42.48
CA ASN F 238 -37.01 11.11 -43.87
C ASN F 238 -38.45 10.60 -44.03
N GLN F 239 -39.26 11.37 -44.75
CA GLN F 239 -40.70 11.12 -44.84
C GLN F 239 -41.09 10.59 -46.23
N TYR F 240 -42.19 9.84 -46.28
CA TYR F 240 -42.75 9.38 -47.56
C TYR F 240 -44.27 9.54 -47.65
N PHE F 241 -44.75 9.76 -48.87
CA PHE F 241 -46.18 9.85 -49.16
C PHE F 241 -46.56 8.87 -50.27
N VAL F 242 -47.53 8.01 -49.98
CA VAL F 242 -48.10 7.13 -51.01
C VAL F 242 -49.23 7.90 -51.71
N GLY F 243 -49.20 7.94 -53.04
CA GLY F 243 -50.17 8.71 -53.79
C GLY F 243 -50.30 8.42 -55.26
N SER F 244 -50.75 9.43 -56.01
CA SER F 244 -51.06 9.27 -57.43
C SER F 244 -50.38 10.35 -58.27
N PHE F 245 -49.78 9.93 -59.37
CA PHE F 245 -49.09 10.85 -60.27
C PHE F 245 -49.63 10.71 -61.70
N ASN F 246 -50.31 11.77 -62.16
CA ASN F 246 -50.93 11.79 -63.49
C ASN F 246 -49.97 12.10 -64.63
N GLY F 247 -48.83 12.70 -64.29
CA GLY F 247 -47.84 13.11 -65.29
C GLY F 247 -47.43 14.56 -65.12
N THR F 248 -48.15 15.27 -64.25
CA THR F 248 -47.85 16.67 -63.95
C THR F 248 -48.09 17.01 -62.47
N HIS F 249 -49.03 16.31 -61.84
CA HIS F 249 -49.42 16.58 -60.45
C HIS F 249 -49.30 15.36 -59.59
N PHE F 250 -48.97 15.56 -58.31
CA PHE F 250 -48.93 14.46 -57.34
C PHE F 250 -50.03 14.58 -56.29
N GLU F 251 -50.82 13.53 -56.16
CA GLU F 251 -51.92 13.47 -55.19
C GLU F 251 -51.55 12.56 -54.04
N ALA F 252 -51.60 13.09 -52.82
CA ALA F 252 -51.22 12.31 -51.68
C ALA F 252 -52.47 11.73 -51.08
N PHE F 253 -52.52 10.40 -50.97
CA PHE F 253 -53.67 9.80 -50.37
C PHE F 253 -53.66 10.28 -48.95
N ASP F 254 -54.81 10.63 -48.39
CA ASP F 254 -54.80 11.07 -47.01
C ASP F 254 -54.47 9.87 -46.19
N ASN F 255 -53.78 10.09 -45.08
CA ASN F 255 -53.57 9.03 -44.13
C ASN F 255 -52.78 7.88 -44.69
N GLN F 256 -51.95 8.17 -45.67
CA GLN F 256 -50.99 7.19 -46.14
C GLN F 256 -49.66 7.86 -46.18
N SER F 257 -49.16 8.21 -45.01
CA SER F 257 -47.84 8.83 -44.87
C SER F 257 -47.17 8.45 -43.55
N ARG F 258 -45.97 7.90 -43.64
CA ARG F 258 -45.16 7.55 -42.47
C ARG F 258 -43.72 8.01 -42.68
N VAL F 259 -42.91 7.95 -41.64
CA VAL F 259 -41.47 8.20 -41.79
C VAL F 259 -40.81 6.95 -42.39
N VAL F 260 -39.79 7.16 -43.21
CA VAL F 260 -39.07 6.04 -43.83
C VAL F 260 -38.35 5.21 -42.77
N ASP F 261 -37.53 5.87 -41.95
CA ASP F 261 -36.74 5.22 -40.93
C ASP F 261 -36.97 5.90 -39.59
N PHE F 262 -37.22 5.10 -38.57
CA PHE F 262 -37.57 5.61 -37.25
C PHE F 262 -36.35 5.97 -36.41
N GLY F 263 -35.16 5.61 -36.91
CA GLY F 263 -33.90 5.96 -36.26
C GLY F 263 -33.55 7.43 -36.39
N LYS F 264 -32.52 7.84 -35.66
CA LYS F 264 -32.13 9.24 -35.61
C LYS F 264 -31.08 9.57 -36.66
N ASP F 265 -30.52 8.53 -37.27
CA ASP F 265 -29.43 8.72 -38.23
C ASP F 265 -29.74 8.07 -39.60
N TYR F 266 -30.62 8.71 -40.35
CA TYR F 266 -31.07 8.24 -41.66
C TYR F 266 -31.73 9.42 -42.34
N TYR F 267 -31.01 10.04 -43.28
CA TYR F 267 -31.45 11.29 -43.88
C TYR F 267 -30.94 11.40 -45.33
N ALA F 268 -31.57 12.29 -46.10
CA ALA F 268 -31.18 12.59 -47.48
C ALA F 268 -31.30 11.40 -48.44
N LEU F 269 -32.30 10.57 -48.23
CA LEU F 269 -32.50 9.36 -49.04
C LEU F 269 -32.68 9.68 -50.51
N GLN F 270 -32.00 8.93 -51.36
CA GLN F 270 -32.22 8.98 -52.80
C GLN F 270 -32.30 7.55 -53.36
N THR F 271 -33.23 7.33 -54.28
CA THR F 271 -33.38 6.03 -54.94
C THR F 271 -32.56 5.95 -56.22
N PHE F 272 -32.14 4.74 -56.58
CA PHE F 272 -31.44 4.51 -57.85
C PHE F 272 -32.35 4.81 -59.03
N PHE F 273 -31.75 5.30 -60.12
CA PHE F 273 -32.49 5.59 -61.35
C PHE F 273 -32.84 4.30 -62.08
N ASN F 274 -31.92 3.34 -62.01
CA ASN F 274 -32.10 2.01 -62.59
C ASN F 274 -31.34 0.97 -61.76
N THR F 275 -31.80 -0.27 -61.80
CA THR F 275 -31.20 -1.34 -61.00
C THR F 275 -30.99 -2.63 -61.78
N ASP F 276 -30.33 -3.58 -61.13
CA ASP F 276 -30.19 -4.94 -61.63
C ASP F 276 -31.24 -5.82 -60.94
N PRO F 277 -32.21 -6.35 -61.72
CA PRO F 277 -33.21 -7.24 -61.13
C PRO F 277 -33.12 -8.70 -61.62
N THR F 278 -32.66 -9.66 -60.81
CA THR F 278 -32.05 -9.54 -59.47
C THR F 278 -32.76 -8.62 -58.45
N TYR F 279 -32.00 -7.75 -57.79
CA TYR F 279 -32.47 -6.95 -56.64
C TYR F 279 -33.80 -6.21 -56.88
N GLY F 280 -33.96 -5.67 -58.09
CA GLY F 280 -35.22 -5.11 -58.57
C GLY F 280 -35.66 -3.84 -57.89
N SER F 281 -35.59 -2.71 -58.59
CA SER F 281 -36.02 -1.41 -58.05
C SER F 281 -37.49 -1.46 -57.63
N ALA F 282 -37.90 -0.69 -56.62
CA ALA F 282 -37.11 0.40 -56.02
C ALA F 282 -35.99 -0.01 -55.06
N LEU F 283 -34.84 0.62 -55.25
CA LEU F 283 -33.68 0.50 -54.35
C LEU F 283 -33.24 1.89 -53.90
N GLY F 284 -32.91 2.02 -52.62
CA GLY F 284 -32.53 3.31 -52.05
C GLY F 284 -31.45 3.26 -50.98
N ILE F 285 -30.64 4.33 -50.93
CA ILE F 285 -29.58 4.48 -49.93
C ILE F 285 -29.69 5.85 -49.25
N ALA F 286 -29.23 5.94 -48.00
CA ALA F 286 -29.33 7.21 -47.27
C ALA F 286 -28.04 7.58 -46.53
N TRP F 287 -27.87 8.88 -46.32
CA TRP F 287 -26.82 9.41 -45.47
C TRP F 287 -27.14 9.10 -44.04
N ALA F 288 -26.36 8.21 -43.44
CA ALA F 288 -26.66 7.71 -42.10
C ALA F 288 -26.12 8.64 -41.00
N SER F 289 -26.74 9.81 -40.88
CA SER F 289 -26.40 10.75 -39.81
C SER F 289 -27.51 11.79 -39.60
N ASN F 290 -27.22 12.80 -38.77
CA ASN F 290 -28.21 13.79 -38.35
C ASN F 290 -27.54 15.16 -38.22
N TRP F 291 -28.12 16.15 -38.89
CA TRP F 291 -27.54 17.50 -38.96
C TRP F 291 -27.31 18.19 -37.64
N GLU F 292 -27.96 17.73 -36.58
CA GLU F 292 -27.87 18.39 -35.28
C GLU F 292 -26.50 18.20 -34.62
N TYR F 293 -25.81 17.12 -34.97
CA TYR F 293 -24.54 16.77 -34.32
C TYR F 293 -23.53 16.05 -35.24
N SER F 294 -23.92 15.79 -36.48
CA SER F 294 -23.10 15.03 -37.45
C SER F 294 -21.67 15.53 -37.60
N ALA F 295 -21.48 16.82 -37.40
CA ALA F 295 -20.16 17.45 -37.55
C ALA F 295 -19.28 17.30 -36.31
N PHE F 296 -19.78 16.62 -35.28
CA PHE F 296 -19.04 16.48 -34.03
C PHE F 296 -18.79 15.02 -33.64
N VAL F 297 -19.21 14.10 -34.50
CA VAL F 297 -19.00 12.67 -34.23
C VAL F 297 -17.49 12.35 -34.25
N PRO F 298 -17.05 11.43 -33.36
CA PRO F 298 -15.61 11.18 -33.22
C PRO F 298 -15.11 10.11 -34.19
N THR F 299 -14.98 10.48 -35.46
CA THR F 299 -14.40 9.60 -36.47
C THR F 299 -13.26 10.32 -37.21
N ASN F 300 -12.21 9.56 -37.53
CA ASN F 300 -11.02 10.12 -38.14
C ASN F 300 -10.34 9.11 -39.09
N PRO F 301 -9.87 9.56 -40.26
CA PRO F 301 -9.85 10.91 -40.80
C PRO F 301 -11.09 11.25 -41.65
N TRP F 302 -12.15 10.45 -41.52
CA TRP F 302 -13.37 10.66 -42.28
C TRP F 302 -14.52 10.92 -41.34
N ARG F 303 -15.59 11.48 -41.88
CA ARG F 303 -16.84 11.57 -41.14
C ARG F 303 -18.01 11.13 -42.02
N SER F 304 -18.95 10.43 -41.40
CA SER F 304 -20.18 9.97 -42.04
C SER F 304 -20.03 8.66 -42.78
N SER F 305 -20.98 7.77 -42.53
CA SER F 305 -21.16 6.56 -43.31
C SER F 305 -22.49 6.68 -44.03
N MET F 306 -22.63 5.98 -45.14
CA MET F 306 -23.93 5.84 -45.78
C MET F 306 -24.63 4.70 -45.04
N SER F 307 -25.91 4.48 -45.36
CA SER F 307 -26.62 3.32 -44.85
C SER F 307 -26.46 2.15 -45.81
N LEU F 308 -27.15 1.06 -45.55
CA LEU F 308 -27.25 -0.05 -46.50
C LEU F 308 -28.27 0.30 -47.58
N VAL F 309 -28.09 -0.26 -48.77
CA VAL F 309 -29.07 -0.11 -49.83
C VAL F 309 -30.28 -0.98 -49.50
N ARG F 310 -31.48 -0.44 -49.65
CA ARG F 310 -32.68 -1.16 -49.28
C ARG F 310 -33.65 -1.35 -50.44
N LYS F 311 -34.18 -2.56 -50.59
CA LYS F 311 -35.21 -2.84 -51.58
C LYS F 311 -36.58 -2.46 -51.01
N PHE F 312 -37.17 -1.41 -51.56
CA PHE F 312 -38.47 -0.95 -51.11
C PHE F 312 -39.61 -1.75 -51.75
N SER F 313 -40.65 -2.01 -50.97
CA SER F 313 -41.86 -2.67 -51.44
C SER F 313 -43.04 -2.26 -50.56
N LEU F 314 -44.22 -2.12 -51.17
CA LEU F 314 -45.39 -1.69 -50.42
C LEU F 314 -46.22 -2.86 -49.93
N ASN F 315 -46.63 -2.78 -48.67
CA ASN F 315 -47.33 -3.85 -47.97
C ASN F 315 -48.77 -3.45 -47.70
N THR F 316 -49.60 -3.52 -48.74
CA THR F 316 -50.99 -3.05 -48.70
C THR F 316 -51.85 -3.65 -47.57
N GLU F 317 -51.54 -4.88 -47.18
CA GLU F 317 -52.15 -5.49 -46.02
C GLU F 317 -51.17 -5.45 -44.85
N TYR F 318 -51.48 -4.59 -43.88
CA TYR F 318 -50.62 -4.40 -42.72
C TYR F 318 -51.38 -4.47 -41.40
N GLN F 319 -52.45 -3.69 -41.30
CA GLN F 319 -53.20 -3.52 -40.05
C GLN F 319 -52.26 -2.97 -38.98
N ALA F 320 -52.35 -3.49 -37.75
CA ALA F 320 -51.40 -3.16 -36.70
C ALA F 320 -51.13 -1.64 -36.69
N ASN F 321 -52.05 -0.84 -36.14
CA ASN F 321 -53.15 -1.25 -35.27
C ASN F 321 -54.29 -2.09 -35.85
N PRO F 322 -55.01 -2.83 -34.97
CA PRO F 322 -56.23 -3.54 -35.34
C PRO F 322 -57.13 -2.56 -36.08
N GLU F 323 -56.77 -1.29 -36.03
CA GLU F 323 -57.37 -0.26 -36.85
C GLU F 323 -57.20 -0.60 -38.34
N THR F 324 -58.16 -0.18 -39.16
CA THR F 324 -58.20 -0.54 -40.59
C THR F 324 -56.84 -0.36 -41.26
N GLU F 325 -56.45 -1.35 -42.07
CA GLU F 325 -55.12 -1.38 -42.70
C GLU F 325 -54.87 -0.26 -43.69
N LEU F 326 -53.59 0.03 -43.89
CA LEU F 326 -53.13 1.10 -44.77
C LEU F 326 -51.85 0.64 -45.46
N ILE F 327 -51.54 1.24 -46.60
CA ILE F 327 -50.36 0.88 -47.38
C ILE F 327 -49.09 1.19 -46.57
N ASN F 328 -48.27 0.18 -46.37
CA ASN F 328 -47.06 0.31 -45.55
C ASN F 328 -45.80 0.04 -46.36
N LEU F 329 -44.80 0.92 -46.21
CA LEU F 329 -43.53 0.76 -46.91
C LEU F 329 -42.60 -0.16 -46.12
N LYS F 330 -42.12 -1.22 -46.78
CA LYS F 330 -41.17 -2.13 -46.15
C LYS F 330 -39.86 -2.22 -46.92
N ALA F 331 -38.76 -1.94 -46.20
CA ALA F 331 -37.43 -1.93 -46.78
C ALA F 331 -36.61 -3.12 -46.29
N GLU F 332 -36.16 -3.95 -47.23
CA GLU F 332 -35.30 -5.10 -46.92
C GLU F 332 -33.86 -4.76 -47.24
N PRO F 333 -32.90 -5.22 -46.41
CA PRO F 333 -31.49 -4.89 -46.60
C PRO F 333 -30.86 -5.59 -47.81
N ILE F 334 -29.97 -4.90 -48.50
CA ILE F 334 -29.14 -5.52 -49.54
C ILE F 334 -27.73 -5.69 -48.98
N LEU F 335 -27.38 -6.91 -48.63
CA LEU F 335 -26.10 -7.22 -47.98
C LEU F 335 -25.54 -8.57 -48.41
N ASN F 336 -24.45 -8.53 -49.15
CA ASN F 336 -23.78 -9.75 -49.62
C ASN F 336 -22.69 -10.21 -48.69
N ILE F 337 -22.90 -11.40 -48.13
CA ILE F 337 -22.01 -11.97 -47.12
C ILE F 337 -20.84 -12.71 -47.78
N SER F 338 -19.63 -12.35 -47.40
CA SER F 338 -18.41 -13.03 -47.86
C SER F 338 -18.01 -14.14 -46.89
N ASN F 339 -17.84 -13.76 -45.62
CA ASN F 339 -17.50 -14.71 -44.55
C ASN F 339 -18.78 -15.31 -43.93
N ALA F 340 -19.35 -16.28 -44.64
CA ALA F 340 -20.60 -16.93 -44.24
C ALA F 340 -20.42 -17.90 -43.07
N GLY F 341 -21.35 -17.84 -42.11
CA GLY F 341 -21.32 -18.71 -40.92
C GLY F 341 -20.25 -18.31 -39.91
N PRO F 342 -20.21 -18.99 -38.75
CA PRO F 342 -21.23 -19.92 -38.26
C PRO F 342 -22.10 -19.29 -37.15
N TRP F 343 -23.38 -19.62 -37.13
CA TRP F 343 -24.29 -19.09 -36.11
C TRP F 343 -23.96 -19.58 -34.73
N SER F 344 -24.14 -18.70 -33.76
CA SER F 344 -24.15 -19.07 -32.35
C SER F 344 -25.54 -18.74 -31.83
N ARG F 345 -26.17 -19.67 -31.13
CA ARG F 345 -27.54 -19.43 -30.62
C ARG F 345 -27.76 -19.62 -29.11
N PHE F 346 -28.78 -18.94 -28.60
CA PHE F 346 -29.16 -19.04 -27.20
C PHE F 346 -30.23 -20.10 -27.00
N ALA F 347 -31.09 -19.80 -26.03
CA ALA F 347 -32.22 -20.66 -25.72
C ALA F 347 -33.26 -20.51 -26.80
N THR F 348 -33.56 -21.62 -27.47
CA THR F 348 -34.57 -21.70 -28.50
C THR F 348 -35.72 -22.53 -27.96
N ASN F 349 -36.92 -22.30 -28.48
CA ASN F 349 -38.15 -22.91 -27.96
C ASN F 349 -38.11 -22.97 -26.43
N THR F 350 -38.21 -21.80 -25.82
CA THR F 350 -37.91 -21.63 -24.39
C THR F 350 -38.58 -20.41 -23.79
N THR F 351 -38.94 -20.51 -22.50
CA THR F 351 -39.52 -19.39 -21.76
C THR F 351 -38.48 -18.77 -20.83
N LEU F 352 -38.36 -17.45 -20.93
CA LEU F 352 -37.39 -16.69 -20.15
C LEU F 352 -37.89 -16.35 -18.76
N THR F 353 -37.00 -16.53 -17.78
CA THR F 353 -37.28 -16.09 -16.43
C THR F 353 -36.26 -15.02 -16.01
N LYS F 354 -36.70 -14.10 -15.16
CA LYS F 354 -35.87 -13.00 -14.66
C LYS F 354 -34.60 -13.50 -13.99
N ALA F 355 -34.73 -14.61 -13.27
CA ALA F 355 -33.68 -15.13 -12.41
C ALA F 355 -32.35 -15.47 -13.11
N ASN F 356 -32.37 -15.70 -14.42
CA ASN F 356 -31.17 -16.14 -15.15
C ASN F 356 -31.02 -15.59 -16.57
N SER F 357 -29.77 -15.41 -16.98
CA SER F 357 -29.45 -14.72 -18.25
C SER F 357 -28.54 -15.54 -19.18
N TYR F 358 -28.60 -15.23 -20.48
CA TYR F 358 -27.80 -15.92 -21.49
C TYR F 358 -26.61 -15.09 -22.01
N ASN F 359 -25.59 -15.79 -22.50
CA ASN F 359 -24.36 -15.15 -22.95
C ASN F 359 -23.62 -15.99 -24.00
N VAL F 360 -23.25 -15.37 -25.12
CA VAL F 360 -22.21 -15.89 -26.00
C VAL F 360 -21.12 -14.84 -26.08
N ASP F 361 -19.89 -15.26 -25.81
CA ASP F 361 -18.76 -14.34 -25.75
C ASP F 361 -17.88 -14.46 -26.99
N LEU F 362 -18.22 -13.71 -28.04
CA LEU F 362 -17.49 -13.74 -29.30
C LEU F 362 -16.12 -13.05 -29.20
N SER F 363 -15.12 -13.80 -28.76
CA SER F 363 -13.83 -13.25 -28.30
C SER F 363 -13.03 -12.43 -29.30
N ASN F 364 -12.98 -12.85 -30.55
CA ASN F 364 -12.25 -12.07 -31.54
C ASN F 364 -13.11 -11.60 -32.70
N SER F 365 -14.27 -11.04 -32.37
CA SER F 365 -15.12 -10.38 -33.35
C SER F 365 -14.63 -8.95 -33.52
N THR F 366 -14.65 -8.45 -34.75
CA THR F 366 -14.13 -7.13 -35.07
C THR F 366 -15.03 -5.99 -34.59
N GLY F 367 -16.30 -6.30 -34.37
CA GLY F 367 -17.31 -5.29 -34.04
C GLY F 367 -18.31 -5.13 -35.17
N THR F 368 -18.30 -6.08 -36.10
CA THR F 368 -19.32 -6.17 -37.14
C THR F 368 -19.98 -7.53 -37.06
N LEU F 369 -21.20 -7.55 -36.56
CA LEU F 369 -21.95 -8.79 -36.38
C LEU F 369 -23.43 -8.56 -36.66
N GLU F 370 -24.14 -9.64 -37.01
CA GLU F 370 -25.57 -9.58 -37.23
C GLU F 370 -26.31 -10.52 -36.28
N PHE F 371 -27.57 -10.22 -36.01
CA PHE F 371 -28.38 -11.03 -35.10
C PHE F 371 -29.82 -11.15 -35.56
N GLU F 372 -30.44 -12.25 -35.15
CA GLU F 372 -31.79 -12.58 -35.57
C GLU F 372 -32.58 -13.07 -34.36
N LEU F 373 -33.52 -12.24 -33.91
CA LEU F 373 -34.31 -12.55 -32.73
C LEU F 373 -35.78 -12.71 -33.08
N VAL F 374 -36.36 -13.83 -32.64
CA VAL F 374 -37.79 -14.07 -32.79
C VAL F 374 -38.40 -14.43 -31.43
N TYR F 375 -39.08 -13.46 -30.82
CA TYR F 375 -39.64 -13.62 -29.49
C TYR F 375 -41.15 -13.50 -29.50
N ALA F 376 -41.80 -14.10 -28.51
CA ALA F 376 -43.25 -14.00 -28.36
C ALA F 376 -43.62 -13.54 -26.96
N VAL F 377 -44.56 -12.62 -26.87
CA VAL F 377 -45.06 -12.13 -25.59
C VAL F 377 -46.32 -12.88 -25.20
N ASN F 378 -46.31 -13.42 -23.99
CA ASN F 378 -47.43 -14.19 -23.47
C ASN F 378 -48.56 -13.29 -22.95
N THR F 379 -49.56 -13.08 -23.79
CA THR F 379 -50.70 -12.23 -23.46
C THR F 379 -51.61 -12.82 -22.39
N THR F 380 -51.47 -14.12 -22.13
CA THR F 380 -52.44 -14.94 -21.39
C THR F 380 -53.04 -14.26 -20.17
N GLN F 381 -52.17 -13.83 -19.27
CA GLN F 381 -52.57 -13.25 -18.00
C GLN F 381 -51.39 -12.42 -17.58
N THR F 382 -50.56 -13.00 -16.73
CA THR F 382 -49.27 -12.41 -16.43
C THR F 382 -49.58 -10.94 -16.36
N ILE F 383 -50.55 -10.62 -15.51
CA ILE F 383 -51.25 -9.32 -15.53
C ILE F 383 -50.31 -8.16 -15.84
N SER F 384 -49.14 -8.18 -15.23
CA SER F 384 -48.15 -7.16 -15.50
C SER F 384 -48.38 -5.97 -14.59
N LYS F 385 -47.81 -6.07 -13.40
CA LYS F 385 -47.92 -5.04 -12.41
C LYS F 385 -47.05 -3.92 -12.89
N SER F 386 -47.07 -2.80 -12.20
CA SER F 386 -46.29 -1.68 -12.66
C SER F 386 -44.85 -1.93 -12.25
N VAL F 387 -44.24 -2.84 -13.00
CA VAL F 387 -42.84 -3.16 -12.90
C VAL F 387 -42.37 -3.28 -14.33
N PHE F 388 -41.07 -3.13 -14.58
CA PHE F 388 -40.57 -3.07 -15.93
C PHE F 388 -40.59 -4.44 -16.55
N ALA F 389 -41.35 -4.59 -17.61
CA ALA F 389 -41.48 -5.86 -18.34
C ALA F 389 -40.62 -5.93 -19.59
N ASP F 390 -39.31 -5.98 -19.41
CA ASP F 390 -38.38 -5.97 -20.53
C ASP F 390 -37.81 -7.34 -20.95
N LEU F 391 -37.56 -7.45 -22.26
CA LEU F 391 -36.63 -8.42 -22.82
C LEU F 391 -35.53 -7.55 -23.39
N SER F 392 -34.30 -7.75 -22.91
CA SER F 392 -33.17 -6.90 -23.31
C SER F 392 -32.02 -7.69 -23.91
N LEU F 393 -31.46 -7.15 -24.98
CA LEU F 393 -30.21 -7.63 -25.53
C LEU F 393 -29.11 -6.67 -25.12
N TRP F 394 -27.98 -7.23 -24.73
CA TRP F 394 -26.84 -6.42 -24.36
C TRP F 394 -25.66 -6.78 -25.21
N PHE F 395 -25.05 -5.77 -25.82
CA PHE F 395 -23.74 -5.94 -26.44
C PHE F 395 -22.66 -5.13 -25.70
N LYS F 396 -21.58 -5.79 -25.29
CA LYS F 396 -20.55 -5.15 -24.47
C LYS F 396 -19.11 -5.61 -24.78
N GLY F 397 -18.14 -4.82 -24.31
CA GLY F 397 -16.72 -5.10 -24.47
C GLY F 397 -16.25 -5.17 -25.92
N LEU F 398 -15.44 -6.18 -26.24
CA LEU F 398 -14.87 -7.11 -25.27
C LEU F 398 -13.83 -6.53 -24.29
N GLU F 399 -12.93 -5.67 -24.76
CA GLU F 399 -11.83 -5.26 -23.92
C GLU F 399 -12.41 -4.55 -22.72
N ASP F 400 -13.40 -3.72 -22.95
CA ASP F 400 -14.16 -3.14 -21.87
C ASP F 400 -15.66 -3.30 -22.01
N PRO F 401 -16.27 -3.94 -21.00
CA PRO F 401 -17.71 -3.91 -20.78
C PRO F 401 -18.02 -2.64 -20.01
N GLU F 402 -19.23 -2.47 -19.49
CA GLU F 402 -19.55 -1.20 -18.81
C GLU F 402 -19.65 -0.12 -19.88
N GLU F 403 -19.24 -0.50 -21.09
CA GLU F 403 -19.39 0.26 -22.31
C GLU F 403 -20.13 -0.64 -23.27
N TYR F 404 -21.44 -0.46 -23.34
CA TYR F 404 -22.33 -1.38 -24.01
C TYR F 404 -23.48 -0.62 -24.66
N LEU F 405 -24.18 -1.27 -25.58
CA LEU F 405 -25.49 -0.75 -25.97
C LEU F 405 -26.62 -1.75 -25.71
N ARG F 406 -27.68 -1.21 -25.11
CA ARG F 406 -28.85 -1.99 -24.72
C ARG F 406 -29.99 -1.78 -25.71
N MET F 407 -30.73 -2.85 -25.98
CA MET F 407 -31.96 -2.78 -26.75
C MET F 407 -32.86 -3.95 -26.41
N GLY F 408 -34.16 -3.78 -26.67
CA GLY F 408 -35.12 -4.83 -26.38
C GLY F 408 -36.54 -4.34 -26.31
N PHE F 409 -37.45 -5.21 -25.89
CA PHE F 409 -38.88 -4.91 -25.89
C PHE F 409 -39.44 -4.82 -24.48
N GLU F 410 -40.15 -3.73 -24.21
CA GLU F 410 -40.85 -3.57 -22.94
C GLU F 410 -42.36 -3.62 -23.19
N VAL F 411 -43.03 -4.54 -22.51
CA VAL F 411 -44.42 -4.91 -22.81
C VAL F 411 -45.41 -3.79 -22.46
N SER F 412 -45.31 -3.32 -21.23
CA SER F 412 -46.14 -2.24 -20.71
C SER F 412 -46.20 -1.06 -21.68
N ALA F 413 -45.06 -0.69 -22.26
CA ALA F 413 -44.96 0.46 -23.17
C ALA F 413 -45.19 0.09 -24.64
N SER F 414 -45.28 -1.20 -24.92
CA SER F 414 -45.47 -1.73 -26.29
C SER F 414 -44.54 -1.09 -27.35
N SER F 415 -43.24 -1.12 -27.08
CA SER F 415 -42.23 -0.60 -28.01
C SER F 415 -40.83 -1.22 -27.81
N PHE F 416 -40.01 -1.14 -28.86
CA PHE F 416 -38.64 -1.65 -28.84
C PHE F 416 -37.64 -0.53 -28.61
N PHE F 417 -37.06 -0.48 -27.41
CA PHE F 417 -36.14 0.59 -27.01
C PHE F 417 -34.69 0.33 -27.42
N LEU F 418 -33.92 1.42 -27.50
CA LEU F 418 -32.49 1.36 -27.76
C LEU F 418 -31.78 2.45 -26.93
N ASP F 419 -30.76 2.06 -26.18
CA ASP F 419 -30.02 3.00 -25.35
C ASP F 419 -28.55 3.05 -25.80
N ARG F 420 -28.27 3.89 -26.78
CA ARG F 420 -26.91 4.05 -27.33
C ARG F 420 -26.01 4.93 -26.47
N GLY F 421 -26.48 5.29 -25.28
CA GLY F 421 -25.63 5.86 -24.23
C GLY F 421 -24.77 4.73 -23.64
N ASN F 422 -24.07 5.02 -22.54
CA ASN F 422 -23.10 4.08 -21.95
C ASN F 422 -21.87 3.93 -22.84
N SER F 423 -21.18 5.04 -23.04
CA SER F 423 -19.86 5.04 -23.66
C SER F 423 -18.97 6.03 -22.95
N LYS F 424 -17.68 5.70 -22.90
CA LYS F 424 -16.72 6.59 -22.27
C LYS F 424 -16.28 7.70 -23.22
N VAL F 425 -16.50 7.50 -24.52
CA VAL F 425 -16.24 8.49 -25.56
C VAL F 425 -16.78 9.87 -25.19
N LYS F 426 -15.96 10.90 -25.42
CA LYS F 426 -16.28 12.27 -25.04
C LYS F 426 -17.52 12.79 -25.76
N PHE F 427 -17.63 12.47 -27.04
CA PHE F 427 -18.79 12.94 -27.78
C PHE F 427 -19.94 11.98 -27.55
N VAL F 428 -20.43 11.96 -26.33
CA VAL F 428 -21.62 11.21 -25.99
C VAL F 428 -22.05 11.64 -24.61
N LYS F 429 -21.09 11.78 -23.71
CA LYS F 429 -21.32 12.48 -22.47
C LYS F 429 -21.49 13.97 -22.72
N GLU F 430 -20.59 14.50 -23.55
CA GLU F 430 -20.52 15.94 -23.83
C GLU F 430 -21.61 16.58 -24.68
N ASN F 431 -22.02 15.92 -25.76
CA ASN F 431 -22.83 16.58 -26.78
C ASN F 431 -24.34 16.50 -26.51
N PRO F 432 -24.96 17.63 -26.13
CA PRO F 432 -26.33 17.66 -25.63
C PRO F 432 -27.40 17.43 -26.69
N TYR F 433 -27.02 17.42 -27.97
CA TYR F 433 -27.99 17.18 -29.04
C TYR F 433 -27.98 15.73 -29.51
N PHE F 434 -27.06 14.95 -28.95
CA PHE F 434 -26.95 13.53 -29.27
C PHE F 434 -27.82 12.71 -28.32
N THR F 435 -29.08 12.50 -28.72
CA THR F 435 -30.03 11.73 -27.92
C THR F 435 -29.62 10.25 -27.87
N ASN F 436 -29.76 9.64 -26.70
CA ASN F 436 -29.28 8.28 -26.48
C ASN F 436 -30.37 7.22 -26.40
N ARG F 437 -31.63 7.63 -26.31
CA ARG F 437 -32.72 6.68 -26.11
C ARG F 437 -33.86 6.89 -27.10
N MET F 438 -34.18 5.84 -27.85
CA MET F 438 -35.34 5.82 -28.73
C MET F 438 -36.10 4.52 -28.57
N SER F 439 -37.39 4.55 -28.88
CA SER F 439 -38.20 3.35 -29.01
C SER F 439 -38.86 3.36 -30.38
N VAL F 440 -39.28 2.19 -30.86
CA VAL F 440 -39.69 2.05 -32.26
C VAL F 440 -41.19 1.77 -32.44
N ASN F 441 -41.71 0.83 -31.65
CA ASN F 441 -43.10 0.36 -31.79
C ASN F 441 -43.29 -0.63 -32.93
N ASN F 442 -42.61 -1.76 -32.81
CA ASN F 442 -42.81 -2.87 -33.74
C ASN F 442 -44.11 -3.62 -33.41
N GLN F 443 -44.68 -4.25 -34.43
CA GLN F 443 -45.95 -4.94 -34.31
C GLN F 443 -45.80 -6.43 -34.63
N PRO F 444 -46.52 -7.29 -33.89
CA PRO F 444 -46.36 -8.74 -34.09
C PRO F 444 -46.83 -9.20 -35.47
N PHE F 445 -46.12 -10.16 -36.05
CA PHE F 445 -46.50 -10.71 -37.36
C PHE F 445 -47.53 -11.85 -37.23
N LYS F 446 -47.50 -12.52 -36.09
CA LYS F 446 -48.32 -13.70 -35.84
C LYS F 446 -48.85 -13.65 -34.41
N SER F 447 -50.13 -13.95 -34.25
CA SER F 447 -50.77 -13.93 -32.93
C SER F 447 -51.49 -15.24 -32.61
N GLU F 448 -50.79 -16.36 -32.81
CA GLU F 448 -51.31 -17.70 -32.55
C GLU F 448 -51.22 -18.06 -31.07
N ASN F 449 -52.18 -18.87 -30.61
CA ASN F 449 -52.33 -19.19 -29.17
C ASN F 449 -52.54 -17.93 -28.33
N ASP F 450 -51.85 -17.86 -27.19
CA ASP F 450 -51.90 -16.68 -26.35
C ASP F 450 -50.57 -15.95 -26.40
N LEU F 451 -49.79 -16.24 -27.43
CA LEU F 451 -48.47 -15.63 -27.61
C LEU F 451 -48.48 -14.73 -28.84
N SER F 452 -47.87 -13.56 -28.73
CA SER F 452 -47.69 -12.69 -29.89
C SER F 452 -46.23 -12.72 -30.34
N TYR F 453 -46.02 -13.15 -31.59
CA TYR F 453 -44.69 -13.34 -32.14
C TYR F 453 -44.17 -12.09 -32.83
N TYR F 454 -42.95 -11.68 -32.47
CA TYR F 454 -42.26 -10.56 -33.08
C TYR F 454 -40.94 -11.03 -33.69
N LYS F 455 -40.59 -10.50 -34.86
CA LYS F 455 -39.29 -10.74 -35.47
C LYS F 455 -38.47 -9.46 -35.55
N VAL F 456 -37.18 -9.58 -35.30
CA VAL F 456 -36.24 -8.45 -35.43
C VAL F 456 -34.84 -8.92 -35.87
N TYR F 457 -34.40 -8.41 -37.01
CA TYR F 457 -33.03 -8.63 -37.47
C TYR F 457 -32.26 -7.35 -37.29
N GLY F 458 -31.01 -7.47 -36.86
CA GLY F 458 -30.16 -6.30 -36.66
C GLY F 458 -28.73 -6.51 -37.10
N LEU F 459 -28.13 -5.46 -37.67
CA LEU F 459 -26.74 -5.49 -38.08
C LEU F 459 -25.92 -4.43 -37.35
N LEU F 460 -24.88 -4.86 -36.66
CA LEU F 460 -23.98 -3.93 -35.99
C LEU F 460 -22.73 -3.81 -36.82
N ASP F 461 -22.35 -2.59 -37.16
CA ASP F 461 -21.16 -2.37 -37.96
C ASP F 461 -20.26 -1.28 -37.39
N GLN F 462 -19.64 -1.57 -36.25
CA GLN F 462 -18.63 -0.70 -35.69
C GLN F 462 -19.18 0.60 -35.14
N ASN F 463 -19.80 1.40 -35.99
CA ASN F 463 -20.39 2.64 -35.54
C ASN F 463 -21.87 2.84 -35.89
N ILE F 464 -22.42 1.93 -36.67
CA ILE F 464 -23.82 2.04 -37.09
C ILE F 464 -24.64 0.79 -36.82
N LEU F 465 -25.83 0.96 -36.26
CA LEU F 465 -26.74 -0.15 -36.00
C LEU F 465 -28.07 0.04 -36.73
N GLU F 466 -28.47 -0.97 -37.51
CA GLU F 466 -29.70 -0.96 -38.28
C GLU F 466 -30.59 -2.12 -37.85
N LEU F 467 -31.82 -1.80 -37.42
CA LEU F 467 -32.78 -2.79 -36.99
C LEU F 467 -33.93 -2.92 -37.97
N TYR F 468 -34.14 -4.14 -38.45
CA TYR F 468 -35.24 -4.45 -39.36
C TYR F 468 -36.29 -5.30 -38.64
N PHE F 469 -37.47 -4.72 -38.46
CA PHE F 469 -38.57 -5.37 -37.75
C PHE F 469 -39.55 -6.02 -38.72
N ASN F 470 -39.86 -7.29 -38.48
CA ASN F 470 -40.75 -8.10 -39.32
C ASN F 470 -40.30 -8.10 -40.79
N ASP F 471 -38.99 -8.30 -40.97
CA ASP F 471 -38.35 -8.32 -42.28
C ASP F 471 -38.45 -6.99 -43.04
N GLY F 472 -38.45 -5.89 -42.30
CA GLY F 472 -38.41 -4.57 -42.91
C GLY F 472 -39.69 -3.76 -42.83
N ASP F 473 -40.74 -4.33 -42.27
CA ASP F 473 -42.02 -3.61 -42.10
C ASP F 473 -41.84 -2.26 -41.40
N VAL F 474 -40.91 -2.23 -40.45
CA VAL F 474 -40.47 -1.00 -39.80
C VAL F 474 -38.94 -1.09 -39.65
N VAL F 475 -38.24 0.03 -39.85
CA VAL F 475 -36.79 0.06 -39.65
C VAL F 475 -36.32 1.22 -38.76
N SER F 476 -35.15 1.04 -38.15
CA SER F 476 -34.56 2.05 -37.26
C SER F 476 -33.05 2.06 -37.41
N THR F 477 -32.50 3.19 -37.82
CA THR F 477 -31.05 3.34 -38.03
C THR F 477 -30.44 4.39 -37.11
N ASN F 478 -29.50 3.97 -36.27
CA ASN F 478 -28.83 4.84 -35.33
C ASN F 478 -27.34 4.54 -35.26
N THR F 479 -26.52 5.59 -35.34
CA THR F 479 -25.09 5.45 -35.15
C THR F 479 -24.75 5.45 -33.66
N TYR F 480 -23.60 4.88 -33.31
CA TYR F 480 -23.17 4.81 -31.92
C TYR F 480 -21.66 4.86 -31.87
N PHE F 481 -21.11 5.38 -30.77
CA PHE F 481 -19.66 5.53 -30.67
C PHE F 481 -19.11 4.99 -29.37
N MET F 482 -18.09 4.15 -29.52
CA MET F 482 -17.55 3.33 -28.43
C MET F 482 -16.04 3.36 -28.56
N THR F 483 -15.34 3.46 -27.43
CA THR F 483 -13.89 3.72 -27.42
C THR F 483 -13.13 2.90 -28.46
N THR F 484 -12.33 3.61 -29.25
CA THR F 484 -11.59 3.04 -30.41
C THR F 484 -10.94 1.70 -30.09
N GLY F 485 -11.30 0.69 -30.88
CA GLY F 485 -10.78 -0.65 -30.69
C GLY F 485 -11.49 -1.37 -29.55
N ASN F 486 -12.28 -2.37 -29.94
CA ASN F 486 -13.04 -3.24 -29.02
C ASN F 486 -14.21 -2.59 -28.26
N ALA F 487 -15.45 -2.82 -28.70
CA ALA F 487 -15.88 -3.80 -29.72
C ALA F 487 -16.88 -4.72 -29.05
N LEU F 488 -18.14 -4.52 -29.40
CA LEU F 488 -19.24 -5.16 -28.69
C LEU F 488 -19.39 -6.63 -29.09
N GLY F 489 -18.67 -7.50 -28.39
CA GLY F 489 -18.66 -8.93 -28.73
C GLY F 489 -19.38 -9.78 -27.71
N SER F 490 -19.52 -9.26 -26.50
CA SER F 490 -20.23 -9.98 -25.45
C SER F 490 -21.74 -9.81 -25.62
N VAL F 491 -22.38 -10.78 -26.27
CA VAL F 491 -23.82 -10.72 -26.54
C VAL F 491 -24.59 -11.37 -25.40
N ASN F 492 -25.51 -10.61 -24.80
CA ASN F 492 -26.23 -11.05 -23.61
C ASN F 492 -27.74 -10.86 -23.72
N MET F 493 -28.50 -11.77 -23.12
CA MET F 493 -29.94 -11.63 -23.07
C MET F 493 -30.45 -11.67 -21.64
N THR F 494 -31.28 -10.69 -21.30
CA THR F 494 -31.80 -10.49 -19.97
C THR F 494 -33.28 -10.20 -20.03
N THR F 495 -33.96 -10.44 -18.93
CA THR F 495 -35.36 -10.03 -18.79
C THR F 495 -35.72 -9.77 -17.35
N GLY F 496 -36.82 -9.07 -17.14
CA GLY F 496 -37.36 -8.85 -15.81
C GLY F 496 -38.78 -9.32 -15.89
N VAL F 497 -39.29 -9.97 -14.87
CA VAL F 497 -40.63 -10.51 -14.94
C VAL F 497 -40.50 -11.95 -15.38
N ASP F 498 -40.88 -12.84 -14.47
CA ASP F 498 -40.57 -14.28 -14.56
C ASP F 498 -41.17 -15.11 -15.70
N ASN F 499 -42.40 -14.88 -16.07
CA ASN F 499 -42.97 -15.66 -17.13
C ASN F 499 -43.68 -14.86 -18.18
N LEU F 500 -42.93 -14.29 -19.10
CA LEU F 500 -43.58 -13.46 -20.12
C LEU F 500 -43.08 -13.65 -21.54
N PHE F 501 -41.77 -13.75 -21.69
CA PHE F 501 -41.17 -13.88 -23.01
C PHE F 501 -40.82 -15.30 -23.41
N TYR F 502 -41.19 -15.66 -24.63
CA TYR F 502 -40.82 -16.95 -25.21
C TYR F 502 -39.86 -16.70 -26.38
N ILE F 503 -38.64 -17.23 -26.27
CA ILE F 503 -37.68 -17.09 -27.36
C ILE F 503 -37.80 -18.28 -28.29
N ASP F 504 -38.37 -18.02 -29.47
CA ASP F 504 -38.43 -19.03 -30.51
C ASP F 504 -37.06 -19.21 -31.12
N LYS F 505 -36.35 -18.10 -31.29
CA LYS F 505 -35.10 -18.06 -32.04
C LYS F 505 -34.25 -16.85 -31.63
N PHE F 506 -33.00 -17.12 -31.23
CA PHE F 506 -31.98 -16.07 -31.21
C PHE F 506 -30.63 -16.62 -31.69
N GLN F 507 -29.98 -15.89 -32.60
CA GLN F 507 -28.72 -16.31 -33.19
C GLN F 507 -27.82 -15.14 -33.63
N VAL F 508 -26.54 -15.19 -33.26
CA VAL F 508 -25.56 -14.16 -33.64
C VAL F 508 -24.45 -14.73 -34.52
N ARG F 509 -23.89 -13.86 -35.36
CA ARG F 509 -22.89 -14.26 -36.34
C ARG F 509 -22.01 -13.08 -36.69
N GLU F 510 -20.75 -13.36 -37.01
CA GLU F 510 -19.84 -12.32 -37.48
C GLU F 510 -20.06 -12.09 -38.98
N VAL F 511 -19.86 -10.84 -39.40
CA VAL F 511 -19.94 -10.47 -40.81
C VAL F 511 -18.66 -9.73 -41.21
N LYS F 512 -18.10 -10.08 -42.37
CA LYS F 512 -16.98 -9.34 -42.94
C LYS F 512 -17.27 -8.81 -44.34
N GLU G 4 4.05 -8.76 34.24
CA GLU G 4 5.18 -9.23 33.40
C GLU G 4 6.15 -10.01 34.27
N THR G 5 5.75 -11.22 34.62
CA THR G 5 6.54 -12.05 35.52
C THR G 5 7.87 -12.45 34.91
N SER G 6 7.88 -12.73 33.63
CA SER G 6 9.07 -13.22 32.99
C SER G 6 9.05 -14.72 33.07
N ASP G 7 10.09 -15.34 32.54
CA ASP G 7 10.18 -16.79 32.47
C ASP G 7 11.01 -17.26 33.64
N ARG G 8 10.46 -18.20 34.38
CA ARG G 8 11.05 -18.63 35.64
C ARG G 8 11.51 -20.07 35.58
N PRO G 9 12.75 -20.31 35.96
CA PRO G 9 13.34 -21.65 35.99
C PRO G 9 12.47 -22.67 36.75
N LEU G 10 12.39 -23.88 36.22
CA LEU G 10 11.50 -24.91 36.74
C LEU G 10 12.17 -25.90 37.67
N VAL G 11 13.48 -26.10 37.51
CA VAL G 11 14.24 -27.07 38.32
C VAL G 11 15.43 -26.46 39.08
N HIS G 12 15.58 -25.14 38.98
CA HIS G 12 16.52 -24.39 39.81
C HIS G 12 15.74 -23.58 40.80
N PHE G 13 16.28 -23.41 42.00
CA PHE G 13 15.58 -22.60 42.98
C PHE G 13 15.71 -21.11 42.70
N THR G 14 14.57 -20.42 42.75
CA THR G 14 14.53 -18.96 42.76
C THR G 14 13.69 -18.52 43.96
N PRO G 15 13.94 -17.30 44.48
CA PRO G 15 13.09 -16.81 45.56
C PRO G 15 11.66 -16.59 45.07
N ASN G 16 10.72 -16.52 46.02
CA ASN G 16 9.35 -16.11 45.75
C ASN G 16 9.34 -14.78 44.99
N LYS G 17 9.90 -13.75 45.61
CA LYS G 17 10.14 -12.45 44.98
C LYS G 17 11.35 -11.80 45.64
N GLY G 18 11.93 -10.81 44.95
CA GLY G 18 13.04 -10.04 45.51
C GLY G 18 14.41 -10.59 45.18
N TRP G 19 15.42 -10.04 45.85
CA TRP G 19 16.82 -10.37 45.57
C TRP G 19 17.34 -11.55 46.35
N MET G 20 18.18 -12.34 45.69
CA MET G 20 18.87 -13.48 46.31
C MET G 20 20.36 -13.52 45.89
N ASN G 21 21.22 -13.97 46.80
CA ASN G 21 22.60 -14.33 46.45
C ASN G 21 23.13 -15.57 47.16
N ASP G 22 24.22 -15.44 47.91
CA ASP G 22 24.96 -16.56 48.50
C ASP G 22 24.06 -17.56 49.23
N PRO G 23 24.22 -18.87 48.94
CA PRO G 23 23.52 -19.92 49.69
C PRO G 23 24.07 -20.04 51.11
N ASN G 24 23.20 -20.36 52.05
CA ASN G 24 23.54 -20.36 53.46
C ASN G 24 23.06 -21.62 54.19
N GLY G 25 23.68 -21.91 55.33
CA GLY G 25 23.25 -22.97 56.26
C GLY G 25 22.74 -24.28 55.69
N LEU G 26 23.48 -24.84 54.72
CA LEU G 26 23.07 -26.08 54.05
C LEU G 26 23.27 -27.31 54.93
N TRP G 27 22.18 -28.05 55.17
CA TRP G 27 22.20 -29.29 55.96
C TRP G 27 21.01 -30.14 55.64
N TYR G 28 20.98 -31.36 56.16
CA TYR G 28 19.90 -32.31 55.89
C TYR G 28 19.27 -32.89 57.17
N ASP G 29 17.95 -32.84 57.25
CA ASP G 29 17.19 -33.40 58.38
C ASP G 29 16.97 -34.89 58.15
N GLU G 30 17.72 -35.70 58.88
CA GLU G 30 17.69 -37.16 58.72
C GLU G 30 16.38 -37.78 59.25
N LYS G 31 15.75 -37.11 60.21
CA LYS G 31 14.48 -37.57 60.77
C LYS G 31 13.31 -37.39 59.81
N ASP G 32 13.15 -36.17 59.30
CA ASP G 32 12.01 -35.83 58.43
C ASP G 32 12.32 -35.89 56.93
N ALA G 33 13.53 -36.35 56.60
CA ALA G 33 14.01 -36.49 55.22
C ALA G 33 13.85 -35.19 54.40
N LYS G 34 14.37 -34.09 54.94
CA LYS G 34 14.25 -32.78 54.29
C LYS G 34 15.60 -32.08 54.15
N TRP G 35 15.87 -31.62 52.93
CA TRP G 35 17.03 -30.78 52.64
C TRP G 35 16.69 -29.35 52.93
N HIS G 36 17.59 -28.66 53.62
CA HIS G 36 17.37 -27.27 53.95
C HIS G 36 18.29 -26.36 53.20
N LEU G 37 17.70 -25.40 52.49
CA LEU G 37 18.46 -24.39 51.78
C LEU G 37 18.13 -23.00 52.31
N TYR G 38 19.15 -22.31 52.79
CA TYR G 38 19.02 -20.92 53.20
C TYR G 38 19.83 -20.05 52.24
N PHE G 39 19.52 -18.76 52.19
CA PHE G 39 20.16 -17.85 51.24
C PHE G 39 20.08 -16.39 51.66
N GLN G 40 21.08 -15.60 51.25
CA GLN G 40 21.05 -14.16 51.41
C GLN G 40 19.82 -13.61 50.69
N TYR G 41 19.00 -12.84 51.40
CA TYR G 41 17.67 -12.50 50.91
C TYR G 41 17.25 -11.07 51.20
N ASN G 42 16.81 -10.37 50.16
CA ASN G 42 16.18 -9.06 50.31
C ASN G 42 14.77 -9.09 49.74
N PRO G 43 13.77 -9.32 50.60
CA PRO G 43 12.40 -9.53 50.14
C PRO G 43 11.69 -8.24 49.74
N ASN G 44 12.31 -7.09 50.01
CA ASN G 44 11.71 -5.80 49.69
C ASN G 44 11.97 -5.37 48.25
N ASP G 45 13.17 -4.85 47.99
CA ASP G 45 13.56 -4.50 46.62
C ASP G 45 14.05 -5.75 45.86
N THR G 46 14.22 -5.59 44.55
CA THR G 46 14.66 -6.67 43.68
C THR G 46 16.17 -6.58 43.37
N VAL G 47 16.88 -5.83 44.21
CA VAL G 47 18.35 -5.73 44.19
C VAL G 47 18.88 -5.87 45.62
N TRP G 48 20.20 -5.98 45.77
CA TRP G 48 20.80 -6.13 47.10
C TRP G 48 20.57 -4.91 47.96
N GLY G 49 20.24 -5.15 49.23
CA GLY G 49 19.99 -4.06 50.17
C GLY G 49 19.75 -4.53 51.61
N THR G 50 19.83 -3.58 52.54
CA THR G 50 19.59 -3.86 53.96
C THR G 50 18.23 -3.30 54.39
N PRO G 51 17.52 -4.00 55.30
CA PRO G 51 17.92 -5.22 56.01
C PRO G 51 18.06 -6.42 55.09
N LEU G 52 19.14 -7.17 55.28
CA LEU G 52 19.39 -8.41 54.53
C LEU G 52 19.11 -9.62 55.42
N PHE G 53 18.31 -10.55 54.91
CA PHE G 53 17.80 -11.67 55.71
C PHE G 53 18.36 -13.01 55.27
N TRP G 54 18.03 -14.06 56.02
CA TRP G 54 18.27 -15.44 55.62
C TRP G 54 16.97 -16.04 55.14
N GLY G 55 16.84 -16.20 53.82
CA GLY G 55 15.67 -16.84 53.24
C GLY G 55 15.73 -18.34 53.50
N HIS G 56 14.57 -18.99 53.47
CA HIS G 56 14.50 -20.42 53.77
C HIS G 56 13.58 -21.16 52.85
N ALA G 57 14.04 -22.32 52.39
CA ALA G 57 13.25 -23.21 51.52
C ALA G 57 13.67 -24.66 51.69
N THR G 58 12.68 -25.55 51.65
CA THR G 58 12.91 -26.97 51.89
C THR G 58 12.59 -27.82 50.66
N SER G 59 13.17 -29.02 50.62
CA SER G 59 12.95 -29.99 49.55
C SER G 59 13.35 -31.37 50.02
N ASP G 60 12.73 -32.40 49.45
CA ASP G 60 13.11 -33.78 49.76
C ASP G 60 13.65 -34.53 48.54
N ASP G 61 13.96 -33.80 47.48
CA ASP G 61 14.55 -34.38 46.27
C ASP G 61 15.52 -33.41 45.58
N LEU G 62 15.79 -32.28 46.26
CA LEU G 62 16.71 -31.23 45.77
C LEU G 62 16.38 -30.70 44.37
N THR G 63 15.15 -30.95 43.92
CA THR G 63 14.70 -30.51 42.61
C THR G 63 13.45 -29.64 42.76
N ASN G 64 12.49 -30.11 43.55
CA ASN G 64 11.26 -29.38 43.80
C ASN G 64 11.22 -28.77 45.20
N TRP G 65 11.12 -27.46 45.24
CA TRP G 65 11.30 -26.69 46.48
C TRP G 65 10.02 -26.20 47.07
N GLU G 66 10.09 -25.76 48.33
CA GLU G 66 8.93 -25.27 49.06
C GLU G 66 9.31 -24.06 49.89
N ASP G 67 8.65 -22.93 49.63
CA ASP G 67 8.92 -21.67 50.33
C ASP G 67 8.64 -21.77 51.82
N GLN G 68 9.53 -21.19 52.62
CA GLN G 68 9.40 -21.14 54.08
C GLN G 68 9.63 -19.71 54.57
N PRO G 69 9.11 -19.37 55.78
CA PRO G 69 9.34 -18.04 56.32
C PRO G 69 10.81 -17.75 56.59
N ILE G 70 11.15 -16.46 56.67
CA ILE G 70 12.53 -16.01 56.95
C ILE G 70 13.07 -16.68 58.21
N ALA G 71 14.27 -17.23 58.11
CA ALA G 71 14.86 -17.98 59.21
C ALA G 71 15.71 -17.13 60.16
N ILE G 72 16.50 -16.21 59.59
CA ILE G 72 17.34 -15.32 60.38
C ILE G 72 17.16 -13.88 59.91
N ALA G 73 16.99 -12.96 60.87
CA ALA G 73 16.80 -11.55 60.58
C ALA G 73 17.74 -10.68 61.40
N PRO G 74 18.21 -9.55 60.83
CA PRO G 74 19.02 -8.64 61.63
C PRO G 74 18.13 -7.87 62.60
N LYS G 75 18.69 -7.51 63.76
CA LYS G 75 17.98 -6.71 64.74
C LYS G 75 17.71 -5.30 64.20
N ARG G 76 18.51 -4.88 63.22
CA ARG G 76 18.41 -3.55 62.65
C ARG G 76 18.09 -3.59 61.16
N ASN G 77 17.22 -2.68 60.72
CA ASN G 77 17.00 -2.45 59.28
C ASN G 77 18.24 -1.78 58.69
N ASP G 78 19.03 -1.20 59.58
CA ASP G 78 20.32 -0.61 59.29
C ASP G 78 21.34 -1.68 58.88
N SER G 79 21.28 -2.82 59.58
CA SER G 79 22.27 -3.89 59.43
C SER G 79 21.78 -5.03 58.56
N GLY G 80 22.53 -6.13 58.55
CA GLY G 80 22.19 -7.31 57.75
C GLY G 80 22.72 -8.61 58.35
N ALA G 81 22.00 -9.69 58.12
CA ALA G 81 22.41 -11.02 58.58
C ALA G 81 23.11 -11.74 57.44
N PHE G 82 24.45 -11.65 57.42
CA PHE G 82 25.26 -12.07 56.28
C PHE G 82 25.47 -13.58 56.16
N SER G 83 26.28 -13.99 55.19
CA SER G 83 26.49 -15.40 54.85
C SER G 83 27.06 -16.25 55.97
N GLY G 84 26.72 -17.55 55.95
CA GLY G 84 27.18 -18.49 56.96
C GLY G 84 26.72 -19.91 56.72
N SER G 85 27.17 -20.81 57.59
CA SER G 85 26.87 -22.24 57.48
C SER G 85 26.07 -22.73 58.68
N MET G 86 25.69 -24.01 58.65
CA MET G 86 24.99 -24.63 59.77
C MET G 86 25.57 -25.99 60.12
N VAL G 87 25.39 -26.38 61.39
CA VAL G 87 25.84 -27.67 61.87
C VAL G 87 24.74 -28.38 62.64
N VAL G 88 24.73 -29.71 62.57
CA VAL G 88 23.85 -30.53 63.40
C VAL G 88 24.68 -31.01 64.60
N ASP G 89 24.23 -30.64 65.80
CA ASP G 89 24.93 -30.99 67.04
C ASP G 89 24.22 -32.14 67.77
N TYR G 90 24.51 -33.36 67.35
CA TYR G 90 23.90 -34.56 67.93
C TYR G 90 24.26 -34.70 69.40
N ASN G 91 25.56 -34.51 69.70
CA ASN G 91 26.11 -34.76 71.03
C ASN G 91 26.05 -33.56 71.97
N ASN G 92 25.20 -32.59 71.64
CA ASN G 92 24.88 -31.45 72.50
C ASN G 92 26.09 -30.60 72.98
N THR G 93 27.20 -30.69 72.24
CA THR G 93 28.44 -29.98 72.58
C THR G 93 28.29 -28.45 72.64
N SER G 94 27.11 -27.96 72.28
CA SER G 94 26.81 -26.52 72.27
C SER G 94 26.33 -26.03 73.63
N GLY G 95 25.59 -26.91 74.29
CA GLY G 95 24.94 -26.61 75.57
C GLY G 95 23.47 -26.32 75.40
N PHE G 96 23.04 -26.10 74.17
CA PHE G 96 21.63 -25.98 73.87
C PHE G 96 20.98 -27.35 73.72
N PHE G 97 19.66 -27.37 73.88
CA PHE G 97 18.87 -28.54 73.53
C PHE G 97 18.49 -29.45 74.70
N ASN G 98 17.19 -29.69 74.82
CA ASN G 98 16.67 -30.70 75.75
C ASN G 98 16.75 -32.08 75.13
N ASP G 99 16.65 -33.12 75.93
CA ASP G 99 16.57 -34.44 75.36
C ASP G 99 15.20 -34.54 74.78
N THR G 100 14.52 -33.40 74.80
CA THR G 100 13.26 -33.23 74.09
C THR G 100 13.45 -33.02 72.58
N ILE G 101 14.62 -32.50 72.20
CA ILE G 101 14.94 -32.24 70.79
C ILE G 101 15.80 -33.38 70.26
N ASP G 102 15.33 -33.99 69.16
CA ASP G 102 16.01 -35.12 68.51
C ASP G 102 17.45 -34.76 68.13
N PRO G 103 18.42 -35.65 68.42
CA PRO G 103 19.83 -35.43 68.12
C PRO G 103 20.11 -34.93 66.69
N ARG G 104 19.50 -35.59 65.70
CA ARG G 104 19.72 -35.26 64.29
C ARG G 104 18.85 -34.09 63.80
N GLN G 105 18.33 -33.32 64.76
CA GLN G 105 17.41 -32.22 64.49
C GLN G 105 17.87 -30.98 65.27
N ARG G 106 19.13 -30.99 65.70
CA ARG G 106 19.70 -29.93 66.54
C ARG G 106 20.65 -29.04 65.72
N CYS G 107 20.07 -28.13 64.94
CA CYS G 107 20.83 -27.29 64.02
C CYS G 107 21.27 -25.96 64.63
N VAL G 108 22.56 -25.66 64.49
CA VAL G 108 23.11 -24.39 64.97
C VAL G 108 23.71 -23.59 63.80
N ALA G 109 23.10 -22.44 63.55
CA ALA G 109 23.58 -21.53 62.51
C ALA G 109 24.71 -20.64 63.02
N ILE G 110 25.78 -20.55 62.22
CA ILE G 110 26.90 -19.65 62.50
C ILE G 110 26.92 -18.64 61.37
N TRP G 111 26.82 -17.35 61.71
CA TRP G 111 26.70 -16.30 60.70
C TRP G 111 27.32 -14.99 61.10
N THR G 112 27.47 -14.11 60.11
CA THR G 112 28.07 -12.80 60.32
C THR G 112 26.97 -11.76 60.48
N TYR G 113 27.03 -10.99 61.57
CA TYR G 113 26.13 -9.87 61.78
C TYR G 113 26.84 -8.58 61.37
N ASN G 114 26.66 -8.20 60.11
CA ASN G 114 27.29 -6.99 59.57
C ASN G 114 26.46 -5.75 59.87
N THR G 115 27.13 -4.75 60.43
CA THR G 115 26.54 -3.49 60.87
C THR G 115 27.28 -2.35 60.17
N PRO G 116 26.65 -1.17 60.03
CA PRO G 116 27.41 0.01 59.60
C PRO G 116 28.58 0.35 60.53
N GLU G 117 28.50 -0.07 61.80
CA GLU G 117 29.56 0.16 62.78
C GLU G 117 30.55 -1.00 62.90
N SER G 118 30.03 -2.22 63.09
CA SER G 118 30.86 -3.38 63.41
C SER G 118 30.56 -4.62 62.57
N GLU G 119 31.40 -5.64 62.69
CA GLU G 119 31.19 -6.90 61.97
C GLU G 119 31.57 -8.12 62.83
N GLU G 120 30.60 -8.59 63.61
CA GLU G 120 30.82 -9.67 64.57
C GLU G 120 30.30 -11.02 64.07
N GLN G 121 30.67 -12.09 64.77
CA GLN G 121 30.21 -13.45 64.44
C GLN G 121 29.18 -13.97 65.45
N TYR G 122 27.97 -14.21 64.96
CA TYR G 122 26.87 -14.65 65.81
C TYR G 122 26.54 -16.12 65.54
N ILE G 123 25.99 -16.79 66.55
CA ILE G 123 25.41 -18.12 66.36
C ILE G 123 23.96 -18.12 66.84
N SER G 124 23.16 -19.01 66.27
CA SER G 124 21.75 -19.14 66.63
C SER G 124 21.30 -20.60 66.60
N TYR G 125 20.43 -20.96 67.53
CA TYR G 125 19.88 -22.33 67.59
C TYR G 125 18.41 -22.37 67.17
N SER G 126 17.98 -23.53 66.67
CA SER G 126 16.59 -23.76 66.33
C SER G 126 16.07 -24.98 67.09
N LEU G 127 14.80 -24.92 67.47
CA LEU G 127 14.18 -25.98 68.27
C LEU G 127 13.06 -26.70 67.52
N ASP G 128 12.60 -26.11 66.42
CA ASP G 128 11.60 -26.75 65.57
C ASP G 128 12.22 -27.30 64.27
N GLY G 129 13.51 -27.61 64.34
CA GLY G 129 14.21 -28.25 63.23
C GLY G 129 14.61 -27.32 62.10
N GLY G 130 14.83 -26.05 62.42
CA GLY G 130 15.41 -25.10 61.46
C GLY G 130 14.46 -24.19 60.73
N TYR G 131 13.28 -23.96 61.29
CA TYR G 131 12.29 -23.09 60.67
C TYR G 131 12.23 -21.72 61.34
N THR G 132 12.27 -21.72 62.67
CA THR G 132 12.47 -20.49 63.44
C THR G 132 13.78 -20.61 64.23
N PHE G 133 14.50 -19.50 64.36
CA PHE G 133 15.78 -19.47 65.05
C PHE G 133 15.82 -18.45 66.19
N THR G 134 16.51 -18.82 67.26
CA THR G 134 16.73 -17.92 68.39
C THR G 134 18.25 -17.67 68.56
N GLU G 135 18.61 -16.41 68.73
CA GLU G 135 20.01 -16.03 68.90
C GLU G 135 20.61 -16.50 70.21
N TYR G 136 21.90 -16.80 70.19
CA TYR G 136 22.66 -17.08 71.40
C TYR G 136 22.76 -15.80 72.23
N GLN G 137 22.56 -15.93 73.54
CA GLN G 137 22.39 -14.77 74.41
C GLN G 137 23.66 -13.96 74.66
N LYS G 138 24.82 -14.60 74.55
CA LYS G 138 26.10 -13.93 74.77
C LYS G 138 26.90 -13.73 73.47
N ASN G 139 26.21 -13.30 72.41
CA ASN G 139 26.83 -12.95 71.14
C ASN G 139 27.60 -11.62 71.26
N PRO G 140 28.70 -11.47 70.48
CA PRO G 140 29.22 -12.39 69.47
C PRO G 140 30.11 -13.49 70.07
N VAL G 141 30.47 -14.46 69.25
CA VAL G 141 31.41 -15.51 69.65
C VAL G 141 32.84 -15.18 69.20
N LEU G 142 32.98 -14.19 68.33
CA LEU G 142 34.29 -13.71 67.86
C LEU G 142 34.39 -12.19 67.93
N ALA G 143 35.37 -11.71 68.69
CA ALA G 143 35.43 -10.30 69.11
C ALA G 143 35.76 -9.29 68.00
N ALA G 144 36.81 -9.53 67.22
CA ALA G 144 37.36 -8.49 66.36
C ALA G 144 38.27 -9.06 65.25
N ASN G 145 39.17 -8.24 64.67
CA ASN G 145 39.34 -6.79 64.93
C ASN G 145 38.02 -5.97 64.98
N SER G 146 37.13 -6.16 64.01
CA SER G 146 37.37 -7.06 62.89
C SER G 146 37.67 -6.33 61.59
N THR G 147 38.86 -6.58 61.04
CA THR G 147 39.07 -6.30 59.62
C THR G 147 38.02 -7.19 58.97
N GLN G 148 37.50 -6.78 57.82
CA GLN G 148 36.37 -7.50 57.23
C GLN G 148 36.46 -9.03 57.41
N PHE G 149 35.54 -9.57 58.20
CA PHE G 149 35.56 -10.98 58.57
C PHE G 149 34.19 -11.66 58.42
N ARG G 150 34.10 -12.56 57.45
CA ARG G 150 32.80 -13.12 57.04
C ARG G 150 32.84 -14.50 56.37
N ASP G 151 31.64 -15.01 56.06
CA ASP G 151 31.43 -16.29 55.37
C ASP G 151 31.97 -17.51 56.12
N PRO G 152 31.62 -17.67 57.41
CA PRO G 152 32.14 -18.78 58.21
C PRO G 152 31.54 -20.14 57.85
N LYS G 153 32.39 -21.08 57.44
CA LYS G 153 31.98 -22.45 57.15
C LYS G 153 32.49 -23.38 58.25
N VAL G 154 31.57 -24.01 58.97
CA VAL G 154 31.90 -24.82 60.14
C VAL G 154 31.65 -26.30 59.88
N PHE G 155 32.60 -27.14 60.27
CA PHE G 155 32.46 -28.60 60.17
C PHE G 155 33.01 -29.35 61.38
N TRP G 156 32.60 -30.60 61.54
CA TRP G 156 33.05 -31.46 62.64
C TRP G 156 34.30 -32.19 62.28
N TYR G 157 35.21 -32.29 63.24
CA TYR G 157 36.46 -33.03 63.07
C TYR G 157 36.60 -34.11 64.14
N GLU G 158 36.55 -35.37 63.72
CA GLU G 158 36.62 -36.52 64.63
C GLU G 158 37.93 -36.63 65.40
N PRO G 159 39.09 -36.61 64.71
CA PRO G 159 40.36 -36.79 65.40
C PRO G 159 40.58 -35.83 66.58
N SER G 160 40.51 -34.53 66.34
CA SER G 160 40.78 -33.54 67.40
C SER G 160 39.54 -33.21 68.24
N GLN G 161 38.41 -33.81 67.91
CA GLN G 161 37.14 -33.62 68.62
C GLN G 161 36.77 -32.12 68.75
N LYS G 162 36.80 -31.42 67.62
CA LYS G 162 36.57 -29.97 67.57
C LYS G 162 35.71 -29.54 66.36
N TRP G 163 34.99 -28.43 66.53
CA TRP G 163 34.37 -27.73 65.41
C TRP G 163 35.42 -26.89 64.75
N ILE G 164 35.67 -27.16 63.47
CA ILE G 164 36.64 -26.41 62.71
C ILE G 164 35.90 -25.42 61.81
N MET G 165 36.27 -24.15 61.91
CA MET G 165 35.62 -23.07 61.16
C MET G 165 36.60 -22.39 60.21
N THR G 166 36.24 -22.34 58.93
CA THR G 166 37.03 -21.66 57.92
C THR G 166 36.31 -20.39 57.47
N ALA G 167 36.97 -19.25 57.60
CA ALA G 167 36.36 -17.95 57.30
C ALA G 167 37.27 -17.07 56.44
N ALA G 168 36.65 -16.13 55.73
CA ALA G 168 37.37 -15.26 54.79
C ALA G 168 37.76 -13.92 55.39
N LYS G 169 39.04 -13.58 55.28
CA LYS G 169 39.56 -12.31 55.74
C LYS G 169 39.91 -11.46 54.51
N SER G 170 38.92 -10.72 54.03
CA SER G 170 38.99 -10.05 52.72
C SER G 170 40.04 -8.94 52.63
N GLN G 171 40.24 -8.23 53.73
CA GLN G 171 41.17 -7.11 53.78
C GLN G 171 42.63 -7.55 53.74
N ASP G 172 42.91 -8.70 54.35
CA ASP G 172 44.28 -9.24 54.43
C ASP G 172 44.54 -10.36 53.42
N TYR G 173 43.57 -10.60 52.54
CA TYR G 173 43.68 -11.61 51.47
C TYR G 173 44.06 -12.99 51.99
N LYS G 174 43.40 -13.39 53.09
CA LYS G 174 43.64 -14.68 53.73
C LYS G 174 42.36 -15.46 53.94
N ILE G 175 42.52 -16.72 54.34
CA ILE G 175 41.44 -17.53 54.87
C ILE G 175 41.91 -18.07 56.22
N GLU G 176 41.24 -17.65 57.28
CA GLU G 176 41.61 -18.06 58.63
C GLU G 176 40.85 -19.31 59.06
N ILE G 177 41.53 -20.16 59.84
CA ILE G 177 40.91 -21.36 60.40
C ILE G 177 40.82 -21.24 61.91
N TYR G 178 39.62 -21.47 62.45
CA TYR G 178 39.37 -21.40 63.89
C TYR G 178 38.88 -22.73 64.44
N SER G 179 39.17 -22.98 65.72
CA SER G 179 38.77 -24.22 66.38
C SER G 179 37.96 -23.94 67.64
N SER G 180 37.01 -24.83 67.94
CA SER G 180 36.18 -24.76 69.14
C SER G 180 35.54 -26.10 69.41
N ASP G 181 35.36 -26.43 70.69
CA ASP G 181 34.55 -27.60 71.06
C ASP G 181 33.23 -27.15 71.69
N ASP G 182 33.26 -25.97 72.29
CA ASP G 182 32.08 -25.35 72.89
C ASP G 182 31.18 -24.78 71.80
N LEU G 183 31.79 -24.30 70.72
CA LEU G 183 31.13 -23.57 69.63
C LEU G 183 30.91 -22.09 70.01
N LYS G 184 31.12 -21.77 71.28
CA LYS G 184 30.93 -20.43 71.80
C LYS G 184 32.22 -19.60 71.81
N SER G 185 33.36 -20.26 71.88
CA SER G 185 34.66 -19.59 71.90
C SER G 185 35.64 -20.22 70.92
N TRP G 186 36.18 -19.40 70.01
CA TRP G 186 37.03 -19.89 68.93
C TRP G 186 38.46 -19.43 69.08
N LYS G 187 39.38 -20.36 68.80
CA LYS G 187 40.81 -20.05 68.83
C LYS G 187 41.39 -20.11 67.41
N LEU G 188 42.10 -19.04 67.04
CA LEU G 188 42.77 -18.95 65.74
C LEU G 188 43.86 -20.01 65.62
N GLU G 189 43.94 -20.67 64.47
CA GLU G 189 44.91 -21.74 64.29
C GLU G 189 45.91 -21.48 63.16
N SER G 190 45.40 -21.19 61.97
CA SER G 190 46.26 -20.98 60.81
C SER G 190 45.70 -19.92 59.87
N ALA G 191 46.25 -19.87 58.65
CA ALA G 191 45.74 -19.05 57.56
C ALA G 191 46.03 -19.68 56.20
N PHE G 192 45.38 -19.15 55.17
CA PHE G 192 45.52 -19.60 53.78
C PHE G 192 45.23 -18.37 52.90
N ALA G 193 45.89 -18.18 51.76
CA ALA G 193 46.91 -19.04 51.17
C ALA G 193 47.51 -18.24 50.04
N ASN G 194 48.03 -18.94 49.02
CA ASN G 194 48.45 -18.29 47.78
C ASN G 194 47.26 -17.51 47.23
N GLU G 195 47.44 -16.24 46.88
CA GLU G 195 48.73 -15.54 46.84
C GLU G 195 49.14 -15.44 45.38
N GLY G 196 48.68 -16.39 44.58
CA GLY G 196 48.67 -16.23 43.14
C GLY G 196 47.72 -15.08 42.84
N PHE G 197 46.62 -15.05 43.59
CA PHE G 197 45.70 -13.92 43.54
C PHE G 197 45.60 -13.21 44.89
N LEU G 198 46.33 -12.12 45.03
CA LEU G 198 46.15 -11.22 46.17
C LEU G 198 45.81 -9.85 45.61
N GLY G 199 45.02 -9.09 46.36
CA GLY G 199 44.39 -7.89 45.83
C GLY G 199 43.00 -8.30 45.38
N TYR G 200 42.87 -9.58 45.02
CA TYR G 200 41.59 -10.23 44.78
C TYR G 200 40.93 -10.40 46.14
N GLN G 201 39.60 -10.38 46.17
CA GLN G 201 38.88 -10.58 47.43
C GLN G 201 38.47 -12.02 47.64
N TYR G 202 38.79 -12.55 48.82
CA TYR G 202 38.39 -13.90 49.19
C TYR G 202 37.00 -13.90 49.78
N GLU G 203 36.19 -14.85 49.35
CA GLU G 203 34.83 -15.01 49.86
C GLU G 203 34.42 -16.48 49.98
N CYS G 204 33.36 -16.70 50.75
CA CYS G 204 32.73 -18.01 50.93
C CYS G 204 33.67 -19.22 50.87
N PRO G 205 34.59 -19.34 51.84
CA PRO G 205 35.47 -20.51 51.85
C PRO G 205 34.77 -21.74 52.42
N GLY G 206 35.30 -22.91 52.11
CA GLY G 206 34.74 -24.18 52.57
C GLY G 206 35.80 -25.26 52.58
N LEU G 207 35.66 -26.23 53.48
CA LEU G 207 36.65 -27.29 53.62
C LEU G 207 35.99 -28.65 53.83
N ILE G 208 36.06 -29.50 52.82
CA ILE G 208 35.37 -30.79 52.85
C ILE G 208 36.23 -31.92 52.29
N GLU G 209 36.05 -33.12 52.83
CA GLU G 209 36.69 -34.31 52.31
C GLU G 209 35.89 -34.88 51.13
N VAL G 210 36.53 -34.91 49.97
CA VAL G 210 35.87 -35.32 48.73
C VAL G 210 36.30 -36.72 48.32
N PRO G 211 35.34 -37.67 48.31
CA PRO G 211 35.60 -39.05 47.90
C PRO G 211 36.20 -39.15 46.49
N THR G 212 36.89 -40.26 46.23
CA THR G 212 37.55 -40.48 44.95
C THR G 212 36.67 -41.36 44.07
N GLU G 213 36.86 -41.27 42.75
CA GLU G 213 36.35 -42.27 41.83
C GLU G 213 37.25 -43.50 41.89
N GLN G 214 36.80 -44.60 41.31
CA GLN G 214 37.53 -45.89 41.29
C GLN G 214 37.82 -46.48 42.68
N ASP G 215 37.70 -45.63 43.71
CA ASP G 215 37.74 -46.05 45.11
C ASP G 215 37.07 -44.99 46.01
N PRO G 216 35.76 -45.19 46.29
CA PRO G 216 35.00 -44.24 47.13
C PRO G 216 35.40 -44.26 48.61
N SER G 217 36.26 -45.21 48.98
CA SER G 217 36.77 -45.32 50.34
C SER G 217 37.79 -44.23 50.65
N LYS G 218 38.70 -43.98 49.70
CA LYS G 218 39.69 -42.91 49.80
C LYS G 218 39.05 -41.53 49.63
N SER G 219 39.73 -40.49 50.12
CA SER G 219 39.29 -39.10 49.97
C SER G 219 40.44 -38.13 50.22
N TYR G 220 40.32 -36.93 49.65
CA TYR G 220 41.29 -35.86 49.86
C TYR G 220 40.58 -34.61 50.39
N TRP G 221 41.33 -33.80 51.15
CA TRP G 221 40.82 -32.51 51.61
C TRP G 221 40.81 -31.50 50.50
N VAL G 222 39.66 -30.87 50.28
CA VAL G 222 39.51 -29.85 49.25
C VAL G 222 39.03 -28.53 49.87
N MET G 223 39.77 -27.47 49.56
CA MET G 223 39.45 -26.12 50.04
C MET G 223 38.80 -25.32 48.92
N PHE G 224 37.55 -24.94 49.11
CA PHE G 224 36.82 -24.09 48.17
C PHE G 224 36.96 -22.62 48.54
N ILE G 225 37.32 -21.79 47.58
CA ILE G 225 37.31 -20.34 47.76
C ILE G 225 36.54 -19.68 46.61
N SER G 226 35.67 -18.74 46.95
CA SER G 226 35.04 -17.89 45.96
C SER G 226 35.89 -16.64 45.79
N ILE G 227 36.45 -16.46 44.59
CA ILE G 227 37.35 -15.35 44.32
C ILE G 227 36.68 -14.34 43.41
N ASN G 228 36.62 -13.11 43.90
CA ASN G 228 36.21 -11.96 43.14
C ASN G 228 37.13 -10.79 43.45
N PRO G 229 37.48 -10.03 42.43
CA PRO G 229 37.29 -10.53 41.08
C PRO G 229 38.17 -9.79 40.13
N GLY G 230 37.72 -8.57 39.85
CA GLY G 230 38.25 -7.71 38.81
C GLY G 230 37.35 -7.92 37.60
N ALA G 231 37.09 -6.86 36.85
CA ALA G 231 36.38 -7.01 35.60
C ALA G 231 37.40 -7.09 34.48
N PRO G 232 38.48 -6.35 34.64
CA PRO G 232 39.60 -6.33 33.71
C PRO G 232 40.23 -7.71 33.67
N ALA G 233 40.26 -8.34 34.83
CA ALA G 233 40.70 -9.71 34.98
C ALA G 233 39.55 -10.60 34.58
N GLY G 234 39.69 -11.89 34.80
CA GLY G 234 38.69 -12.83 34.34
C GLY G 234 37.32 -12.53 34.93
N GLY G 235 37.28 -12.09 36.17
CA GLY G 235 36.02 -11.81 36.84
C GLY G 235 35.76 -12.85 37.90
N SER G 236 34.54 -12.87 38.43
CA SER G 236 34.22 -13.77 39.51
C SER G 236 34.44 -15.21 39.08
N PHE G 237 35.10 -15.97 39.95
CA PHE G 237 35.28 -17.41 39.73
C PHE G 237 35.35 -18.18 41.06
N ASN G 238 34.84 -19.40 41.04
CA ASN G 238 34.88 -20.26 42.22
C ASN G 238 36.04 -21.23 42.08
N GLN G 239 37.00 -21.14 43.01
CA GLN G 239 38.24 -21.89 42.93
C GLN G 239 38.30 -23.02 43.97
N TYR G 240 39.08 -24.05 43.68
CA TYR G 240 39.31 -25.14 44.64
C TYR G 240 40.78 -25.56 44.72
N PHE G 241 41.19 -26.02 45.91
CA PHE G 241 42.54 -26.53 46.14
C PHE G 241 42.46 -27.93 46.75
N VAL G 242 43.11 -28.90 46.11
CA VAL G 242 43.26 -30.24 46.69
C VAL G 242 44.50 -30.24 47.56
N GLY G 243 44.35 -30.71 48.80
CA GLY G 243 45.45 -30.66 49.76
C GLY G 243 45.33 -31.54 50.98
N SER G 244 46.00 -31.12 52.05
CA SER G 244 46.12 -31.91 53.27
C SER G 244 45.75 -31.07 54.49
N PHE G 245 44.95 -31.66 55.38
CA PHE G 245 44.51 -30.98 56.59
C PHE G 245 44.84 -31.83 57.83
N ASN G 246 45.79 -31.33 58.62
CA ASN G 246 46.26 -32.05 59.82
C ASN G 246 45.34 -31.90 61.04
N GLY G 247 44.50 -30.86 61.02
CA GLY G 247 43.62 -30.57 62.14
C GLY G 247 43.73 -29.12 62.58
N THR G 248 44.72 -28.41 62.03
CA THR G 248 44.95 -27.00 62.32
C THR G 248 45.42 -26.21 61.09
N HIS G 249 46.13 -26.89 60.19
CA HIS G 249 46.73 -26.26 59.00
C HIS G 249 46.31 -26.93 57.71
N PHE G 250 46.18 -26.14 56.64
CA PHE G 250 45.86 -26.69 55.32
C PHE G 250 47.04 -26.57 54.34
N GLU G 251 47.44 -27.69 53.77
CA GLU G 251 48.56 -27.75 52.83
C GLU G 251 48.01 -27.96 51.43
N ALA G 252 48.27 -27.02 50.54
CA ALA G 252 47.76 -27.16 49.20
C ALA G 252 48.82 -27.83 48.40
N PHE G 253 48.47 -28.91 47.73
CA PHE G 253 49.44 -29.61 46.91
C PHE G 253 49.84 -28.66 45.80
N ASP G 254 51.08 -28.71 45.42
CA ASP G 254 51.56 -27.78 44.40
C ASP G 254 50.78 -28.25 43.19
N ASN G 255 50.35 -27.30 42.37
CA ASN G 255 49.86 -27.64 41.03
C ASN G 255 48.69 -28.58 41.05
N GLN G 256 47.82 -28.48 42.06
CA GLN G 256 46.56 -29.19 42.07
C GLN G 256 45.47 -28.22 42.49
N SER G 257 45.12 -27.38 41.54
CA SER G 257 44.13 -26.32 41.73
C SER G 257 43.52 -25.90 40.40
N ARG G 258 42.20 -25.98 40.32
CA ARG G 258 41.44 -25.57 39.13
C ARG G 258 40.23 -24.76 39.58
N VAL G 259 39.55 -24.12 38.64
CA VAL G 259 38.27 -23.48 38.94
C VAL G 259 37.19 -24.55 39.01
N VAL G 260 36.21 -24.34 39.89
CA VAL G 260 35.10 -25.29 40.06
C VAL G 260 34.27 -25.34 38.78
N ASP G 261 33.80 -24.18 38.34
CA ASP G 261 32.92 -24.07 37.18
C ASP G 261 33.51 -23.06 36.22
N PHE G 262 33.56 -23.43 34.94
CA PHE G 262 34.19 -22.59 33.94
C PHE G 262 33.24 -21.53 33.38
N GLY G 263 31.97 -21.64 33.73
CA GLY G 263 30.97 -20.65 33.32
C GLY G 263 31.12 -19.31 34.02
N LYS G 264 30.37 -18.33 33.55
CA LYS G 264 30.48 -16.98 34.09
C LYS G 264 29.50 -16.73 35.25
N ASP G 265 28.57 -17.67 35.46
CA ASP G 265 27.52 -17.51 36.45
C ASP G 265 27.45 -18.69 37.41
N TYR G 266 28.43 -18.75 38.31
CA TYR G 266 28.56 -19.80 39.30
C TYR G 266 29.50 -19.27 40.37
N TYR G 267 28.96 -18.90 41.52
CA TYR G 267 29.71 -18.20 42.55
C TYR G 267 29.13 -18.49 43.93
N ALA G 268 29.93 -18.23 44.96
CA ALA G 268 29.54 -18.37 46.38
C ALA G 268 29.15 -19.81 46.79
N LEU G 269 29.85 -20.79 46.20
CA LEU G 269 29.57 -22.21 46.45
C LEU G 269 29.72 -22.56 47.93
N GLN G 270 28.73 -23.29 48.45
CA GLN G 270 28.81 -23.90 49.78
C GLN G 270 28.36 -25.35 49.70
N THR G 271 29.06 -26.22 50.42
CA THR G 271 28.69 -27.64 50.50
C THR G 271 27.78 -27.92 51.69
N PHE G 272 26.93 -28.93 51.57
CA PHE G 272 26.09 -29.40 52.67
C PHE G 272 26.93 -29.91 53.83
N PHE G 273 26.44 -29.70 55.05
CA PHE G 273 27.12 -30.18 56.25
C PHE G 273 26.93 -31.70 56.39
N ASN G 274 25.76 -32.18 56.00
CA ASN G 274 25.43 -33.60 55.98
C ASN G 274 24.47 -33.90 54.86
N THR G 275 24.47 -35.14 54.38
CA THR G 275 23.62 -35.54 53.26
C THR G 275 22.90 -36.87 53.47
N ASP G 276 22.03 -37.20 52.52
CA ASP G 276 21.40 -38.51 52.45
C ASP G 276 22.16 -39.35 51.42
N PRO G 277 22.81 -40.44 51.87
CA PRO G 277 23.51 -41.31 50.93
C PRO G 277 22.90 -42.71 50.80
N THR G 278 22.21 -43.07 49.71
CA THR G 278 21.81 -42.24 48.54
C THR G 278 22.89 -41.32 47.94
N TYR G 279 22.53 -40.06 47.71
CA TYR G 279 23.36 -39.09 46.96
C TYR G 279 24.82 -39.01 47.41
N GLY G 280 25.04 -39.08 48.73
CA GLY G 280 26.37 -39.20 49.34
C GLY G 280 27.27 -38.00 49.20
N SER G 281 27.50 -37.28 50.29
CA SER G 281 28.39 -36.11 50.30
C SER G 281 29.79 -36.51 49.81
N ALA G 282 30.52 -35.59 49.18
CA ALA G 282 30.21 -34.15 49.11
C ALA G 282 29.13 -33.73 48.12
N LEU G 283 28.23 -32.87 48.60
CA LEU G 283 27.19 -32.24 47.78
C LEU G 283 27.28 -30.72 47.93
N GLY G 284 27.12 -30.00 46.82
CA GLY G 284 27.26 -28.55 46.83
C GLY G 284 26.35 -27.80 45.88
N ILE G 285 25.95 -26.60 46.28
CA ILE G 285 25.10 -25.72 45.46
C ILE G 285 25.70 -24.33 45.40
N ALA G 286 25.44 -23.60 44.32
CA ALA G 286 26.03 -22.27 44.14
C ALA G 286 25.03 -21.22 43.67
N TRP G 287 25.33 -19.96 43.99
CA TRP G 287 24.59 -18.82 43.47
C TRP G 287 24.94 -18.65 42.02
N ALA G 288 23.97 -18.93 41.15
CA ALA G 288 24.21 -18.92 39.71
C ALA G 288 24.11 -17.53 39.10
N SER G 289 25.09 -16.68 39.42
CA SER G 289 25.21 -15.35 38.83
C SER G 289 26.61 -14.75 39.01
N ASN G 290 26.75 -13.48 38.64
CA ASN G 290 28.04 -12.81 38.60
C ASN G 290 27.89 -11.36 39.07
N TRP G 291 28.70 -10.97 40.06
CA TRP G 291 28.61 -9.63 40.68
C TRP G 291 28.75 -8.45 39.76
N GLU G 292 29.31 -8.65 38.57
CA GLU G 292 29.57 -7.54 37.64
C GLU G 292 28.28 -6.99 37.02
N TYR G 293 27.23 -7.81 36.95
CA TYR G 293 25.99 -7.43 36.28
C TYR G 293 24.71 -8.05 36.88
N SER G 294 24.87 -8.90 37.91
CA SER G 294 23.75 -9.65 38.51
C SER G 294 22.57 -8.79 38.90
N ALA G 295 22.83 -7.53 39.23
CA ALA G 295 21.81 -6.59 39.68
C ALA G 295 21.04 -5.94 38.53
N PHE G 296 21.40 -6.29 37.30
CA PHE G 296 20.78 -5.69 36.12
C PHE G 296 20.09 -6.69 35.20
N VAL G 297 20.09 -7.96 35.59
CA VAL G 297 19.43 -8.99 34.80
C VAL G 297 17.92 -8.75 34.78
N PRO G 298 17.27 -9.03 33.62
CA PRO G 298 15.86 -8.71 33.47
C PRO G 298 14.93 -9.82 33.95
N THR G 299 14.80 -9.96 35.26
CA THR G 299 13.87 -10.91 35.86
C THR G 299 12.95 -10.21 36.87
N ASN G 300 11.69 -10.61 36.91
CA ASN G 300 10.69 -9.95 37.73
C ASN G 300 9.63 -10.94 38.24
N PRO G 301 9.24 -10.85 39.52
CA PRO G 301 9.64 -9.89 40.55
C PRO G 301 10.82 -10.36 41.40
N TRP G 302 11.55 -11.36 40.92
CA TRP G 302 12.70 -11.89 41.65
C TRP G 302 13.94 -11.70 40.84
N ARG G 303 15.09 -11.79 41.50
CA ARG G 303 16.37 -11.86 40.82
C ARG G 303 17.22 -12.97 41.39
N SER G 304 17.95 -13.65 40.51
CA SER G 304 18.89 -14.72 40.85
C SER G 304 18.23 -16.09 41.00
N SER G 305 18.84 -17.08 40.37
CA SER G 305 18.54 -18.47 40.62
C SER G 305 19.75 -19.11 41.26
N MET G 306 19.54 -20.19 42.00
CA MET G 306 20.64 -21.00 42.47
C MET G 306 21.00 -21.95 41.32
N SER G 307 22.11 -22.67 41.45
CA SER G 307 22.44 -23.72 40.49
C SER G 307 21.81 -25.04 40.92
N LEU G 308 22.14 -26.11 40.22
CA LEU G 308 21.76 -27.46 40.65
C LEU G 308 22.72 -27.93 41.73
N VAL G 309 22.24 -28.81 42.61
CA VAL G 309 23.10 -29.43 43.60
C VAL G 309 23.96 -30.47 42.89
N ARG G 310 25.26 -30.47 43.20
CA ARG G 310 26.19 -31.35 42.50
C ARG G 310 26.93 -32.28 43.45
N LYS G 311 27.01 -33.56 43.07
CA LYS G 311 27.78 -34.56 43.81
C LYS G 311 29.24 -34.49 43.39
N PHE G 312 30.09 -34.00 44.28
CA PHE G 312 31.52 -33.88 44.00
C PHE G 312 32.25 -35.19 44.23
N SER G 313 33.21 -35.48 43.35
CA SER G 313 34.09 -36.64 43.45
C SER G 313 35.41 -36.34 42.77
N LEU G 314 36.50 -36.86 43.33
CA LEU G 314 37.83 -36.62 42.76
C LEU G 314 38.26 -37.72 41.80
N ASN G 315 38.79 -37.30 40.65
CA ASN G 315 39.16 -38.19 39.57
C ASN G 315 40.67 -38.24 39.41
N THR G 316 41.32 -39.00 40.30
CA THR G 316 42.79 -39.06 40.38
C THR G 316 43.49 -39.43 39.06
N GLU G 317 42.83 -40.22 38.23
CA GLU G 317 43.33 -40.51 36.89
C GLU G 317 42.54 -39.68 35.89
N TYR G 318 43.20 -38.68 35.31
CA TYR G 318 42.56 -37.76 34.38
C TYR G 318 43.38 -37.58 33.10
N GLN G 319 44.66 -37.25 33.26
CA GLN G 319 45.53 -36.87 32.15
C GLN G 319 44.93 -35.67 31.44
N ALA G 320 44.97 -35.66 30.10
CA ALA G 320 44.30 -34.64 29.31
C ALA G 320 44.54 -33.25 29.91
N ASN G 321 45.72 -32.66 29.69
CA ASN G 321 46.72 -33.07 28.68
C ASN G 321 47.45 -34.41 28.82
N PRO G 322 47.96 -34.93 27.70
CA PRO G 322 48.83 -36.11 27.70
C PRO G 322 49.93 -35.87 28.71
N GLU G 323 50.02 -34.63 29.18
CA GLU G 323 50.84 -34.29 30.34
C GLU G 323 50.43 -35.09 31.56
N THR G 324 51.39 -35.38 32.44
CA THR G 324 51.17 -36.25 33.60
C THR G 324 49.88 -35.88 34.35
N GLU G 325 49.11 -36.91 34.72
CA GLU G 325 47.79 -36.74 35.34
C GLU G 325 47.83 -36.06 36.71
N LEU G 326 46.71 -35.45 37.06
CA LEU G 326 46.55 -34.72 38.31
C LEU G 326 45.13 -34.94 38.81
N ILE G 327 44.93 -34.77 40.11
CA ILE G 327 43.62 -34.96 40.74
C ILE G 327 42.63 -33.94 40.18
N ASN G 328 41.53 -34.45 39.64
CA ASN G 328 40.53 -33.60 39.00
C ASN G 328 39.18 -33.72 39.70
N LEU G 329 38.55 -32.58 39.96
CA LEU G 329 37.24 -32.54 40.58
C LEU G 329 36.13 -32.70 39.54
N LYS G 330 35.27 -33.70 39.74
CA LYS G 330 34.12 -33.89 38.85
C LYS G 330 32.79 -33.81 39.59
N ALA G 331 31.93 -32.93 39.10
CA ALA G 331 30.63 -32.68 39.70
C ALA G 331 29.51 -33.23 38.82
N GLU G 332 28.73 -34.16 39.36
CA GLU G 332 27.57 -34.71 38.66
C GLU G 332 26.28 -34.05 39.16
N PRO G 333 25.33 -33.81 38.24
CA PRO G 333 24.09 -33.11 38.63
C PRO G 333 23.15 -33.96 39.49
N ILE G 334 22.48 -33.31 40.44
CA ILE G 334 21.40 -33.96 41.19
C ILE G 334 20.07 -33.40 40.67
N LEU G 335 19.37 -34.21 39.87
CA LEU G 335 18.13 -33.78 39.22
C LEU G 335 17.12 -34.92 39.11
N ASN G 336 16.01 -34.78 39.85
CA ASN G 336 14.95 -35.78 39.84
C ASN G 336 13.88 -35.42 38.83
N ILE G 337 13.72 -36.29 37.84
CA ILE G 337 12.79 -36.09 36.73
C ILE G 337 11.38 -36.58 37.11
N SER G 338 10.40 -35.71 36.95
CA SER G 338 8.99 -36.05 37.16
C SER G 338 8.34 -36.48 35.84
N ASN G 339 8.42 -35.61 34.83
CA ASN G 339 7.90 -35.89 33.50
C ASN G 339 8.95 -36.60 32.63
N ALA G 340 9.10 -37.91 32.86
CA ALA G 340 10.10 -38.72 32.19
C ALA G 340 9.72 -39.04 30.74
N GLY G 341 10.69 -38.95 29.84
CA GLY G 341 10.49 -39.22 28.40
C GLY G 341 9.71 -38.14 27.69
N PRO G 342 9.57 -38.27 26.35
CA PRO G 342 10.26 -39.22 25.47
C PRO G 342 11.39 -38.55 24.67
N TRP G 343 12.47 -39.27 24.45
CA TRP G 343 13.61 -38.72 23.70
C TRP G 343 13.27 -38.48 22.26
N SER G 344 13.88 -37.44 21.69
CA SER G 344 13.84 -37.20 20.25
C SER G 344 15.27 -37.26 19.74
N ARG G 345 15.48 -37.99 18.66
CA ARG G 345 16.84 -38.32 18.22
C ARG G 345 17.23 -37.80 16.84
N PHE G 346 18.42 -37.23 16.76
CA PHE G 346 19.03 -36.81 15.51
C PHE G 346 19.75 -37.98 14.89
N ALA G 347 20.54 -37.71 13.85
CA ALA G 347 21.28 -38.76 13.20
C ALA G 347 22.24 -39.40 14.19
N THR G 348 22.33 -40.72 14.13
CA THR G 348 23.13 -41.50 15.06
C THR G 348 24.03 -42.42 14.26
N ASN G 349 25.13 -42.85 14.86
CA ASN G 349 26.13 -43.61 14.08
C ASN G 349 26.20 -43.06 12.66
N THR G 350 26.76 -41.85 12.55
CA THR G 350 26.68 -41.06 11.32
C THR G 350 27.79 -39.99 11.21
N THR G 351 28.21 -39.72 9.98
CA THR G 351 29.18 -38.67 9.71
C THR G 351 28.49 -37.41 9.17
N LEU G 352 28.82 -36.28 9.78
CA LEU G 352 28.24 -35.00 9.41
C LEU G 352 28.95 -34.36 8.23
N THR G 353 28.17 -33.82 7.31
CA THR G 353 28.70 -33.01 6.23
C THR G 353 28.15 -31.59 6.32
N LYS G 354 28.97 -30.61 5.89
CA LYS G 354 28.61 -29.20 5.91
C LYS G 354 27.30 -28.94 5.19
N ALA G 355 27.13 -29.62 4.06
CA ALA G 355 26.04 -29.37 3.13
C ALA G 355 24.62 -29.49 3.69
N ASN G 356 24.45 -30.19 4.81
CA ASN G 356 23.11 -30.44 5.36
C ASN G 356 23.00 -30.49 6.89
N SER G 357 21.86 -30.04 7.39
CA SER G 357 21.66 -29.83 8.82
C SER G 357 20.44 -30.58 9.39
N TYR G 358 20.45 -30.80 10.70
CA TYR G 358 19.38 -31.54 11.38
C TYR G 358 18.51 -30.62 12.22
N ASN G 359 17.28 -31.06 12.49
CA ASN G 359 16.28 -30.28 13.20
C ASN G 359 15.23 -31.14 13.88
N VAL G 360 14.98 -30.91 15.18
CA VAL G 360 13.75 -31.34 15.83
C VAL G 360 13.04 -30.09 16.34
N ASP G 361 11.78 -29.94 16.00
CA ASP G 361 11.02 -28.75 16.33
C ASP G 361 10.02 -29.00 17.46
N LEU G 362 10.51 -28.91 18.71
CA LEU G 362 9.69 -29.14 19.92
C LEU G 362 8.65 -28.02 20.16
N SER G 363 7.50 -28.14 19.49
CA SER G 363 6.52 -27.04 19.33
C SER G 363 5.94 -26.44 20.60
N ASN G 364 5.62 -27.28 21.59
CA ASN G 364 5.10 -26.77 22.86
C ASN G 364 5.95 -27.13 24.08
N SER G 365 7.26 -26.94 23.96
CA SER G 365 8.18 -27.04 25.07
C SER G 365 8.17 -25.71 25.81
N THR G 366 8.23 -25.78 27.14
CA THR G 366 8.16 -24.58 27.98
C THR G 366 9.42 -23.75 27.94
N GLY G 367 10.55 -24.38 27.57
CA GLY G 367 11.85 -23.72 27.60
C GLY G 367 12.74 -24.35 28.65
N THR G 368 12.32 -25.51 29.13
CA THR G 368 13.15 -26.35 30.00
C THR G 368 13.32 -27.72 29.36
N LEU G 369 14.51 -27.96 28.83
CA LEU G 369 14.83 -29.20 28.15
C LEU G 369 16.28 -29.63 28.42
N GLU G 370 16.54 -30.93 28.27
CA GLU G 370 17.88 -31.46 28.45
C GLU G 370 18.35 -32.15 27.16
N PHE G 371 19.67 -32.21 26.97
CA PHE G 371 20.23 -32.84 25.78
C PHE G 371 21.49 -33.61 26.10
N GLU G 372 21.77 -34.60 25.26
CA GLU G 372 22.89 -35.52 25.47
C GLU G 372 23.57 -35.73 24.13
N LEU G 373 24.78 -35.19 23.99
CA LEU G 373 25.52 -35.27 22.73
C LEU G 373 26.82 -36.03 22.92
N VAL G 374 27.04 -37.03 22.05
CA VAL G 374 28.29 -37.78 22.04
C VAL G 374 28.86 -37.78 20.61
N TYR G 375 29.88 -36.95 20.41
CA TYR G 375 30.48 -36.75 19.09
C TYR G 375 31.94 -37.18 19.09
N ALA G 376 32.44 -37.52 17.90
CA ALA G 376 33.84 -37.86 17.73
C ALA G 376 34.47 -37.06 16.61
N VAL G 377 35.68 -36.57 16.86
CA VAL G 377 36.44 -35.83 15.85
C VAL G 377 37.41 -36.76 15.14
N ASN G 378 37.33 -36.77 13.81
CA ASN G 378 38.17 -37.61 12.98
C ASN G 378 39.57 -37.03 12.81
N THR G 379 40.50 -37.53 13.61
CA THR G 379 41.90 -37.06 13.60
C THR G 379 42.66 -37.46 12.33
N THR G 380 42.09 -38.42 11.59
CA THR G 380 42.81 -39.18 10.55
C THR G 380 43.74 -38.37 9.67
N GLN G 381 43.16 -37.34 9.05
CA GLN G 381 43.85 -36.51 8.09
C GLN G 381 43.04 -35.26 8.07
N THR G 382 42.14 -35.10 7.11
CA THR G 382 41.11 -34.13 7.35
C THR G 382 41.89 -32.97 7.89
N ILE G 383 42.90 -32.54 7.15
CA ILE G 383 43.94 -31.71 7.71
C ILE G 383 43.41 -30.41 8.31
N SER G 384 42.49 -29.78 7.61
CA SER G 384 41.87 -28.59 8.15
C SER G 384 42.63 -27.43 7.57
N LYS G 385 41.91 -26.56 6.88
CA LYS G 385 42.51 -25.37 6.35
C LYS G 385 42.43 -24.33 7.41
N SER G 386 42.76 -23.09 7.03
CA SER G 386 42.54 -22.01 7.95
C SER G 386 41.10 -21.72 7.68
N VAL G 387 40.26 -22.64 8.17
CA VAL G 387 38.84 -22.55 8.02
C VAL G 387 38.22 -22.92 9.35
N PHE G 388 36.97 -22.54 9.55
CA PHE G 388 36.34 -22.74 10.84
C PHE G 388 35.70 -24.08 10.86
N ALA G 389 36.28 -24.99 11.64
CA ALA G 389 35.73 -26.32 11.75
C ALA G 389 34.97 -26.39 13.04
N ASP G 390 33.66 -26.28 12.92
CA ASP G 390 32.72 -26.32 14.01
C ASP G 390 31.69 -27.45 13.87
N LEU G 391 31.29 -27.97 15.02
CA LEU G 391 30.04 -28.68 15.19
C LEU G 391 29.23 -27.79 16.11
N SER G 392 28.07 -27.35 15.64
CA SER G 392 27.26 -26.39 16.40
C SER G 392 25.87 -26.92 16.70
N LEU G 393 25.42 -26.68 17.93
CA LEU G 393 24.03 -26.85 18.30
C LEU G 393 23.34 -25.50 18.36
N TRP G 394 22.13 -25.43 17.82
CA TRP G 394 21.37 -24.19 17.83
C TRP G 394 20.06 -24.42 18.52
N PHE G 395 19.76 -23.61 19.53
CA PHE G 395 18.42 -23.58 20.09
C PHE G 395 17.73 -22.27 19.74
N LYS G 396 16.53 -22.35 19.18
CA LYS G 396 15.85 -21.21 18.57
C LYS G 396 14.36 -21.10 18.90
N GLY G 397 13.82 -19.90 18.75
CA GLY G 397 12.38 -19.67 18.89
C GLY G 397 11.82 -20.03 20.25
N LEU G 398 10.71 -20.76 20.25
CA LEU G 398 9.93 -21.05 19.04
C LEU G 398 9.23 -19.87 18.39
N GLU G 399 8.64 -18.97 19.17
CA GLU G 399 7.80 -17.93 18.61
C GLU G 399 8.60 -17.04 17.70
N ASP G 400 9.80 -16.67 18.13
CA ASP G 400 10.73 -15.98 17.24
C ASP G 400 12.12 -16.60 17.33
N PRO G 401 12.65 -17.04 16.21
CA PRO G 401 14.05 -17.42 16.09
C PRO G 401 14.77 -16.17 15.72
N GLU G 402 16.07 -16.22 15.48
CA GLU G 402 16.78 -15.00 15.20
C GLU G 402 17.08 -14.54 16.59
N GLU G 403 16.55 -15.31 17.51
CA GLU G 403 16.83 -15.14 18.92
C GLU G 403 17.13 -16.55 19.44
N TYR G 404 18.42 -16.86 19.50
CA TYR G 404 18.87 -18.22 19.71
C TYR G 404 20.13 -18.22 20.55
N LEU G 405 20.50 -19.37 21.11
CA LEU G 405 21.85 -19.52 21.63
C LEU G 405 22.61 -20.65 20.95
N ARG G 406 23.85 -20.33 20.59
CA ARG G 406 24.71 -21.24 19.85
C ARG G 406 25.74 -21.84 20.79
N MET G 407 26.06 -23.12 20.56
CA MET G 407 27.16 -23.79 21.25
C MET G 407 27.63 -24.98 20.43
N GLY G 408 28.87 -25.39 20.66
CA GLY G 408 29.46 -26.51 19.94
C GLY G 408 30.97 -26.53 20.00
N PHE G 409 31.57 -27.45 19.24
CA PHE G 409 33.02 -27.68 19.29
C PHE G 409 33.71 -27.25 18.00
N GLU G 410 34.75 -26.44 18.14
CA GLU G 410 35.60 -26.06 17.02
C GLU G 410 36.96 -26.71 17.16
N VAL G 411 37.35 -27.47 16.14
CA VAL G 411 38.51 -28.38 16.20
C VAL G 411 39.83 -27.63 16.28
N SER G 412 40.01 -26.70 15.34
CA SER G 412 41.20 -25.85 15.26
C SER G 412 41.55 -25.24 16.62
N ALA G 413 40.54 -24.75 17.34
CA ALA G 413 40.75 -24.09 18.63
C ALA G 413 40.72 -25.06 19.82
N SER G 414 40.34 -26.31 19.57
CA SER G 414 40.21 -27.35 20.60
C SER G 414 39.47 -26.90 21.86
N SER G 415 38.26 -26.37 21.65
CA SER G 415 37.39 -25.94 22.77
C SER G 415 35.90 -25.91 22.41
N PHE G 416 35.06 -25.97 23.44
CA PHE G 416 33.60 -25.93 23.29
C PHE G 416 33.07 -24.51 23.57
N PHE G 417 32.66 -23.81 22.52
CA PHE G 417 32.19 -22.43 22.63
C PHE G 417 30.71 -22.31 22.98
N LEU G 418 30.34 -21.15 23.53
CA LEU G 418 28.95 -20.79 23.81
C LEU G 418 28.71 -19.31 23.51
N ASP G 419 27.71 -19.02 22.69
CA ASP G 419 27.39 -17.65 22.33
C ASP G 419 25.99 -17.26 22.83
N ARG G 420 25.92 -16.83 24.08
CA ARG G 420 24.64 -16.44 24.70
C ARG G 420 24.17 -15.03 24.30
N GLY G 421 24.86 -14.42 23.33
CA GLY G 421 24.34 -13.23 22.63
C GLY G 421 23.21 -13.67 21.69
N ASN G 422 22.76 -12.76 20.83
CA ASN G 422 21.60 -13.00 19.97
C ASN G 422 20.30 -13.04 20.79
N SER G 423 20.02 -11.92 21.44
CA SER G 423 18.72 -11.71 22.07
C SER G 423 18.28 -10.28 21.85
N LYS G 424 16.98 -10.10 21.65
CA LYS G 424 16.39 -8.79 21.48
C LYS G 424 16.34 -8.03 22.81
N VAL G 425 16.57 -8.74 23.90
CA VAL G 425 16.41 -8.18 25.23
C VAL G 425 17.32 -6.97 25.45
N LYS G 426 16.80 -5.99 26.17
CA LYS G 426 17.52 -4.75 26.40
C LYS G 426 18.80 -4.97 27.17
N PHE G 427 18.77 -5.84 28.18
CA PHE G 427 19.99 -6.10 28.92
C PHE G 427 20.69 -7.27 28.28
N VAL G 428 21.72 -6.98 27.53
CA VAL G 428 22.39 -7.97 26.71
C VAL G 428 23.11 -7.18 25.64
N LYS G 429 22.35 -6.54 24.78
CA LYS G 429 22.89 -5.53 23.89
C LYS G 429 23.42 -4.35 24.67
N GLU G 430 22.63 -3.87 25.63
CA GLU G 430 23.01 -2.71 26.44
C GLU G 430 24.16 -2.87 27.44
N ASN G 431 24.16 -3.96 28.19
CA ASN G 431 25.06 -4.08 29.35
C ASN G 431 26.47 -4.57 28.98
N PRO G 432 27.46 -3.66 29.04
CA PRO G 432 28.80 -3.94 28.54
C PRO G 432 29.63 -4.90 29.39
N TYR G 433 29.16 -5.27 30.57
CA TYR G 433 29.89 -6.22 31.40
C TYR G 433 29.35 -7.64 31.25
N PHE G 434 28.27 -7.78 30.48
CA PHE G 434 27.66 -9.08 30.22
C PHE G 434 28.29 -9.72 28.98
N THR G 435 29.37 -10.48 29.21
CA THR G 435 30.07 -11.16 28.11
C THR G 435 29.20 -12.26 27.52
N ASN G 436 29.25 -12.40 26.19
CA ASN G 436 28.37 -13.32 25.47
C ASN G 436 29.04 -14.57 24.93
N ARG G 437 30.37 -14.60 24.95
CA ARG G 437 31.10 -15.71 24.34
C ARG G 437 32.15 -16.31 25.27
N MET G 438 32.01 -17.60 25.56
CA MET G 438 33.01 -18.36 26.30
C MET G 438 33.29 -19.67 25.60
N SER G 439 34.48 -20.19 25.83
CA SER G 439 34.84 -21.55 25.44
C SER G 439 35.33 -22.32 26.68
N VAL G 440 35.27 -23.64 26.63
CA VAL G 440 35.48 -24.44 27.84
C VAL G 440 36.77 -25.27 27.82
N ASN G 441 37.04 -25.94 26.69
CA ASN G 441 38.17 -26.87 26.57
C ASN G 441 37.90 -28.24 27.20
N ASN G 442 36.90 -28.92 26.69
CA ASN G 442 36.62 -30.30 27.10
C ASN G 442 37.62 -31.27 26.46
N GLN G 443 37.84 -32.39 27.12
CA GLN G 443 38.82 -33.37 26.68
C GLN G 443 38.14 -34.70 26.37
N PRO G 444 38.61 -35.42 25.33
CA PRO G 444 37.97 -36.68 24.94
C PRO G 444 38.12 -37.76 26.00
N PHE G 445 37.08 -38.58 26.19
CA PHE G 445 37.13 -39.69 27.14
C PHE G 445 37.71 -40.96 26.53
N LYS G 446 37.56 -41.08 25.22
CA LYS G 446 37.97 -42.28 24.49
C LYS G 446 38.63 -41.87 23.18
N SER G 447 39.75 -42.51 22.84
CA SER G 447 40.46 -42.19 21.62
C SER G 447 40.74 -43.43 20.75
N GLU G 448 39.69 -44.22 20.54
CA GLU G 448 39.75 -45.45 19.75
C GLU G 448 39.68 -45.16 18.26
N ASN G 449 40.36 -46.00 17.46
CA ASN G 449 40.52 -45.77 16.02
C ASN G 449 41.23 -44.44 15.73
N ASP G 450 40.73 -43.70 14.75
CA ASP G 450 41.25 -42.39 14.44
C ASP G 450 40.25 -41.31 14.82
N LEU G 451 39.31 -41.68 15.70
CA LEU G 451 38.27 -40.78 16.18
C LEU G 451 38.46 -40.50 17.66
N SER G 452 38.29 -39.24 18.05
CA SER G 452 38.30 -38.89 19.47
C SER G 452 36.88 -38.59 19.94
N TYR G 453 36.41 -39.37 20.91
CA TYR G 453 35.04 -39.29 21.39
C TYR G 453 34.89 -38.30 22.55
N TYR G 454 33.93 -37.39 22.43
CA TYR G 454 33.59 -36.44 23.47
C TYR G 454 32.13 -36.63 23.91
N LYS G 455 31.88 -36.49 25.21
CA LYS G 455 30.52 -36.51 25.75
C LYS G 455 30.17 -35.16 26.38
N VAL G 456 28.95 -34.70 26.14
CA VAL G 456 28.44 -33.48 26.76
C VAL G 456 26.94 -33.57 27.04
N TYR G 457 26.58 -33.44 28.31
CA TYR G 457 25.17 -33.31 28.71
C TYR G 457 24.89 -31.86 29.08
N GLY G 458 23.72 -31.36 28.68
CA GLY G 458 23.33 -30.00 28.99
C GLY G 458 21.88 -29.86 29.39
N LEU G 459 21.61 -28.98 30.35
CA LEU G 459 20.26 -28.69 30.77
C LEU G 459 19.92 -27.21 30.56
N LEU G 460 18.84 -26.96 29.84
CA LEU G 460 18.39 -25.59 29.63
C LEU G 460 17.18 -25.34 30.51
N ASP G 461 17.23 -24.27 31.31
CA ASP G 461 16.11 -23.95 32.19
C ASP G 461 15.67 -22.50 32.16
N GLN G 462 15.09 -22.07 31.05
CA GLN G 462 14.49 -20.75 30.96
C GLN G 462 15.50 -19.62 30.94
N ASN G 463 16.30 -19.50 31.99
CA ASN G 463 17.35 -18.48 32.01
C ASN G 463 18.77 -19.00 32.32
N ILE G 464 18.90 -20.29 32.62
CA ILE G 464 20.22 -20.83 32.94
C ILE G 464 20.56 -22.12 32.18
N LEU G 465 21.78 -22.16 31.63
CA LEU G 465 22.29 -23.34 30.93
C LEU G 465 23.53 -23.90 31.62
N GLU G 466 23.45 -25.18 31.96
CA GLU G 466 24.53 -25.89 32.64
C GLU G 466 25.04 -27.03 31.75
N LEU G 467 26.32 -26.99 31.42
CA LEU G 467 26.94 -28.02 30.58
C LEU G 467 27.89 -28.92 31.38
N TYR G 468 27.63 -30.22 31.33
CA TYR G 468 28.46 -31.22 31.99
C TYR G 468 29.23 -32.02 30.94
N PHE G 469 30.55 -31.87 30.96
CA PHE G 469 31.43 -32.52 29.99
C PHE G 469 32.03 -33.79 30.57
N ASN G 470 31.93 -34.89 29.82
CA ASN G 470 32.41 -36.21 30.25
C ASN G 470 31.84 -36.61 31.62
N ASP G 471 30.53 -36.43 31.77
CA ASP G 471 29.80 -36.75 33.00
C ASP G 471 30.26 -35.94 34.22
N GLY G 472 30.72 -34.71 33.97
CA GLY G 472 31.04 -33.78 35.04
C GLY G 472 32.51 -33.50 35.25
N ASP G 473 33.38 -34.13 34.46
CA ASP G 473 34.83 -33.90 34.53
C ASP G 473 35.16 -32.41 34.43
N VAL G 474 34.41 -31.68 33.61
CA VAL G 474 34.47 -30.23 33.52
C VAL G 474 33.03 -29.72 33.41
N VAL G 475 32.72 -28.60 34.07
CA VAL G 475 31.40 -27.99 33.98
C VAL G 475 31.43 -26.50 33.63
N SER G 476 30.33 -26.01 33.06
CA SER G 476 30.20 -24.61 32.67
C SER G 476 28.77 -24.14 32.87
N THR G 477 28.59 -23.13 33.73
CA THR G 477 27.26 -22.59 34.06
C THR G 477 27.12 -21.12 33.66
N ASN G 478 26.18 -20.85 32.76
CA ASN G 478 25.93 -19.50 32.27
C ASN G 478 24.45 -19.21 32.15
N THR G 479 24.03 -18.05 32.66
CA THR G 479 22.64 -17.62 32.51
C THR G 479 22.48 -16.92 31.17
N TYR G 480 21.25 -16.89 30.68
CA TYR G 480 20.93 -16.26 29.39
C TYR G 480 19.52 -15.68 29.42
N PHE G 481 19.30 -14.61 28.66
CA PHE G 481 18.01 -13.95 28.70
C PHE G 481 17.44 -13.72 27.31
N MET G 482 16.19 -14.17 27.15
CA MET G 482 15.52 -14.26 25.86
C MET G 482 14.10 -13.74 26.05
N THR G 483 13.58 -13.01 25.08
CA THR G 483 12.31 -12.28 25.25
C THR G 483 11.21 -13.11 25.93
N THR G 484 10.62 -12.53 26.97
CA THR G 484 9.64 -13.20 27.83
C THR G 484 8.62 -14.00 27.04
N GLY G 485 8.54 -15.30 27.34
CA GLY G 485 7.60 -16.18 26.65
C GLY G 485 8.15 -16.61 25.31
N ASN G 486 8.50 -17.89 25.22
CA ASN G 486 9.03 -18.53 24.00
C ASN G 486 10.44 -18.08 23.53
N ALA G 487 11.47 -18.88 23.79
CA ALA G 487 11.45 -20.27 24.30
C ALA G 487 12.15 -21.12 23.27
N LEU G 488 13.35 -21.54 23.62
CA LEU G 488 14.25 -22.18 22.66
C LEU G 488 13.86 -23.64 22.42
N GLY G 489 12.95 -23.86 21.48
CA GLY G 489 12.44 -25.21 21.22
C GLY G 489 12.92 -25.81 19.92
N SER G 490 13.33 -24.95 18.99
CA SER G 490 13.88 -25.41 17.72
C SER G 490 15.34 -25.84 17.89
N VAL G 491 15.54 -27.15 18.06
CA VAL G 491 16.88 -27.71 18.27
C VAL G 491 17.52 -28.10 16.94
N ASN G 492 18.68 -27.52 16.66
CA ASN G 492 19.34 -27.67 15.34
C ASN G 492 20.82 -28.05 15.44
N MET G 493 21.28 -28.85 14.49
CA MET G 493 22.69 -29.23 14.42
C MET G 493 23.30 -28.88 13.08
N THR G 494 24.43 -28.20 13.13
CA THR G 494 25.12 -27.69 11.96
C THR G 494 26.60 -27.98 12.06
N THR G 495 27.26 -28.05 10.90
CA THR G 495 28.71 -28.18 10.86
C THR G 495 29.32 -27.45 9.66
N GLY G 496 30.54 -26.97 9.83
CA GLY G 496 31.37 -26.55 8.72
C GLY G 496 32.21 -27.75 8.34
N VAL G 497 32.91 -27.70 7.23
CA VAL G 497 33.82 -28.78 6.93
C VAL G 497 33.10 -30.12 6.81
N ASP G 498 33.10 -30.65 5.58
CA ASP G 498 32.24 -31.75 5.22
C ASP G 498 32.41 -33.06 5.97
N ASN G 499 33.63 -33.49 6.22
CA ASN G 499 33.77 -34.80 6.78
C ASN G 499 34.69 -34.95 7.98
N LEU G 500 34.26 -34.39 9.11
CA LEU G 500 35.09 -34.40 10.31
C LEU G 500 34.43 -34.99 11.54
N PHE G 501 33.18 -34.63 11.76
CA PHE G 501 32.46 -35.01 12.98
C PHE G 501 31.61 -36.25 12.79
N TYR G 502 31.72 -37.16 13.75
CA TYR G 502 30.89 -38.35 13.80
C TYR G 502 29.96 -38.26 15.00
N ILE G 503 28.65 -38.24 14.76
CA ILE G 503 27.69 -38.24 15.84
C ILE G 503 27.32 -39.66 16.23
N ASP G 504 27.81 -40.09 17.39
CA ASP G 504 27.44 -41.37 17.95
C ASP G 504 26.03 -41.28 18.50
N LYS G 505 25.73 -40.15 19.14
CA LYS G 505 24.51 -39.97 19.91
C LYS G 505 24.15 -38.49 20.06
N PHE G 506 22.94 -38.12 19.65
CA PHE G 506 22.32 -36.87 20.08
C PHE G 506 20.83 -37.07 20.36
N GLN G 507 20.37 -36.58 21.52
CA GLN G 507 18.98 -36.73 21.93
C GLN G 507 18.48 -35.60 22.85
N VAL G 508 17.30 -35.06 22.54
CA VAL G 508 16.68 -34.00 23.33
C VAL G 508 15.37 -34.44 23.97
N ARG G 509 15.06 -33.82 25.12
CA ARG G 509 13.89 -34.20 25.89
C ARG G 509 13.44 -33.01 26.74
N GLU G 510 12.13 -32.92 26.95
CA GLU G 510 11.58 -31.91 27.85
C GLU G 510 11.70 -32.36 29.31
N VAL G 511 11.88 -31.40 30.21
CA VAL G 511 11.96 -31.67 31.64
C VAL G 511 10.98 -30.76 32.38
N LYS G 512 10.21 -31.32 33.31
CA LYS G 512 9.35 -30.50 34.16
C LYS G 512 9.65 -30.70 35.65
N GLU H 4 35.36 -6.30 -3.72
CA GLU H 4 34.81 -5.11 -2.99
C GLU H 4 35.79 -4.82 -1.89
N THR H 5 36.64 -3.85 -2.11
CA THR H 5 37.72 -3.58 -1.17
C THR H 5 37.09 -3.07 0.10
N SER H 6 37.54 -3.53 1.24
CA SER H 6 36.99 -3.12 2.52
C SER H 6 37.56 -1.76 2.92
N ASP H 7 37.07 -1.21 4.02
CA ASP H 7 37.65 0.01 4.57
C ASP H 7 39.03 -0.30 5.09
N ARG H 8 39.99 0.57 4.79
CA ARG H 8 41.40 0.31 5.05
C ARG H 8 42.01 1.38 5.94
N PRO H 9 42.68 0.96 7.00
CA PRO H 9 43.33 1.86 7.95
C PRO H 9 44.28 2.85 7.27
N LEU H 10 44.25 4.10 7.72
CA LEU H 10 45.02 5.17 7.07
C LEU H 10 46.38 5.45 7.72
N VAL H 11 46.53 5.15 9.01
CA VAL H 11 47.76 5.43 9.75
C VAL H 11 48.38 4.18 10.42
N HIS H 12 47.78 3.03 10.16
CA HIS H 12 48.39 1.73 10.51
C HIS H 12 48.83 1.04 9.26
N PHE H 13 49.92 0.29 9.33
CA PHE H 13 50.38 -0.43 8.16
C PHE H 13 49.54 -1.68 7.89
N THR H 14 49.12 -1.82 6.63
CA THR H 14 48.54 -3.06 6.13
C THR H 14 49.30 -3.48 4.87
N PRO H 15 49.33 -4.79 4.56
CA PRO H 15 49.96 -5.19 3.31
C PRO H 15 49.20 -4.65 2.11
N ASN H 16 49.88 -4.63 0.96
CA ASN H 16 49.25 -4.34 -0.32
C ASN H 16 48.01 -5.25 -0.51
N LYS H 17 48.26 -6.57 -0.53
CA LYS H 17 47.21 -7.57 -0.56
C LYS H 17 47.73 -8.84 0.13
N GLY H 18 46.80 -9.70 0.55
CA GLY H 18 47.17 -10.98 1.16
C GLY H 18 47.30 -10.96 2.67
N TRP H 19 47.84 -12.06 3.22
CA TRP H 19 47.94 -12.25 4.65
C TRP H 19 49.20 -11.69 5.24
N MET H 20 49.07 -11.14 6.45
CA MET H 20 50.19 -10.65 7.24
C MET H 20 50.08 -11.08 8.71
N ASN H 21 51.22 -11.32 9.36
CA ASN H 21 51.26 -11.47 10.82
C ASN H 21 52.50 -10.83 11.48
N ASP H 22 53.28 -11.62 12.22
CA ASP H 22 54.38 -11.14 13.06
C ASP H 22 55.31 -10.15 12.33
N PRO H 23 55.60 -8.99 12.98
CA PRO H 23 56.59 -8.06 12.44
C PRO H 23 58.01 -8.61 12.55
N ASN H 24 58.85 -8.30 11.57
CA ASN H 24 60.18 -8.86 11.45
C ASN H 24 61.26 -7.81 11.19
N GLY H 25 62.51 -8.17 11.49
CA GLY H 25 63.71 -7.38 11.18
C GLY H 25 63.65 -5.88 11.31
N LEU H 26 63.13 -5.38 12.43
CA LEU H 26 62.95 -3.94 12.65
C LEU H 26 64.26 -3.24 12.96
N TRP H 27 64.59 -2.24 12.14
CA TRP H 27 65.81 -1.44 12.30
C TRP H 27 65.69 -0.11 11.58
N TYR H 28 66.65 0.78 11.79
CA TYR H 28 66.62 2.12 11.20
C TYR H 28 67.90 2.47 10.44
N ASP H 29 67.74 2.94 9.20
CA ASP H 29 68.86 3.36 8.36
C ASP H 29 69.22 4.81 8.68
N GLU H 30 70.33 4.98 9.39
CA GLU H 30 70.76 6.29 9.87
C GLU H 30 71.26 7.19 8.74
N LYS H 31 71.76 6.57 7.66
CA LYS H 31 72.26 7.30 6.50
C LYS H 31 71.13 7.92 5.68
N ASP H 32 70.15 7.10 5.31
CA ASP H 32 69.05 7.54 4.44
C ASP H 32 67.78 7.93 5.18
N ALA H 33 67.86 7.95 6.51
CA ALA H 33 66.73 8.31 7.39
C ALA H 33 65.46 7.52 7.09
N LYS H 34 65.59 6.19 7.05
CA LYS H 34 64.46 5.31 6.74
C LYS H 34 64.26 4.21 7.77
N TRP H 35 63.03 4.08 8.24
CA TRP H 35 62.62 2.99 9.12
C TRP H 35 62.25 1.81 8.27
N HIS H 36 62.73 0.63 8.66
CA HIS H 36 62.44 -0.58 7.93
C HIS H 36 61.53 -1.49 8.70
N LEU H 37 60.42 -1.88 8.07
CA LEU H 37 59.48 -2.82 8.66
C LEU H 37 59.34 -4.05 7.76
N TYR H 38 59.65 -5.21 8.33
CA TYR H 38 59.44 -6.48 7.65
C TYR H 38 58.35 -7.24 8.39
N PHE H 39 57.75 -8.22 7.72
CA PHE H 39 56.62 -8.95 8.31
C PHE H 39 56.40 -10.31 7.64
N GLN H 40 55.86 -11.25 8.41
CA GLN H 40 55.42 -12.54 7.88
C GLN H 40 54.35 -12.28 6.82
N TYR H 41 54.55 -12.85 5.64
CA TYR H 41 53.76 -12.44 4.48
C TYR H 41 53.39 -13.60 3.55
N ASN H 42 52.09 -13.69 3.25
CA ASN H 42 51.59 -14.61 2.23
C ASN H 42 50.87 -13.82 1.14
N PRO H 43 51.57 -13.50 0.05
CA PRO H 43 51.02 -12.62 -0.98
C PRO H 43 50.04 -13.31 -1.91
N ASN H 44 49.92 -14.64 -1.80
CA ASN H 44 49.02 -15.42 -2.63
C ASN H 44 47.58 -15.43 -2.11
N ASP H 45 47.32 -16.26 -1.11
CA ASP H 45 46.01 -16.30 -0.46
C ASP H 45 45.91 -15.18 0.59
N THR H 46 44.69 -14.98 1.09
CA THR H 46 44.41 -13.96 2.10
C THR H 46 44.32 -14.56 3.51
N VAL H 47 44.89 -15.76 3.66
CA VAL H 47 45.08 -16.43 4.95
C VAL H 47 46.52 -16.98 5.05
N TRP H 48 46.91 -17.46 6.22
CA TRP H 48 48.26 -17.99 6.43
C TRP H 48 48.51 -19.20 5.58
N GLY H 49 49.69 -19.26 4.98
CA GLY H 49 50.07 -20.40 4.12
C GLY H 49 51.50 -20.34 3.61
N THR H 50 51.98 -21.48 3.11
CA THR H 50 53.33 -21.59 2.57
C THR H 50 53.27 -21.66 1.04
N PRO H 51 54.26 -21.06 0.34
CA PRO H 51 55.45 -20.40 0.87
C PRO H 51 55.14 -19.12 1.65
N LEU H 52 55.78 -18.98 2.81
CA LEU H 52 55.64 -17.78 3.63
C LEU H 52 56.89 -16.91 3.50
N PHE H 53 56.69 -15.63 3.21
CA PHE H 53 57.78 -14.72 2.88
C PHE H 53 58.00 -13.65 3.95
N TRP H 54 59.05 -12.85 3.75
CA TRP H 54 59.28 -11.63 4.52
C TRP H 54 58.88 -10.46 3.68
N GLY H 55 57.74 -9.86 4.00
CA GLY H 55 57.31 -8.64 3.33
C GLY H 55 58.14 -7.45 3.78
N HIS H 56 58.20 -6.41 2.95
CA HIS H 56 59.03 -5.24 3.24
C HIS H 56 58.35 -3.95 2.92
N ALA H 57 58.47 -2.99 3.85
CA ALA H 57 57.92 -1.65 3.69
C ALA H 57 58.75 -0.63 4.46
N THR H 58 58.90 0.55 3.86
CA THR H 58 59.72 1.62 4.43
C THR H 58 58.90 2.86 4.79
N SER H 59 59.45 3.68 5.68
CA SER H 59 58.85 4.94 6.09
C SER H 59 59.90 5.80 6.75
N ASP H 60 59.71 7.11 6.69
CA ASP H 60 60.60 8.05 7.39
C ASP H 60 59.90 8.86 8.48
N ASP H 61 58.68 8.44 8.84
CA ASP H 61 57.92 9.07 9.92
C ASP H 61 57.08 8.06 10.71
N LEU H 62 57.26 6.78 10.40
CA LEU H 62 56.54 5.66 11.04
C LEU H 62 55.01 5.77 11.00
N THR H 63 54.51 6.62 10.12
CA THR H 63 53.08 6.84 9.94
C THR H 63 52.66 6.55 8.50
N ASN H 64 53.41 7.10 7.55
CA ASN H 64 53.15 6.89 6.13
C ASN H 64 54.16 5.95 5.49
N TRP H 65 53.65 4.83 4.97
CA TRP H 65 54.50 3.73 4.54
C TRP H 65 54.62 3.64 3.04
N GLU H 66 55.57 2.82 2.59
CA GLU H 66 55.85 2.64 1.17
C GLU H 66 56.18 1.19 0.89
N ASP H 67 55.37 0.57 0.02
CA ASP H 67 55.55 -0.84 -0.35
C ASP H 67 56.88 -1.10 -1.03
N GLN H 68 57.50 -2.22 -0.65
CA GLN H 68 58.78 -2.67 -1.22
C GLN H 68 58.68 -4.14 -1.61
N PRO H 69 59.54 -4.60 -2.54
CA PRO H 69 59.54 -6.01 -2.93
C PRO H 69 59.91 -6.94 -1.77
N ILE H 70 59.52 -8.22 -1.89
CA ILE H 70 59.80 -9.24 -0.88
C ILE H 70 61.29 -9.29 -0.57
N ALA H 71 61.62 -9.25 0.72
CA ALA H 71 63.02 -9.20 1.16
C ALA H 71 63.64 -10.58 1.37
N ILE H 72 62.90 -11.49 1.98
CA ILE H 72 63.38 -12.86 2.21
C ILE H 72 62.34 -13.87 1.73
N ALA H 73 62.81 -14.88 1.00
CA ALA H 73 61.95 -15.93 0.46
C ALA H 73 62.49 -17.32 0.80
N PRO H 74 61.59 -18.30 1.04
CA PRO H 74 62.07 -19.66 1.24
C PRO H 74 62.49 -20.27 -0.09
N LYS H 75 63.47 -21.17 -0.04
CA LYS H 75 63.93 -21.89 -1.24
C LYS H 75 62.84 -22.81 -1.77
N ARG H 76 61.91 -23.18 -0.88
CA ARG H 76 60.83 -24.11 -1.22
C ARG H 76 59.45 -23.46 -1.05
N ASN H 77 58.54 -23.75 -1.98
CA ASN H 77 57.13 -23.42 -1.80
C ASN H 77 56.52 -24.32 -0.72
N ASP H 78 57.22 -25.42 -0.47
CA ASP H 78 56.93 -26.36 0.60
C ASP H 78 57.16 -25.72 1.98
N SER H 79 58.24 -24.94 2.08
CA SER H 79 58.69 -24.37 3.34
C SER H 79 58.27 -22.92 3.54
N GLY H 80 58.85 -22.28 4.55
CA GLY H 80 58.57 -20.88 4.86
C GLY H 80 59.72 -20.16 5.55
N ALA H 81 59.81 -18.86 5.31
CA ALA H 81 60.82 -18.03 5.95
C ALA H 81 60.20 -17.34 7.17
N PHE H 82 60.36 -17.95 8.33
CA PHE H 82 59.64 -17.56 9.56
C PHE H 82 60.19 -16.30 10.26
N SER H 83 59.60 -15.98 11.41
CA SER H 83 59.90 -14.74 12.13
C SER H 83 61.35 -14.60 12.56
N GLY H 84 61.79 -13.36 12.67
CA GLY H 84 63.16 -13.05 13.09
C GLY H 84 63.44 -11.56 13.20
N SER H 85 64.66 -11.24 13.63
CA SER H 85 65.09 -9.86 13.84
C SER H 85 66.24 -9.48 12.90
N MET H 86 66.67 -8.23 12.97
CA MET H 86 67.81 -7.76 12.19
C MET H 86 68.77 -6.94 13.04
N VAL H 87 70.03 -6.92 12.62
CA VAL H 87 71.08 -6.16 13.29
C VAL H 87 71.88 -5.33 12.29
N VAL H 88 72.35 -4.17 12.73
CA VAL H 88 73.29 -3.37 11.95
C VAL H 88 74.69 -3.66 12.47
N ASP H 89 75.55 -4.18 11.60
CA ASP H 89 76.91 -4.55 11.97
C ASP H 89 77.92 -3.51 11.46
N TYR H 90 78.08 -2.44 12.23
CA TYR H 90 79.00 -1.35 11.90
C TYR H 90 80.43 -1.84 11.82
N ASN H 91 80.83 -2.61 12.83
CA ASN H 91 82.22 -3.04 13.01
C ASN H 91 82.57 -4.35 12.28
N ASN H 92 81.75 -4.72 11.31
CA ASN H 92 82.02 -5.86 10.42
C ASN H 92 82.29 -7.21 11.09
N THR H 93 81.85 -7.35 12.34
CA THR H 93 82.06 -8.58 13.12
C THR H 93 81.48 -9.86 12.48
N SER H 94 80.66 -9.64 11.46
CA SER H 94 80.13 -10.69 10.61
C SER H 94 81.19 -11.33 9.75
N GLY H 95 82.10 -10.51 9.25
CA GLY H 95 83.05 -10.92 8.23
C GLY H 95 82.52 -10.68 6.83
N PHE H 96 81.25 -10.30 6.76
CA PHE H 96 80.65 -9.85 5.51
C PHE H 96 81.01 -8.39 5.29
N PHE H 97 80.90 -7.94 4.05
CA PHE H 97 80.91 -6.51 3.75
C PHE H 97 82.27 -6.01 3.30
N ASN H 98 82.30 -5.34 2.16
CA ASN H 98 83.45 -4.54 1.78
C ASN H 98 83.29 -3.22 2.49
N ASP H 99 84.33 -2.40 2.54
CA ASP H 99 84.14 -1.11 3.13
C ASP H 99 83.20 -0.33 2.25
N THR H 100 83.26 -0.59 0.96
CA THR H 100 82.31 -0.03 0.00
C THR H 100 80.91 0.16 0.57
N ILE H 101 80.57 -0.64 1.59
CA ILE H 101 79.27 -0.57 2.23
C ILE H 101 79.37 0.24 3.51
N ASP H 102 78.53 1.28 3.62
CA ASP H 102 78.50 2.17 4.78
C ASP H 102 78.23 1.39 6.08
N PRO H 103 79.01 1.67 7.14
CA PRO H 103 78.87 1.00 8.44
C PRO H 103 77.43 0.91 8.97
N ARG H 104 76.71 2.02 8.93
CA ARG H 104 75.34 2.10 9.44
C ARG H 104 74.28 1.61 8.44
N GLN H 105 74.76 0.85 7.44
CA GLN H 105 73.91 0.36 6.35
C GLN H 105 74.18 -1.14 6.13
N ARG H 106 74.77 -1.78 7.15
CA ARG H 106 75.17 -3.17 7.10
C ARG H 106 74.23 -4.05 7.90
N CYS H 107 73.08 -4.35 7.33
CA CYS H 107 72.04 -5.11 8.02
C CYS H 107 72.14 -6.62 7.81
N VAL H 108 72.08 -7.37 8.91
CA VAL H 108 72.10 -8.83 8.88
C VAL H 108 70.83 -9.40 9.51
N ALA H 109 70.03 -10.07 8.69
CA ALA H 109 68.81 -10.71 9.15
C ALA H 109 69.08 -12.09 9.73
N ILE H 110 68.50 -12.35 10.90
CA ILE H 110 68.57 -13.66 11.53
C ILE H 110 67.14 -14.19 11.58
N TRP H 111 66.92 -15.37 10.99
CA TRP H 111 65.56 -15.90 10.84
C TRP H 111 65.48 -17.40 10.87
N THR H 112 64.27 -17.90 11.04
CA THR H 112 64.02 -19.34 11.09
C THR H 112 63.57 -19.83 9.72
N TYR H 113 64.27 -20.85 9.20
CA TYR H 113 63.85 -21.53 7.98
C TYR H 113 63.08 -22.80 8.35
N ASN H 114 61.75 -22.66 8.44
CA ASN H 114 60.87 -23.78 8.78
C ASN H 114 60.51 -24.60 7.56
N THR H 115 60.72 -25.91 7.68
CA THR H 115 60.50 -26.89 6.61
C THR H 115 59.54 -27.95 7.15
N PRO H 116 58.84 -28.68 6.25
CA PRO H 116 58.10 -29.85 6.70
C PRO H 116 58.98 -30.90 7.38
N GLU H 117 60.27 -30.91 7.04
CA GLU H 117 61.23 -31.84 7.63
C GLU H 117 61.98 -31.29 8.83
N SER H 118 62.55 -30.09 8.70
CA SER H 118 63.44 -29.54 9.71
C SER H 118 63.13 -28.08 10.08
N GLU H 119 63.79 -27.58 11.13
CA GLU H 119 63.63 -26.18 11.55
C GLU H 119 64.94 -25.56 12.02
N GLU H 120 65.68 -25.01 11.07
CA GLU H 120 67.03 -24.47 11.31
C GLU H 120 67.05 -22.95 11.41
N GLN H 121 68.17 -22.40 11.87
CA GLN H 121 68.33 -20.93 11.98
C GLN H 121 69.28 -20.39 10.93
N TYR H 122 68.75 -19.55 10.05
CA TYR H 122 69.52 -18.98 8.96
C TYR H 122 69.82 -17.51 9.20
N ILE H 123 70.92 -17.03 8.61
CA ILE H 123 71.20 -15.58 8.55
C ILE H 123 71.39 -15.15 7.10
N SER H 124 71.12 -13.88 6.83
CA SER H 124 71.26 -13.32 5.48
C SER H 124 71.74 -11.87 5.55
N TYR H 125 72.58 -11.49 4.60
CA TYR H 125 73.10 -10.12 4.52
C TYR H 125 72.50 -9.35 3.34
N SER H 126 72.46 -8.02 3.47
CA SER H 126 72.03 -7.15 2.39
C SER H 126 73.12 -6.14 2.08
N LEU H 127 73.25 -5.79 0.80
CA LEU H 127 74.29 -4.89 0.34
C LEU H 127 73.73 -3.59 -0.22
N ASP H 128 72.43 -3.56 -0.48
CA ASP H 128 71.76 -2.35 -0.93
C ASP H 128 70.92 -1.71 0.18
N GLY H 129 71.30 -1.99 1.43
CA GLY H 129 70.67 -1.38 2.59
C GLY H 129 69.33 -1.97 3.00
N GLY H 130 69.14 -3.26 2.72
CA GLY H 130 67.98 -4.00 3.24
C GLY H 130 66.80 -4.19 2.30
N TYR H 131 67.04 -4.07 1.00
CA TYR H 131 65.96 -4.22 0.03
C TYR H 131 66.02 -5.58 -0.66
N THR H 132 67.23 -6.02 -1.02
CA THR H 132 67.46 -7.39 -1.46
C THR H 132 68.42 -8.06 -0.49
N PHE H 133 68.20 -9.35 -0.24
CA PHE H 133 69.01 -10.11 0.71
C PHE H 133 69.63 -11.36 0.07
N THR H 134 70.86 -11.68 0.49
CA THR H 134 71.53 -12.89 0.07
C THR H 134 71.83 -13.76 1.29
N GLU H 135 71.54 -15.05 1.17
CA GLU H 135 71.76 -15.99 2.27
C GLU H 135 73.23 -16.24 2.55
N TYR H 136 73.55 -16.51 3.82
CA TYR H 136 74.87 -16.94 4.22
C TYR H 136 75.12 -18.33 3.67
N GLN H 137 76.32 -18.55 3.14
CA GLN H 137 76.60 -19.75 2.36
C GLN H 137 76.69 -21.04 3.18
N LYS H 138 77.06 -20.92 4.45
CA LYS H 138 77.17 -22.10 5.33
C LYS H 138 76.06 -22.18 6.37
N ASN H 139 74.82 -21.95 5.93
CA ASN H 139 73.62 -22.11 6.76
C ASN H 139 73.32 -23.58 7.01
N PRO H 140 72.74 -23.92 8.18
CA PRO H 140 72.30 -23.02 9.26
C PRO H 140 73.41 -22.64 10.23
N VAL H 141 73.12 -21.68 11.10
CA VAL H 141 74.06 -21.29 12.16
C VAL H 141 73.75 -22.01 13.48
N LEU H 142 72.58 -22.65 13.55
CA LEU H 142 72.18 -23.44 14.71
C LEU H 142 71.65 -24.80 14.29
N ALA H 143 72.30 -25.85 14.79
CA ALA H 143 72.12 -27.22 14.29
C ALA H 143 70.76 -27.87 14.58
N ALA H 144 70.33 -27.81 15.84
CA ALA H 144 69.22 -28.67 16.30
C ALA H 144 68.52 -28.21 17.60
N ASN H 145 67.79 -29.09 18.28
CA ASN H 145 67.55 -30.51 17.93
C ASN H 145 66.99 -30.74 16.52
N SER H 146 66.07 -29.89 16.08
CA SER H 146 65.54 -28.83 16.92
C SER H 146 64.12 -29.18 17.34
N THR H 147 63.89 -29.25 18.66
CA THR H 147 62.54 -29.15 19.16
C THR H 147 62.13 -27.77 18.68
N GLN H 148 60.84 -27.53 18.44
CA GLN H 148 60.43 -26.27 17.83
C GLN H 148 61.22 -25.06 18.35
N PHE H 149 62.00 -24.46 17.45
CA PHE H 149 62.91 -23.38 17.81
C PHE H 149 62.84 -22.20 16.83
N ARG H 150 62.30 -21.08 17.31
CA ARG H 150 61.95 -19.96 16.44
C ARG H 150 61.91 -18.57 17.12
N ASP H 151 61.65 -17.55 16.30
CA ASP H 151 61.51 -16.15 16.72
C ASP H 151 62.78 -15.55 17.37
N PRO H 152 63.94 -15.66 16.69
CA PRO H 152 65.19 -15.18 17.27
C PRO H 152 65.33 -13.66 17.27
N LYS H 153 65.46 -13.07 18.46
CA LYS H 153 65.70 -11.64 18.60
C LYS H 153 67.14 -11.41 19.02
N VAL H 154 67.89 -10.70 18.18
CA VAL H 154 69.33 -10.51 18.38
C VAL H 154 69.65 -9.05 18.69
N PHE H 155 70.51 -8.84 19.69
CA PHE H 155 70.97 -7.50 20.05
C PHE H 155 72.46 -7.47 20.43
N TRP H 156 73.03 -6.26 20.40
CA TRP H 156 74.44 -6.05 20.74
C TRP H 156 74.63 -5.80 22.21
N TYR H 157 75.68 -6.39 22.77
CA TYR H 157 76.02 -6.21 24.18
C TYR H 157 77.44 -5.68 24.31
N GLU H 158 77.56 -4.44 24.78
CA GLU H 158 78.86 -3.77 24.94
C GLU H 158 79.81 -4.45 25.93
N PRO H 159 79.36 -4.73 27.17
CA PRO H 159 80.27 -5.29 28.17
C PRO H 159 80.98 -6.58 27.74
N SER H 160 80.22 -7.60 27.32
CA SER H 160 80.82 -8.87 26.93
C SER H 160 81.24 -8.94 25.45
N GLN H 161 81.00 -7.84 24.72
CA GLN H 161 81.36 -7.73 23.30
C GLN H 161 80.82 -8.89 22.46
N LYS H 162 79.52 -9.17 22.61
CA LYS H 162 78.86 -10.29 21.96
C LYS H 162 77.47 -9.95 21.41
N TRP H 163 77.05 -10.67 20.37
CA TRP H 163 75.66 -10.67 19.93
C TRP H 163 74.89 -11.60 20.82
N ILE H 164 73.89 -11.07 21.50
CA ILE H 164 73.04 -11.87 22.37
C ILE H 164 71.71 -12.13 21.67
N MET H 165 71.35 -13.41 21.57
CA MET H 165 70.13 -13.83 20.88
C MET H 165 69.16 -14.52 21.83
N THR H 166 67.93 -14.01 21.86
CA THR H 166 66.87 -14.60 22.67
C THR H 166 65.83 -15.25 21.75
N ALA H 167 65.59 -16.55 21.95
CA ALA H 167 64.71 -17.33 21.09
C ALA H 167 63.72 -18.17 21.88
N ALA H 168 62.60 -18.51 21.25
CA ALA H 168 61.53 -19.25 21.91
C ALA H 168 61.60 -20.75 21.65
N LYS H 169 61.55 -21.52 22.73
CA LYS H 169 61.54 -22.98 22.67
C LYS H 169 60.14 -23.45 23.10
N SER H 170 59.24 -23.53 22.11
CA SER H 170 57.81 -23.74 22.35
C SER H 170 57.44 -25.09 22.98
N GLN H 171 58.19 -26.13 22.60
CA GLN H 171 57.93 -27.48 23.08
C GLN H 171 58.31 -27.68 24.54
N ASP H 172 59.37 -27.00 24.97
CA ASP H 172 59.87 -27.12 26.34
C ASP H 172 59.47 -25.94 27.24
N TYR H 173 58.62 -25.06 26.70
CA TYR H 173 58.07 -23.90 27.43
C TYR H 173 59.17 -23.04 28.05
N LYS H 174 60.20 -22.76 27.26
CA LYS H 174 61.34 -21.97 27.70
C LYS H 174 61.64 -20.83 26.71
N ILE H 175 62.55 -19.95 27.14
CA ILE H 175 63.17 -18.97 26.26
C ILE H 175 64.66 -19.13 26.45
N GLU H 176 65.35 -19.54 25.39
CA GLU H 176 66.80 -19.76 25.44
C GLU H 176 67.57 -18.52 25.02
N ILE H 177 68.71 -18.30 25.66
CA ILE H 177 69.60 -17.19 25.32
C ILE H 177 70.92 -17.73 24.74
N TYR H 178 71.30 -17.23 23.57
CA TYR H 178 72.53 -17.65 22.89
C TYR H 178 73.48 -16.48 22.70
N SER H 179 74.78 -16.78 22.66
CA SER H 179 75.82 -15.77 22.49
C SER H 179 76.72 -16.07 21.30
N SER H 180 77.19 -15.01 20.64
CA SER H 180 78.11 -15.12 19.50
C SER H 180 78.78 -13.78 19.25
N ASP H 181 80.03 -13.82 18.81
CA ASP H 181 80.71 -12.61 18.34
C ASP H 181 80.88 -12.65 16.83
N ASP H 182 80.97 -13.88 16.31
CA ASP H 182 81.05 -14.12 14.87
C ASP H 182 79.69 -13.90 14.20
N LEU H 183 78.62 -14.24 14.93
CA LEU H 183 77.25 -14.25 14.43
C LEU H 183 76.95 -15.54 13.64
N LYS H 184 78.01 -16.30 13.36
CA LYS H 184 77.89 -17.55 12.60
C LYS H 184 77.78 -18.78 13.49
N SER H 185 78.28 -18.68 14.72
CA SER H 185 78.24 -19.81 15.67
C SER H 185 77.79 -19.35 17.05
N TRP H 186 76.72 -19.99 17.55
CA TRP H 186 76.08 -19.58 18.79
C TRP H 186 76.26 -20.59 19.88
N LYS H 187 76.52 -20.09 21.09
CA LYS H 187 76.66 -20.94 22.28
C LYS H 187 75.50 -20.68 23.26
N LEU H 188 74.84 -21.76 23.67
CA LEU H 188 73.75 -21.70 24.63
C LEU H 188 74.25 -21.19 25.98
N GLU H 189 73.48 -20.31 26.60
CA GLU H 189 73.92 -19.72 27.87
C GLU H 189 72.96 -19.99 29.03
N SER H 190 71.67 -19.65 28.84
CA SER H 190 70.67 -19.81 29.90
C SER H 190 69.32 -20.22 29.34
N ALA H 191 68.30 -20.10 30.19
CA ALA H 191 66.90 -20.25 29.80
C ALA H 191 65.97 -19.39 30.67
N PHE H 192 64.72 -19.26 30.21
CA PHE H 192 63.68 -18.50 30.91
C PHE H 192 62.34 -19.16 30.53
N ALA H 193 61.35 -19.25 31.42
CA ALA H 193 61.32 -18.73 32.78
C ALA H 193 60.07 -19.31 33.41
N ASN H 194 59.53 -18.61 34.42
CA ASN H 194 58.21 -18.94 34.95
C ASN H 194 57.21 -18.95 33.79
N GLU H 195 56.42 -20.01 33.66
CA GLU H 195 56.31 -21.12 34.62
C GLU H 195 55.02 -20.92 35.39
N GLY H 196 54.60 -19.66 35.52
CA GLY H 196 53.23 -19.34 35.89
C GLY H 196 52.35 -19.84 34.77
N PHE H 197 52.83 -19.66 33.54
CA PHE H 197 52.18 -20.25 32.37
C PHE H 197 53.11 -21.23 31.66
N LEU H 198 52.91 -22.51 31.93
CA LEU H 198 53.54 -23.57 31.16
C LEU H 198 52.42 -24.45 30.58
N GLY H 199 52.67 -25.01 29.40
CA GLY H 199 51.60 -25.62 28.62
C GLY H 199 51.14 -24.56 27.63
N TYR H 200 51.32 -23.31 28.03
CA TYR H 200 51.18 -22.16 27.16
C TYR H 200 52.37 -22.16 26.21
N GLN H 201 52.18 -21.66 25.00
CA GLN H 201 53.26 -21.59 24.02
C GLN H 201 53.97 -20.25 24.05
N TYR H 202 55.30 -20.30 24.12
CA TYR H 202 56.10 -19.08 24.09
C TYR H 202 56.41 -18.71 22.64
N GLU H 203 56.28 -17.43 22.34
CA GLU H 203 56.59 -16.90 21.01
C GLU H 203 57.21 -15.52 21.07
N CYS H 204 57.83 -15.13 19.96
CA CYS H 204 58.42 -13.80 19.75
C CYS H 204 58.99 -13.13 21.00
N PRO H 205 60.08 -13.70 21.57
CA PRO H 205 60.70 -13.05 22.73
C PRO H 205 61.59 -11.90 22.31
N GLY H 206 61.87 -11.00 23.25
CA GLY H 206 62.71 -9.84 23.00
C GLY H 206 63.33 -9.33 24.30
N LEU H 207 64.51 -8.74 24.20
CA LEU H 207 65.22 -8.26 25.38
C LEU H 207 65.86 -6.90 25.14
N ILE H 208 65.30 -5.87 25.78
CA ILE H 208 65.73 -4.49 25.56
C ILE H 208 65.81 -3.69 26.86
N GLU H 209 66.76 -2.76 26.91
CA GLU H 209 66.88 -1.82 28.03
C GLU H 209 65.93 -0.65 27.84
N VAL H 210 64.99 -0.51 28.78
CA VAL H 210 63.93 0.48 28.68
C VAL H 210 64.18 1.65 29.63
N PRO H 211 64.42 2.85 29.06
CA PRO H 211 64.65 4.07 29.86
C PRO H 211 63.53 4.36 30.85
N THR H 212 63.85 5.11 31.90
CA THR H 212 62.89 5.43 32.95
C THR H 212 62.30 6.82 32.70
N GLU H 213 61.12 7.07 33.24
CA GLU H 213 60.60 8.43 33.37
C GLU H 213 61.31 9.09 34.55
N GLN H 214 61.15 10.41 34.68
CA GLN H 214 61.77 11.23 35.74
C GLN H 214 63.31 11.17 35.76
N ASP H 215 63.88 10.18 35.07
CA ASP H 215 65.31 10.07 34.83
C ASP H 215 65.59 9.17 33.63
N PRO H 216 65.70 9.77 32.42
CA PRO H 216 65.95 9.01 31.19
C PRO H 216 67.35 8.39 31.12
N SER H 217 68.22 8.74 32.06
CA SER H 217 69.57 8.21 32.14
C SER H 217 69.57 6.75 32.63
N LYS H 218 68.76 6.48 33.66
CA LYS H 218 68.58 5.12 34.18
C LYS H 218 67.77 4.25 33.23
N SER H 219 67.90 2.93 33.38
CA SER H 219 67.14 1.96 32.58
C SER H 219 67.15 0.58 33.23
N TYR H 220 66.14 -0.23 32.92
CA TYR H 220 66.05 -1.60 33.38
C TYR H 220 65.90 -2.55 32.20
N TRP H 221 66.35 -3.79 32.39
CA TRP H 221 66.17 -4.83 31.37
C TRP H 221 64.77 -5.36 31.40
N VAL H 222 64.14 -5.35 30.22
CA VAL H 222 62.77 -5.85 30.07
C VAL H 222 62.73 -6.99 29.05
N MET H 223 62.15 -8.11 29.46
CA MET H 223 61.98 -9.28 28.61
C MET H 223 60.54 -9.34 28.12
N PHE H 224 60.35 -9.23 26.80
CA PHE H 224 59.05 -9.36 26.17
C PHE H 224 58.81 -10.80 25.73
N ILE H 225 57.66 -11.36 26.08
CA ILE H 225 57.24 -12.66 25.56
C ILE H 225 55.82 -12.56 25.01
N SER H 226 55.60 -13.14 23.83
CA SER H 226 54.26 -13.29 23.31
C SER H 226 53.75 -14.66 23.73
N ILE H 227 52.69 -14.66 24.53
CA ILE H 227 52.14 -15.90 25.08
C ILE H 227 50.79 -16.21 24.43
N ASN H 228 50.72 -17.40 23.86
CA ASN H 228 49.49 -17.93 23.34
C ASN H 228 49.43 -19.41 23.63
N PRO H 229 48.24 -19.88 23.94
CA PRO H 229 47.21 -18.99 24.44
C PRO H 229 46.30 -19.71 25.40
N GLY H 230 45.56 -20.63 24.80
CA GLY H 230 44.35 -21.20 25.36
C GLY H 230 43.25 -20.31 24.80
N ALA H 231 42.09 -20.86 24.51
CA ALA H 231 40.95 -20.02 24.18
C ALA H 231 40.09 -19.89 25.43
N PRO H 232 40.02 -20.97 26.19
CA PRO H 232 39.33 -21.00 27.46
C PRO H 232 39.98 -20.03 28.42
N ALA H 233 41.30 -19.99 28.36
CA ALA H 233 42.07 -19.01 29.07
C ALA H 233 41.78 -17.72 28.33
N GLY H 234 42.18 -16.60 28.89
CA GLY H 234 41.75 -15.33 28.39
C GLY H 234 42.04 -15.20 26.92
N GLY H 235 43.22 -15.64 26.53
CA GLY H 235 43.57 -15.65 25.11
C GLY H 235 44.99 -15.26 24.83
N SER H 236 45.29 -14.93 23.58
CA SER H 236 46.62 -14.49 23.23
C SER H 236 46.89 -13.19 23.98
N PHE H 237 48.09 -13.06 24.54
CA PHE H 237 48.50 -11.84 25.21
C PHE H 237 50.01 -11.63 25.12
N ASN H 238 50.41 -10.36 25.04
CA ASN H 238 51.82 -10.00 25.01
C ASN H 238 52.28 -9.59 26.40
N GLN H 239 53.23 -10.34 26.95
CA GLN H 239 53.67 -10.20 28.34
C GLN H 239 55.06 -9.57 28.43
N TYR H 240 55.34 -8.90 29.54
CA TYR H 240 56.69 -8.36 29.81
C TYR H 240 57.16 -8.63 31.24
N PHE H 241 58.48 -8.78 31.39
CA PHE H 241 59.13 -8.95 32.69
C PHE H 241 60.22 -7.90 32.88
N VAL H 242 60.13 -7.13 33.96
CA VAL H 242 61.22 -6.22 34.35
C VAL H 242 62.21 -7.00 35.19
N GLY H 243 63.49 -6.93 34.83
CA GLY H 243 64.52 -7.70 35.53
C GLY H 243 65.95 -7.27 35.34
N SER H 244 66.85 -8.25 35.49
CA SER H 244 68.29 -8.00 35.48
C SER H 244 69.00 -8.96 34.52
N PHE H 245 69.90 -8.40 33.71
CA PHE H 245 70.65 -9.20 32.74
C PHE H 245 72.16 -9.00 32.92
N ASN H 246 72.82 -10.05 33.37
CA ASN H 246 74.26 -9.99 33.66
C ASN H 246 75.15 -10.15 32.42
N GLY H 247 74.58 -10.69 31.35
CA GLY H 247 75.34 -10.94 30.13
C GLY H 247 75.16 -12.36 29.64
N THR H 248 74.55 -13.20 30.49
CA THR H 248 74.26 -14.60 30.15
C THR H 248 72.90 -15.08 30.70
N HIS H 249 72.49 -14.51 31.83
CA HIS H 249 71.25 -14.91 32.51
C HIS H 249 70.31 -13.76 32.73
N PHE H 250 69.01 -14.04 32.69
CA PHE H 250 67.99 -13.03 32.98
C PHE H 250 67.25 -13.31 34.29
N GLU H 251 67.25 -12.33 35.18
CA GLU H 251 66.61 -12.43 36.48
C GLU H 251 65.33 -11.59 36.47
N ALA H 252 64.19 -12.22 36.67
CA ALA H 252 62.92 -11.50 36.79
C ALA H 252 62.73 -11.01 38.22
N PHE H 253 62.28 -9.78 38.41
CA PHE H 253 61.99 -9.31 39.75
C PHE H 253 60.64 -9.84 40.13
N ASP H 254 60.54 -10.49 41.28
CA ASP H 254 59.26 -11.06 41.61
C ASP H 254 58.30 -9.89 41.66
N ASN H 255 57.10 -10.13 41.17
CA ASN H 255 56.10 -9.09 41.17
C ASN H 255 56.50 -7.84 40.42
N GLN H 256 57.16 -8.02 39.28
CA GLN H 256 57.28 -6.93 38.32
C GLN H 256 56.99 -7.45 36.91
N SER H 257 55.74 -7.85 36.70
CA SER H 257 55.31 -8.40 35.42
C SER H 257 53.84 -8.10 35.14
N ARG H 258 53.59 -7.45 33.99
CA ARG H 258 52.24 -7.14 33.53
C ARG H 258 52.12 -7.48 32.05
N VAL H 259 50.90 -7.46 31.52
CA VAL H 259 50.71 -7.59 30.08
C VAL H 259 51.03 -6.25 29.41
N VAL H 260 51.58 -6.32 28.20
CA VAL H 260 51.94 -5.11 27.45
C VAL H 260 50.68 -4.31 27.10
N ASP H 261 49.75 -4.98 26.44
CA ASP H 261 48.52 -4.36 25.98
C ASP H 261 47.33 -5.17 26.47
N PHE H 262 46.35 -4.47 27.02
CA PHE H 262 45.20 -5.13 27.63
C PHE H 262 44.11 -5.48 26.62
N GLY H 263 44.27 -4.98 25.39
CA GLY H 263 43.34 -5.29 24.30
C GLY H 263 43.47 -6.73 23.82
N LYS H 264 42.53 -7.14 22.96
CA LYS H 264 42.49 -8.51 22.48
C LYS H 264 43.28 -8.68 21.18
N ASP H 265 43.67 -7.56 20.57
CA ASP H 265 44.34 -7.58 19.27
C ASP H 265 45.69 -6.85 19.30
N TYR H 266 46.67 -7.49 19.92
CA TYR H 266 48.01 -6.93 20.07
C TYR H 266 48.90 -8.10 20.44
N TYR H 267 49.70 -8.56 19.48
CA TYR H 267 50.47 -9.80 19.63
C TYR H 267 51.74 -9.75 18.77
N ALA H 268 52.70 -10.61 19.11
CA ALA H 268 53.97 -10.77 18.38
C ALA H 268 54.84 -9.52 18.35
N LEU H 269 54.83 -8.77 19.45
CA LEU H 269 55.58 -7.52 19.57
C LEU H 269 57.07 -7.73 19.37
N GLN H 270 57.68 -6.87 18.57
CA GLN H 270 59.13 -6.80 18.42
C GLN H 270 59.58 -5.35 18.49
N THR H 271 60.69 -5.11 19.18
CA THR H 271 61.27 -3.77 19.28
C THR H 271 62.32 -3.54 18.18
N PHE H 272 62.47 -2.27 17.78
CA PHE H 272 63.52 -1.89 16.83
C PHE H 272 64.90 -2.16 17.40
N PHE H 273 65.84 -2.52 16.52
CA PHE H 273 67.23 -2.74 16.92
C PHE H 273 67.93 -1.41 17.18
N ASN H 274 67.57 -0.40 16.40
CA ASN H 274 68.09 0.96 16.56
C ASN H 274 67.05 1.96 16.10
N THR H 275 67.12 3.18 16.64
CA THR H 275 66.13 4.21 16.35
C THR H 275 66.75 5.57 16.06
N ASP H 276 65.90 6.51 15.66
CA ASP H 276 66.26 7.92 15.53
C ASP H 276 65.80 8.65 16.79
N PRO H 277 66.75 9.19 17.58
CA PRO H 277 66.36 9.95 18.77
C PRO H 277 66.72 11.45 18.70
N THR H 278 65.76 12.38 18.53
CA THR H 278 64.33 12.18 18.26
C THR H 278 63.56 11.14 19.12
N TYR H 279 62.78 10.27 18.47
CA TYR H 279 61.86 9.33 19.13
C TYR H 279 62.47 8.54 20.29
N GLY H 280 63.72 8.09 20.10
CA GLY H 280 64.53 7.47 21.16
C GLY H 280 64.05 6.12 21.63
N SER H 281 64.79 5.07 21.29
CA SER H 281 64.47 3.70 21.72
C SER H 281 64.41 3.61 23.26
N ALA H 282 63.58 2.73 23.82
CA ALA H 282 62.90 1.64 23.11
C ALA H 282 61.67 2.05 22.30
N LEU H 283 61.60 1.51 21.07
CA LEU H 283 60.45 1.64 20.19
C LEU H 283 59.98 0.26 19.74
N GLY H 284 58.67 0.05 19.73
CA GLY H 284 58.10 -1.26 19.37
C GLY H 284 56.79 -1.23 18.59
N ILE H 285 56.60 -2.23 17.74
CA ILE H 285 55.39 -2.38 16.95
C ILE H 285 54.87 -3.81 17.07
N ALA H 286 53.56 -4.00 16.94
CA ALA H 286 52.95 -5.31 17.11
C ALA H 286 51.93 -5.67 16.02
N TRP H 287 51.76 -6.96 15.80
CA TRP H 287 50.71 -7.47 14.93
C TRP H 287 49.41 -7.31 15.63
N ALA H 288 48.58 -6.42 15.11
CA ALA H 288 47.32 -6.05 15.76
C ALA H 288 46.18 -7.02 15.42
N SER H 289 46.30 -8.26 15.92
CA SER H 289 45.24 -9.26 15.78
C SER H 289 45.40 -10.39 16.80
N ASN H 290 44.58 -11.43 16.65
CA ASN H 290 44.48 -12.52 17.61
C ASN H 290 44.29 -13.84 16.88
N TRP H 291 45.13 -14.82 17.20
CA TRP H 291 45.14 -16.13 16.51
C TRP H 291 43.85 -16.91 16.53
N GLU H 292 42.96 -16.59 17.46
CA GLU H 292 41.71 -17.34 17.61
C GLU H 292 40.71 -17.09 16.47
N TYR H 293 40.83 -15.94 15.80
CA TYR H 293 39.88 -15.54 14.77
C TYR H 293 40.47 -14.68 13.64
N SER H 294 41.76 -14.35 13.73
CA SER H 294 42.43 -13.45 12.78
C SER H 294 42.24 -13.83 11.31
N ALA H 295 42.07 -15.14 11.08
CA ALA H 295 41.94 -15.67 9.72
C ALA H 295 40.51 -15.56 9.16
N PHE H 296 39.61 -15.00 9.96
CA PHE H 296 38.20 -14.90 9.56
C PHE H 296 37.66 -13.48 9.56
N VAL H 297 38.53 -12.51 9.84
CA VAL H 297 38.14 -11.11 9.78
C VAL H 297 37.77 -10.68 8.34
N PRO H 298 36.74 -9.82 8.19
CA PRO H 298 36.22 -9.47 6.87
C PRO H 298 36.97 -8.30 6.22
N THR H 299 38.19 -8.56 5.77
CA THR H 299 38.97 -7.55 5.06
C THR H 299 39.46 -8.11 3.71
N ASN H 300 39.46 -7.26 2.70
CA ASN H 300 39.78 -7.67 1.34
C ASN H 300 40.45 -6.55 0.55
N PRO H 301 41.50 -6.86 -0.22
CA PRO H 301 42.10 -8.18 -0.48
C PRO H 301 43.25 -8.52 0.48
N TRP H 302 43.34 -7.81 1.60
CA TRP H 302 44.39 -8.05 2.59
C TRP H 302 43.78 -8.46 3.89
N ARG H 303 44.60 -9.05 4.76
CA ARG H 303 44.22 -9.31 6.14
C ARG H 303 45.32 -8.87 7.09
N SER H 304 44.91 -8.30 8.22
CA SER H 304 45.81 -7.87 9.29
C SER H 304 46.39 -6.49 9.08
N SER H 305 46.32 -5.68 10.13
CA SER H 305 47.06 -4.42 10.22
C SER H 305 48.08 -4.57 11.31
N MET H 306 49.14 -3.77 11.25
CA MET H 306 50.07 -3.69 12.36
C MET H 306 49.48 -2.67 13.33
N SER H 307 50.06 -2.55 14.52
CA SER H 307 49.67 -1.47 15.43
C SER H 307 50.49 -0.20 15.15
N LEU H 308 50.33 0.81 15.99
CA LEU H 308 51.20 1.97 15.94
C LEU H 308 52.53 1.65 16.63
N VAL H 309 53.59 2.33 16.22
CA VAL H 309 54.88 2.20 16.89
C VAL H 309 54.80 2.96 18.21
N ARG H 310 55.31 2.36 19.27
CA ARG H 310 55.18 2.95 20.60
C ARG H 310 56.53 3.16 21.27
N LYS H 311 56.72 4.33 21.85
CA LYS H 311 57.92 4.65 22.63
C LYS H 311 57.74 4.13 24.06
N PHE H 312 58.48 3.08 24.40
CA PHE H 312 58.40 2.49 25.74
C PHE H 312 59.26 3.26 26.74
N SER H 313 58.73 3.39 27.95
CA SER H 313 59.43 4.00 29.08
C SER H 313 58.91 3.42 30.39
N LEU H 314 59.79 3.26 31.37
CA LEU H 314 59.39 2.68 32.65
C LEU H 314 59.04 3.75 33.68
N ASN H 315 57.93 3.54 34.37
CA ASN H 315 57.37 4.49 35.30
C ASN H 315 57.49 3.97 36.73
N THR H 316 58.69 4.09 37.28
CA THR H 316 59.04 3.52 38.60
C THR H 316 58.11 3.96 39.74
N GLU H 317 57.58 5.17 39.65
CA GLU H 317 56.57 5.64 40.58
C GLU H 317 55.20 5.56 39.92
N TYR H 318 54.39 4.61 40.38
CA TYR H 318 53.07 4.37 39.80
C TYR H 318 51.98 4.29 40.86
N GLN H 319 52.20 3.43 41.86
CA GLN H 319 51.18 3.11 42.86
C GLN H 319 49.95 2.54 42.15
N ALA H 320 48.75 2.94 42.58
CA ALA H 320 47.53 2.59 41.90
C ALA H 320 47.54 1.10 41.50
N ASN H 321 47.29 0.20 42.44
CA ASN H 321 46.70 0.46 43.77
C ASN H 321 47.49 1.25 44.81
N PRO H 322 46.77 1.86 45.78
CA PRO H 322 47.39 2.52 46.93
C PRO H 322 48.38 1.56 47.55
N GLU H 323 48.33 0.31 47.09
CA GLU H 323 49.34 -0.69 47.38
C GLU H 323 50.72 -0.21 46.89
N THR H 324 51.77 -0.63 47.58
CA THR H 324 53.13 -0.16 47.30
C THR H 324 53.46 -0.19 45.80
N GLU H 325 54.08 0.88 45.32
CA GLU H 325 54.35 1.06 43.89
C GLU H 325 55.33 0.05 43.30
N LEU H 326 55.23 -0.14 41.99
CA LEU H 326 56.03 -1.09 41.25
C LEU H 326 56.35 -0.48 39.88
N ILE H 327 57.42 -0.96 39.26
CA ILE H 327 57.85 -0.46 37.96
C ILE H 327 56.77 -0.76 36.91
N ASN H 328 56.30 0.29 36.25
CA ASN H 328 55.22 0.17 35.27
C ASN H 328 55.68 0.60 33.88
N LEU H 329 55.35 -0.21 32.88
CA LEU H 329 55.69 0.10 31.50
C LEU H 329 54.63 1.01 30.86
N LYS H 330 55.09 2.14 30.33
CA LYS H 330 54.18 3.05 29.63
C LYS H 330 54.60 3.30 28.18
N ALA H 331 53.66 3.05 27.28
CA ALA H 331 53.90 3.18 25.85
C ALA H 331 53.13 4.36 25.28
N GLU H 332 53.87 5.31 24.69
CA GLU H 332 53.29 6.49 24.04
C GLU H 332 53.26 6.28 22.54
N PRO H 333 52.19 6.74 21.86
CA PRO H 333 52.05 6.52 20.42
C PRO H 333 53.01 7.36 19.59
N ILE H 334 53.51 6.79 18.49
CA ILE H 334 54.28 7.55 17.50
C ILE H 334 53.37 7.76 16.30
N LEU H 335 52.87 8.99 16.16
CA LEU H 335 51.91 9.33 15.10
C LEU H 335 52.10 10.74 14.57
N ASN H 336 52.55 10.83 13.32
CA ASN H 336 52.76 12.12 12.66
C ASN H 336 51.55 12.58 11.88
N ILE H 337 50.98 13.71 12.31
CA ILE H 337 49.74 14.26 11.75
C ILE H 337 50.06 15.12 10.53
N SER H 338 49.39 14.82 9.42
CA SER H 338 49.50 15.61 8.19
C SER H 338 48.39 16.65 8.14
N ASN H 339 47.14 16.19 8.24
CA ASN H 339 45.98 17.06 8.25
C ASN H 339 45.65 17.51 9.69
N ALA H 340 46.40 18.51 10.17
CA ALA H 340 46.29 19.02 11.53
C ALA H 340 45.05 19.91 11.72
N GLY H 341 44.36 19.71 12.85
CA GLY H 341 43.15 20.47 13.18
C GLY H 341 41.93 20.07 12.35
N PRO H 342 40.76 20.66 12.65
CA PRO H 342 40.47 21.47 13.83
C PRO H 342 39.67 20.69 14.88
N TRP H 343 39.94 20.95 16.16
CA TRP H 343 39.21 20.26 17.24
C TRP H 343 37.77 20.66 17.31
N SER H 344 36.93 19.69 17.65
CA SER H 344 35.54 19.94 18.04
C SER H 344 35.41 19.48 19.48
N ARG H 345 34.78 20.29 20.33
CA ARG H 345 34.65 19.94 21.73
C ARG H 345 33.23 19.94 22.30
N PHE H 346 33.02 19.06 23.26
CA PHE H 346 31.78 18.98 24.02
C PHE H 346 31.86 19.94 25.20
N ALA H 347 30.93 19.81 26.13
CA ALA H 347 30.94 20.63 27.32
C ALA H 347 32.22 20.40 28.10
N THR H 348 32.78 21.49 28.62
CA THR H 348 34.07 21.50 29.28
C THR H 348 33.90 22.20 30.62
N ASN H 349 34.77 21.91 31.59
CA ASN H 349 34.52 22.41 32.95
C ASN H 349 33.03 22.34 33.26
N THR H 350 32.53 21.13 33.42
CA THR H 350 31.09 20.86 33.45
C THR H 350 30.74 19.54 34.14
N THR H 351 29.58 19.51 34.80
CA THR H 351 29.07 18.30 35.44
C THR H 351 27.96 17.67 34.59
N LEU H 352 28.11 16.38 34.35
CA LEU H 352 27.14 15.61 33.55
C LEU H 352 25.93 15.16 34.35
N THR H 353 24.76 15.30 33.73
CA THR H 353 23.54 14.71 34.28
C THR H 353 22.97 13.68 33.30
N LYS H 354 22.35 12.65 33.85
CA LYS H 354 21.74 11.56 33.07
C LYS H 354 20.74 12.09 32.04
N ALA H 355 20.00 13.11 32.43
CA ALA H 355 18.87 13.65 31.66
C ALA H 355 19.21 14.16 30.26
N ASN H 356 20.47 14.48 29.99
CA ASN H 356 20.84 15.06 28.70
C ASN H 356 22.22 14.68 28.16
N SER H 357 22.32 14.61 26.83
CA SER H 357 23.50 14.06 26.16
C SER H 357 24.13 15.00 25.13
N TYR H 358 25.39 14.79 24.83
CA TYR H 358 26.14 15.62 23.88
C TYR H 358 26.39 14.91 22.55
N ASN H 359 26.60 15.70 21.49
CA ASN H 359 26.77 15.20 20.12
C ASN H 359 27.53 16.17 19.22
N VAL H 360 28.57 15.66 18.55
CA VAL H 360 29.14 16.34 17.39
C VAL H 360 29.01 15.39 16.22
N ASP H 361 28.44 15.89 15.13
CA ASP H 361 28.15 15.06 13.97
C ASP H 361 29.11 15.32 12.81
N LEU H 362 30.25 14.62 12.84
CA LEU H 362 31.30 14.80 11.82
C LEU H 362 30.92 14.21 10.47
N SER H 363 30.19 14.99 9.68
CA SER H 363 29.45 14.50 8.50
C SER H 363 30.27 13.83 7.41
N ASN H 364 31.44 14.37 7.10
CA ASN H 364 32.30 13.73 6.09
C ASN H 364 33.67 13.30 6.59
N SER H 365 33.67 12.65 7.76
CA SER H 365 34.87 12.00 8.27
C SER H 365 35.00 10.63 7.62
N THR H 366 36.23 10.24 7.31
CA THR H 366 36.50 8.99 6.61
C THR H 366 36.30 7.77 7.50
N GLY H 367 36.39 7.97 8.81
CA GLY H 367 36.35 6.87 9.77
C GLY H 367 37.70 6.73 10.46
N THR H 368 38.56 7.74 10.30
CA THR H 368 39.80 7.85 11.04
C THR H 368 39.80 9.15 11.82
N LEU H 369 39.62 9.02 13.13
CA LEU H 369 39.55 10.19 14.02
C LEU H 369 40.20 9.89 15.37
N GLU H 370 40.64 10.94 16.05
CA GLU H 370 41.22 10.81 17.37
C GLU H 370 40.42 11.61 18.41
N PHE H 371 40.49 11.18 19.66
CA PHE H 371 39.76 11.86 20.73
C PHE H 371 40.56 11.92 22.02
N GLU H 372 40.26 12.93 22.82
CA GLU H 372 40.97 13.22 24.05
C GLU H 372 39.97 13.54 25.15
N LEU H 373 39.81 12.61 26.08
CA LEU H 373 38.84 12.76 27.17
C LEU H 373 39.54 12.84 28.52
N VAL H 374 39.20 13.88 29.28
CA VAL H 374 39.67 14.03 30.66
C VAL H 374 38.48 14.23 31.60
N TYR H 375 38.12 13.17 32.32
CA TYR H 375 36.96 13.19 33.19
C TYR H 375 37.36 12.98 34.64
N ALA H 376 36.50 13.44 35.55
CA ALA H 376 36.73 13.24 36.98
C ALA H 376 35.50 12.61 37.64
N VAL H 377 35.72 11.62 38.50
CA VAL H 377 34.63 10.99 39.26
C VAL H 377 34.50 11.63 40.64
N ASN H 378 33.28 12.07 40.95
CA ASN H 378 33.00 12.72 42.23
C ASN H 378 32.83 11.71 43.36
N THR H 379 33.91 11.53 44.11
CA THR H 379 33.95 10.63 45.25
C THR H 379 33.03 11.00 46.42
N THR H 380 32.88 12.30 46.67
CA THR H 380 32.41 12.82 47.94
C THR H 380 31.09 12.28 48.49
N GLN H 381 30.07 12.21 47.68
CA GLN H 381 28.76 11.68 48.08
C GLN H 381 28.43 10.68 47.02
N THR H 382 27.31 10.88 46.29
CA THR H 382 27.03 10.01 45.17
C THR H 382 27.21 8.57 45.62
N ILE H 383 26.51 8.19 46.69
CA ILE H 383 26.79 6.94 47.38
C ILE H 383 26.71 5.82 46.38
N SER H 384 25.69 5.88 45.52
CA SER H 384 25.68 5.01 44.36
C SER H 384 24.99 3.71 44.71
N LYS H 385 23.76 3.57 44.23
CA LYS H 385 23.03 2.37 44.37
C LYS H 385 23.60 1.34 43.40
N SER H 386 23.06 0.13 43.46
CA SER H 386 23.34 -0.84 42.47
C SER H 386 22.59 -0.49 41.20
N VAL H 387 23.00 0.62 40.60
CA VAL H 387 22.49 1.09 39.33
C VAL H 387 23.70 1.45 38.50
N PHE H 388 23.62 1.29 37.18
CA PHE H 388 24.80 1.47 36.36
C PHE H 388 25.24 2.92 36.50
N ALA H 389 26.50 3.11 36.87
CA ALA H 389 27.12 4.42 36.98
C ALA H 389 28.12 4.66 35.86
N ASP H 390 27.62 4.80 34.63
CA ASP H 390 28.50 4.91 33.47
C ASP H 390 28.66 6.32 32.95
N LEU H 391 29.85 6.58 32.40
CA LEU H 391 30.09 7.66 31.45
C LEU H 391 30.44 6.93 30.17
N SER H 392 29.68 7.19 29.11
CA SER H 392 29.84 6.46 27.86
C SER H 392 30.08 7.35 26.67
N LEU H 393 31.01 6.94 25.83
CA LEU H 393 31.19 7.55 24.52
C LEU H 393 30.61 6.65 23.46
N TRP H 394 29.92 7.24 22.50
CA TRP H 394 29.30 6.48 21.41
C TRP H 394 29.79 6.98 20.10
N PHE H 395 30.39 6.09 19.32
CA PHE H 395 30.71 6.45 17.95
C PHE H 395 29.70 5.75 17.08
N LYS H 396 28.94 6.56 16.37
CA LYS H 396 27.68 6.16 15.79
C LYS H 396 27.57 6.74 14.40
N GLY H 397 26.58 6.29 13.67
CA GLY H 397 26.39 6.75 12.33
C GLY H 397 27.23 5.91 11.45
N LEU H 398 27.49 6.37 10.23
CA LEU H 398 27.16 7.70 9.79
C LEU H 398 25.98 7.57 8.87
N GLU H 399 26.15 6.72 7.88
CA GLU H 399 25.06 6.25 7.04
C GLU H 399 24.09 5.41 7.84
N ASP H 400 24.59 4.56 8.72
CA ASP H 400 23.73 3.68 9.49
C ASP H 400 24.03 3.56 10.97
N PRO H 401 23.71 4.56 11.78
CA PRO H 401 23.89 4.38 13.22
C PRO H 401 23.25 3.04 13.59
N GLU H 402 23.03 2.74 14.87
CA GLU H 402 22.50 1.42 15.25
C GLU H 402 23.63 0.41 14.97
N GLU H 403 24.68 0.92 14.34
CA GLU H 403 25.93 0.21 14.12
C GLU H 403 27.00 1.13 14.70
N TYR H 404 27.40 0.86 15.93
CA TYR H 404 28.19 1.78 16.71
C TYR H 404 29.14 1.00 17.60
N LEU H 405 30.18 1.66 18.11
CA LEU H 405 30.91 1.08 19.24
C LEU H 405 30.87 1.96 20.48
N ARG H 406 30.60 1.31 21.61
CA ARG H 406 30.45 1.96 22.89
C ARG H 406 31.71 1.75 23.73
N MET H 407 32.08 2.80 24.46
CA MET H 407 33.14 2.72 25.48
C MET H 407 32.96 3.82 26.52
N GLY H 408 33.49 3.59 27.71
CA GLY H 408 33.38 4.54 28.80
C GLY H 408 33.71 3.93 30.16
N PHE H 409 33.50 4.72 31.20
CA PHE H 409 33.86 4.31 32.56
C PHE H 409 32.64 4.06 33.44
N GLU H 410 32.62 2.90 34.10
CA GLU H 410 31.58 2.58 35.06
C GLU H 410 32.20 2.56 36.45
N VAL H 411 31.65 3.37 37.35
CA VAL H 411 32.25 3.66 38.66
C VAL H 411 32.23 2.45 39.58
N SER H 412 31.04 1.87 39.73
CA SER H 412 30.82 0.71 40.57
C SER H 412 31.84 -0.41 40.30
N ALA H 413 32.14 -0.64 39.03
CA ALA H 413 33.08 -1.70 38.62
C ALA H 413 34.53 -1.24 38.54
N SER H 414 34.74 0.08 38.65
CA SER H 414 36.07 0.71 38.56
C SER H 414 36.90 0.24 37.36
N SER H 415 36.32 0.33 36.16
CA SER H 415 37.01 -0.03 34.92
C SER H 415 36.44 0.65 33.67
N PHE H 416 37.26 0.72 32.62
CA PHE H 416 36.87 1.32 31.35
C PHE H 416 36.46 0.25 30.34
N PHE H 417 35.16 0.16 30.05
CA PHE H 417 34.63 -0.89 29.18
C PHE H 417 34.64 -0.51 27.69
N LEU H 418 34.61 -1.53 26.83
CA LEU H 418 34.50 -1.36 25.38
C LEU H 418 33.61 -2.45 24.80
N ASP H 419 32.59 -2.04 24.05
CA ASP H 419 31.66 -2.98 23.43
C ASP H 419 31.73 -2.89 21.90
N ARG H 420 32.66 -3.65 21.33
CA ARG H 420 32.87 -3.67 19.87
C ARG H 420 31.87 -4.57 19.12
N GLY H 421 30.85 -5.06 19.83
CA GLY H 421 29.67 -5.65 19.18
C GLY H 421 28.82 -4.52 18.61
N ASN H 422 27.60 -4.84 18.18
CA ASN H 422 26.73 -3.88 17.47
C ASN H 422 27.28 -3.58 16.09
N SER H 423 27.38 -4.62 15.28
CA SER H 423 27.67 -4.49 13.86
C SER H 423 26.82 -5.47 13.06
N LYS H 424 26.38 -5.05 11.89
CA LYS H 424 25.61 -5.92 11.02
C LYS H 424 26.49 -6.93 10.27
N VAL H 425 27.80 -6.68 10.27
CA VAL H 425 28.75 -7.52 9.56
C VAL H 425 28.66 -8.95 10.04
N LYS H 426 28.80 -9.89 9.11
CA LYS H 426 28.58 -11.30 9.39
C LYS H 426 29.57 -11.84 10.41
N PHE H 427 30.84 -11.46 10.29
CA PHE H 427 31.84 -11.94 11.22
C PHE H 427 31.82 -11.07 12.47
N VAL H 428 30.73 -11.17 13.22
CA VAL H 428 30.63 -10.56 14.52
C VAL H 428 29.40 -11.13 15.16
N LYS H 429 28.35 -11.22 14.36
CA LYS H 429 27.16 -11.96 14.70
C LYS H 429 27.52 -13.45 14.70
N GLU H 430 28.32 -13.85 13.70
CA GLU H 430 28.59 -15.25 13.44
C GLU H 430 29.72 -15.95 14.23
N ASN H 431 30.87 -15.29 14.37
CA ASN H 431 32.00 -15.93 15.01
C ASN H 431 31.83 -15.99 16.52
N PRO H 432 32.14 -17.14 17.10
CA PRO H 432 31.99 -17.28 18.54
C PRO H 432 33.25 -17.03 19.36
N TYR H 433 34.40 -16.90 18.70
CA TYR H 433 35.66 -16.65 19.39
C TYR H 433 36.01 -15.18 19.39
N PHE H 434 35.20 -14.38 18.70
CA PHE H 434 35.37 -12.93 18.63
C PHE H 434 34.61 -12.25 19.77
N THR H 435 35.28 -12.09 20.90
CA THR H 435 34.69 -11.46 22.08
C THR H 435 34.46 -9.97 21.83
N ASN H 436 33.33 -9.47 22.32
CA ASN H 436 32.90 -8.10 22.02
C ASN H 436 33.02 -7.15 23.21
N ARG H 437 33.26 -7.71 24.39
CA ARG H 437 33.29 -6.89 25.60
C ARG H 437 34.55 -7.05 26.47
N MET H 438 35.29 -5.95 26.62
CA MET H 438 36.44 -5.89 27.52
C MET H 438 36.39 -4.65 28.39
N SER H 439 36.99 -4.75 29.58
CA SER H 439 37.23 -3.60 30.44
C SER H 439 38.72 -3.54 30.76
N VAL H 440 39.22 -2.37 31.12
CA VAL H 440 40.66 -2.15 31.21
C VAL H 440 41.18 -1.96 32.63
N ASN H 441 40.50 -1.14 33.42
CA ASN H 441 40.94 -0.75 34.76
C ASN H 441 42.03 0.32 34.74
N ASN H 442 41.67 1.49 34.21
CA ASN H 442 42.55 2.65 34.29
C ASN H 442 42.52 3.28 35.67
N GLN H 443 43.60 3.96 36.03
CA GLN H 443 43.76 4.54 37.36
C GLN H 443 43.91 6.06 37.27
N PRO H 444 43.33 6.80 38.23
CA PRO H 444 43.38 8.27 38.16
C PRO H 444 44.80 8.81 38.33
N PHE H 445 45.13 9.87 37.59
CA PHE H 445 46.44 10.51 37.69
C PHE H 445 46.50 11.56 38.79
N LYS H 446 45.35 12.14 39.09
CA LYS H 446 45.24 13.22 40.06
C LYS H 446 44.00 13.01 40.92
N SER H 447 44.13 13.23 42.22
CA SER H 447 43.00 13.03 43.14
C SER H 447 42.76 14.25 44.05
N GLU H 448 42.74 15.42 43.42
CA GLU H 448 42.53 16.70 44.10
C GLU H 448 41.04 16.94 44.40
N ASN H 449 40.76 17.64 45.51
CA ASN H 449 39.39 17.83 46.02
C ASN H 449 38.70 16.50 46.33
N ASP H 450 37.45 16.37 45.93
CA ASP H 450 36.71 15.12 46.06
C ASP H 450 36.49 14.47 44.71
N LEU H 451 37.29 14.89 43.74
CA LEU H 451 37.20 14.41 42.37
C LEU H 451 38.45 13.62 42.01
N SER H 452 38.27 12.49 41.33
CA SER H 452 39.39 11.74 40.81
C SER H 452 39.48 11.91 39.29
N TYR H 453 40.60 12.47 38.83
CA TYR H 453 40.78 12.80 37.42
C TYR H 453 41.40 11.64 36.62
N TYR H 454 40.77 11.30 35.50
CA TYR H 454 41.28 10.27 34.59
C TYR H 454 41.51 10.86 33.20
N LYS H 455 42.59 10.46 32.55
CA LYS H 455 42.86 10.86 31.16
C LYS H 455 42.83 9.66 30.23
N VAL H 456 42.24 9.84 29.06
CA VAL H 456 42.21 8.79 28.03
C VAL H 456 42.26 9.39 26.61
N TYR H 457 43.28 9.01 25.86
CA TYR H 457 43.38 9.35 24.44
C TYR H 457 43.09 8.12 23.61
N GLY H 458 42.36 8.29 22.52
CA GLY H 458 42.01 7.17 21.66
C GLY H 458 42.07 7.52 20.18
N LEU H 459 42.54 6.57 19.38
CA LEU H 459 42.60 6.74 17.94
C LEU H 459 41.75 5.67 17.24
N LEU H 460 40.81 6.11 16.40
CA LEU H 460 40.01 5.19 15.63
C LEU H 460 40.49 5.18 14.19
N ASP H 461 40.80 4.00 13.66
CA ASP H 461 41.29 3.92 12.29
C ASP H 461 40.57 2.86 11.46
N GLN H 462 39.30 3.11 11.17
CA GLN H 462 38.56 2.29 10.24
C GLN H 462 38.26 0.91 10.80
N ASN H 463 39.29 0.15 11.14
CA ASN H 463 39.08 -1.15 11.75
C ASN H 463 39.78 -1.39 13.10
N ILE H 464 40.62 -0.45 13.51
CA ILE H 464 41.39 -0.61 14.74
C ILE H 464 41.23 0.57 15.72
N LEU H 465 40.97 0.25 16.99
CA LEU H 465 40.90 1.27 18.03
C LEU H 465 41.96 1.04 19.11
N GLU H 466 42.76 2.07 19.34
CA GLU H 466 43.82 2.05 20.34
C GLU H 466 43.56 3.10 21.41
N LEU H 467 43.47 2.66 22.67
CA LEU H 467 43.21 3.55 23.80
C LEU H 467 44.43 3.66 24.70
N TYR H 468 44.88 4.90 24.90
CA TYR H 468 46.01 5.20 25.76
C TYR H 468 45.51 5.91 27.02
N PHE H 469 45.68 5.25 28.17
CA PHE H 469 45.21 5.76 29.44
C PHE H 469 46.34 6.42 30.22
N ASN H 470 46.11 7.64 30.68
CA ASN H 470 47.10 8.45 31.40
C ASN H 470 48.40 8.60 30.61
N ASP H 471 48.25 8.92 29.33
CA ASP H 471 49.36 9.10 28.39
C ASP H 471 50.19 7.84 28.17
N GLY H 472 49.54 6.68 28.26
CA GLY H 472 50.21 5.41 27.97
C GLY H 472 50.52 4.50 29.14
N ASP H 473 50.18 4.94 30.35
CA ASP H 473 50.40 4.14 31.56
C ASP H 473 49.77 2.75 31.43
N VAL H 474 48.62 2.69 30.77
CA VAL H 474 47.96 1.45 30.40
C VAL H 474 47.42 1.63 28.97
N VAL H 475 47.52 0.59 28.15
CA VAL H 475 46.97 0.63 26.78
C VAL H 475 46.06 -0.55 26.45
N SER H 476 45.16 -0.34 25.49
CA SER H 476 44.23 -1.38 25.04
C SER H 476 43.99 -1.27 23.54
N THR H 477 44.31 -2.34 22.81
CA THR H 477 44.19 -2.36 21.35
C THR H 477 43.21 -3.45 20.89
N ASN H 478 42.13 -3.01 20.23
CA ASN H 478 41.11 -3.93 19.72
C ASN H 478 40.67 -3.53 18.32
N THR H 479 40.61 -4.50 17.43
CA THR H 479 40.05 -4.28 16.10
C THR H 479 38.54 -4.40 16.14
N TYR H 480 37.88 -3.76 15.16
CA TYR H 480 36.43 -3.77 15.07
C TYR H 480 35.99 -3.72 13.60
N PHE H 481 34.84 -4.29 13.30
CA PHE H 481 34.40 -4.34 11.91
C PHE H 481 32.96 -3.86 11.74
N MET H 482 32.82 -2.89 10.86
CA MET H 482 31.57 -2.18 10.64
C MET H 482 31.33 -2.24 9.15
N THR H 483 30.08 -2.24 8.73
CA THR H 483 29.75 -2.52 7.35
C THR H 483 30.51 -1.53 6.47
N THR H 484 31.03 -2.02 5.36
CA THR H 484 31.92 -1.24 4.54
C THR H 484 31.23 0.03 4.05
N GLY H 485 31.91 1.15 4.20
CA GLY H 485 31.41 2.45 3.83
C GLY H 485 30.66 3.08 4.98
N ASN H 486 31.28 4.04 5.66
CA ASN H 486 30.64 4.73 6.77
C ASN H 486 30.26 3.77 7.90
N ALA H 487 31.03 3.75 8.98
CA ALA H 487 32.07 4.74 9.27
C ALA H 487 31.59 5.57 10.40
N LEU H 488 32.31 5.56 11.51
CA LEU H 488 31.81 6.15 12.72
C LEU H 488 32.19 7.60 12.81
N GLY H 489 31.20 8.48 12.67
CA GLY H 489 31.40 9.92 12.68
C GLY H 489 30.52 10.64 13.68
N SER H 490 29.41 10.01 14.05
CA SER H 490 28.51 10.55 15.07
C SER H 490 29.05 10.31 16.49
N VAL H 491 29.77 11.30 17.03
CA VAL H 491 30.38 11.18 18.35
C VAL H 491 29.44 11.66 19.44
N ASN H 492 29.14 10.78 20.40
CA ASN H 492 28.14 11.07 21.42
C ASN H 492 28.64 10.78 22.84
N MET H 493 28.17 11.58 23.80
CA MET H 493 28.48 11.34 25.21
C MET H 493 27.22 11.23 26.05
N THR H 494 27.11 10.12 26.77
CA THR H 494 25.92 9.86 27.56
C THR H 494 26.32 9.36 28.93
N THR H 495 25.61 9.78 29.97
CA THR H 495 25.88 9.28 31.31
C THR H 495 24.63 8.88 32.09
N GLY H 496 24.70 7.76 32.77
CA GLY H 496 23.70 7.38 33.76
C GLY H 496 24.01 8.12 35.03
N VAL H 497 23.11 8.13 36.00
CA VAL H 497 23.44 8.74 37.29
C VAL H 497 23.70 10.24 37.13
N ASP H 498 22.80 11.04 37.69
CA ASP H 498 22.71 12.47 37.41
C ASP H 498 23.90 13.32 37.78
N ASN H 499 24.52 13.06 38.93
CA ASN H 499 25.60 13.93 39.35
C ASN H 499 26.87 13.25 39.84
N LEU H 500 27.60 12.65 38.90
CA LEU H 500 28.80 11.91 39.23
C LEU H 500 30.04 12.35 38.47
N PHE H 501 29.88 12.58 37.17
CA PHE H 501 31.03 12.81 36.28
C PHE H 501 31.25 14.28 35.97
N TYR H 502 32.50 14.72 36.04
CA TYR H 502 32.88 16.06 35.65
C TYR H 502 33.79 15.98 34.43
N ILE H 503 33.36 16.58 33.33
CA ILE H 503 34.18 16.62 32.12
C ILE H 503 35.06 17.86 32.12
N ASP H 504 36.35 17.66 32.37
CA ASP H 504 37.32 18.73 32.26
C ASP H 504 37.57 19.06 30.80
N LYS H 505 37.64 18.01 29.98
CA LYS H 505 38.05 18.12 28.58
C LYS H 505 37.52 16.94 27.75
N PHE H 506 36.81 17.26 26.67
CA PHE H 506 36.60 16.29 25.58
C PHE H 506 36.69 16.96 24.23
N GLN H 507 37.44 16.35 23.31
CA GLN H 507 37.67 16.93 21.99
C GLN H 507 37.96 15.88 20.91
N VAL H 508 37.27 15.99 19.78
CA VAL H 508 37.46 15.07 18.63
C VAL H 508 38.00 15.78 17.40
N ARG H 509 38.72 15.03 16.58
CA ARG H 509 39.40 15.58 15.41
C ARG H 509 39.62 14.49 14.38
N GLU H 510 39.56 14.86 13.10
CA GLU H 510 39.87 13.93 12.01
C GLU H 510 41.38 13.82 11.83
N VAL H 511 41.82 12.63 11.43
CA VAL H 511 43.24 12.38 11.14
C VAL H 511 43.37 11.76 9.76
N LYS H 512 44.31 12.26 8.96
CA LYS H 512 44.63 11.64 7.67
C LYS H 512 46.10 11.22 7.56
#